data_8DEE
#
_entry.id   8DEE
#
_cell.length_a   1.00
_cell.length_b   1.00
_cell.length_c   1.00
_cell.angle_alpha   90.00
_cell.angle_beta   90.00
_cell.angle_gamma   90.00
#
_symmetry.space_group_name_H-M   'P 1'
#
loop_
_entity.id
_entity.type
_entity.pdbx_description
1 polymer 'Spike glycoprotein E1'
2 polymer 'Spike glycoprotein E2'
3 polymer 'Capsid protein'
#
loop_
_entity_poly.entity_id
_entity_poly.type
_entity_poly.pdbx_seq_one_letter_code
_entity_poly.pdbx_strand_id
1 'polypeptide(L)'
;FEHATTVPNVPGIPYKALVERAGYAPLNLEITVVSSELTPSTNKEYVTCRFHTVIPSPQVKCCGSLECKASSKADYTCRV
FGGVYPFMWGGAQCFCDSENTQLSEAYVEFAPDCTIDHAVALKVHTAALKVGLRIVYGNTTAHLDTFVNGVTPGSSRDLK
VIAGPISAAFSPFDHKVVIRKGLVYNYDFPEYGAMKPGAFGDIQASSLDATDIVARTDIRLLKPSVKNIHVPYTQAVSGY
EMWKNNSGRPLQETAPFGCKIEVEPLRASNCAYGHIPISIDIPDAAFVRSSESPTILEVSCTVADCIYSADFGGSLTLQY
KADREGHCPVHSHSTTAVLKEATTHVTAVGSITLHFSTSSPQANFIVSLCGKKTTCNAECKPPADHIIGEPHKVDQEFQA
AVSKTSWNWLLALFGGASSLIVVGLIVLVCSSMLINTRR
;
A,F,J,N
2 'polypeptide(L)'
;SITDDFTLTSPYLGFCPYCRHSAPCFSPIKIENVWDESDDGSIRIQVSAQFGYNQAGTADVTKFRYMSFDHDHDIKEDSM
DKIAISTSGPCRRLGHKGYFLLAQCPPGDSVTVSITSGASENSCTVEKKIRRKFVGREEYLFPPVHGKLVKCHVYDHLKE
TSAGYITMHRPGPHAYKSYLEEASGEVYIKPPSGKNVTYECKCGDYSTGIVSTRTKMNGCTKAKQCIAYKSDQTKWVFNS
PDLIRHTDHSVQGKLHIPFRLTPTVCPVPLAHTPTVTKWFKGITLHLTATRPTLLTTRKLGLRADATAEWITGTTSRNFS
VGREGLEYVWGNHEPVRVWAQESAPGDPHGWPHEIIIHYYHRHPVYTVIVLCGVALAILVGTASSAACIAKARRDCLTPY
ALAPNATVPTALAVLCCI
;
B,G,K,O
3 'polypeptide(L)'
;MFPYPQLNFPPVYPTNPMAYRDPNPPRCRWRPFRPPLAAQIEDLRRSIANLTFKQRSPNPPPGPPPKKKKSAPKPKPTQP
KKKKQQAKKTKRKPKPGKRQRMCMKLESDKTFPIMLNGQVNGYACVVGGRLMKPLHVEGKIDNEQLAAVKLKKASMYDLE
YGDVPQNMKSDTLQYTSDKPPGFYNWHHGAVQYENGRFTVPRGVGGKGDSGRPILDNRGRVVAIVLGGANEGTRTALSVV
TWNQKGVTIKDTPEGSEPW
;
E,I,M,R
#
# COMPACT_ATOMS: atom_id res chain seq x y z
N PHE A 1 13.11 42.53 54.61
CA PHE A 1 13.40 41.10 54.61
C PHE A 1 13.82 40.65 53.21
N GLU A 2 14.86 39.82 53.16
CA GLU A 2 15.42 39.32 51.90
C GLU A 2 15.09 37.84 51.74
N HIS A 3 14.57 37.47 50.57
CA HIS A 3 14.18 36.11 50.27
C HIS A 3 14.75 35.69 48.93
N ALA A 4 15.19 34.43 48.84
CA ALA A 4 15.77 33.87 47.64
C ALA A 4 14.90 32.74 47.14
N THR A 5 14.72 32.66 45.81
CA THR A 5 13.92 31.63 45.20
C THR A 5 14.43 31.40 43.78
N THR A 6 13.83 30.43 43.09
CA THR A 6 14.18 30.07 41.70
C THR A 6 12.89 30.03 40.87
N VAL A 7 12.67 31.11 40.12
CA VAL A 7 11.45 31.22 39.31
C VAL A 7 11.67 30.57 37.95
N PRO A 8 10.73 29.74 37.47
CA PRO A 8 10.90 29.14 36.14
C PRO A 8 10.54 30.02 34.94
N ASN A 9 11.57 30.33 34.14
CA ASN A 9 11.46 31.27 33.02
C ASN A 9 10.51 30.69 31.97
N VAL A 10 9.21 30.80 32.25
CA VAL A 10 8.16 30.43 31.32
C VAL A 10 7.16 31.58 31.34
N PRO A 11 7.08 32.43 30.30
CA PRO A 11 6.22 33.62 30.39
C PRO A 11 4.76 33.24 30.61
N GLY A 12 4.09 34.02 31.46
CA GLY A 12 2.68 33.89 31.69
C GLY A 12 2.27 32.91 32.76
N ILE A 13 3.19 32.08 33.27
CA ILE A 13 2.88 31.08 34.28
C ILE A 13 3.28 31.65 35.64
N PRO A 14 2.34 31.97 36.53
CA PRO A 14 2.73 32.46 37.85
C PRO A 14 3.42 31.39 38.67
N TYR A 15 4.37 31.83 39.50
CA TYR A 15 5.06 31.00 40.47
C TYR A 15 4.78 31.55 41.85
N LYS A 16 4.29 30.69 42.75
CA LYS A 16 3.82 31.09 44.06
C LYS A 16 4.77 30.57 45.13
N ALA A 17 5.04 31.39 46.14
CA ALA A 17 5.89 31.02 47.25
C ALA A 17 5.38 31.69 48.51
N LEU A 18 5.79 31.13 49.65
CA LEU A 18 5.43 31.65 50.97
C LEU A 18 6.70 32.04 51.70
N VAL A 19 6.73 33.25 52.22
CA VAL A 19 7.83 33.74 53.06
C VAL A 19 7.35 33.66 54.50
N GLU A 20 8.03 32.85 55.30
CA GLU A 20 7.66 32.56 56.68
C GLU A 20 8.68 33.21 57.60
N ARG A 21 8.46 34.49 57.92
CA ARG A 21 9.27 35.16 58.92
C ARG A 21 8.85 34.66 60.30
N ALA A 22 9.84 34.34 61.14
CA ALA A 22 9.55 33.71 62.42
C ALA A 22 8.69 34.62 63.30
N GLY A 23 9.07 35.89 63.45
CA GLY A 23 8.30 36.79 64.27
C GLY A 23 6.94 37.11 63.69
N TYR A 24 6.87 37.29 62.38
CA TYR A 24 5.66 37.76 61.71
C TYR A 24 4.85 36.58 61.18
N ALA A 25 3.67 36.86 60.64
CA ALA A 25 2.85 35.85 60.00
C ALA A 25 3.39 35.56 58.59
N PRO A 26 3.13 34.38 58.05
CA PRO A 26 3.58 34.08 56.69
C PRO A 26 2.90 34.99 55.67
N LEU A 27 3.63 35.29 54.59
CA LEU A 27 3.15 36.18 53.54
C LEU A 27 3.32 35.50 52.19
N ASN A 28 2.42 35.83 51.27
CA ASN A 28 2.42 35.25 49.93
C ASN A 28 3.34 36.05 49.01
N LEU A 29 3.78 35.41 47.93
CA LEU A 29 4.62 36.06 46.93
C LEU A 29 4.39 35.35 45.60
N GLU A 30 3.75 36.03 44.64
CA GLU A 30 3.51 35.47 43.32
C GLU A 30 4.26 36.28 42.28
N ILE A 31 4.98 35.57 41.40
CA ILE A 31 5.89 36.19 40.45
C ILE A 31 5.52 35.67 39.05
N THR A 32 5.36 36.59 38.10
CA THR A 32 5.09 36.23 36.71
C THR A 32 6.07 36.95 35.80
N VAL A 33 6.60 36.23 34.83
CA VAL A 33 7.49 36.79 33.81
C VAL A 33 6.57 37.29 32.69
N VAL A 34 6.23 38.56 32.74
CA VAL A 34 5.30 39.12 31.75
C VAL A 34 5.91 39.07 30.36
N SER A 35 7.18 39.43 30.24
CA SER A 35 7.86 39.42 28.95
C SER A 35 9.36 39.30 29.18
N SER A 36 10.04 38.68 28.22
CA SER A 36 11.49 38.54 28.24
C SER A 36 12.05 39.05 26.91
N GLU A 37 13.34 39.39 26.93
CA GLU A 37 14.00 39.92 25.73
C GLU A 37 15.46 39.48 25.76
N LEU A 38 15.77 38.42 25.02
CA LEU A 38 17.14 37.96 24.84
C LEU A 38 17.71 38.68 23.62
N THR A 39 18.53 39.70 23.86
CA THR A 39 19.04 40.58 22.80
C THR A 39 20.57 40.46 22.73
N PRO A 40 21.16 40.15 21.57
CA PRO A 40 22.63 40.14 21.49
C PRO A 40 23.21 41.49 21.07
N SER A 41 24.53 41.59 21.06
CA SER A 41 25.24 42.76 20.55
C SER A 41 25.79 42.42 19.18
N THR A 42 25.47 43.24 18.18
CA THR A 42 25.76 42.95 16.80
C THR A 42 26.48 44.12 16.14
N ASN A 43 27.30 43.81 15.14
CA ASN A 43 28.00 44.78 14.33
C ASN A 43 27.78 44.45 12.86
N LYS A 44 27.46 45.46 12.06
CA LYS A 44 27.16 45.26 10.65
C LYS A 44 28.45 45.14 9.86
N GLU A 45 28.71 43.96 9.29
CA GLU A 45 29.89 43.79 8.45
C GLU A 45 29.68 44.41 7.08
N TYR A 46 28.53 44.14 6.45
CA TYR A 46 28.26 44.70 5.14
C TYR A 46 26.79 44.49 4.79
N VAL A 47 26.42 45.04 3.64
CA VAL A 47 25.11 44.87 3.03
C VAL A 47 25.31 44.36 1.61
N THR A 48 24.34 43.58 1.13
CA THR A 48 24.43 42.99 -0.20
C THR A 48 23.05 42.91 -0.81
N CYS A 49 23.01 42.90 -2.14
CA CYS A 49 21.77 42.86 -2.89
C CYS A 49 22.11 42.57 -4.34
N ARG A 50 21.10 42.65 -5.22
CA ARG A 50 21.36 42.56 -6.65
C ARG A 50 22.32 43.64 -7.09
N PHE A 51 23.30 43.26 -7.91
CA PHE A 51 24.20 44.22 -8.52
C PHE A 51 23.69 44.63 -9.89
N HIS A 52 23.86 45.91 -10.20
CA HIS A 52 23.59 46.46 -11.53
C HIS A 52 24.93 46.52 -12.25
N THR A 53 25.10 45.66 -13.25
CA THR A 53 26.34 45.59 -14.00
C THR A 53 26.32 46.71 -15.03
N VAL A 54 26.88 47.84 -14.65
CA VAL A 54 26.91 49.03 -15.50
C VAL A 54 28.10 48.94 -16.44
N ILE A 55 27.86 49.31 -17.69
CA ILE A 55 28.83 49.20 -18.77
C ILE A 55 29.04 50.58 -19.37
N PRO A 56 30.14 51.27 -19.10
CA PRO A 56 30.35 52.58 -19.73
C PRO A 56 30.42 52.48 -21.24
N SER A 57 30.02 53.56 -21.90
CA SER A 57 30.02 53.59 -23.35
C SER A 57 31.44 53.36 -23.87
N PRO A 58 31.66 52.42 -24.79
CA PRO A 58 33.04 52.13 -25.21
C PRO A 58 33.66 53.29 -25.96
N GLN A 59 34.99 53.41 -25.83
CA GLN A 59 35.78 54.39 -26.55
C GLN A 59 36.70 53.68 -27.53
N VAL A 60 36.95 54.32 -28.67
CA VAL A 60 37.85 53.80 -29.70
C VAL A 60 38.90 54.86 -29.99
N LYS A 61 40.17 54.46 -29.91
CA LYS A 61 41.23 55.28 -30.47
C LYS A 61 41.32 54.96 -31.96
N CYS A 62 40.95 55.94 -32.79
CA CYS A 62 40.49 55.63 -34.13
C CYS A 62 41.61 55.05 -35.00
N CYS A 63 42.80 55.62 -34.93
CA CYS A 63 43.96 55.10 -35.67
C CYS A 63 45.21 55.16 -34.79
N GLY A 64 45.07 54.76 -33.53
CA GLY A 64 46.17 54.73 -32.59
C GLY A 64 46.15 53.50 -31.71
N SER A 65 46.30 53.71 -30.40
CA SER A 65 46.30 52.60 -29.45
C SER A 65 45.78 53.11 -28.11
N LEU A 66 45.27 52.16 -27.31
CA LEU A 66 44.76 52.44 -25.97
C LEU A 66 45.36 51.45 -24.98
N GLU A 67 45.45 51.90 -23.72
CA GLU A 67 45.95 51.09 -22.63
C GLU A 67 44.94 51.07 -21.50
N CYS A 68 44.77 49.90 -20.88
CA CYS A 68 43.81 49.74 -19.80
C CYS A 68 44.33 50.44 -18.55
N LYS A 69 43.57 51.40 -18.05
CA LYS A 69 43.93 52.11 -16.83
C LYS A 69 43.58 51.26 -15.62
N ALA A 70 43.79 51.79 -14.42
CA ALA A 70 43.55 51.07 -13.16
C ALA A 70 42.63 51.93 -12.29
N SER A 71 41.32 51.76 -12.48
CA SER A 71 40.32 52.41 -11.66
C SER A 71 40.02 51.55 -10.43
N SER A 72 39.22 52.12 -9.52
CA SER A 72 38.90 51.49 -8.25
C SER A 72 37.38 51.33 -8.08
N LYS A 73 36.70 50.94 -9.15
CA LYS A 73 35.27 50.64 -9.08
C LYS A 73 35.11 49.21 -8.56
N ALA A 74 33.87 48.80 -8.35
CA ALA A 74 33.57 47.47 -7.83
C ALA A 74 33.67 46.45 -8.96
N ASP A 75 34.59 45.50 -8.81
CA ASP A 75 34.83 44.47 -9.83
C ASP A 75 35.11 45.11 -11.19
N TYR A 76 35.94 46.14 -11.17
CA TYR A 76 36.31 46.83 -12.40
C TYR A 76 37.01 45.89 -13.36
N THR A 77 36.62 45.95 -14.63
CA THR A 77 37.21 45.10 -15.66
C THR A 77 37.34 45.91 -16.94
N CYS A 78 38.57 46.04 -17.44
CA CYS A 78 38.85 46.78 -18.66
C CYS A 78 39.76 45.94 -19.55
N ARG A 79 39.43 45.89 -20.84
CA ARG A 79 40.25 45.18 -21.83
C ARG A 79 40.38 46.06 -23.07
N VAL A 80 41.40 45.76 -23.87
CA VAL A 80 41.68 46.47 -25.11
C VAL A 80 41.71 45.47 -26.25
N PHE A 81 40.97 45.78 -27.32
CA PHE A 81 40.88 44.94 -28.50
C PHE A 81 41.46 45.68 -29.70
N GLY A 82 41.96 44.92 -30.66
CA GLY A 82 42.58 45.49 -31.85
C GLY A 82 41.58 46.11 -32.81
N GLY A 83 41.92 46.14 -34.09
CA GLY A 83 41.07 46.75 -35.09
C GLY A 83 39.67 46.17 -35.15
N VAL A 84 38.66 47.02 -35.03
CA VAL A 84 37.25 46.61 -35.01
C VAL A 84 36.47 47.23 -36.16
N TYR A 85 36.75 48.50 -36.48
CA TYR A 85 36.04 49.23 -37.53
C TYR A 85 34.53 49.19 -37.27
N PRO A 86 34.04 49.91 -36.27
CA PRO A 86 32.65 49.76 -35.86
C PRO A 86 31.69 50.66 -36.64
N PHE A 87 30.42 50.25 -36.65
CA PHE A 87 29.33 50.97 -37.30
C PHE A 87 28.35 51.43 -36.23
N MET A 88 27.85 52.67 -36.34
CA MET A 88 26.82 53.16 -35.43
C MET A 88 25.49 53.40 -36.15
N TRP A 89 25.43 54.36 -37.07
CA TRP A 89 24.29 54.47 -37.99
C TRP A 89 24.68 54.93 -39.38
N GLY A 90 25.85 55.50 -39.59
CA GLY A 90 26.26 56.10 -40.85
C GLY A 90 27.13 55.23 -41.70
N GLY A 91 27.25 53.94 -41.40
CA GLY A 91 28.06 53.04 -42.20
C GLY A 91 29.54 53.07 -41.92
N ALA A 92 30.00 53.91 -40.98
CA ALA A 92 31.41 53.96 -40.61
C ALA A 92 31.58 54.86 -39.41
N GLN A 93 32.54 54.51 -38.56
CA GLN A 93 32.93 55.33 -37.42
C GLN A 93 34.40 55.72 -37.44
N CYS A 94 35.19 55.15 -38.35
CA CYS A 94 36.63 55.38 -38.34
C CYS A 94 37.16 55.35 -39.78
N PHE A 95 38.46 55.62 -39.90
CA PHE A 95 39.12 55.83 -41.19
C PHE A 95 40.29 54.88 -41.38
N CYS A 96 40.52 53.95 -40.44
CA CYS A 96 41.65 53.02 -40.51
C CYS A 96 41.08 51.63 -40.31
N ASP A 97 41.09 50.83 -41.38
CA ASP A 97 40.55 49.47 -41.30
C ASP A 97 41.29 48.62 -40.27
N SER A 98 42.56 48.90 -40.04
CA SER A 98 43.37 48.24 -39.02
C SER A 98 43.83 49.29 -38.00
N GLU A 99 44.55 48.82 -36.99
CA GLU A 99 45.01 49.63 -35.86
C GLU A 99 43.92 50.61 -35.40
N ASN A 100 42.75 50.04 -35.14
CA ASN A 100 41.52 50.77 -34.83
C ASN A 100 40.94 50.29 -33.51
N THR A 101 41.79 50.27 -32.49
CA THR A 101 41.50 49.58 -31.24
C THR A 101 40.21 50.07 -30.58
N GLN A 102 39.70 49.26 -29.66
CA GLN A 102 38.54 49.58 -28.85
C GLN A 102 38.85 49.24 -27.40
N LEU A 103 38.26 50.00 -26.48
CA LEU A 103 38.42 49.78 -25.04
C LEU A 103 37.08 49.34 -24.48
N SER A 104 37.02 48.10 -23.99
CA SER A 104 35.82 47.55 -23.39
C SER A 104 35.92 47.68 -21.88
N GLU A 105 34.93 48.34 -21.28
CA GLU A 105 34.96 48.74 -19.88
C GLU A 105 33.67 48.28 -19.20
N ALA A 106 33.78 47.74 -18.00
CA ALA A 106 32.59 47.29 -17.28
C ALA A 106 32.86 47.24 -15.79
N TYR A 107 31.83 47.52 -15.00
CA TYR A 107 31.90 47.33 -13.55
C TYR A 107 30.48 47.18 -13.02
N VAL A 108 30.36 47.11 -11.70
CA VAL A 108 29.08 46.85 -11.04
C VAL A 108 28.82 47.92 -9.99
N GLU A 109 27.55 48.16 -9.72
CA GLU A 109 27.11 49.07 -8.67
C GLU A 109 25.91 48.44 -7.98
N PHE A 110 25.33 49.16 -7.02
CA PHE A 110 24.10 48.70 -6.38
C PHE A 110 22.90 49.04 -7.24
N ALA A 111 21.96 48.10 -7.31
CA ALA A 111 20.76 48.32 -8.11
C ALA A 111 19.92 49.45 -7.51
N PRO A 112 19.13 50.16 -8.32
CA PRO A 112 18.35 51.28 -7.77
C PRO A 112 17.35 50.86 -6.71
N ASP A 113 16.79 49.66 -6.81
CA ASP A 113 15.80 49.17 -5.86
C ASP A 113 16.41 48.47 -4.66
N CYS A 114 17.73 48.60 -4.46
CA CYS A 114 18.39 47.91 -3.36
C CYS A 114 18.11 48.56 -2.01
N THR A 115 17.60 49.79 -1.99
CA THR A 115 17.36 50.46 -0.71
C THR A 115 16.31 49.74 0.13
N ILE A 116 15.47 48.90 -0.48
CA ILE A 116 14.50 48.09 0.23
C ILE A 116 14.88 46.61 0.23
N ASP A 117 15.23 46.08 -0.95
CA ASP A 117 15.53 44.65 -1.09
C ASP A 117 17.04 44.43 -0.98
N HIS A 118 17.51 44.49 0.26
CA HIS A 118 18.91 44.22 0.57
C HIS A 118 19.00 43.43 1.87
N ALA A 119 20.08 42.67 1.99
CA ALA A 119 20.36 41.85 3.16
C ALA A 119 21.57 42.41 3.90
N VAL A 120 21.47 42.41 5.23
CA VAL A 120 22.51 42.93 6.12
C VAL A 120 23.16 41.74 6.83
N ALA A 121 24.49 41.70 6.81
CA ALA A 121 25.25 40.61 7.41
C ALA A 121 25.79 41.06 8.75
N LEU A 122 25.52 40.28 9.80
CA LEU A 122 25.91 40.62 11.17
C LEU A 122 26.62 39.45 11.82
N LYS A 123 27.45 39.75 12.81
CA LYS A 123 27.96 38.78 13.76
C LYS A 123 27.38 39.07 15.13
N VAL A 124 27.14 38.01 15.91
CA VAL A 124 26.54 38.14 17.24
C VAL A 124 27.58 37.75 18.28
N HIS A 125 27.35 38.26 19.50
CA HIS A 125 28.21 37.97 20.64
C HIS A 125 27.33 37.47 21.79
N THR A 126 27.90 37.39 22.99
CA THR A 126 27.14 36.96 24.15
C THR A 126 25.91 37.82 24.34
N ALA A 127 24.76 37.18 24.56
CA ALA A 127 23.47 37.84 24.62
C ALA A 127 23.01 37.98 26.07
N ALA A 128 22.52 39.16 26.42
CA ALA A 128 22.00 39.45 27.75
C ALA A 128 20.49 39.30 27.74
N LEU A 129 19.96 38.60 28.74
CA LEU A 129 18.53 38.32 28.83
C LEU A 129 17.90 39.31 29.81
N LYS A 130 16.92 40.07 29.33
CA LYS A 130 16.18 41.03 30.12
C LYS A 130 14.75 40.54 30.29
N VAL A 131 14.20 40.71 31.49
CA VAL A 131 12.87 40.20 31.82
C VAL A 131 12.05 41.30 32.48
N GLY A 132 10.79 41.42 32.05
CA GLY A 132 9.82 42.20 32.77
C GLY A 132 9.03 41.30 33.70
N LEU A 133 8.92 41.70 34.96
CA LEU A 133 8.32 40.90 36.01
C LEU A 133 7.16 41.65 36.65
N ARG A 134 6.04 40.95 36.81
CA ARG A 134 4.94 41.39 37.65
C ARG A 134 4.97 40.55 38.92
N ILE A 135 5.21 41.21 40.04
CA ILE A 135 5.38 40.53 41.32
C ILE A 135 4.39 41.14 42.31
N VAL A 136 3.64 40.28 42.99
CA VAL A 136 2.63 40.71 43.96
C VAL A 136 2.93 40.07 45.31
N TYR A 137 2.92 40.90 46.34
CA TYR A 137 3.07 40.45 47.73
C TYR A 137 1.97 41.09 48.55
N GLY A 138 1.17 40.27 49.23
CA GLY A 138 0.08 40.76 50.03
C GLY A 138 -0.90 41.60 49.24
N ASN A 139 -0.86 42.91 49.46
CA ASN A 139 -1.74 43.84 48.76
C ASN A 139 -1.06 44.51 47.57
N THR A 140 0.26 44.59 47.57
CA THR A 140 0.97 45.45 46.61
C THR A 140 1.45 44.64 45.41
N THR A 141 1.15 45.15 44.22
CA THR A 141 1.68 44.64 42.97
C THR A 141 2.77 45.59 42.46
N ALA A 142 3.68 45.05 41.65
CA ALA A 142 4.78 45.84 41.13
C ALA A 142 5.23 45.30 39.78
N HIS A 143 5.36 46.20 38.81
CA HIS A 143 5.92 45.89 37.50
C HIS A 143 7.35 46.43 37.47
N LEU A 144 8.30 45.61 37.01
CA LEU A 144 9.68 46.04 36.96
C LEU A 144 10.43 45.30 35.86
N ASP A 145 11.23 46.05 35.10
CA ASP A 145 12.10 45.48 34.07
C ASP A 145 13.51 45.38 34.63
N THR A 146 14.12 44.19 34.51
CA THR A 146 15.43 43.94 35.08
C THR A 146 16.26 43.11 34.12
N PHE A 147 17.58 43.13 34.35
CA PHE A 147 18.52 42.33 33.61
C PHE A 147 18.88 41.08 34.41
N VAL A 148 18.88 39.94 33.73
CA VAL A 148 19.12 38.65 34.37
C VAL A 148 20.61 38.37 34.24
N ASN A 149 21.38 38.88 35.20
CA ASN A 149 22.81 38.60 35.29
C ASN A 149 23.29 38.32 36.70
N GLY A 150 22.50 38.60 37.74
CA GLY A 150 22.92 38.43 39.11
C GLY A 150 23.59 39.64 39.72
N VAL A 151 23.72 40.75 38.99
CA VAL A 151 24.38 41.95 39.48
C VAL A 151 23.44 43.14 39.37
N THR A 152 22.92 43.41 38.17
CA THR A 152 22.11 44.59 37.94
C THR A 152 20.80 44.48 38.71
N PRO A 153 20.47 45.41 39.61
CA PRO A 153 19.20 45.31 40.34
C PRO A 153 18.06 46.08 39.68
N GLY A 154 16.89 45.47 39.70
CA GLY A 154 15.65 46.15 39.34
C GLY A 154 15.00 46.74 40.58
N SER A 155 14.31 47.86 40.38
CA SER A 155 13.74 48.62 41.48
C SER A 155 12.37 49.15 41.12
N SER A 156 11.42 49.03 42.07
CA SER A 156 10.13 49.72 42.00
C SER A 156 9.90 50.42 43.35
N ARG A 157 10.55 51.58 43.51
CA ARG A 157 10.19 52.67 44.41
C ARG A 157 10.19 52.35 45.90
N ASP A 158 10.08 51.08 46.26
CA ASP A 158 10.47 50.58 47.58
C ASP A 158 11.09 49.19 47.48
N LEU A 159 10.90 48.52 46.33
CA LEU A 159 11.18 47.09 46.19
C LEU A 159 12.43 46.91 45.34
N LYS A 160 13.44 46.27 45.92
CA LYS A 160 14.69 45.96 45.23
C LYS A 160 14.73 44.47 44.93
N VAL A 161 15.20 44.11 43.74
CA VAL A 161 15.30 42.71 43.33
C VAL A 161 16.57 42.54 42.49
N ILE A 162 17.25 41.40 42.68
CA ILE A 162 18.32 40.97 41.79
C ILE A 162 17.92 39.60 41.24
N ALA A 163 18.23 39.37 39.97
CA ALA A 163 17.78 38.18 39.26
C ALA A 163 18.95 37.50 38.58
N GLY A 164 18.85 36.18 38.44
CA GLY A 164 19.80 35.42 37.66
C GLY A 164 20.97 34.90 38.48
N PRO A 165 21.98 34.35 37.80
CA PRO A 165 22.08 34.15 36.33
C PRO A 165 21.20 33.00 35.83
N ILE A 166 20.89 32.96 34.54
CA ILE A 166 20.12 31.86 33.98
C ILE A 166 20.89 30.57 34.20
N SER A 167 20.15 29.49 34.50
CA SER A 167 20.77 28.21 34.82
C SER A 167 21.58 27.67 33.64
N ALA A 168 21.12 27.87 32.41
CA ALA A 168 21.82 27.38 31.23
C ALA A 168 21.64 28.41 30.12
N ALA A 169 22.72 29.12 29.80
CA ALA A 169 22.65 30.14 28.76
C ALA A 169 22.35 29.50 27.40
N PHE A 170 21.57 30.21 26.60
CA PHE A 170 21.15 29.73 25.28
C PHE A 170 20.89 30.91 24.38
N SER A 171 21.24 30.76 23.10
CA SER A 171 21.00 31.79 22.09
C SER A 171 20.52 31.14 20.80
N PRO A 172 19.32 31.48 20.30
CA PRO A 172 18.89 30.87 19.02
C PRO A 172 19.74 31.32 17.84
N PHE A 173 20.47 32.42 17.96
CA PHE A 173 21.26 32.94 16.85
C PHE A 173 22.63 32.28 16.83
N ASP A 174 23.02 31.77 15.66
CA ASP A 174 24.38 31.31 15.44
C ASP A 174 25.32 32.52 15.37
N HIS A 175 26.61 32.25 15.18
CA HIS A 175 27.60 33.32 15.22
C HIS A 175 27.36 34.35 14.13
N LYS A 176 26.99 33.90 12.93
CA LYS A 176 26.78 34.77 11.78
C LYS A 176 25.30 34.76 11.40
N VAL A 177 24.74 35.96 11.19
CA VAL A 177 23.32 36.15 10.96
C VAL A 177 23.14 37.02 9.73
N VAL A 178 22.01 36.85 9.05
CA VAL A 178 21.63 37.67 7.90
C VAL A 178 20.20 38.14 8.09
N ILE A 179 19.97 39.44 7.90
CA ILE A 179 18.65 40.04 8.06
C ILE A 179 18.22 40.57 6.69
N ARG A 180 17.05 40.12 6.24
CA ARG A 180 16.49 40.52 4.95
C ARG A 180 15.02 40.89 5.15
N LYS A 181 14.71 42.18 5.05
CA LYS A 181 13.33 42.68 5.11
C LYS A 181 12.63 42.21 6.38
N GLY A 182 13.38 42.17 7.48
CA GLY A 182 12.89 41.74 8.76
C GLY A 182 13.08 40.27 9.06
N LEU A 183 13.14 39.43 8.03
CA LEU A 183 13.38 38.01 8.25
C LEU A 183 14.83 37.77 8.66
N VAL A 184 15.01 36.81 9.57
CA VAL A 184 16.31 36.50 10.15
C VAL A 184 16.69 35.08 9.75
N TYR A 185 17.91 34.92 9.25
CA TYR A 185 18.46 33.61 8.91
C TYR A 185 19.83 33.47 9.56
N ASN A 186 20.19 32.23 9.88
CA ASN A 186 21.52 31.91 10.41
C ASN A 186 22.32 31.32 9.26
N TYR A 187 22.96 32.21 8.50
CA TYR A 187 23.74 31.84 7.32
C TYR A 187 25.19 32.23 7.52
N ASP A 188 26.10 31.30 7.25
CA ASP A 188 27.54 31.54 7.40
C ASP A 188 28.06 32.29 6.16
N PHE A 189 27.73 33.58 6.13
CA PHE A 189 28.09 34.41 4.99
C PHE A 189 29.62 34.55 4.91
N PRO A 190 30.16 34.77 3.71
CA PRO A 190 31.60 34.99 3.59
C PRO A 190 32.02 36.30 4.26
N GLU A 191 33.26 36.32 4.74
CA GLU A 191 33.77 37.50 5.42
C GLU A 191 33.94 38.66 4.45
N TYR A 192 34.00 39.87 5.01
CA TYR A 192 34.18 41.07 4.19
C TYR A 192 35.52 41.00 3.46
N GLY A 193 35.46 41.17 2.14
CA GLY A 193 36.63 41.07 1.29
C GLY A 193 36.84 39.70 0.66
N ALA A 194 36.22 38.67 1.21
CA ALA A 194 36.32 37.31 0.65
C ALA A 194 35.14 37.04 -0.27
N MET A 195 34.98 37.88 -1.29
CA MET A 195 33.92 37.70 -2.24
C MET A 195 34.17 36.47 -3.11
N LYS A 196 33.10 35.73 -3.39
CA LYS A 196 33.16 34.56 -4.28
C LYS A 196 31.99 34.68 -5.25
N PRO A 197 32.22 34.64 -6.56
CA PRO A 197 31.11 34.88 -7.50
C PRO A 197 30.07 33.78 -7.46
N GLY A 198 28.84 34.15 -7.77
CA GLY A 198 27.74 33.20 -7.85
C GLY A 198 27.21 32.73 -6.52
N ALA A 199 27.62 33.36 -5.41
CA ALA A 199 27.17 32.98 -4.08
C ALA A 199 26.91 34.25 -3.27
N PHE A 200 26.34 34.06 -2.09
CA PHE A 200 25.89 35.19 -1.28
C PHE A 200 27.06 36.10 -0.92
N GLY A 201 26.81 37.39 -0.88
CA GLY A 201 27.83 38.38 -0.59
C GLY A 201 28.91 38.49 -1.64
N ASP A 202 28.55 38.34 -2.91
CA ASP A 202 29.51 38.58 -3.99
C ASP A 202 29.76 40.07 -4.18
N ILE A 203 28.82 40.92 -3.80
CA ILE A 203 29.00 42.37 -3.77
C ILE A 203 28.76 42.83 -2.34
N GLN A 204 29.72 43.58 -1.79
CA GLN A 204 29.70 44.00 -0.40
C GLN A 204 29.99 45.48 -0.29
N ALA A 205 29.42 46.09 0.74
CA ALA A 205 29.67 47.50 1.03
C ALA A 205 29.32 47.77 2.49
N SER A 206 29.95 48.80 3.05
CA SER A 206 29.64 49.18 4.43
C SER A 206 28.23 49.72 4.57
N SER A 207 27.71 50.36 3.51
CA SER A 207 26.37 50.92 3.53
C SER A 207 25.88 51.04 2.10
N LEU A 208 24.57 51.28 1.97
CA LEU A 208 24.00 51.47 0.63
C LEU A 208 24.61 52.67 -0.08
N ASP A 209 24.88 53.75 0.65
CA ASP A 209 25.43 54.97 0.07
C ASP A 209 26.96 54.98 0.06
N ALA A 210 27.62 53.96 0.60
CA ALA A 210 29.07 53.94 0.61
C ALA A 210 29.60 53.78 -0.81
N THR A 211 30.63 54.56 -1.15
CA THR A 211 31.22 54.55 -2.47
C THR A 211 32.36 53.54 -2.62
N ASP A 212 32.80 52.92 -1.54
CA ASP A 212 33.89 51.94 -1.58
C ASP A 212 33.35 50.53 -1.73
N ILE A 213 32.60 50.31 -2.82
CA ILE A 213 32.00 49.01 -3.06
C ILE A 213 33.05 48.06 -3.62
N VAL A 214 33.09 46.84 -3.08
CA VAL A 214 34.00 45.79 -3.52
C VAL A 214 33.18 44.58 -3.90
N ALA A 215 33.48 44.00 -5.07
CA ALA A 215 32.72 42.86 -5.57
C ALA A 215 33.62 41.99 -6.42
N ARG A 216 33.22 40.71 -6.55
CA ARG A 216 33.90 39.74 -7.41
C ARG A 216 32.80 38.91 -8.06
N THR A 217 32.35 39.33 -9.25
CA THR A 217 31.25 38.70 -9.95
C THR A 217 31.71 37.89 -11.17
N ASP A 218 33.01 37.72 -11.35
CA ASP A 218 33.56 36.92 -12.45
C ASP A 218 33.18 37.48 -13.81
N ILE A 219 33.03 38.81 -13.91
CA ILE A 219 32.72 39.45 -15.18
C ILE A 219 33.94 39.38 -16.09
N ARG A 220 33.72 39.02 -17.35
CA ARG A 220 34.78 38.93 -18.35
C ARG A 220 34.27 39.48 -19.67
N LEU A 221 35.14 40.21 -20.36
CA LEU A 221 34.82 40.83 -21.65
C LEU A 221 35.35 39.97 -22.79
N LEU A 222 34.58 39.91 -23.87
CA LEU A 222 34.90 39.12 -25.04
C LEU A 222 35.16 40.02 -26.24
N LYS A 223 35.84 39.46 -27.24
CA LYS A 223 36.15 40.21 -28.44
C LYS A 223 34.86 40.53 -29.20
N PRO A 224 34.65 41.78 -29.64
CA PRO A 224 33.43 42.08 -30.41
C PRO A 224 33.53 41.51 -31.82
N SER A 225 32.61 40.61 -32.15
CA SER A 225 32.59 39.96 -33.45
C SER A 225 31.66 40.65 -34.45
N VAL A 226 30.50 41.13 -34.00
CA VAL A 226 29.56 41.76 -34.92
C VAL A 226 30.11 43.09 -35.42
N LYS A 227 29.71 43.45 -36.64
CA LYS A 227 30.17 44.68 -37.26
C LYS A 227 29.73 45.90 -36.45
N ASN A 228 28.47 45.90 -36.01
CA ASN A 228 27.93 47.05 -35.30
C ASN A 228 28.60 47.20 -33.95
N ILE A 229 28.67 48.44 -33.46
CA ILE A 229 29.31 48.69 -32.18
C ILE A 229 28.48 48.07 -31.07
N HIS A 230 29.13 47.29 -30.22
CA HIS A 230 28.52 46.77 -29.00
C HIS A 230 29.62 46.07 -28.22
N VAL A 231 29.51 46.13 -26.90
CA VAL A 231 30.49 45.54 -25.99
C VAL A 231 29.87 44.25 -25.42
N PRO A 232 30.39 43.07 -25.75
CA PRO A 232 29.87 41.84 -25.15
C PRO A 232 30.55 41.51 -23.83
N TYR A 233 29.84 40.75 -23.01
CA TYR A 233 30.36 40.33 -21.71
C TYR A 233 29.47 39.22 -21.16
N THR A 234 30.10 38.30 -20.44
CA THR A 234 29.41 37.25 -19.71
C THR A 234 29.80 37.35 -18.23
N GLN A 235 28.84 37.10 -17.36
CA GLN A 235 29.03 37.33 -15.93
C GLN A 235 28.23 36.29 -15.16
N ALA A 236 28.77 35.86 -14.02
CA ALA A 236 28.08 34.89 -13.19
C ALA A 236 26.80 35.49 -12.64
N VAL A 237 25.81 34.62 -12.40
CA VAL A 237 24.52 35.09 -11.92
C VAL A 237 24.69 35.74 -10.55
N SER A 238 23.72 36.57 -10.19
CA SER A 238 23.77 37.25 -8.89
C SER A 238 23.62 36.23 -7.78
N GLY A 239 24.63 36.16 -6.90
CA GLY A 239 24.56 35.23 -5.79
C GLY A 239 23.48 35.60 -4.78
N TYR A 240 23.11 36.88 -4.74
CA TYR A 240 22.01 37.29 -3.86
C TYR A 240 20.72 36.57 -4.24
N GLU A 241 20.41 36.52 -5.53
CA GLU A 241 19.22 35.80 -5.97
C GLU A 241 19.36 34.30 -5.72
N MET A 242 20.56 33.76 -5.87
CA MET A 242 20.78 32.34 -5.61
C MET A 242 20.47 32.00 -4.16
N TRP A 243 20.94 32.84 -3.22
CA TRP A 243 20.63 32.63 -1.81
C TRP A 243 19.15 32.86 -1.55
N LYS A 244 18.55 33.85 -2.22
CA LYS A 244 17.14 34.13 -2.02
C LYS A 244 16.28 32.94 -2.41
N ASN A 245 16.59 32.30 -3.53
CA ASN A 245 15.87 31.10 -3.93
C ASN A 245 16.10 29.95 -2.93
N ASN A 246 17.34 29.79 -2.47
CA ASN A 246 17.72 28.72 -1.55
C ASN A 246 17.92 29.22 -0.13
N SER A 247 17.18 30.26 0.26
CA SER A 247 17.35 30.83 1.60
C SER A 247 16.92 29.85 2.68
N GLY A 248 15.83 29.13 2.45
CA GLY A 248 15.23 28.30 3.47
C GLY A 248 14.32 29.10 4.38
N ARG A 249 13.71 28.39 5.33
CA ARG A 249 12.79 29.10 6.21
C ARG A 249 13.56 30.03 7.15
N PRO A 250 12.96 31.16 7.58
CA PRO A 250 13.68 32.07 8.47
C PRO A 250 13.74 31.54 9.91
N LEU A 251 14.43 32.27 10.78
CA LEU A 251 14.53 31.87 12.18
C LEU A 251 13.25 32.08 12.97
N GLN A 252 12.31 32.87 12.43
CA GLN A 252 11.02 33.02 13.11
C GLN A 252 10.24 31.72 13.15
N GLU A 253 10.56 30.76 12.25
CA GLU A 253 9.86 29.49 12.17
C GLU A 253 10.75 28.31 12.53
N THR A 254 11.95 28.56 13.09
CA THR A 254 12.87 27.50 13.43
C THR A 254 13.52 27.65 14.80
N ALA A 255 13.42 28.80 15.46
CA ALA A 255 14.05 28.97 16.75
C ALA A 255 13.39 28.05 17.78
N PRO A 256 14.16 27.37 18.64
CA PRO A 256 13.54 26.45 19.61
C PRO A 256 13.06 27.20 20.84
N PHE A 257 12.49 26.43 21.78
CA PHE A 257 12.00 26.96 23.06
C PHE A 257 10.91 28.01 22.88
N GLY A 258 10.19 27.96 21.75
CA GLY A 258 9.14 28.93 21.52
C GLY A 258 9.63 30.37 21.56
N CYS A 259 10.74 30.65 20.87
CA CYS A 259 11.40 31.94 20.95
C CYS A 259 10.93 32.80 19.78
N LYS A 260 10.36 33.96 20.08
CA LYS A 260 9.78 34.83 19.05
C LYS A 260 10.86 35.81 18.59
N ILE A 261 11.40 35.58 17.40
CA ILE A 261 12.49 36.42 16.91
C ILE A 261 11.94 37.75 16.42
N GLU A 262 12.70 38.82 16.65
CA GLU A 262 12.31 40.17 16.25
C GLU A 262 13.56 40.95 15.88
N VAL A 263 13.35 42.06 15.17
CA VAL A 263 14.43 42.86 14.62
C VAL A 263 14.24 44.32 15.06
N GLU A 264 15.28 45.13 14.80
CA GLU A 264 15.29 46.56 15.06
C GLU A 264 15.00 46.85 16.54
N PRO A 265 15.93 46.50 17.46
CA PRO A 265 17.17 45.75 17.27
C PRO A 265 16.93 44.24 17.23
N LEU A 266 17.92 43.45 16.80
CA LEU A 266 17.77 42.01 16.81
C LEU A 266 17.56 41.53 18.24
N ARG A 267 16.57 40.67 18.43
CA ARG A 267 16.19 40.22 19.77
C ARG A 267 15.34 38.96 19.65
N ALA A 268 15.14 38.30 20.77
CA ALA A 268 14.29 37.12 20.86
C ALA A 268 13.41 37.27 22.10
N SER A 269 12.13 37.56 21.86
CA SER A 269 11.17 37.85 22.92
C SER A 269 10.36 36.61 23.28
N ASN A 270 9.86 36.62 24.53
CA ASN A 270 9.00 35.55 25.06
C ASN A 270 9.65 34.18 24.89
N CYS A 271 10.88 34.06 25.39
CA CYS A 271 11.68 32.86 25.19
C CYS A 271 11.69 32.06 26.49
N ALA A 272 11.16 30.84 26.44
CA ALA A 272 10.91 30.03 27.63
C ALA A 272 12.00 28.97 27.76
N TYR A 273 12.89 29.16 28.72
CA TYR A 273 13.95 28.19 28.99
C TYR A 273 14.63 28.55 30.31
N GLY A 274 14.98 27.53 31.08
CA GLY A 274 15.82 27.70 32.24
C GLY A 274 15.08 28.24 33.45
N HIS A 275 15.84 28.43 34.52
CA HIS A 275 15.35 28.96 35.79
C HIS A 275 16.15 30.21 36.15
N ILE A 276 15.48 31.19 36.74
CA ILE A 276 16.07 32.45 37.16
C ILE A 276 16.13 32.46 38.69
N PRO A 277 17.31 32.36 39.31
CA PRO A 277 17.39 32.63 40.75
C PRO A 277 17.20 34.11 41.05
N ILE A 278 16.25 34.42 41.91
CA ILE A 278 15.88 35.79 42.26
C ILE A 278 16.03 35.96 43.77
N SER A 279 16.79 36.99 44.15
CA SER A 279 16.90 37.42 45.55
C SER A 279 16.26 38.80 45.65
N ILE A 280 15.25 38.91 46.51
CA ILE A 280 14.36 40.07 46.54
C ILE A 280 14.28 40.59 47.96
N ASP A 281 14.40 41.91 48.12
CA ASP A 281 14.29 42.57 49.42
C ASP A 281 12.87 43.12 49.55
N ILE A 282 11.97 42.28 50.04
CA ILE A 282 10.57 42.69 50.24
C ILE A 282 10.53 43.58 51.47
N PRO A 283 9.93 44.77 51.42
CA PRO A 283 9.98 45.66 52.58
C PRO A 283 9.19 45.09 53.76
N ASP A 284 9.62 45.46 54.97
CA ASP A 284 8.96 44.98 56.18
C ASP A 284 7.64 45.71 56.43
N ALA A 285 7.37 46.82 55.73
CA ALA A 285 6.14 47.56 55.96
C ALA A 285 4.91 46.72 55.61
N ALA A 286 4.96 46.01 54.47
CA ALA A 286 3.83 45.19 54.06
C ALA A 286 3.60 44.01 54.99
N PHE A 287 4.63 43.55 55.68
CA PHE A 287 4.48 42.43 56.59
C PHE A 287 3.57 42.80 57.76
N VAL A 288 2.80 41.81 58.22
CA VAL A 288 1.87 41.97 59.33
C VAL A 288 2.16 40.90 60.38
N ARG A 289 2.36 41.33 61.62
CA ARG A 289 2.76 40.40 62.67
C ARG A 289 1.62 39.44 63.00
N SER A 290 1.99 38.27 63.52
CA SER A 290 1.01 37.22 63.80
C SER A 290 0.07 37.60 64.93
N SER A 291 0.50 38.51 65.82
CA SER A 291 -0.35 38.89 66.94
C SER A 291 -1.64 39.55 66.49
N GLU A 292 -1.66 40.14 65.29
CA GLU A 292 -2.86 40.77 64.74
C GLU A 292 -3.52 39.94 63.64
N SER A 293 -2.75 39.15 62.89
CA SER A 293 -3.34 38.30 61.87
C SER A 293 -4.10 37.15 62.53
N PRO A 294 -5.21 36.67 61.95
CA PRO A 294 -5.92 35.54 62.57
C PRO A 294 -5.17 34.23 62.42
N THR A 295 -4.70 33.68 63.54
CA THR A 295 -4.05 32.37 63.55
C THR A 295 -5.13 31.32 63.77
N ILE A 296 -5.40 30.52 62.74
CA ILE A 296 -6.48 29.54 62.83
C ILE A 296 -6.12 28.48 63.86
N LEU A 297 -7.15 27.89 64.46
CA LEU A 297 -6.95 26.93 65.54
C LEU A 297 -6.83 25.50 65.02
N GLU A 298 -7.83 25.00 64.30
CA GLU A 298 -7.84 23.62 63.84
C GLU A 298 -8.42 23.56 62.43
N VAL A 299 -7.62 23.08 61.46
CA VAL A 299 -8.04 22.99 60.08
C VAL A 299 -7.78 21.58 59.56
N SER A 300 -8.68 21.12 58.69
CA SER A 300 -8.58 19.79 58.09
C SER A 300 -8.91 19.92 56.60
N CYS A 301 -8.43 18.94 55.83
CA CYS A 301 -8.52 18.95 54.37
C CYS A 301 -9.33 17.76 53.90
N THR A 302 -10.33 18.02 53.05
CA THR A 302 -11.12 16.99 52.40
C THR A 302 -11.10 17.27 50.90
N VAL A 303 -10.60 16.32 50.11
CA VAL A 303 -10.27 16.55 48.71
C VAL A 303 -11.33 15.90 47.83
N ALA A 304 -11.88 16.67 46.89
CA ALA A 304 -12.85 16.17 45.94
C ALA A 304 -12.15 15.50 44.77
N ASP A 305 -12.89 15.23 43.68
CA ASP A 305 -12.29 14.63 42.50
C ASP A 305 -11.18 15.53 41.98
N CYS A 306 -10.06 14.89 41.61
CA CYS A 306 -8.88 15.61 41.13
C CYS A 306 -8.31 14.90 39.92
N ILE A 307 -7.57 15.66 39.11
CA ILE A 307 -6.99 15.16 37.87
C ILE A 307 -5.71 15.94 37.62
N TYR A 308 -4.70 15.28 37.08
CA TYR A 308 -3.39 15.89 36.84
C TYR A 308 -3.33 16.32 35.38
N SER A 309 -3.43 17.62 35.17
CA SER A 309 -3.39 18.22 33.84
C SER A 309 -2.90 19.65 33.97
N ALA A 310 -2.66 20.28 32.81
CA ALA A 310 -2.22 21.67 32.83
C ALA A 310 -3.29 22.58 33.43
N ASP A 311 -4.55 22.37 33.08
CA ASP A 311 -5.63 23.19 33.61
C ASP A 311 -5.86 22.86 35.08
N PHE A 312 -6.67 23.70 35.74
CA PHE A 312 -6.97 23.53 37.16
C PHE A 312 -8.10 22.53 37.32
N GLY A 313 -7.74 21.26 37.14
CA GLY A 313 -8.69 20.17 37.23
C GLY A 313 -8.66 19.44 38.56
N GLY A 314 -8.50 20.18 39.65
CA GLY A 314 -8.58 19.60 40.97
C GLY A 314 -9.26 20.56 41.91
N SER A 315 -10.02 20.01 42.86
CA SER A 315 -10.74 20.79 43.85
C SER A 315 -10.58 20.14 45.22
N LEU A 316 -10.64 20.98 46.26
CA LEU A 316 -10.56 20.50 47.62
C LEU A 316 -11.26 21.51 48.54
N THR A 317 -11.45 21.11 49.79
CA THR A 317 -12.12 21.92 50.79
C THR A 317 -11.28 21.90 52.06
N LEU A 318 -11.15 23.05 52.70
CA LEU A 318 -10.49 23.20 53.98
C LEU A 318 -11.53 23.61 55.00
N GLN A 319 -11.79 22.72 55.96
CA GLN A 319 -12.71 22.99 57.07
C GLN A 319 -11.87 23.53 58.23
N TYR A 320 -12.11 24.79 58.59
CA TYR A 320 -11.25 25.51 59.52
C TYR A 320 -12.02 26.05 60.70
N LYS A 321 -11.31 26.15 61.82
CA LYS A 321 -11.80 26.78 63.05
C LYS A 321 -10.73 27.77 63.50
N ALA A 322 -11.07 29.05 63.49
CA ALA A 322 -10.16 30.15 63.77
C ALA A 322 -10.77 31.04 64.85
N ASP A 323 -10.14 32.20 65.07
CA ASP A 323 -10.51 33.10 66.17
C ASP A 323 -10.88 34.50 65.73
N ARG A 324 -10.75 34.85 64.45
CA ARG A 324 -11.03 36.21 64.01
C ARG A 324 -11.33 36.19 62.51
N GLU A 325 -11.95 37.27 62.04
CA GLU A 325 -12.26 37.46 60.63
C GLU A 325 -11.09 38.19 59.98
N GLY A 326 -10.50 37.59 58.95
CA GLY A 326 -9.37 38.20 58.28
C GLY A 326 -9.16 37.70 56.86
N HIS A 327 -7.92 37.81 56.37
CA HIS A 327 -7.56 37.62 54.97
C HIS A 327 -6.40 36.62 54.85
N CYS A 328 -6.58 35.44 55.43
CA CYS A 328 -5.47 34.52 55.61
C CYS A 328 -4.88 34.10 54.26
N PRO A 329 -3.54 33.98 54.13
CA PRO A 329 -2.97 33.48 52.88
C PRO A 329 -2.87 31.96 52.85
N VAL A 330 -3.38 31.34 51.79
CA VAL A 330 -3.32 29.89 51.61
C VAL A 330 -2.24 29.57 50.59
N HIS A 331 -1.60 28.43 50.76
CA HIS A 331 -0.48 28.05 49.90
C HIS A 331 -0.35 26.53 49.88
N SER A 332 0.34 26.03 48.86
CA SER A 332 0.66 24.62 48.74
C SER A 332 2.17 24.43 48.93
N HIS A 333 2.54 23.50 49.81
CA HIS A 333 3.94 23.28 50.19
C HIS A 333 4.54 22.09 49.45
N SER A 334 4.16 21.91 48.18
CA SER A 334 4.71 20.85 47.34
C SER A 334 5.09 21.43 45.99
N THR A 335 6.05 20.78 45.34
CA THR A 335 6.55 21.19 44.03
C THR A 335 5.74 20.60 42.89
N THR A 336 4.73 19.76 43.17
CA THR A 336 3.92 19.11 42.16
C THR A 336 2.44 19.48 42.30
N ALA A 337 2.15 20.65 42.87
CA ALA A 337 0.78 21.10 43.02
C ALA A 337 0.78 22.61 43.23
N VAL A 338 -0.17 23.29 42.58
CA VAL A 338 -0.30 24.75 42.66
C VAL A 338 -1.77 25.11 42.78
N LEU A 339 -2.08 26.03 43.69
CA LEU A 339 -3.44 26.50 43.91
C LEU A 339 -3.77 27.65 42.96
N LYS A 340 -5.06 27.99 42.90
CA LYS A 340 -5.54 29.14 42.14
C LYS A 340 -5.61 30.40 43.02
N GLU A 341 -6.36 30.34 44.11
CA GLU A 341 -6.48 31.49 44.99
C GLU A 341 -5.24 31.62 45.87
N ALA A 342 -4.94 32.86 46.25
CA ALA A 342 -3.79 33.18 47.08
C ALA A 342 -4.19 33.61 48.48
N THR A 343 -5.05 34.62 48.60
CA THR A 343 -5.54 35.12 49.88
C THR A 343 -7.02 34.84 49.98
N THR A 344 -7.43 34.20 51.07
CA THR A 344 -8.82 33.78 51.28
C THR A 344 -9.35 34.42 52.56
N HIS A 345 -10.58 34.92 52.50
CA HIS A 345 -11.23 35.46 53.68
C HIS A 345 -11.50 34.32 54.66
N VAL A 346 -10.97 34.45 55.86
CA VAL A 346 -11.14 33.46 56.92
C VAL A 346 -12.11 34.02 57.94
N THR A 347 -13.05 33.18 58.38
CA THR A 347 -14.04 33.53 59.39
C THR A 347 -13.69 32.84 60.70
N ALA A 348 -14.59 32.98 61.68
CA ALA A 348 -14.38 32.33 62.97
C ALA A 348 -14.35 30.81 62.83
N VAL A 349 -15.37 30.26 62.20
CA VAL A 349 -15.47 28.82 61.96
C VAL A 349 -16.20 28.63 60.63
N GLY A 350 -15.70 27.69 59.81
CA GLY A 350 -16.36 27.45 58.55
C GLY A 350 -15.55 26.60 57.58
N SER A 351 -15.76 26.84 56.28
CA SER A 351 -15.11 26.06 55.23
C SER A 351 -14.76 26.97 54.07
N ILE A 352 -13.75 26.56 53.32
CA ILE A 352 -13.36 27.27 52.10
C ILE A 352 -13.06 26.23 51.02
N THR A 353 -13.63 26.43 49.83
CA THR A 353 -13.38 25.56 48.68
C THR A 353 -12.31 26.21 47.82
N LEU A 354 -11.32 25.41 47.39
CA LEU A 354 -10.21 25.89 46.61
C LEU A 354 -9.94 24.94 45.44
N HIS A 355 -9.28 25.48 44.42
CA HIS A 355 -8.90 24.73 43.23
C HIS A 355 -7.38 24.57 43.18
N PHE A 356 -6.95 23.54 42.46
CA PHE A 356 -5.53 23.24 42.34
C PHE A 356 -5.28 22.41 41.10
N SER A 357 -4.06 22.53 40.59
CA SER A 357 -3.55 21.73 39.48
C SER A 357 -2.32 20.98 39.95
N THR A 358 -2.23 19.70 39.56
CA THR A 358 -1.15 18.82 39.99
C THR A 358 -0.58 18.09 38.78
N SER A 359 0.67 17.64 38.93
CA SER A 359 1.33 16.80 37.94
C SER A 359 1.48 15.35 38.40
N SER A 360 1.24 15.06 39.68
CA SER A 360 1.41 13.72 40.21
C SER A 360 0.13 12.92 40.05
N PRO A 361 0.19 11.60 39.86
CA PRO A 361 -1.05 10.80 39.84
C PRO A 361 -1.79 10.82 41.17
N GLN A 362 -1.09 11.05 42.28
CA GLN A 362 -1.69 11.09 43.60
C GLN A 362 -1.41 12.45 44.23
N ALA A 363 -2.45 13.05 44.82
CA ALA A 363 -2.28 14.30 45.56
C ALA A 363 -1.89 13.94 46.98
N ASN A 364 -0.60 14.09 47.28
CA ASN A 364 0.01 13.67 48.54
C ASN A 364 0.76 14.83 49.17
N PHE A 365 0.09 15.98 49.26
CA PHE A 365 0.79 17.25 49.41
C PHE A 365 0.24 18.06 50.57
N ILE A 366 1.10 18.85 51.19
CA ILE A 366 0.76 19.64 52.37
C ILE A 366 0.25 21.00 51.93
N VAL A 367 -0.95 21.35 52.40
CA VAL A 367 -1.53 22.67 52.21
C VAL A 367 -1.37 23.45 53.51
N SER A 368 -1.00 24.73 53.38
CA SER A 368 -0.76 25.60 54.51
C SER A 368 -1.76 26.74 54.50
N LEU A 369 -2.37 26.99 55.66
CA LEU A 369 -3.32 28.08 55.85
C LEU A 369 -2.90 28.85 57.10
N CYS A 370 -2.46 30.10 56.89
CA CYS A 370 -1.96 30.96 57.96
C CYS A 370 -0.96 30.21 58.85
N GLY A 371 -0.08 29.44 58.19
CA GLY A 371 0.95 28.67 58.86
C GLY A 371 0.58 27.23 59.17
N LYS A 372 -0.68 26.97 59.47
CA LYS A 372 -1.09 25.62 59.87
C LYS A 372 -1.04 24.70 58.66
N LYS A 373 -0.36 23.56 58.81
CA LYS A 373 -0.09 22.64 57.72
C LYS A 373 -0.95 21.39 57.88
N THR A 374 -1.55 20.94 56.77
CA THR A 374 -2.32 19.70 56.75
C THR A 374 -2.02 18.95 55.46
N THR A 375 -1.82 17.63 55.58
CA THR A 375 -1.49 16.80 54.42
C THR A 375 -2.77 16.35 53.73
N CYS A 376 -2.99 16.82 52.51
CA CYS A 376 -4.08 16.37 51.67
C CYS A 376 -3.65 15.11 50.93
N ASN A 377 -4.46 14.05 51.08
CA ASN A 377 -4.27 12.76 50.45
C ASN A 377 -5.40 12.53 49.46
N ALA A 378 -5.05 12.24 48.21
CA ALA A 378 -6.04 12.06 47.15
C ALA A 378 -5.55 10.98 46.19
N GLU A 379 -6.28 10.83 45.08
CA GLU A 379 -5.90 9.89 44.03
C GLU A 379 -6.46 10.45 42.73
N CYS A 380 -5.60 11.10 41.95
CA CYS A 380 -6.03 11.80 40.74
C CYS A 380 -5.97 10.86 39.54
N LYS A 381 -7.03 10.89 38.74
CA LYS A 381 -7.15 10.03 37.58
C LYS A 381 -6.42 10.63 36.38
N PRO A 382 -6.19 9.86 35.33
CA PRO A 382 -5.57 10.43 34.14
C PRO A 382 -6.51 11.42 33.47
N PRO A 383 -5.97 12.43 32.78
CA PRO A 383 -6.85 13.42 32.15
C PRO A 383 -7.65 12.82 31.00
N ALA A 384 -8.84 13.37 30.79
CA ALA A 384 -9.71 12.89 29.73
C ALA A 384 -9.27 13.40 28.37
N ASP A 385 -8.79 14.64 28.30
CA ASP A 385 -8.41 15.24 27.02
C ASP A 385 -7.11 14.61 26.54
N HIS A 386 -6.61 15.09 25.40
CA HIS A 386 -5.31 14.68 24.87
C HIS A 386 -4.41 15.88 24.65
N ILE A 387 -5.00 17.02 24.29
CA ILE A 387 -4.25 18.22 23.95
C ILE A 387 -4.94 19.42 24.60
N ILE A 388 -4.15 20.41 25.00
CA ILE A 388 -4.67 21.65 25.58
C ILE A 388 -4.00 22.81 24.85
N GLY A 389 -4.64 23.98 24.93
CA GLY A 389 -4.05 25.20 24.42
C GLY A 389 -3.42 26.03 25.52
N GLU A 390 -3.09 25.39 26.64
CA GLU A 390 -2.47 26.05 27.79
C GLU A 390 -1.20 25.29 28.19
N PRO A 391 -0.20 25.96 28.74
CA PRO A 391 1.02 25.26 29.14
C PRO A 391 0.87 24.56 30.48
N HIS A 392 1.64 23.48 30.66
CA HIS A 392 1.68 22.79 31.94
C HIS A 392 2.34 23.69 32.98
N LYS A 393 1.57 24.07 34.00
CA LYS A 393 2.03 25.05 34.97
C LYS A 393 3.00 24.49 36.00
N VAL A 394 3.19 23.18 36.06
CA VAL A 394 4.05 22.55 37.05
C VAL A 394 4.90 21.48 36.37
N ASP A 395 6.17 21.41 36.75
CA ASP A 395 7.08 20.43 36.19
C ASP A 395 6.72 19.05 36.74
N GLN A 396 7.02 18.02 35.94
CA GLN A 396 6.77 16.63 36.29
C GLN A 396 8.08 16.04 36.81
N GLU A 397 8.10 15.65 38.08
CA GLU A 397 9.30 15.11 38.70
C GLU A 397 9.32 13.58 38.54
N PHE A 398 10.22 12.92 39.26
CA PHE A 398 10.31 11.47 39.30
C PHE A 398 9.73 10.89 40.58
N GLN A 399 10.05 11.49 41.73
CA GLN A 399 9.58 10.97 43.01
C GLN A 399 8.05 10.99 43.07
N ALA A 400 7.46 12.17 43.00
CA ALA A 400 6.01 12.33 43.04
C ALA A 400 5.43 12.35 41.62
N ALA A 401 5.62 11.22 40.92
CA ALA A 401 5.05 11.04 39.58
C ALA A 401 4.52 9.63 39.36
N VAL A 402 4.53 8.77 40.37
CA VAL A 402 4.03 7.40 40.27
C VAL A 402 3.06 7.15 41.41
N SER A 403 1.96 6.47 41.10
CA SER A 403 0.89 6.29 42.06
C SER A 403 1.33 5.42 43.24
N LYS A 404 0.61 5.56 44.35
CA LYS A 404 0.95 4.80 45.56
C LYS A 404 0.68 3.31 45.36
N THR A 405 -0.20 2.96 44.42
CA THR A 405 -0.39 1.55 44.09
C THR A 405 0.86 0.99 43.42
N SER A 406 1.38 1.70 42.42
CA SER A 406 2.63 1.29 41.78
C SER A 406 3.78 1.31 42.77
N TRP A 407 3.84 2.34 43.62
CA TRP A 407 4.88 2.42 44.63
C TRP A 407 4.81 1.23 45.58
N ASN A 408 3.59 0.88 46.03
CA ASN A 408 3.44 -0.25 46.94
C ASN A 408 3.86 -1.56 46.27
N TRP A 409 3.44 -1.78 45.02
CA TRP A 409 3.81 -3.01 44.34
C TRP A 409 5.32 -3.09 44.14
N LEU A 410 5.95 -2.01 43.69
CA LEU A 410 7.39 -2.01 43.48
C LEU A 410 8.13 -2.24 44.79
N LEU A 411 7.71 -1.55 45.85
CA LEU A 411 8.38 -1.69 47.14
C LEU A 411 8.19 -3.10 47.70
N ALA A 412 7.01 -3.69 47.51
CA ALA A 412 6.81 -5.07 47.95
C ALA A 412 7.74 -6.02 47.19
N LEU A 413 7.80 -5.86 45.86
CA LEU A 413 8.62 -6.75 45.04
C LEU A 413 10.10 -6.62 45.37
N PHE A 414 10.58 -5.42 45.70
CA PHE A 414 11.99 -5.24 46.04
C PHE A 414 12.30 -5.63 47.49
N GLY A 415 11.40 -5.27 48.41
CA GLY A 415 11.59 -5.64 49.80
C GLY A 415 11.50 -7.14 50.02
N GLY A 416 10.79 -7.85 49.16
CA GLY A 416 10.83 -9.30 49.23
C GLY A 416 12.23 -9.84 49.07
N ALA A 417 12.92 -9.39 48.02
CA ALA A 417 14.30 -9.83 47.80
C ALA A 417 15.22 -9.34 48.93
N SER A 418 15.03 -8.10 49.38
CA SER A 418 15.89 -7.58 50.44
C SER A 418 15.72 -8.38 51.73
N SER A 419 14.47 -8.61 52.14
CA SER A 419 14.22 -9.41 53.33
C SER A 419 14.68 -10.84 53.15
N LEU A 420 14.61 -11.37 51.93
CA LEU A 420 15.05 -12.73 51.71
C LEU A 420 16.56 -12.86 51.87
N ILE A 421 17.33 -11.92 51.30
CA ILE A 421 18.78 -11.98 51.48
C ILE A 421 19.15 -11.74 52.94
N VAL A 422 18.41 -10.86 53.62
CA VAL A 422 18.66 -10.64 55.05
C VAL A 422 18.40 -11.92 55.83
N VAL A 423 17.30 -12.61 55.53
CA VAL A 423 16.97 -13.85 56.22
C VAL A 423 18.00 -14.92 55.92
N GLY A 424 18.52 -14.96 54.69
CA GLY A 424 19.56 -15.90 54.36
C GLY A 424 20.84 -15.65 55.15
N LEU A 425 21.23 -14.38 55.26
CA LEU A 425 22.41 -14.04 56.07
C LEU A 425 22.18 -14.42 57.53
N ILE A 426 20.99 -14.15 58.05
CA ILE A 426 20.68 -14.49 59.44
C ILE A 426 20.73 -16.00 59.64
N VAL A 427 20.21 -16.75 58.67
CA VAL A 427 20.22 -18.22 58.76
C VAL A 427 21.65 -18.74 58.76
N LEU A 428 22.50 -18.17 57.89
CA LEU A 428 23.90 -18.61 57.85
C LEU A 428 24.59 -18.30 59.17
N VAL A 429 24.37 -17.11 59.72
CA VAL A 429 25.00 -16.74 60.98
C VAL A 429 24.52 -17.65 62.10
N CYS A 430 23.21 -17.93 62.13
CA CYS A 430 22.66 -18.79 63.18
C CYS A 430 23.20 -20.21 63.07
N SER A 431 23.31 -20.73 61.84
CA SER A 431 23.86 -22.06 61.66
C SER A 431 25.31 -22.12 62.12
N SER A 432 26.10 -21.11 61.77
CA SER A 432 27.50 -21.09 62.21
C SER A 432 27.59 -21.02 63.73
N MET A 433 26.76 -20.18 64.36
CA MET A 433 26.79 -20.07 65.82
C MET A 433 26.35 -21.36 66.48
N LEU A 434 25.35 -22.04 65.91
CA LEU A 434 24.92 -23.32 66.47
C LEU A 434 26.01 -24.37 66.33
N ILE A 435 26.72 -24.37 65.20
CA ILE A 435 27.82 -25.30 65.02
C ILE A 435 28.90 -25.03 66.07
N ASN A 436 29.24 -23.76 66.28
CA ASN A 436 30.28 -23.43 67.25
C ASN A 436 29.86 -23.79 68.66
N THR A 437 28.60 -23.54 69.02
CA THR A 437 28.14 -23.80 70.38
C THR A 437 28.09 -25.30 70.66
N ARG A 438 27.52 -26.08 69.74
CA ARG A 438 27.38 -27.52 69.90
C ARG A 438 28.59 -28.29 69.38
N ARG A 439 29.69 -27.60 69.10
CA ARG A 439 30.90 -28.27 68.63
C ARG A 439 31.58 -29.01 69.78
N PRO B 11 17.49 61.55 -26.07
CA PRO B 11 16.65 60.77 -26.99
C PRO B 11 17.46 59.96 -28.02
N TYR B 12 18.55 59.35 -27.56
CA TYR B 12 19.45 58.64 -28.47
C TYR B 12 18.76 57.39 -29.01
N LEU B 13 19.48 56.65 -29.86
CA LEU B 13 18.98 55.39 -30.41
C LEU B 13 20.02 54.31 -30.15
N GLY B 14 19.56 53.17 -29.61
CA GLY B 14 20.41 52.05 -29.29
C GLY B 14 20.39 50.98 -30.35
N PHE B 15 21.09 49.89 -30.05
CA PHE B 15 21.22 48.73 -30.94
C PHE B 15 20.38 47.60 -30.37
N CYS B 16 19.09 47.59 -30.73
CA CYS B 16 18.17 46.61 -30.18
C CYS B 16 18.52 45.22 -30.70
N PRO B 17 18.61 44.20 -29.84
CA PRO B 17 18.90 42.84 -30.35
C PRO B 17 17.78 42.27 -31.21
N TYR B 18 16.52 42.66 -30.98
CA TYR B 18 15.37 42.08 -31.67
C TYR B 18 14.44 43.22 -32.08
N CYS B 19 14.54 43.62 -33.34
CA CYS B 19 13.67 44.64 -33.91
C CYS B 19 12.37 43.98 -34.36
N ARG B 20 11.56 44.71 -35.15
CA ARG B 20 10.27 44.17 -35.59
C ARG B 20 10.45 42.88 -36.37
N HIS B 21 11.32 42.90 -37.40
CA HIS B 21 11.49 41.72 -38.23
C HIS B 21 12.05 40.56 -37.42
N SER B 22 13.28 40.70 -36.91
CA SER B 22 13.95 39.64 -36.16
C SER B 22 15.40 40.01 -35.89
N ALA B 23 16.12 40.42 -36.92
CA ALA B 23 17.54 40.66 -36.79
C ALA B 23 17.81 41.86 -35.88
N PRO B 24 18.95 41.90 -35.19
CA PRO B 24 19.30 43.10 -34.44
C PRO B 24 19.42 44.30 -35.35
N CYS B 25 19.01 45.47 -34.85
CA CYS B 25 19.08 46.68 -35.65
C CYS B 25 19.05 47.89 -34.73
N PHE B 26 19.46 49.04 -35.27
CA PHE B 26 19.48 50.27 -34.51
C PHE B 26 18.09 50.87 -34.47
N SER B 27 17.56 51.06 -33.27
CA SER B 27 16.22 51.57 -33.05
C SER B 27 16.24 52.69 -32.02
N PRO B 28 15.26 53.60 -32.05
CA PRO B 28 15.23 54.67 -31.04
C PRO B 28 14.65 54.25 -29.70
N ILE B 29 14.14 53.02 -29.59
CA ILE B 29 13.39 52.59 -28.41
C ILE B 29 14.05 51.37 -27.78
N LYS B 30 15.38 51.27 -27.88
CA LYS B 30 16.08 50.13 -27.28
C LYS B 30 15.81 50.08 -25.78
N ILE B 31 15.48 48.90 -25.28
CA ILE B 31 15.29 48.69 -23.86
C ILE B 31 16.67 48.40 -23.25
N GLU B 32 17.10 49.25 -22.32
CA GLU B 32 18.40 49.09 -21.70
C GLU B 32 18.33 48.24 -20.44
N ASN B 33 17.36 48.53 -19.57
CA ASN B 33 17.21 47.83 -18.31
C ASN B 33 15.73 47.63 -17.99
N VAL B 34 15.45 46.53 -17.30
CA VAL B 34 14.10 46.20 -16.85
C VAL B 34 14.18 45.78 -15.39
N TRP B 35 13.30 46.35 -14.56
CA TRP B 35 13.22 46.01 -13.14
C TRP B 35 11.80 45.58 -12.81
N ASP B 36 11.69 44.52 -12.00
CA ASP B 36 10.41 43.94 -11.63
C ASP B 36 10.38 43.58 -10.14
N GLU B 37 11.06 44.39 -9.32
CA GLU B 37 11.17 44.10 -7.90
C GLU B 37 9.89 44.37 -7.12
N SER B 38 8.90 45.03 -7.72
CA SER B 38 7.67 45.30 -7.01
C SER B 38 6.89 44.01 -6.76
N ASP B 39 6.10 44.02 -5.68
CA ASP B 39 5.36 42.85 -5.25
C ASP B 39 4.01 42.71 -5.93
N ASP B 40 3.57 43.71 -6.70
CA ASP B 40 2.28 43.68 -7.38
C ASP B 40 2.39 43.35 -8.86
N GLY B 41 3.59 42.98 -9.33
CA GLY B 41 3.79 42.61 -10.71
C GLY B 41 4.18 43.76 -11.63
N SER B 42 4.07 45.00 -11.17
CA SER B 42 4.46 46.13 -12.00
C SER B 42 5.97 46.12 -12.24
N ILE B 43 6.36 46.51 -13.45
CA ILE B 43 7.76 46.53 -13.87
C ILE B 43 8.11 47.92 -14.38
N ARG B 44 9.32 48.37 -14.03
CA ARG B 44 9.88 49.63 -14.49
C ARG B 44 10.85 49.32 -15.62
N ILE B 45 10.70 50.03 -16.74
CA ILE B 45 11.47 49.81 -17.96
C ILE B 45 12.19 51.09 -18.30
N GLN B 46 13.43 50.96 -18.77
CA GLN B 46 14.22 52.09 -19.25
C GLN B 46 14.50 51.91 -20.74
N VAL B 47 14.20 52.93 -21.52
CA VAL B 47 14.48 52.95 -22.96
C VAL B 47 15.13 54.27 -23.32
N SER B 48 15.69 54.32 -24.53
CA SER B 48 16.42 55.49 -24.99
C SER B 48 15.53 56.70 -25.25
N ALA B 49 14.29 56.48 -25.69
CA ALA B 49 13.40 57.59 -25.98
C ALA B 49 12.99 58.30 -24.69
N GLN B 50 12.59 59.56 -24.84
CA GLN B 50 12.15 60.41 -23.73
C GLN B 50 10.65 60.57 -23.78
N PHE B 51 9.98 60.27 -22.68
CA PHE B 51 8.53 60.29 -22.59
C PHE B 51 8.05 61.51 -21.80
N GLY B 52 6.88 62.00 -22.17
CA GLY B 52 6.31 63.16 -21.52
C GLY B 52 6.80 64.49 -22.06
N TYR B 53 7.48 64.50 -23.21
CA TYR B 53 8.10 65.71 -23.72
C TYR B 53 7.90 65.81 -25.22
N ASN B 54 7.98 67.05 -25.72
CA ASN B 54 7.98 67.36 -27.14
C ASN B 54 9.41 67.73 -27.57
N GLN B 55 9.55 68.25 -28.79
CA GLN B 55 10.89 68.52 -29.35
C GLN B 55 11.72 69.39 -28.42
N ALA B 56 11.16 70.51 -27.95
CA ALA B 56 11.90 71.40 -27.07
C ALA B 56 12.08 70.83 -25.67
N GLY B 57 11.39 69.74 -25.35
CA GLY B 57 11.46 69.14 -24.03
C GLY B 57 10.37 69.56 -23.07
N THR B 58 9.40 70.35 -23.53
CA THR B 58 8.41 70.92 -22.62
C THR B 58 7.50 69.84 -22.06
N ALA B 59 7.09 70.04 -20.80
CA ALA B 59 6.29 69.05 -20.10
C ALA B 59 4.94 68.85 -20.77
N ASP B 60 4.63 67.60 -21.10
CA ASP B 60 3.32 67.25 -21.66
C ASP B 60 3.11 65.74 -21.61
N VAL B 61 1.99 65.31 -21.01
CA VAL B 61 1.74 63.88 -20.86
C VAL B 61 1.42 63.24 -22.22
N THR B 62 0.81 64.01 -23.13
CA THR B 62 0.22 63.40 -24.33
C THR B 62 1.28 62.80 -25.24
N LYS B 63 2.43 63.45 -25.41
CA LYS B 63 3.36 63.12 -26.48
C LYS B 63 4.77 62.90 -25.95
N PHE B 64 5.51 62.06 -26.66
CA PHE B 64 6.92 61.76 -26.41
C PHE B 64 7.75 62.10 -27.63
N ARG B 65 9.07 61.98 -27.48
CA ARG B 65 10.03 62.31 -28.53
C ARG B 65 11.00 61.16 -28.74
N TYR B 66 11.73 61.23 -29.85
CA TYR B 66 12.71 60.23 -30.23
C TYR B 66 13.62 60.84 -31.30
N MET B 67 14.64 60.09 -31.69
CA MET B 67 15.55 60.50 -32.75
C MET B 67 15.08 59.94 -34.09
N SER B 68 15.17 60.77 -35.12
CA SER B 68 14.66 60.42 -36.43
C SER B 68 15.58 59.43 -37.14
N PHE B 69 14.99 58.70 -38.10
CA PHE B 69 15.73 57.77 -38.95
C PHE B 69 16.14 58.44 -40.26
N ASP B 70 17.01 59.45 -40.16
CA ASP B 70 17.50 60.16 -41.33
C ASP B 70 18.90 60.68 -41.03
N HIS B 71 19.49 61.32 -42.04
CA HIS B 71 20.87 61.76 -41.94
C HIS B 71 21.02 63.06 -41.16
N ASP B 72 19.93 63.77 -40.88
CA ASP B 72 19.96 64.92 -39.98
C ASP B 72 19.79 64.52 -38.52
N HIS B 73 19.15 63.37 -38.26
CA HIS B 73 18.87 62.86 -36.91
C HIS B 73 18.42 63.95 -35.96
N ASP B 74 17.46 64.75 -36.42
CA ASP B 74 16.77 65.69 -35.53
C ASP B 74 15.78 64.91 -34.65
N ILE B 75 15.13 65.63 -33.74
CA ILE B 75 14.23 65.04 -32.77
C ILE B 75 12.80 65.15 -33.30
N LYS B 76 12.11 64.02 -33.36
CA LYS B 76 10.72 63.93 -33.80
C LYS B 76 9.85 63.51 -32.63
N GLU B 77 8.53 63.69 -32.80
CA GLU B 77 7.56 63.50 -31.73
C GLU B 77 6.45 62.57 -32.18
N ASP B 78 5.78 61.96 -31.19
CA ASP B 78 4.64 61.09 -31.43
C ASP B 78 3.76 61.12 -30.19
N SER B 79 2.57 60.52 -30.29
CA SER B 79 1.57 60.58 -29.24
C SER B 79 1.66 59.36 -28.32
N MET B 80 0.98 59.47 -27.17
CA MET B 80 0.97 58.38 -26.20
C MET B 80 0.13 57.21 -26.68
N ASP B 81 -0.88 57.46 -27.50
CA ASP B 81 -1.78 56.39 -27.92
C ASP B 81 -1.12 55.38 -28.83
N LYS B 82 0.07 55.67 -29.36
CA LYS B 82 0.75 54.81 -30.31
C LYS B 82 1.86 53.97 -29.66
N ILE B 83 1.95 53.98 -28.33
CA ILE B 83 2.93 53.20 -27.58
C ILE B 83 2.25 51.93 -27.09
N ALA B 84 2.87 50.77 -27.35
CA ALA B 84 2.35 49.49 -26.91
C ALA B 84 3.44 48.73 -26.16
N ILE B 85 3.09 48.20 -24.98
CA ILE B 85 3.98 47.41 -24.15
C ILE B 85 3.35 46.03 -24.00
N SER B 86 4.15 44.99 -24.21
CA SER B 86 3.61 43.63 -24.16
C SER B 86 4.70 42.62 -23.86
N THR B 87 4.38 41.63 -23.03
CA THR B 87 5.27 40.50 -22.75
C THR B 87 4.74 39.22 -23.38
N SER B 88 3.53 38.82 -23.03
CA SER B 88 2.79 37.79 -23.74
C SER B 88 1.43 38.26 -24.21
N GLY B 89 0.75 39.11 -23.44
CA GLY B 89 -0.38 39.86 -23.90
C GLY B 89 -0.11 41.34 -23.73
N PRO B 90 -1.03 42.19 -24.18
CA PRO B 90 -0.82 43.65 -24.02
C PRO B 90 -0.74 44.03 -22.56
N CYS B 91 0.15 44.98 -22.26
CA CYS B 91 0.36 45.47 -20.91
C CYS B 91 -0.39 46.78 -20.71
N ARG B 92 -0.72 47.07 -19.45
CA ARG B 92 -1.38 48.31 -19.07
C ARG B 92 -0.32 49.32 -18.64
N ARG B 93 -0.26 50.45 -19.32
CA ARG B 93 0.71 51.49 -19.00
C ARG B 93 0.25 52.24 -17.76
N LEU B 94 1.04 52.16 -16.70
CA LEU B 94 0.72 52.81 -15.43
C LEU B 94 1.36 54.18 -15.29
N GLY B 95 2.55 54.39 -15.85
CA GLY B 95 3.19 55.68 -15.78
C GLY B 95 4.32 55.80 -16.76
N HIS B 96 4.73 57.05 -17.01
CA HIS B 96 5.83 57.32 -17.92
C HIS B 96 6.47 58.65 -17.54
N LYS B 97 7.79 58.70 -17.57
CA LYS B 97 8.53 59.90 -17.18
C LYS B 97 9.93 59.81 -17.77
N GLY B 98 10.25 60.72 -18.66
CA GLY B 98 11.59 60.77 -19.23
C GLY B 98 11.94 59.48 -19.94
N TYR B 99 13.10 58.92 -19.59
CA TYR B 99 13.58 57.67 -20.17
C TYR B 99 12.79 56.46 -19.69
N PHE B 100 11.92 56.60 -18.69
CA PHE B 100 11.37 55.47 -17.96
C PHE B 100 9.89 55.30 -18.20
N LEU B 101 9.46 54.04 -18.25
CA LEU B 101 8.07 53.63 -18.24
C LEU B 101 7.83 52.72 -17.04
N LEU B 102 6.57 52.60 -16.64
CA LEU B 102 6.18 51.66 -15.61
C LEU B 102 4.84 51.06 -16.00
N ALA B 103 4.80 49.74 -16.11
CA ALA B 103 3.61 49.05 -16.61
C ALA B 103 3.41 47.73 -15.87
N GLN B 104 2.14 47.36 -15.72
CA GLN B 104 1.76 46.06 -15.19
C GLN B 104 1.59 45.11 -16.36
N CYS B 105 2.31 43.99 -16.32
CA CYS B 105 2.38 43.06 -17.44
C CYS B 105 2.01 41.66 -16.99
N PRO B 106 1.51 40.82 -17.89
CA PRO B 106 1.26 39.42 -17.53
C PRO B 106 2.54 38.62 -17.58
N PRO B 107 2.51 37.35 -17.16
CA PRO B 107 3.73 36.53 -17.22
C PRO B 107 4.23 36.37 -18.65
N GLY B 108 5.56 36.34 -18.78
CA GLY B 108 6.16 36.17 -20.09
C GLY B 108 7.66 35.99 -19.95
N ASP B 109 8.27 35.61 -21.08
CA ASP B 109 9.71 35.39 -21.13
C ASP B 109 10.49 36.59 -21.67
N SER B 110 9.83 37.51 -22.36
CA SER B 110 10.48 38.69 -22.89
C SER B 110 9.50 39.86 -22.83
N VAL B 111 10.04 41.07 -22.90
CA VAL B 111 9.26 42.30 -22.85
C VAL B 111 9.54 43.10 -24.12
N THR B 112 8.48 43.69 -24.69
CA THR B 112 8.53 44.38 -25.95
C THR B 112 7.85 45.74 -25.83
N VAL B 113 8.50 46.75 -26.41
CA VAL B 113 7.94 48.10 -26.50
C VAL B 113 7.94 48.51 -27.96
N SER B 114 6.81 49.02 -28.44
CA SER B 114 6.64 49.31 -29.86
C SER B 114 5.93 50.63 -30.07
N ILE B 115 6.32 51.32 -31.14
CA ILE B 115 5.65 52.53 -31.62
C ILE B 115 5.02 52.19 -32.96
N THR B 116 3.71 52.41 -33.07
CA THR B 116 2.95 52.12 -34.29
C THR B 116 2.64 53.45 -34.99
N SER B 117 3.61 53.93 -35.76
CA SER B 117 3.42 55.10 -36.62
C SER B 117 2.79 54.63 -37.91
N GLY B 118 1.46 54.50 -37.88
CA GLY B 118 0.75 53.94 -39.02
C GLY B 118 1.18 52.51 -39.24
N ALA B 119 1.69 52.23 -40.44
CA ALA B 119 2.22 50.90 -40.76
C ALA B 119 3.62 50.67 -40.22
N SER B 120 4.32 51.73 -39.78
CA SER B 120 5.66 51.61 -39.23
C SER B 120 5.56 51.17 -37.78
N GLU B 121 5.59 49.85 -37.56
CA GLU B 121 5.48 49.29 -36.22
C GLU B 121 6.89 48.94 -35.74
N ASN B 122 7.59 49.95 -35.25
CA ASN B 122 8.96 49.76 -34.77
C ASN B 122 8.92 49.25 -33.33
N SER B 123 9.34 48.00 -33.14
CA SER B 123 9.25 47.33 -31.84
C SER B 123 10.62 46.78 -31.46
N CYS B 124 10.96 46.92 -30.18
CA CYS B 124 12.17 46.35 -29.60
C CYS B 124 11.78 45.38 -28.50
N THR B 125 12.37 44.18 -28.54
CA THR B 125 12.08 43.11 -27.59
C THR B 125 13.38 42.69 -26.91
N VAL B 126 13.32 42.44 -25.61
CA VAL B 126 14.46 41.97 -24.84
C VAL B 126 14.00 40.86 -23.90
N GLU B 127 14.83 39.82 -23.77
CA GLU B 127 14.49 38.69 -22.93
C GLU B 127 14.53 39.10 -21.45
N LYS B 128 13.47 38.74 -20.73
CA LYS B 128 13.38 39.01 -19.29
C LYS B 128 12.29 38.10 -18.74
N LYS B 129 12.67 37.17 -17.86
CA LYS B 129 11.70 36.24 -17.31
C LYS B 129 10.81 36.92 -16.28
N ILE B 130 9.67 37.42 -16.73
CA ILE B 130 8.72 38.11 -15.85
C ILE B 130 7.73 37.07 -15.34
N ARG B 131 7.84 36.71 -14.07
CA ARG B 131 6.99 35.70 -13.45
C ARG B 131 5.89 36.38 -12.64
N ARG B 132 4.82 35.62 -12.38
CA ARG B 132 3.76 36.06 -11.49
C ARG B 132 4.19 35.79 -10.06
N LYS B 133 4.37 36.86 -9.29
CA LYS B 133 4.80 36.77 -7.89
C LYS B 133 3.70 37.28 -6.99
N PHE B 134 3.77 36.86 -5.73
CA PHE B 134 2.76 37.18 -4.73
C PHE B 134 3.46 37.54 -3.43
N VAL B 135 2.68 37.99 -2.46
CA VAL B 135 3.17 38.38 -1.13
C VAL B 135 2.39 37.57 -0.09
N GLY B 136 3.12 37.02 0.86
CA GLY B 136 2.55 36.24 1.94
C GLY B 136 2.88 34.77 1.84
N ARG B 137 2.03 33.96 2.46
CA ARG B 137 2.19 32.51 2.52
C ARG B 137 1.09 31.79 1.75
N GLU B 138 0.57 32.41 0.70
CA GLU B 138 -0.57 31.89 -0.04
C GLU B 138 -0.49 32.33 -1.49
N GLU B 139 -0.52 31.37 -2.41
CA GLU B 139 -0.55 31.70 -3.83
C GLU B 139 -1.95 32.15 -4.24
N TYR B 140 -1.98 33.11 -5.16
CA TYR B 140 -3.25 33.63 -5.65
C TYR B 140 -3.00 34.36 -6.97
N LEU B 141 -4.06 34.51 -7.75
CA LEU B 141 -4.01 35.25 -9.01
C LEU B 141 -4.29 36.73 -8.81
N PHE B 142 -5.23 37.07 -7.92
CA PHE B 142 -5.62 38.45 -7.67
C PHE B 142 -5.63 38.73 -6.17
N PRO B 143 -5.41 39.97 -5.75
CA PRO B 143 -5.54 40.29 -4.32
C PRO B 143 -6.96 40.03 -3.84
N PRO B 144 -7.15 39.14 -2.85
CA PRO B 144 -8.52 38.79 -2.46
C PRO B 144 -9.24 39.97 -1.83
N VAL B 145 -10.57 40.00 -2.01
CA VAL B 145 -11.38 41.06 -1.45
C VAL B 145 -11.29 41.05 0.07
N HIS B 146 -11.33 39.86 0.68
CA HIS B 146 -11.29 39.70 2.13
C HIS B 146 -10.06 38.90 2.51
N GLY B 147 -9.34 39.38 3.52
CA GLY B 147 -8.16 38.69 3.99
C GLY B 147 -7.35 39.59 4.89
N LYS B 148 -6.21 39.06 5.34
CA LYS B 148 -5.31 39.82 6.19
C LYS B 148 -4.63 40.92 5.40
N LEU B 149 -4.17 41.94 6.12
CA LEU B 149 -3.41 43.06 5.53
C LEU B 149 -1.98 42.95 6.02
N VAL B 150 -1.06 42.64 5.11
CA VAL B 150 0.35 42.44 5.45
C VAL B 150 1.18 43.53 4.81
N LYS B 151 2.45 43.61 5.19
CA LYS B 151 3.37 44.62 4.67
C LYS B 151 3.93 44.14 3.34
N CYS B 152 3.85 44.98 2.31
CA CYS B 152 4.41 44.70 1.00
C CYS B 152 5.12 45.95 0.51
N HIS B 153 5.83 45.79 -0.61
CA HIS B 153 6.52 46.91 -1.26
C HIS B 153 6.14 46.93 -2.73
N VAL B 154 5.65 48.07 -3.19
CA VAL B 154 5.17 48.23 -4.56
C VAL B 154 5.78 49.49 -5.16
N TYR B 155 5.90 49.49 -6.48
CA TYR B 155 6.38 50.68 -7.18
C TYR B 155 5.34 51.78 -7.06
N ASP B 156 5.78 52.97 -6.65
CA ASP B 156 4.89 54.12 -6.55
C ASP B 156 4.56 54.61 -7.94
N HIS B 157 3.26 54.77 -8.23
CA HIS B 157 2.83 55.21 -9.55
C HIS B 157 3.09 56.70 -9.77
N LEU B 158 3.41 57.46 -8.72
CA LEU B 158 3.73 58.87 -8.86
C LEU B 158 5.00 59.01 -9.69
N LYS B 159 4.93 59.78 -10.78
CA LYS B 159 6.04 59.87 -11.72
C LYS B 159 7.20 60.73 -11.22
N GLU B 160 7.01 61.51 -10.15
CA GLU B 160 8.01 62.45 -9.66
C GLU B 160 8.81 61.92 -8.48
N THR B 161 8.64 60.65 -8.13
CA THR B 161 9.39 60.05 -7.03
C THR B 161 10.82 59.76 -7.52
N SER B 162 11.62 59.10 -6.69
CA SER B 162 13.03 58.91 -6.98
C SER B 162 13.49 57.58 -6.39
N ALA B 163 13.79 56.61 -7.25
CA ALA B 163 14.39 55.35 -6.82
C ALA B 163 15.91 55.38 -6.81
N GLY B 164 16.52 56.45 -7.32
CA GLY B 164 17.96 56.54 -7.43
C GLY B 164 18.37 57.58 -8.45
N TYR B 165 19.37 57.27 -9.29
CA TYR B 165 19.77 58.19 -10.33
C TYR B 165 20.49 57.43 -11.44
N ILE B 166 20.52 58.03 -12.62
CA ILE B 166 21.31 57.57 -13.76
C ILE B 166 22.18 58.71 -14.23
N THR B 167 23.45 58.43 -14.47
CA THR B 167 24.38 59.45 -14.94
C THR B 167 24.41 59.47 -16.46
N MET B 168 24.25 60.66 -17.04
CA MET B 168 24.35 60.87 -18.48
C MET B 168 25.50 61.83 -18.77
N HIS B 169 26.10 61.66 -19.94
CA HIS B 169 27.30 62.38 -20.34
C HIS B 169 27.08 63.03 -21.69
N ARG B 170 28.02 63.88 -22.08
CA ARG B 170 27.92 64.58 -23.37
C ARG B 170 27.98 63.57 -24.51
N PRO B 171 27.23 63.80 -25.61
CA PRO B 171 27.28 62.84 -26.72
C PRO B 171 28.64 62.84 -27.40
N GLY B 172 29.00 61.68 -27.93
CA GLY B 172 30.24 61.52 -28.66
C GLY B 172 30.08 61.80 -30.13
N PRO B 173 31.16 61.60 -30.91
CA PRO B 173 31.07 61.82 -32.36
C PRO B 173 30.22 60.75 -33.01
N HIS B 174 29.32 61.16 -33.90
CA HIS B 174 28.44 60.26 -34.65
C HIS B 174 28.70 60.50 -36.13
N ALA B 175 29.63 59.73 -36.68
CA ALA B 175 30.04 59.91 -38.06
C ALA B 175 28.92 59.50 -39.02
N TYR B 176 28.95 60.08 -40.22
CA TYR B 176 27.95 59.81 -41.25
C TYR B 176 28.63 59.73 -42.60
N LYS B 177 28.18 58.78 -43.42
CA LYS B 177 28.66 58.66 -44.80
C LYS B 177 27.85 59.47 -45.78
N SER B 178 26.60 59.82 -45.44
CA SER B 178 25.85 60.75 -46.28
C SER B 178 26.51 62.12 -46.31
N TYR B 179 27.15 62.52 -45.22
CA TYR B 179 27.93 63.75 -45.21
C TYR B 179 29.09 63.71 -46.20
N LEU B 180 29.55 62.51 -46.55
CA LEU B 180 30.68 62.34 -47.45
C LEU B 180 30.17 62.00 -48.85
N GLU B 181 30.82 62.58 -49.86
CA GLU B 181 30.49 62.35 -51.26
C GLU B 181 31.73 61.93 -52.02
N GLU B 182 31.58 60.95 -52.91
CA GLU B 182 32.65 60.46 -53.75
C GLU B 182 32.37 60.84 -55.20
N ALA B 183 33.35 61.45 -55.86
CA ALA B 183 33.18 61.86 -57.25
C ALA B 183 34.55 61.94 -57.92
N SER B 184 34.70 61.22 -59.03
CA SER B 184 35.94 61.24 -59.81
C SER B 184 37.15 60.88 -58.96
N GLY B 185 36.99 59.91 -58.08
CA GLY B 185 38.07 59.53 -57.18
C GLY B 185 38.49 60.63 -56.25
N GLU B 186 37.55 61.47 -55.81
CA GLU B 186 37.83 62.56 -54.89
C GLU B 186 36.71 62.64 -53.87
N VAL B 187 37.04 63.14 -52.68
CA VAL B 187 36.13 63.12 -51.53
C VAL B 187 35.73 64.54 -51.19
N TYR B 188 34.45 64.71 -50.88
CA TYR B 188 33.86 66.00 -50.54
C TYR B 188 33.02 65.85 -49.29
N ILE B 189 32.85 66.95 -48.57
CA ILE B 189 31.99 67.00 -47.39
C ILE B 189 30.84 67.96 -47.69
N LYS B 190 29.61 67.51 -47.43
CA LYS B 190 28.39 68.27 -47.71
C LYS B 190 27.61 68.38 -46.40
N PRO B 191 27.94 69.36 -45.55
CA PRO B 191 27.20 69.50 -44.30
C PRO B 191 25.77 69.92 -44.58
N PRO B 192 24.83 69.59 -43.70
CA PRO B 192 23.48 70.13 -43.84
C PRO B 192 23.48 71.65 -43.74
N SER B 193 22.53 72.26 -44.43
CA SER B 193 22.51 73.72 -44.55
C SER B 193 22.41 74.38 -43.18
N GLY B 194 23.28 75.36 -42.93
CA GLY B 194 23.25 76.13 -41.71
C GLY B 194 23.87 75.47 -40.50
N LYS B 195 24.44 74.27 -40.65
CA LYS B 195 25.01 73.52 -39.53
C LYS B 195 26.52 73.36 -39.76
N ASN B 196 27.30 73.79 -38.78
CA ASN B 196 28.75 73.58 -38.83
C ASN B 196 29.07 72.13 -38.50
N VAL B 197 29.93 71.52 -39.30
CA VAL B 197 30.27 70.10 -39.18
C VAL B 197 31.78 69.98 -39.00
N THR B 198 32.18 69.30 -37.92
CA THR B 198 33.57 68.94 -37.73
C THR B 198 33.90 67.71 -38.58
N TYR B 199 34.94 67.85 -39.40
CA TYR B 199 35.43 66.77 -40.26
C TYR B 199 36.86 66.45 -39.88
N GLU B 200 37.28 65.22 -40.17
CA GLU B 200 38.68 64.88 -40.03
C GLU B 200 38.96 63.68 -40.92
N CYS B 201 40.19 63.59 -41.41
CA CYS B 201 40.56 62.57 -42.37
C CYS B 201 42.02 62.19 -42.19
N LYS B 202 42.40 61.08 -42.80
CA LYS B 202 43.78 60.61 -42.84
C LYS B 202 44.01 59.96 -44.20
N CYS B 203 44.76 60.64 -45.05
CA CYS B 203 45.16 60.13 -46.35
C CYS B 203 46.67 60.31 -46.51
N GLY B 204 47.40 59.91 -45.48
CA GLY B 204 48.78 60.31 -45.31
C GLY B 204 48.92 61.04 -43.98
N ASP B 205 49.08 62.36 -44.04
CA ASP B 205 49.13 63.17 -42.83
C ASP B 205 47.73 63.34 -42.27
N TYR B 206 47.56 62.99 -40.99
CA TYR B 206 46.28 63.14 -40.31
C TYR B 206 45.92 64.62 -40.23
N SER B 207 44.67 64.96 -40.60
CA SER B 207 44.25 66.35 -40.69
C SER B 207 42.79 66.50 -40.28
N THR B 208 42.53 67.41 -39.35
CA THR B 208 41.20 67.68 -38.83
C THR B 208 40.76 69.08 -39.23
N GLY B 209 39.53 69.43 -38.87
CA GLY B 209 39.05 70.77 -39.04
C GLY B 209 37.54 70.83 -38.93
N ILE B 210 37.01 72.02 -39.23
CA ILE B 210 35.57 72.28 -39.22
C ILE B 210 35.21 72.96 -40.54
N VAL B 211 34.14 72.48 -41.18
CA VAL B 211 33.64 73.04 -42.42
C VAL B 211 32.16 73.33 -42.25
N SER B 212 31.65 74.23 -43.09
CA SER B 212 30.24 74.61 -43.05
C SER B 212 29.59 74.68 -44.42
N THR B 213 30.27 74.26 -45.50
CA THR B 213 29.75 74.29 -46.84
C THR B 213 30.25 73.08 -47.60
N ARG B 214 29.79 72.94 -48.85
CA ARG B 214 30.30 71.92 -49.77
C ARG B 214 31.79 72.14 -49.93
N THR B 215 32.61 71.21 -49.42
CA THR B 215 34.04 71.39 -49.32
C THR B 215 34.78 70.23 -49.99
N LYS B 216 35.77 70.58 -50.80
CA LYS B 216 36.67 69.63 -51.43
C LYS B 216 37.67 69.10 -50.40
N MET B 217 38.21 67.90 -50.65
CA MET B 217 39.39 67.44 -49.95
C MET B 217 40.38 66.83 -50.93
N ASN B 218 41.67 67.10 -50.69
CA ASN B 218 42.75 66.69 -51.58
C ASN B 218 43.53 65.52 -50.98
N GLY B 219 44.14 64.74 -51.86
CA GLY B 219 44.96 63.61 -51.45
C GLY B 219 44.21 62.37 -51.06
N CYS B 220 42.88 62.37 -51.17
CA CYS B 220 42.04 61.26 -50.76
C CYS B 220 41.32 60.68 -51.97
N THR B 221 41.41 59.37 -52.14
CA THR B 221 40.80 58.67 -53.27
C THR B 221 39.61 57.82 -52.89
N LYS B 222 39.59 57.25 -51.68
CA LYS B 222 38.50 56.39 -51.21
C LYS B 222 37.69 57.11 -50.14
N ALA B 223 36.40 56.77 -50.07
CA ALA B 223 35.52 57.41 -49.10
C ALA B 223 35.75 56.93 -47.68
N LYS B 224 36.42 55.78 -47.49
CA LYS B 224 36.59 55.18 -46.19
C LYS B 224 37.78 55.71 -45.41
N GLN B 225 38.29 56.90 -45.75
CA GLN B 225 39.43 57.49 -45.08
C GLN B 225 39.10 58.75 -44.29
N CYS B 226 37.90 59.30 -44.44
CA CYS B 226 37.50 60.52 -43.75
C CYS B 226 36.18 60.30 -43.04
N ILE B 227 35.87 61.19 -42.11
CA ILE B 227 34.60 61.16 -41.38
C ILE B 227 34.19 62.59 -41.07
N ALA B 228 32.88 62.79 -40.93
CA ALA B 228 32.30 64.10 -40.67
C ALA B 228 31.10 63.95 -39.76
N TYR B 229 30.93 64.90 -38.84
CA TYR B 229 29.82 64.87 -37.89
C TYR B 229 29.59 66.27 -37.38
N LYS B 230 28.35 66.60 -37.04
CA LYS B 230 28.07 67.96 -36.60
C LYS B 230 28.36 68.11 -35.10
N SER B 231 28.82 69.30 -34.75
CA SER B 231 29.24 69.60 -33.38
C SER B 231 28.00 69.69 -32.50
N ASP B 232 27.49 68.52 -32.14
CA ASP B 232 26.25 68.40 -31.37
C ASP B 232 26.61 68.32 -29.90
N GLN B 233 26.88 69.49 -29.31
CA GLN B 233 27.00 69.63 -27.86
C GLN B 233 25.69 70.08 -27.23
N THR B 234 24.59 70.02 -27.97
CA THR B 234 23.29 70.50 -27.52
C THR B 234 22.44 69.33 -27.02
N LYS B 235 23.08 68.33 -26.42
CA LYS B 235 22.41 67.09 -26.09
C LYS B 235 23.09 66.42 -24.89
N TRP B 236 22.38 65.47 -24.30
CA TRP B 236 22.93 64.58 -23.28
C TRP B 236 22.45 63.18 -23.59
N VAL B 237 23.28 62.18 -23.30
CA VAL B 237 22.98 60.79 -23.56
C VAL B 237 23.35 59.95 -22.35
N PHE B 238 22.49 58.98 -22.03
CA PHE B 238 22.76 58.05 -20.94
C PHE B 238 24.05 57.28 -21.21
N ASN B 239 24.67 56.82 -20.14
CA ASN B 239 25.89 56.03 -20.24
C ASN B 239 25.55 54.64 -20.80
N SER B 240 25.14 54.60 -22.07
CA SER B 240 24.68 53.37 -22.71
C SER B 240 25.87 52.64 -23.35
N PRO B 241 25.85 51.31 -23.43
CA PRO B 241 26.95 50.59 -24.08
C PRO B 241 26.86 50.54 -25.61
N ASP B 242 25.87 51.21 -26.21
CA ASP B 242 25.64 51.16 -27.65
C ASP B 242 26.10 52.43 -28.36
N LEU B 243 26.81 53.32 -27.67
CA LEU B 243 27.25 54.58 -28.24
C LEU B 243 28.75 54.75 -28.04
N ILE B 244 29.36 55.54 -28.90
CA ILE B 244 30.78 55.88 -28.78
C ILE B 244 30.88 57.15 -27.95
N ARG B 245 31.72 57.12 -26.93
CA ARG B 245 31.75 58.19 -25.94
C ARG B 245 32.68 59.33 -26.36
N HIS B 246 32.43 60.50 -25.78
CA HIS B 246 33.26 61.66 -26.02
C HIS B 246 34.64 61.48 -25.38
N THR B 247 35.60 62.28 -25.84
CA THR B 247 36.94 62.22 -25.27
C THR B 247 36.91 62.58 -23.80
N ASP B 248 36.15 63.60 -23.42
CA ASP B 248 36.00 64.02 -22.03
C ASP B 248 34.71 63.40 -21.50
N HIS B 249 34.80 62.16 -21.05
CA HIS B 249 33.64 61.42 -20.55
C HIS B 249 33.51 61.57 -19.03
N SER B 250 33.42 62.82 -18.60
CA SER B 250 33.16 63.14 -17.21
C SER B 250 31.65 63.10 -16.95
N VAL B 251 31.29 62.91 -15.69
CA VAL B 251 29.88 62.87 -15.31
C VAL B 251 29.31 64.28 -15.49
N GLN B 252 28.50 64.46 -16.54
CA GLN B 252 27.90 65.75 -16.88
C GLN B 252 26.39 65.70 -16.78
N GLY B 253 25.84 64.92 -15.86
CA GLY B 253 24.41 64.87 -15.66
C GLY B 253 23.95 63.75 -14.74
N LYS B 254 22.82 63.95 -14.07
CA LYS B 254 22.20 62.91 -13.26
C LYS B 254 20.69 63.07 -13.32
N LEU B 255 20.02 62.18 -14.05
CA LEU B 255 18.57 62.12 -14.02
C LEU B 255 18.10 61.25 -12.85
N HIS B 256 16.89 61.53 -12.39
CA HIS B 256 16.26 60.70 -11.37
C HIS B 256 15.70 59.42 -12.01
N ILE B 257 15.54 58.40 -11.18
CA ILE B 257 14.86 57.17 -11.58
C ILE B 257 13.46 57.22 -10.96
N PRO B 258 12.40 57.53 -11.72
CA PRO B 258 11.09 57.69 -11.09
C PRO B 258 10.52 56.38 -10.56
N PHE B 259 9.33 56.45 -9.96
CA PHE B 259 8.62 55.27 -9.46
C PHE B 259 9.44 54.55 -8.39
N ARG B 260 9.65 55.24 -7.27
CA ARG B 260 10.34 54.64 -6.13
C ARG B 260 9.54 53.46 -5.60
N LEU B 261 10.25 52.40 -5.20
CA LEU B 261 9.63 51.23 -4.61
C LEU B 261 9.31 51.53 -3.15
N THR B 262 8.06 51.92 -2.89
CA THR B 262 7.65 52.35 -1.56
C THR B 262 6.92 51.23 -0.82
N PRO B 263 6.94 51.21 0.51
CA PRO B 263 6.17 50.21 1.24
C PRO B 263 4.72 50.62 1.42
N THR B 264 3.85 49.62 1.48
CA THR B 264 2.44 49.82 1.71
C THR B 264 1.87 48.52 2.28
N VAL B 265 0.54 48.43 2.33
CA VAL B 265 -0.16 47.27 2.89
C VAL B 265 -0.90 46.57 1.76
N CYS B 266 -0.66 45.25 1.63
CA CYS B 266 -1.27 44.42 0.61
C CYS B 266 -2.26 43.44 1.25
N PRO B 267 -3.40 43.16 0.61
CA PRO B 267 -4.30 42.14 1.15
C PRO B 267 -3.90 40.74 0.67
N VAL B 268 -3.90 39.79 1.59
CA VAL B 268 -3.53 38.41 1.31
C VAL B 268 -4.62 37.50 1.85
N PRO B 269 -4.86 36.33 1.24
CA PRO B 269 -5.99 35.50 1.67
C PRO B 269 -5.71 34.78 2.98
N LEU B 270 -6.80 34.33 3.59
CA LEU B 270 -6.76 33.50 4.79
C LEU B 270 -7.33 32.12 4.43
N ALA B 271 -6.54 31.08 4.70
CA ALA B 271 -6.93 29.73 4.31
C ALA B 271 -8.11 29.24 5.14
N HIS B 272 -8.74 28.17 4.66
CA HIS B 272 -9.76 27.48 5.44
C HIS B 272 -9.15 26.96 6.74
N THR B 273 -9.83 27.20 7.86
CA THR B 273 -9.29 26.82 9.15
C THR B 273 -9.18 25.30 9.24
N PRO B 274 -8.04 24.74 9.64
CA PRO B 274 -7.90 23.28 9.65
C PRO B 274 -8.74 22.65 10.73
N THR B 275 -9.05 21.37 10.54
CA THR B 275 -9.78 20.59 11.53
C THR B 275 -8.79 19.72 12.30
N VAL B 276 -8.67 19.98 13.60
CA VAL B 276 -7.67 19.31 14.44
C VAL B 276 -8.34 18.16 15.17
N THR B 277 -7.78 16.96 15.01
CA THR B 277 -8.22 15.77 15.73
C THR B 277 -7.10 15.36 16.67
N LYS B 278 -7.42 15.28 17.96
CA LYS B 278 -6.41 14.98 18.97
C LYS B 278 -6.26 13.48 19.18
N TRP B 279 -5.08 13.08 19.64
CA TRP B 279 -4.83 11.72 20.07
C TRP B 279 -3.63 11.75 21.00
N PHE B 280 -3.41 10.63 21.70
CA PHE B 280 -2.41 10.56 22.75
C PHE B 280 -1.03 11.00 22.25
N LYS B 281 -0.56 12.14 22.75
CA LYS B 281 0.69 12.75 22.30
C LYS B 281 0.71 12.88 20.77
N GLY B 282 -0.26 13.63 20.25
CA GLY B 282 -0.30 13.89 18.83
C GLY B 282 -1.55 14.58 18.35
N ILE B 283 -1.45 15.26 17.20
CA ILE B 283 -2.57 15.91 16.54
C ILE B 283 -2.58 15.51 15.08
N THR B 284 -3.75 15.62 14.47
CA THR B 284 -3.92 15.39 13.03
C THR B 284 -4.70 16.56 12.48
N LEU B 285 -4.05 17.35 11.63
CA LEU B 285 -4.66 18.50 10.98
C LEU B 285 -5.20 18.05 9.63
N HIS B 286 -6.51 18.05 9.48
CA HIS B 286 -7.16 17.94 8.18
C HIS B 286 -7.18 19.32 7.56
N LEU B 287 -6.51 19.45 6.41
CA LEU B 287 -6.23 20.74 5.79
C LEU B 287 -6.83 20.77 4.38
N THR B 288 -7.44 21.89 4.03
CA THR B 288 -7.96 22.13 2.70
C THR B 288 -7.44 23.47 2.20
N ALA B 289 -6.80 23.46 1.03
CA ALA B 289 -6.29 24.68 0.43
C ALA B 289 -6.32 24.50 -1.08
N THR B 290 -7.18 25.26 -1.75
CA THR B 290 -7.28 25.17 -3.20
C THR B 290 -5.94 25.47 -3.87
N ARG B 291 -5.14 26.36 -3.30
CA ARG B 291 -3.85 26.78 -3.83
C ARG B 291 -2.75 26.42 -2.84
N PRO B 292 -1.48 26.39 -3.29
CA PRO B 292 -0.39 26.07 -2.36
C PRO B 292 -0.34 26.99 -1.15
N THR B 293 -0.54 26.43 0.03
CA THR B 293 -0.52 27.16 1.28
C THR B 293 0.61 26.61 2.14
N LEU B 294 1.35 27.50 2.80
CA LEU B 294 2.49 27.09 3.60
C LEU B 294 2.06 26.68 5.00
N LEU B 295 2.56 25.54 5.45
CA LEU B 295 2.35 25.04 6.80
C LEU B 295 3.72 24.86 7.44
N THR B 296 3.93 25.52 8.58
CA THR B 296 5.21 25.50 9.27
C THR B 296 4.96 25.16 10.74
N THR B 297 5.51 24.04 11.19
CA THR B 297 5.34 23.57 12.56
C THR B 297 6.70 23.42 13.23
N ARG B 298 6.72 23.61 14.54
CA ARG B 298 7.96 23.51 15.31
C ARG B 298 7.63 23.19 16.76
N LYS B 299 8.48 22.37 17.38
CA LYS B 299 8.35 22.09 18.79
C LYS B 299 8.91 23.23 19.63
N LEU B 300 8.49 23.27 20.89
CA LEU B 300 8.87 24.33 21.84
C LEU B 300 9.81 23.80 22.92
N GLY B 301 10.74 22.93 22.53
CA GLY B 301 11.70 22.36 23.46
C GLY B 301 13.13 22.61 23.05
N LEU B 302 14.04 21.71 23.45
CA LEU B 302 15.45 21.87 23.06
C LEU B 302 15.62 21.81 21.55
N ARG B 303 14.94 20.86 20.91
CA ARG B 303 15.02 20.66 19.47
C ARG B 303 13.78 21.24 18.82
N ALA B 304 13.98 22.16 17.87
CA ALA B 304 12.84 22.76 17.18
C ALA B 304 12.08 21.72 16.38
N ASP B 305 12.79 20.83 15.69
CA ASP B 305 12.18 19.84 14.80
C ASP B 305 11.28 20.54 13.78
N ALA B 306 11.74 21.67 13.26
CA ALA B 306 10.92 22.48 12.38
C ALA B 306 10.64 21.75 11.07
N THR B 307 9.39 21.81 10.64
CA THR B 307 8.95 21.24 9.37
C THR B 307 8.17 22.28 8.61
N ALA B 308 8.42 22.37 7.29
CA ALA B 308 7.76 23.31 6.41
C ALA B 308 7.28 22.57 5.17
N GLU B 309 6.08 22.90 4.71
CA GLU B 309 5.53 22.21 3.54
C GLU B 309 4.48 23.08 2.86
N TRP B 310 4.54 23.12 1.53
CA TRP B 310 3.49 23.76 0.73
C TRP B 310 2.47 22.70 0.36
N ILE B 311 1.21 22.93 0.75
CA ILE B 311 0.15 21.94 0.66
C ILE B 311 -0.89 22.44 -0.34
N THR B 312 -1.34 21.53 -1.21
CA THR B 312 -2.41 21.78 -2.16
C THR B 312 -3.52 20.75 -1.96
N GLY B 313 -4.70 21.07 -2.48
CA GLY B 313 -5.82 20.15 -2.36
C GLY B 313 -6.27 19.98 -0.92
N THR B 314 -6.83 18.81 -0.65
CA THR B 314 -7.29 18.42 0.68
C THR B 314 -6.50 17.20 1.14
N THR B 315 -5.95 17.27 2.34
CA THR B 315 -5.14 16.18 2.87
C THR B 315 -5.16 16.23 4.39
N SER B 316 -4.33 15.41 5.02
CA SER B 316 -4.22 15.38 6.47
C SER B 316 -2.76 15.15 6.85
N ARG B 317 -2.32 15.86 7.89
CA ARG B 317 -0.95 15.77 8.38
C ARG B 317 -0.95 15.43 9.86
N ASN B 318 -0.14 14.43 10.23
CA ASN B 318 -0.01 14.00 11.62
C ASN B 318 1.25 14.63 12.21
N PHE B 319 1.11 15.28 13.37
CA PHE B 319 2.21 15.93 14.06
C PHE B 319 2.25 15.45 15.50
N SER B 320 3.39 14.89 15.91
CA SER B 320 3.56 14.47 17.29
C SER B 320 3.82 15.68 18.17
N VAL B 321 3.04 15.81 19.25
CA VAL B 321 3.13 16.92 20.17
C VAL B 321 3.63 16.40 21.50
N GLY B 322 4.75 16.97 21.98
CA GLY B 322 5.33 16.57 23.24
C GLY B 322 4.80 17.40 24.40
N ARG B 323 5.27 17.05 25.60
CA ARG B 323 4.86 17.79 26.80
C ARG B 323 5.36 19.22 26.76
N GLU B 324 6.52 19.46 26.12
CA GLU B 324 7.03 20.83 26.03
C GLU B 324 6.08 21.73 25.23
N GLY B 325 5.47 21.18 24.18
CA GLY B 325 4.49 21.88 23.38
C GLY B 325 4.85 21.85 21.91
N LEU B 326 3.97 22.45 21.11
CA LEU B 326 4.17 22.56 19.67
C LEU B 326 3.45 23.80 19.19
N GLU B 327 3.93 24.36 18.08
CA GLU B 327 3.33 25.54 17.48
C GLU B 327 3.30 25.36 15.98
N TYR B 328 2.13 25.59 15.38
CA TYR B 328 1.96 25.49 13.93
C TYR B 328 1.35 26.76 13.38
N VAL B 329 1.83 27.17 12.21
CA VAL B 329 1.30 28.30 11.46
C VAL B 329 0.84 27.78 10.11
N TRP B 330 -0.41 28.04 9.77
CA TRP B 330 -1.05 27.53 8.56
C TRP B 330 -1.50 28.71 7.71
N GLY B 331 -0.86 28.90 6.57
CA GLY B 331 -1.16 30.05 5.73
C GLY B 331 -0.84 31.35 6.44
N ASN B 332 -1.68 32.35 6.23
CA ASN B 332 -1.52 33.66 6.84
C ASN B 332 -2.14 33.75 8.23
N HIS B 333 -2.74 32.67 8.72
CA HIS B 333 -3.30 32.67 10.07
C HIS B 333 -2.19 32.85 11.10
N GLU B 334 -2.58 33.32 12.28
CA GLU B 334 -1.62 33.53 13.34
C GLU B 334 -1.14 32.18 13.89
N PRO B 335 0.03 32.13 14.51
CA PRO B 335 0.50 30.85 15.08
C PRO B 335 -0.46 30.33 16.14
N VAL B 336 -0.61 29.00 16.17
CA VAL B 336 -1.43 28.32 17.17
C VAL B 336 -0.53 27.37 17.93
N ARG B 337 -0.54 27.49 19.26
CA ARG B 337 0.27 26.67 20.15
C ARG B 337 -0.60 25.68 20.89
N VAL B 338 -0.17 24.43 20.95
CA VAL B 338 -0.89 23.36 21.61
C VAL B 338 0.10 22.54 22.43
N TRP B 339 -0.31 22.13 23.63
CA TRP B 339 0.52 21.37 24.54
C TRP B 339 -0.09 20.01 24.80
N ALA B 340 0.77 18.99 24.95
CA ALA B 340 0.30 17.64 25.17
C ALA B 340 -0.08 17.43 26.63
N GLN B 341 -0.73 16.30 26.88
CA GLN B 341 -1.17 15.87 28.21
C GLN B 341 -0.51 14.54 28.56
N GLU B 342 -0.92 13.98 29.70
CA GLU B 342 -0.45 12.69 30.18
C GLU B 342 -1.59 11.67 30.19
N SER B 343 -2.44 11.73 29.17
CA SER B 343 -3.62 10.87 29.09
C SER B 343 -3.31 9.60 28.32
N ALA B 344 -2.51 8.72 28.97
CA ALA B 344 -2.24 7.43 28.37
C ALA B 344 -3.38 6.46 28.67
N PRO B 345 -3.66 5.49 27.78
CA PRO B 345 -4.70 4.50 28.11
C PRO B 345 -4.28 3.65 29.30
N GLY B 346 -5.28 3.22 30.07
CA GLY B 346 -5.07 2.47 31.29
C GLY B 346 -5.35 3.30 32.53
N ASP B 347 -5.03 2.71 33.68
CA ASP B 347 -5.26 3.33 34.98
C ASP B 347 -3.97 3.32 35.79
N PRO B 348 -3.61 4.42 36.47
CA PRO B 348 -2.45 4.39 37.37
C PRO B 348 -2.76 3.89 38.78
N HIS B 349 -4.01 3.52 39.07
CA HIS B 349 -4.39 3.10 40.41
C HIS B 349 -5.12 1.75 40.43
N GLY B 350 -5.22 1.07 39.29
CA GLY B 350 -5.87 -0.21 39.20
C GLY B 350 -4.92 -1.37 39.44
N TRP B 351 -5.27 -2.50 38.85
CA TRP B 351 -4.42 -3.68 38.96
C TRP B 351 -3.11 -3.46 38.20
N PRO B 352 -2.06 -4.22 38.53
CA PRO B 352 -0.78 -4.03 37.82
C PRO B 352 -0.89 -4.22 36.31
N HIS B 353 -1.85 -5.04 35.86
CA HIS B 353 -2.10 -5.17 34.43
C HIS B 353 -2.41 -3.82 33.81
N GLU B 354 -3.12 -2.96 34.54
CA GLU B 354 -3.36 -1.59 34.11
C GLU B 354 -2.17 -0.69 34.34
N ILE B 355 -1.43 -0.89 35.44
CA ILE B 355 -0.30 -0.03 35.77
C ILE B 355 0.74 -0.09 34.66
N ILE B 356 1.11 -1.30 34.26
CA ILE B 356 2.21 -1.48 33.32
C ILE B 356 1.84 -0.92 31.96
N ILE B 357 0.62 -1.19 31.48
CA ILE B 357 0.20 -0.66 30.19
C ILE B 357 0.12 0.86 30.25
N HIS B 358 -0.35 1.43 31.37
CA HIS B 358 -0.46 2.88 31.45
C HIS B 358 0.91 3.54 31.42
N TYR B 359 1.87 3.00 32.17
CA TYR B 359 3.18 3.63 32.28
C TYR B 359 4.16 3.19 31.19
N TYR B 360 3.79 2.22 30.36
CA TYR B 360 4.61 1.86 29.21
C TYR B 360 4.51 2.91 28.10
N HIS B 361 3.31 3.46 27.89
CA HIS B 361 3.12 4.42 26.82
C HIS B 361 3.76 5.77 27.17
N ARG B 362 3.62 6.20 28.43
CA ARG B 362 4.20 7.48 28.83
C ARG B 362 5.71 7.47 28.73
N HIS B 363 6.35 6.41 29.23
CA HIS B 363 7.81 6.30 29.24
C HIS B 363 8.17 4.84 29.00
N PRO B 364 8.26 4.41 27.74
CA PRO B 364 8.51 2.98 27.49
C PRO B 364 9.86 2.50 27.99
N VAL B 365 10.93 3.26 27.75
CA VAL B 365 12.26 2.82 28.18
C VAL B 365 12.32 2.74 29.70
N TYR B 366 11.79 3.74 30.40
CA TYR B 366 11.83 3.73 31.86
C TYR B 366 11.01 2.56 32.41
N THR B 367 9.82 2.33 31.86
CA THR B 367 8.97 1.24 32.34
C THR B 367 9.63 -0.10 32.11
N VAL B 368 10.23 -0.30 30.93
CA VAL B 368 10.90 -1.55 30.63
C VAL B 368 12.09 -1.75 31.54
N ILE B 369 12.84 -0.68 31.82
CA ILE B 369 13.99 -0.78 32.71
C ILE B 369 13.54 -1.16 34.11
N VAL B 370 12.46 -0.55 34.60
CA VAL B 370 11.97 -0.85 35.94
C VAL B 370 11.49 -2.30 36.02
N LEU B 371 10.77 -2.75 34.99
CA LEU B 371 10.28 -4.14 35.00
C LEU B 371 11.44 -5.13 34.94
N CYS B 372 12.46 -4.83 34.13
CA CYS B 372 13.63 -5.70 34.08
C CYS B 372 14.36 -5.72 35.42
N GLY B 373 14.44 -4.56 36.09
CA GLY B 373 15.04 -4.52 37.41
C GLY B 373 14.27 -5.36 38.42
N VAL B 374 12.93 -5.30 38.35
CA VAL B 374 12.10 -6.10 39.25
C VAL B 374 12.33 -7.60 38.98
N ALA B 375 12.38 -7.97 37.70
CA ALA B 375 12.61 -9.37 37.36
C ALA B 375 13.99 -9.83 37.83
N LEU B 376 14.99 -8.98 37.66
CA LEU B 376 16.34 -9.32 38.13
C LEU B 376 16.36 -9.47 39.65
N ALA B 377 15.64 -8.59 40.36
CA ALA B 377 15.56 -8.71 41.81
C ALA B 377 14.91 -10.02 42.21
N ILE B 378 13.83 -10.41 41.53
CA ILE B 378 13.15 -11.67 41.85
C ILE B 378 14.10 -12.84 41.60
N LEU B 379 14.81 -12.82 40.47
CA LEU B 379 15.74 -13.91 40.16
C LEU B 379 16.87 -13.98 41.18
N VAL B 380 17.41 -12.82 41.58
CA VAL B 380 18.47 -12.79 42.57
C VAL B 380 17.97 -13.33 43.90
N GLY B 381 16.75 -12.95 44.29
CA GLY B 381 16.20 -13.45 45.53
C GLY B 381 15.99 -14.95 45.51
N THR B 382 15.48 -15.48 44.41
CA THR B 382 15.27 -16.93 44.32
C THR B 382 16.60 -17.67 44.34
N ALA B 383 17.60 -17.17 43.63
CA ALA B 383 18.92 -17.80 43.65
C ALA B 383 19.53 -17.76 45.04
N SER B 384 19.40 -16.63 45.73
CA SER B 384 19.89 -16.53 47.09
C SER B 384 19.16 -17.49 48.01
N SER B 385 17.84 -17.64 47.84
CA SER B 385 17.09 -18.59 48.64
C SER B 385 17.60 -20.01 48.43
N ALA B 386 17.79 -20.40 47.17
CA ALA B 386 18.27 -21.74 46.88
C ALA B 386 19.66 -21.98 47.48
N ALA B 387 20.56 -21.01 47.28
CA ALA B 387 21.92 -21.16 47.80
C ALA B 387 21.92 -21.23 49.32
N CYS B 388 21.14 -20.39 49.99
CA CYS B 388 21.12 -20.38 51.44
C CYS B 388 20.50 -21.66 51.98
N ILE B 389 19.43 -22.14 51.35
CA ILE B 389 18.83 -23.40 51.79
C ILE B 389 19.83 -24.53 51.64
N ALA B 390 20.52 -24.59 50.50
CA ALA B 390 21.50 -25.65 50.28
C ALA B 390 22.63 -25.57 51.30
N LYS B 391 23.14 -24.37 51.58
CA LYS B 391 24.24 -24.23 52.52
C LYS B 391 23.80 -24.57 53.94
N ALA B 392 22.59 -24.14 54.32
CA ALA B 392 22.09 -24.48 55.65
C ALA B 392 21.93 -25.98 55.81
N ARG B 393 21.37 -26.64 54.80
CA ARG B 393 21.25 -28.10 54.84
C ARG B 393 22.64 -28.73 54.95
N ARG B 394 23.60 -28.24 54.16
CA ARG B 394 24.93 -28.83 54.14
C ARG B 394 25.60 -28.72 55.50
N ASP B 395 25.59 -27.51 56.10
CA ASP B 395 26.35 -27.31 57.33
C ASP B 395 25.60 -27.80 58.57
N CYS B 396 24.27 -27.91 58.52
CA CYS B 396 23.51 -28.44 59.64
C CYS B 396 23.29 -29.94 59.54
N LEU B 397 23.65 -30.56 58.41
CA LEU B 397 23.51 -32.00 58.20
C LEU B 397 24.83 -32.74 58.16
N THR B 398 25.89 -32.12 57.64
CA THR B 398 27.17 -32.82 57.50
C THR B 398 27.77 -33.25 58.85
N PRO B 399 27.74 -32.46 59.93
CA PRO B 399 28.29 -33.01 61.19
C PRO B 399 27.51 -34.21 61.69
N TYR B 400 26.20 -34.25 61.47
CA TYR B 400 25.36 -35.35 61.92
C TYR B 400 25.20 -36.43 60.87
N ALA B 401 25.64 -36.20 59.63
CA ALA B 401 25.59 -37.22 58.59
C ALA B 401 26.66 -38.28 58.76
N LEU B 402 27.63 -38.08 59.65
CA LEU B 402 28.71 -39.03 59.91
C LEU B 402 28.76 -39.41 61.38
N ALA B 403 27.61 -39.41 62.04
CA ALA B 403 27.51 -39.70 63.47
C ALA B 403 26.40 -40.72 63.71
N PRO B 404 26.45 -41.45 64.83
CA PRO B 404 25.50 -42.53 65.06
C PRO B 404 24.25 -42.04 65.78
N ASN B 405 23.10 -42.50 65.29
CA ASN B 405 21.81 -42.20 65.91
C ASN B 405 21.61 -40.70 66.05
N ALA B 406 21.56 -40.03 64.89
CA ALA B 406 21.42 -38.58 64.84
C ALA B 406 20.00 -38.22 65.28
N THR B 407 19.84 -38.10 66.60
CA THR B 407 18.56 -37.76 67.20
C THR B 407 18.28 -36.26 67.06
N VAL B 408 18.15 -35.83 65.81
CA VAL B 408 17.96 -34.43 65.48
C VAL B 408 16.51 -34.06 65.80
N PRO B 409 16.21 -32.81 66.15
CA PRO B 409 14.81 -32.37 66.12
C PRO B 409 14.20 -32.63 64.76
N THR B 410 13.00 -33.22 64.77
CA THR B 410 12.37 -33.63 63.51
C THR B 410 12.06 -32.43 62.62
N ALA B 411 11.86 -31.26 63.22
CA ALA B 411 11.62 -30.06 62.42
C ALA B 411 12.82 -29.74 61.54
N LEU B 412 14.03 -29.87 62.07
CA LEU B 412 15.23 -29.59 61.29
C LEU B 412 15.34 -30.56 60.10
N ALA B 413 15.08 -31.85 60.35
CA ALA B 413 15.14 -32.83 59.27
C ALA B 413 14.07 -32.55 58.21
N VAL B 414 12.87 -32.19 58.64
CA VAL B 414 11.79 -31.90 57.70
C VAL B 414 12.16 -30.68 56.84
N LEU B 415 12.70 -29.64 57.48
CA LEU B 415 13.09 -28.44 56.74
C LEU B 415 14.23 -28.76 55.76
N CYS B 416 15.19 -29.57 56.19
CA CYS B 416 16.37 -29.87 55.38
C CYS B 416 16.12 -30.93 54.32
N CYS B 417 15.01 -31.67 54.40
CA CYS B 417 14.70 -32.72 53.45
C CYS B 417 13.91 -32.22 52.24
N ILE B 418 13.59 -30.93 52.18
CA ILE B 418 12.83 -30.37 51.07
C ILE B 418 13.69 -29.34 50.34
N GLU C 107 41.69 -53.85 59.39
CA GLU C 107 42.25 -52.62 58.87
C GLU C 107 42.88 -52.83 57.50
N SER C 108 43.70 -53.87 57.36
CA SER C 108 44.37 -54.13 56.10
C SER C 108 43.37 -54.44 55.00
N ASP C 109 42.34 -55.21 55.31
CA ASP C 109 41.39 -55.62 54.28
C ASP C 109 40.50 -54.46 53.84
N LYS C 110 39.97 -53.69 54.79
CA LYS C 110 38.94 -52.69 54.51
C LYS C 110 39.48 -51.28 54.35
N THR C 111 40.79 -51.08 54.46
CA THR C 111 41.43 -49.79 54.22
C THR C 111 42.20 -49.85 52.91
N PHE C 112 42.00 -48.83 52.06
CA PHE C 112 42.51 -48.83 50.70
C PHE C 112 43.55 -47.72 50.51
N PRO C 113 44.50 -47.87 49.59
CA PRO C 113 45.45 -46.77 49.33
C PRO C 113 44.97 -45.85 48.22
N ILE C 114 45.38 -44.59 48.32
CA ILE C 114 45.09 -43.56 47.33
C ILE C 114 46.37 -43.27 46.57
N MET C 115 46.27 -43.21 45.24
CA MET C 115 47.42 -43.10 44.36
C MET C 115 47.59 -41.67 43.89
N LEU C 116 48.81 -41.15 43.98
CA LEU C 116 49.19 -39.86 43.42
C LEU C 116 50.42 -40.08 42.55
N ASN C 117 50.19 -40.20 41.24
CA ASN C 117 51.25 -40.50 40.28
C ASN C 117 51.91 -41.85 40.56
N GLY C 118 51.20 -42.75 41.24
CA GLY C 118 51.71 -44.07 41.56
C GLY C 118 52.31 -44.21 42.94
N GLN C 119 52.11 -43.23 43.84
CA GLN C 119 52.64 -43.28 45.19
C GLN C 119 51.51 -43.20 46.20
N VAL C 120 51.71 -43.86 47.34
CA VAL C 120 50.75 -43.79 48.43
C VAL C 120 50.81 -42.40 49.07
N ASN C 121 49.63 -41.79 49.27
CA ASN C 121 49.55 -40.48 49.90
C ASN C 121 48.40 -40.34 50.88
N GLY C 122 47.66 -41.41 51.16
CA GLY C 122 46.54 -41.31 52.08
C GLY C 122 45.84 -42.63 52.20
N TYR C 123 44.71 -42.61 52.90
CA TYR C 123 43.89 -43.80 53.10
C TYR C 123 42.42 -43.40 53.19
N ALA C 124 41.58 -44.17 52.53
CA ALA C 124 40.13 -43.95 52.51
C ALA C 124 39.46 -45.02 53.35
N CYS C 125 38.57 -44.60 54.25
CA CYS C 125 38.02 -45.49 55.28
C CYS C 125 36.52 -45.68 55.07
N VAL C 126 36.07 -46.92 55.18
CA VAL C 126 34.65 -47.27 55.04
C VAL C 126 34.12 -47.57 56.44
N VAL C 127 33.18 -46.73 56.91
CA VAL C 127 32.56 -46.87 58.21
C VAL C 127 31.05 -46.84 58.02
N GLY C 128 30.35 -47.83 58.56
CA GLY C 128 28.90 -47.80 58.62
C GLY C 128 28.21 -47.63 57.28
N GLY C 129 28.81 -48.16 56.21
CA GLY C 129 28.23 -48.04 54.88
C GLY C 129 28.50 -46.75 54.16
N ARG C 130 29.37 -45.88 54.71
CA ARG C 130 29.78 -44.65 54.04
C ARG C 130 31.30 -44.60 54.00
N LEU C 131 31.84 -44.11 52.88
CA LEU C 131 33.28 -44.04 52.66
C LEU C 131 33.73 -42.59 52.78
N MET C 132 34.68 -42.35 53.69
CA MET C 132 35.26 -41.03 53.93
C MET C 132 36.69 -40.99 53.44
N LYS C 133 37.13 -39.79 53.03
CA LYS C 133 38.47 -39.58 52.51
C LYS C 133 38.87 -38.13 52.79
N PRO C 134 40.07 -37.86 53.32
CA PRO C 134 40.47 -36.47 53.53
C PRO C 134 40.49 -35.68 52.23
N LEU C 135 40.13 -34.39 52.32
CA LEU C 135 40.12 -33.52 51.15
C LEU C 135 41.51 -33.08 50.74
N HIS C 136 42.37 -32.76 51.71
CA HIS C 136 43.67 -32.17 51.39
C HIS C 136 44.55 -33.14 50.62
N VAL C 137 44.41 -34.44 50.88
CA VAL C 137 45.16 -35.45 50.14
C VAL C 137 44.48 -35.63 48.78
N GLU C 138 45.24 -35.43 47.72
CA GLU C 138 44.74 -35.52 46.35
C GLU C 138 45.28 -36.79 45.71
N GLY C 139 44.38 -37.58 45.13
CA GLY C 139 44.77 -38.82 44.48
C GLY C 139 43.55 -39.60 44.05
N LYS C 140 43.82 -40.72 43.39
CA LYS C 140 42.79 -41.62 42.89
C LYS C 140 42.68 -42.84 43.80
N ILE C 141 41.45 -43.21 44.14
CA ILE C 141 41.21 -44.39 44.95
C ILE C 141 41.59 -45.63 44.13
N ASP C 142 42.30 -46.55 44.75
CA ASP C 142 42.77 -47.74 44.05
C ASP C 142 41.61 -48.61 43.58
N ASN C 143 40.57 -48.77 44.40
CA ASN C 143 39.45 -49.61 44.03
C ASN C 143 38.73 -49.05 42.81
N GLU C 144 38.43 -49.92 41.86
CA GLU C 144 37.69 -49.50 40.67
C GLU C 144 36.25 -49.15 41.00
N GLN C 145 35.62 -49.93 41.90
CA GLN C 145 34.24 -49.67 42.27
C GLN C 145 34.11 -48.31 42.95
N LEU C 146 35.01 -47.99 43.88
CA LEU C 146 34.93 -46.74 44.60
C LEU C 146 35.21 -45.54 43.70
N ALA C 147 35.89 -45.74 42.58
CA ALA C 147 36.16 -44.63 41.66
C ALA C 147 34.86 -44.06 41.08
N ALA C 148 33.81 -44.87 40.99
CA ALA C 148 32.53 -44.44 40.46
C ALA C 148 31.60 -43.90 41.53
N VAL C 149 32.03 -43.87 42.80
CA VAL C 149 31.19 -43.38 43.88
C VAL C 149 31.29 -41.87 43.95
N LYS C 150 30.14 -41.20 43.90
CA LYS C 150 30.11 -39.74 44.00
C LYS C 150 30.39 -39.31 45.43
N LEU C 151 31.26 -38.33 45.59
CA LEU C 151 31.70 -37.85 46.90
C LEU C 151 31.14 -36.44 47.12
N LYS C 152 30.44 -36.25 48.23
CA LYS C 152 30.01 -34.93 48.67
C LYS C 152 30.91 -34.47 49.80
N LYS C 153 31.34 -33.21 49.73
CA LYS C 153 32.49 -32.71 50.48
C LYS C 153 32.06 -31.80 51.61
N ALA C 154 32.56 -32.09 52.81
CA ALA C 154 32.56 -31.14 53.92
C ALA C 154 33.93 -30.46 53.90
N SER C 155 33.98 -29.30 53.26
CA SER C 155 35.24 -28.59 53.10
C SER C 155 35.76 -28.08 54.45
N MET C 156 34.88 -27.57 55.31
CA MET C 156 35.31 -27.06 56.60
C MET C 156 35.81 -28.17 57.51
N TYR C 157 35.37 -29.40 57.31
CA TYR C 157 35.92 -30.57 58.00
C TYR C 157 37.05 -31.23 57.21
N ASP C 158 37.40 -30.72 56.04
CA ASP C 158 38.52 -31.23 55.26
C ASP C 158 38.30 -32.70 54.89
N LEU C 159 37.06 -33.03 54.53
CA LEU C 159 36.69 -34.41 54.28
C LEU C 159 35.70 -34.48 53.12
N GLU C 160 35.62 -35.66 52.49
CA GLU C 160 34.55 -35.98 51.56
C GLU C 160 34.02 -37.35 51.88
N TYR C 161 32.69 -37.48 51.88
CA TYR C 161 32.02 -38.74 52.19
C TYR C 161 31.09 -39.12 51.06
N GLY C 162 30.89 -40.43 50.90
CA GLY C 162 30.03 -40.94 49.84
C GLY C 162 29.37 -42.23 50.27
N ASP C 163 28.29 -42.57 49.56
CA ASP C 163 27.56 -43.80 49.82
C ASP C 163 28.26 -44.96 49.11
N VAL C 164 28.69 -45.96 49.86
CA VAL C 164 29.44 -47.09 49.32
C VAL C 164 28.49 -47.99 48.54
N PRO C 165 28.97 -48.82 47.61
CA PRO C 165 28.06 -49.72 46.89
C PRO C 165 27.45 -50.79 47.77
N GLN C 166 26.62 -51.66 47.17
CA GLN C 166 25.76 -52.54 47.95
C GLN C 166 26.51 -53.74 48.50
N ASN C 167 27.66 -54.09 47.89
CA ASN C 167 28.37 -55.31 48.26
C ASN C 167 29.54 -55.08 49.23
N MET C 168 29.62 -53.92 49.90
CA MET C 168 30.64 -53.71 50.92
C MET C 168 30.13 -53.00 52.17
N LYS C 169 28.87 -52.60 52.23
CA LYS C 169 28.44 -51.72 53.32
C LYS C 169 28.38 -52.45 54.66
N SER C 170 27.94 -53.72 54.66
CA SER C 170 27.91 -54.46 55.92
C SER C 170 29.31 -54.76 56.41
N ASP C 171 30.19 -55.27 55.54
CA ASP C 171 31.57 -55.54 55.90
C ASP C 171 32.27 -54.18 55.97
N THR C 172 32.11 -53.53 57.11
CA THR C 172 32.59 -52.17 57.33
C THR C 172 33.09 -52.03 58.76
N LEU C 173 33.88 -50.99 58.98
CA LEU C 173 34.43 -50.68 60.31
C LEU C 173 33.32 -50.09 61.16
N GLN C 174 32.78 -50.90 62.08
CA GLN C 174 31.67 -50.46 62.92
C GLN C 174 32.12 -49.29 63.80
N TYR C 175 31.26 -48.28 63.89
CA TYR C 175 31.58 -47.06 64.62
C TYR C 175 31.22 -47.20 66.11
N THR C 176 31.78 -46.29 66.91
CA THR C 176 31.52 -46.24 68.33
C THR C 176 31.72 -44.80 68.81
N SER C 177 31.23 -44.52 70.02
CA SER C 177 31.30 -43.18 70.61
C SER C 177 31.91 -43.14 72.00
N ASP C 178 32.02 -44.28 72.69
CA ASP C 178 32.57 -44.30 74.04
C ASP C 178 34.09 -44.29 73.97
N LYS C 179 34.73 -43.33 74.64
CA LYS C 179 36.17 -43.09 74.55
C LYS C 179 36.78 -42.89 75.93
N PRO C 180 36.92 -43.97 76.71
CA PRO C 180 37.69 -43.85 77.95
C PRO C 180 39.15 -43.59 77.65
N PRO C 181 39.86 -42.83 78.48
CA PRO C 181 41.27 -42.56 78.21
C PRO C 181 42.11 -43.83 78.36
N GLY C 182 43.18 -43.89 77.57
CA GLY C 182 44.09 -45.03 77.62
C GLY C 182 44.67 -45.31 76.25
N PHE C 183 45.14 -46.54 76.07
CA PHE C 183 45.78 -46.94 74.84
C PHE C 183 44.74 -47.50 73.87
N TYR C 184 44.90 -47.15 72.59
CA TYR C 184 44.02 -47.60 71.53
C TYR C 184 44.84 -48.07 70.34
N ASN C 185 44.21 -48.92 69.52
CA ASN C 185 44.90 -49.57 68.42
C ASN C 185 45.25 -48.57 67.32
N TRP C 186 46.23 -48.94 66.50
CA TRP C 186 46.67 -48.09 65.40
C TRP C 186 47.56 -48.95 64.50
N HIS C 187 47.52 -48.66 63.20
CA HIS C 187 48.28 -49.44 62.24
C HIS C 187 49.77 -49.45 62.57
N HIS C 188 50.28 -48.34 63.12
CA HIS C 188 51.69 -48.23 63.50
C HIS C 188 51.95 -48.60 64.95
N GLY C 189 50.91 -48.97 65.71
CA GLY C 189 51.10 -49.39 67.08
C GLY C 189 49.96 -49.00 68.01
N ALA C 190 50.31 -48.28 69.08
CA ALA C 190 49.34 -47.85 70.09
C ALA C 190 49.35 -46.33 70.18
N VAL C 191 48.16 -45.76 70.36
CA VAL C 191 47.97 -44.32 70.47
C VAL C 191 47.37 -44.02 71.83
N GLN C 192 47.86 -42.98 72.50
CA GLN C 192 47.42 -42.64 73.84
C GLN C 192 46.36 -41.55 73.76
N TYR C 193 45.17 -41.82 74.29
CA TYR C 193 44.08 -40.85 74.40
C TYR C 193 44.07 -40.38 75.86
N GLU C 194 44.54 -39.15 76.07
CA GLU C 194 44.65 -38.57 77.40
C GLU C 194 44.31 -37.09 77.34
N ASN C 195 43.59 -36.62 78.35
CA ASN C 195 43.17 -35.22 78.43
C ASN C 195 42.36 -34.81 77.20
N GLY C 196 41.58 -35.76 76.67
CA GLY C 196 40.81 -35.49 75.47
C GLY C 196 41.66 -35.24 74.25
N ARG C 197 42.88 -35.78 74.21
CA ARG C 197 43.81 -35.56 73.11
C ARG C 197 44.42 -36.89 72.70
N PHE C 198 44.54 -37.09 71.38
CA PHE C 198 45.22 -38.25 70.81
C PHE C 198 46.68 -37.90 70.56
N THR C 199 47.58 -38.72 71.10
CA THR C 199 49.01 -38.47 70.96
C THR C 199 49.73 -39.78 70.66
N VAL C 200 50.89 -39.65 70.02
CA VAL C 200 51.74 -40.77 69.64
C VAL C 200 53.18 -40.43 70.00
N PRO C 201 54.06 -41.43 70.10
CA PRO C 201 55.47 -41.12 70.30
C PRO C 201 56.02 -40.26 69.16
N ARG C 202 56.88 -39.31 69.51
CA ARG C 202 57.40 -38.37 68.53
C ARG C 202 58.36 -39.07 67.59
N GLY C 203 58.01 -39.11 66.31
CA GLY C 203 58.86 -39.73 65.30
C GLY C 203 58.10 -40.66 64.37
N VAL C 204 57.11 -41.36 64.90
CA VAL C 204 56.30 -42.30 64.12
C VAL C 204 55.13 -41.54 63.51
N GLY C 205 54.85 -41.82 62.25
CA GLY C 205 53.80 -41.13 61.52
C GLY C 205 54.32 -39.93 60.76
N GLY C 206 53.62 -39.57 59.69
CA GLY C 206 54.04 -38.45 58.88
C GLY C 206 53.16 -38.32 57.65
N LYS C 207 53.69 -37.64 56.64
CA LYS C 207 52.95 -37.42 55.41
C LYS C 207 52.57 -38.75 54.76
N GLY C 208 51.35 -38.80 54.22
CA GLY C 208 50.82 -40.02 53.64
C GLY C 208 50.01 -40.88 54.59
N ASP C 209 50.01 -40.58 55.89
CA ASP C 209 49.24 -41.31 56.87
C ASP C 209 47.87 -40.68 57.15
N SER C 210 47.52 -39.60 56.46
CA SER C 210 46.22 -38.98 56.66
C SER C 210 45.10 -39.93 56.24
N GLY C 211 44.00 -39.86 56.97
CA GLY C 211 42.89 -40.77 56.74
C GLY C 211 43.06 -42.15 57.34
N ARG C 212 44.14 -42.37 58.09
CA ARG C 212 44.36 -43.68 58.71
C ARG C 212 43.32 -43.90 59.80
N PRO C 213 42.55 -44.99 59.79
CA PRO C 213 41.59 -45.21 60.87
C PRO C 213 42.28 -45.65 62.15
N ILE C 214 41.76 -45.19 63.27
CA ILE C 214 42.19 -45.64 64.60
C ILE C 214 41.10 -46.59 65.09
N LEU C 215 41.50 -47.81 65.41
CA LEU C 215 40.58 -48.88 65.77
C LEU C 215 40.51 -49.06 67.28
N ASP C 216 39.48 -49.78 67.72
CA ASP C 216 39.28 -50.15 69.11
C ASP C 216 39.73 -51.57 69.33
N ASN C 217 39.76 -51.98 70.61
CA ASN C 217 40.15 -53.34 70.95
C ASN C 217 39.16 -54.34 70.39
N ARG C 218 37.87 -54.01 70.41
CA ARG C 218 36.83 -54.90 69.89
C ARG C 218 36.67 -54.81 68.38
N GLY C 219 37.43 -53.96 67.70
CA GLY C 219 37.38 -53.86 66.25
C GLY C 219 36.62 -52.68 65.71
N ARG C 220 36.22 -51.73 66.55
CA ARG C 220 35.47 -50.55 66.14
C ARG C 220 36.41 -49.37 65.94
N VAL C 221 35.93 -48.37 65.20
CA VAL C 221 36.71 -47.18 64.87
C VAL C 221 36.37 -46.09 65.88
N VAL C 222 37.41 -45.39 66.34
CA VAL C 222 37.26 -44.32 67.31
C VAL C 222 37.55 -42.95 66.70
N ALA C 223 38.51 -42.87 65.79
CA ALA C 223 38.89 -41.61 65.17
C ALA C 223 39.61 -41.88 63.87
N ILE C 224 39.72 -40.85 63.05
CA ILE C 224 40.43 -40.89 61.77
C ILE C 224 41.48 -39.79 61.79
N VAL C 225 42.73 -40.16 61.52
CA VAL C 225 43.84 -39.21 61.61
C VAL C 225 43.87 -38.33 60.37
N LEU C 226 44.11 -37.04 60.58
CA LEU C 226 44.26 -36.06 59.48
C LEU C 226 45.63 -35.42 59.45
N GLY C 227 46.23 -35.16 60.60
CA GLY C 227 47.56 -34.56 60.63
C GLY C 227 48.19 -34.74 61.99
N GLY C 228 49.37 -34.16 62.17
CA GLY C 228 50.07 -34.22 63.43
C GLY C 228 50.96 -33.02 63.64
N ALA C 229 51.19 -32.69 64.91
CA ALA C 229 52.07 -31.61 65.32
C ALA C 229 53.03 -32.13 66.38
N ASN C 230 54.32 -31.86 66.20
CA ASN C 230 55.35 -32.34 67.10
C ASN C 230 55.62 -31.30 68.19
N GLU C 231 55.47 -31.71 69.44
CA GLU C 231 55.75 -30.87 70.60
C GLU C 231 57.19 -31.07 71.08
N GLY C 232 57.92 -32.03 70.51
CA GLY C 232 59.23 -32.41 70.98
C GLY C 232 59.23 -33.67 71.84
N THR C 233 58.38 -33.71 72.87
CA THR C 233 58.27 -34.93 73.67
C THR C 233 57.41 -35.98 72.97
N ARG C 234 56.20 -35.58 72.55
CA ARG C 234 55.30 -36.47 71.82
C ARG C 234 54.80 -35.76 70.57
N THR C 235 53.88 -36.38 69.84
CA THR C 235 53.25 -35.76 68.67
C THR C 235 51.74 -35.86 68.85
N ALA C 236 51.08 -34.71 68.89
CA ALA C 236 49.64 -34.65 69.05
C ALA C 236 48.99 -34.68 67.68
N LEU C 237 48.04 -35.61 67.50
CA LEU C 237 47.43 -35.86 66.20
C LEU C 237 46.15 -35.05 66.06
N SER C 238 46.10 -34.21 65.02
CA SER C 238 44.88 -33.51 64.65
C SER C 238 43.99 -34.50 63.91
N VAL C 239 42.91 -34.90 64.56
CA VAL C 239 42.00 -35.93 64.06
C VAL C 239 40.57 -35.41 64.15
N VAL C 240 39.62 -36.27 63.83
CA VAL C 240 38.20 -36.02 64.04
C VAL C 240 37.71 -37.01 65.08
N THR C 241 37.12 -36.50 66.15
CA THR C 241 36.63 -37.30 67.26
C THR C 241 35.12 -37.14 67.38
N TRP C 242 34.46 -38.20 67.82
CA TRP C 242 33.01 -38.26 67.91
C TRP C 242 32.59 -38.01 69.35
N ASN C 243 31.31 -37.67 69.53
CA ASN C 243 30.77 -37.29 70.83
C ASN C 243 29.54 -38.11 71.14
N GLN C 244 29.14 -38.06 72.41
CA GLN C 244 27.97 -38.83 72.86
C GLN C 244 26.70 -38.37 72.15
N LYS C 245 26.58 -37.06 71.89
CA LYS C 245 25.41 -36.51 71.20
C LYS C 245 25.51 -36.64 69.68
N GLY C 246 26.40 -37.47 69.17
CA GLY C 246 26.54 -37.63 67.73
C GLY C 246 27.06 -36.40 67.02
N VAL C 247 28.08 -35.75 67.59
CA VAL C 247 28.71 -34.57 67.02
C VAL C 247 30.17 -34.91 66.76
N THR C 248 30.62 -34.69 65.52
CA THR C 248 32.00 -34.98 65.13
C THR C 248 32.80 -33.67 65.18
N ILE C 249 33.61 -33.52 66.22
CA ILE C 249 34.47 -32.35 66.39
C ILE C 249 35.81 -32.64 65.74
N LYS C 250 36.28 -31.72 64.91
CA LYS C 250 37.62 -31.82 64.32
C LYS C 250 38.60 -31.27 65.34
N ASP C 251 39.21 -32.16 66.12
CA ASP C 251 40.17 -31.76 67.16
C ASP C 251 41.52 -31.54 66.51
N THR C 252 41.98 -30.29 66.50
CA THR C 252 43.26 -29.91 65.90
C THR C 252 44.10 -29.17 66.93
N PRO C 253 45.14 -29.77 67.51
CA PRO C 253 46.00 -29.01 68.42
C PRO C 253 46.75 -27.90 67.68
N GLU C 254 47.16 -26.90 68.45
CA GLU C 254 47.83 -25.73 67.89
C GLU C 254 49.08 -26.14 67.14
N GLY C 255 49.27 -25.58 65.95
CA GLY C 255 50.40 -25.94 65.11
C GLY C 255 50.19 -27.19 64.28
N SER C 256 48.96 -27.69 64.19
CA SER C 256 48.71 -28.90 63.43
C SER C 256 49.02 -28.69 61.95
N GLU C 257 49.63 -29.72 61.35
CA GLU C 257 49.94 -29.73 59.93
C GLU C 257 49.28 -30.97 59.32
N PRO C 258 48.43 -30.83 58.30
CA PRO C 258 47.80 -32.03 57.72
C PRO C 258 48.83 -32.88 57.00
N TRP C 259 48.81 -34.17 57.29
CA TRP C 259 49.79 -35.10 56.72
C TRP C 259 49.36 -35.55 55.32
N PHE D 1 71.65 4.33 -46.15
CA PHE D 1 71.53 3.62 -44.89
C PHE D 1 70.09 3.66 -44.39
N GLU D 2 69.53 2.48 -44.12
CA GLU D 2 68.15 2.33 -43.69
C GLU D 2 68.10 2.22 -42.18
N HIS D 3 67.20 2.97 -41.55
CA HIS D 3 66.98 2.92 -40.12
C HIS D 3 65.53 2.52 -39.85
N ALA D 4 65.34 1.50 -39.01
CA ALA D 4 64.03 0.99 -38.66
C ALA D 4 63.75 1.30 -37.20
N THR D 5 62.57 1.84 -36.92
CA THR D 5 62.17 2.22 -35.57
C THR D 5 60.67 1.97 -35.42
N THR D 6 60.16 2.23 -34.23
CA THR D 6 58.74 2.04 -33.91
C THR D 6 58.26 3.29 -33.17
N VAL D 7 57.64 4.21 -33.92
CA VAL D 7 57.17 5.46 -33.34
C VAL D 7 55.83 5.20 -32.64
N PRO D 8 55.44 6.01 -31.66
CA PRO D 8 54.08 5.88 -31.11
C PRO D 8 53.09 6.76 -31.87
N ASN D 9 51.91 6.20 -32.13
CA ASN D 9 50.87 6.91 -32.87
C ASN D 9 50.15 7.84 -31.91
N VAL D 10 50.75 9.02 -31.73
CA VAL D 10 50.17 10.08 -30.92
C VAL D 10 50.43 11.39 -31.65
N PRO D 11 49.43 11.99 -32.31
CA PRO D 11 49.72 13.16 -33.15
C PRO D 11 50.28 14.33 -32.36
N GLY D 12 51.19 15.05 -33.00
CA GLY D 12 51.73 16.28 -32.47
C GLY D 12 52.91 16.14 -31.53
N ILE D 13 53.32 14.92 -31.19
CA ILE D 13 54.42 14.69 -30.25
C ILE D 13 55.62 14.19 -31.06
N PRO D 14 56.69 14.97 -31.20
CA PRO D 14 57.87 14.45 -31.91
C PRO D 14 58.48 13.25 -31.21
N TYR D 15 58.94 12.30 -32.02
CA TYR D 15 59.71 11.15 -31.56
C TYR D 15 61.12 11.29 -32.12
N LYS D 16 62.11 11.27 -31.24
CA LYS D 16 63.49 11.56 -31.59
C LYS D 16 64.34 10.30 -31.51
N ALA D 17 65.30 10.19 -32.42
CA ALA D 17 66.23 9.07 -32.45
C ALA D 17 67.55 9.56 -33.03
N LEU D 18 68.60 8.78 -32.77
CA LEU D 18 69.94 9.08 -33.24
C LEU D 18 70.44 7.90 -34.07
N VAL D 19 70.42 8.04 -35.39
CA VAL D 19 70.94 6.97 -36.25
C VAL D 19 72.46 7.10 -36.27
N GLU D 20 73.14 5.99 -35.96
CA GLU D 20 74.59 5.97 -35.78
C GLU D 20 75.18 5.00 -36.79
N ARG D 21 75.85 5.54 -37.81
CA ARG D 21 76.53 4.71 -38.79
C ARG D 21 77.91 4.31 -38.28
N ALA D 22 78.53 3.36 -38.99
CA ALA D 22 79.79 2.80 -38.54
C ALA D 22 80.92 3.84 -38.56
N GLY D 23 80.99 4.66 -39.61
CA GLY D 23 82.09 5.59 -39.78
C GLY D 23 81.66 7.00 -40.16
N TYR D 24 80.44 7.37 -39.78
CA TYR D 24 79.91 8.70 -40.02
C TYR D 24 79.41 9.30 -38.72
N ALA D 25 79.32 10.62 -38.69
CA ALA D 25 78.84 11.30 -37.49
C ALA D 25 77.40 10.91 -37.22
N PRO D 26 77.00 10.73 -35.95
CA PRO D 26 75.60 10.38 -35.69
C PRO D 26 74.65 11.47 -36.16
N LEU D 27 73.51 11.05 -36.71
CA LEU D 27 72.54 11.95 -37.31
C LEU D 27 71.23 11.90 -36.54
N ASN D 28 70.69 13.08 -36.23
CA ASN D 28 69.41 13.19 -35.57
C ASN D 28 68.29 12.80 -36.54
N LEU D 29 67.18 12.33 -35.97
CA LEU D 29 66.01 11.93 -36.75
C LEU D 29 64.78 12.16 -35.89
N GLU D 30 64.00 13.19 -36.20
CA GLU D 30 62.79 13.50 -35.46
C GLU D 30 61.60 13.33 -36.39
N ILE D 31 60.59 12.60 -35.90
CA ILE D 31 59.41 12.22 -36.68
C ILE D 31 58.18 12.69 -35.92
N THR D 32 57.34 13.49 -36.58
CA THR D 32 56.07 13.93 -36.01
C THR D 32 54.93 13.46 -36.90
N VAL D 33 53.93 12.83 -36.27
CA VAL D 33 52.70 12.46 -36.96
C VAL D 33 51.78 13.67 -36.95
N VAL D 34 51.90 14.53 -37.95
CA VAL D 34 51.17 15.79 -37.96
C VAL D 34 49.67 15.53 -38.01
N SER D 35 49.24 14.58 -38.83
CA SER D 35 47.82 14.26 -38.94
C SER D 35 47.69 12.80 -39.37
N SER D 36 46.51 12.23 -39.09
CA SER D 36 46.18 10.87 -39.47
C SER D 36 44.74 10.84 -39.96
N GLU D 37 44.40 9.79 -40.70
CA GLU D 37 43.06 9.64 -41.27
C GLU D 37 42.73 8.16 -41.36
N LEU D 38 41.98 7.67 -40.38
CA LEU D 38 41.47 6.30 -40.41
C LEU D 38 40.17 6.30 -41.20
N THR D 39 40.27 5.93 -42.48
CA THR D 39 39.16 6.04 -43.42
C THR D 39 38.72 4.65 -43.87
N PRO D 40 37.44 4.25 -43.69
CA PRO D 40 36.98 2.98 -44.27
C PRO D 40 36.43 3.14 -45.67
N SER D 41 36.06 2.03 -46.30
CA SER D 41 35.40 2.02 -47.60
C SER D 41 33.92 1.77 -47.40
N THR D 42 33.08 2.65 -47.95
CA THR D 42 31.65 2.64 -47.71
C THR D 42 30.89 2.54 -49.03
N ASN D 43 29.75 1.86 -48.98
CA ASN D 43 28.83 1.74 -50.10
C ASN D 43 27.45 2.12 -49.62
N LYS D 44 26.79 3.02 -50.36
CA LYS D 44 25.48 3.51 -49.95
C LYS D 44 24.45 2.40 -50.11
N GLU D 45 23.74 2.08 -49.03
CA GLU D 45 22.63 1.15 -49.10
C GLU D 45 21.35 1.84 -49.56
N TYR D 46 21.02 2.96 -48.92
CA TYR D 46 19.87 3.76 -49.33
C TYR D 46 19.88 5.08 -48.60
N VAL D 47 18.92 5.93 -48.96
CA VAL D 47 18.68 7.20 -48.29
C VAL D 47 17.24 7.21 -47.81
N THR D 48 17.01 7.93 -46.71
CA THR D 48 15.68 7.96 -46.10
C THR D 48 15.46 9.30 -45.45
N CYS D 49 14.19 9.64 -45.27
CA CYS D 49 13.77 10.91 -44.69
C CYS D 49 12.28 10.77 -44.36
N ARG D 50 11.66 11.89 -43.97
CA ARG D 50 10.23 11.91 -43.70
C ARG D 50 9.47 11.63 -45.00
N PHE D 51 8.54 10.67 -44.95
CA PHE D 51 7.69 10.44 -46.11
C PHE D 51 6.57 11.47 -46.16
N HIS D 52 6.21 11.86 -47.37
CA HIS D 52 5.03 12.68 -47.64
C HIS D 52 3.94 11.73 -48.12
N THR D 53 2.87 11.62 -47.34
CA THR D 53 1.78 10.69 -47.63
C THR D 53 0.85 11.36 -48.63
N VAL D 54 1.14 11.16 -49.91
CA VAL D 54 0.34 11.77 -50.97
C VAL D 54 -0.90 10.91 -51.20
N ILE D 55 -2.05 11.57 -51.21
CA ILE D 55 -3.36 10.94 -51.34
C ILE D 55 -3.94 11.39 -52.69
N PRO D 56 -3.95 10.54 -53.71
CA PRO D 56 -4.61 10.93 -54.97
C PRO D 56 -6.08 11.23 -54.76
N SER D 57 -6.58 12.16 -55.56
CA SER D 57 -7.98 12.55 -55.46
C SER D 57 -8.87 11.32 -55.66
N PRO D 58 -9.89 11.11 -54.83
CA PRO D 58 -10.73 9.92 -55.01
C PRO D 58 -11.54 10.00 -56.29
N GLN D 59 -11.85 8.82 -56.83
CA GLN D 59 -12.74 8.68 -57.98
C GLN D 59 -13.95 7.84 -57.58
N VAL D 60 -15.06 8.09 -58.26
CA VAL D 60 -16.34 7.44 -57.94
C VAL D 60 -16.99 6.97 -59.23
N LYS D 61 -17.47 5.74 -59.23
CA LYS D 61 -18.35 5.21 -60.26
C LYS D 61 -19.52 4.64 -59.47
N CYS D 62 -20.68 5.30 -59.54
CA CYS D 62 -21.67 5.08 -58.51
C CYS D 62 -22.94 4.36 -58.98
N CYS D 63 -23.00 3.90 -60.22
CA CYS D 63 -23.74 2.68 -60.56
C CYS D 63 -23.02 1.91 -61.65
N GLY D 64 -21.71 1.77 -61.49
CA GLY D 64 -20.89 0.77 -62.15
C GLY D 64 -20.20 -0.10 -61.13
N SER D 65 -18.96 -0.48 -61.44
CA SER D 65 -18.14 -1.23 -60.51
C SER D 65 -16.67 -0.93 -60.78
N LEU D 66 -15.91 -0.75 -59.71
CA LEU D 66 -14.47 -0.45 -59.80
C LEU D 66 -13.69 -1.55 -59.10
N GLU D 67 -12.51 -1.85 -59.64
CA GLU D 67 -11.58 -2.81 -59.07
C GLU D 67 -10.24 -2.15 -58.82
N CYS D 68 -9.63 -2.47 -57.67
CA CYS D 68 -8.38 -1.85 -57.28
C CYS D 68 -7.24 -2.45 -58.11
N LYS D 69 -6.56 -1.60 -58.87
CA LYS D 69 -5.43 -2.04 -59.68
C LYS D 69 -4.15 -2.06 -58.84
N ALA D 70 -3.06 -2.52 -59.45
CA ALA D 70 -1.77 -2.59 -58.79
C ALA D 70 -0.80 -1.64 -59.49
N SER D 71 -0.14 -0.80 -58.72
CA SER D 71 0.84 0.17 -59.20
C SER D 71 2.20 -0.14 -58.59
N SER D 72 3.19 0.69 -58.95
CA SER D 72 4.57 0.51 -58.52
C SER D 72 5.02 1.62 -57.57
N LYS D 73 4.08 2.32 -56.93
CA LYS D 73 4.45 3.40 -56.02
C LYS D 73 4.95 2.81 -54.70
N ALA D 74 5.49 3.69 -53.86
CA ALA D 74 6.01 3.30 -52.56
C ALA D 74 4.84 3.11 -51.59
N ASP D 75 4.69 1.90 -51.05
CA ASP D 75 3.64 1.58 -50.10
C ASP D 75 2.26 1.92 -50.67
N TYR D 76 2.06 1.57 -51.94
CA TYR D 76 0.77 1.80 -52.58
C TYR D 76 -0.32 1.04 -51.86
N THR D 77 -1.42 1.74 -51.56
CA THR D 77 -2.56 1.15 -50.88
C THR D 77 -3.84 1.58 -51.58
N CYS D 78 -4.66 0.61 -51.95
CA CYS D 78 -5.91 0.85 -52.65
C CYS D 78 -7.03 0.04 -52.03
N ARG D 79 -8.23 0.61 -52.03
CA ARG D 79 -9.42 -0.06 -51.52
C ARG D 79 -10.62 0.40 -52.32
N VAL D 80 -11.67 -0.41 -52.29
CA VAL D 80 -12.94 -0.12 -52.96
C VAL D 80 -14.04 -0.13 -51.91
N PHE D 81 -14.78 0.96 -51.81
CA PHE D 81 -15.87 1.10 -50.87
C PHE D 81 -17.19 1.17 -51.61
N GLY D 82 -18.24 0.64 -50.99
CA GLY D 82 -19.55 0.56 -51.61
C GLY D 82 -20.34 1.85 -51.48
N GLY D 83 -21.59 1.73 -51.03
CA GLY D 83 -22.49 2.87 -50.90
C GLY D 83 -21.93 4.01 -50.08
N VAL D 84 -21.62 5.14 -50.72
CA VAL D 84 -21.10 6.33 -50.05
C VAL D 84 -21.97 7.55 -50.33
N TYR D 85 -22.36 7.77 -51.60
CA TYR D 85 -23.17 8.91 -52.01
C TYR D 85 -22.52 10.22 -51.57
N PRO D 86 -21.40 10.61 -52.17
CA PRO D 86 -20.62 11.74 -51.66
C PRO D 86 -21.20 13.10 -52.07
N PHE D 87 -20.96 14.09 -51.20
CA PHE D 87 -21.37 15.47 -51.39
C PHE D 87 -20.11 16.31 -51.57
N MET D 88 -20.13 17.29 -52.49
CA MET D 88 -19.00 18.20 -52.65
C MET D 88 -19.36 19.64 -52.31
N TRP D 89 -20.24 20.29 -53.07
CA TRP D 89 -20.75 21.60 -52.67
C TRP D 89 -22.23 21.80 -52.99
N GLY D 90 -22.79 21.10 -53.97
CA GLY D 90 -24.21 21.19 -54.27
C GLY D 90 -25.05 20.16 -53.54
N GLY D 91 -24.45 19.37 -52.67
CA GLY D 91 -25.18 18.37 -51.91
C GLY D 91 -25.42 17.07 -52.63
N ALA D 92 -24.93 16.91 -53.87
CA ALA D 92 -25.11 15.66 -54.60
C ALA D 92 -24.14 15.63 -55.76
N GLN D 93 -23.22 14.65 -55.75
CA GLN D 93 -22.26 14.45 -56.82
C GLN D 93 -22.51 13.15 -57.60
N CYS D 94 -23.70 12.57 -57.49
CA CYS D 94 -23.92 11.24 -58.02
C CYS D 94 -25.37 10.94 -58.33
N PHE D 95 -25.55 9.86 -59.07
CA PHE D 95 -26.83 9.32 -59.49
C PHE D 95 -26.80 7.81 -59.27
N CYS D 96 -27.98 7.23 -59.03
CA CYS D 96 -28.07 5.86 -58.50
C CYS D 96 -27.43 5.79 -57.12
N ASP D 97 -28.08 6.47 -56.17
CA ASP D 97 -27.53 6.67 -54.83
C ASP D 97 -27.09 5.39 -54.12
N SER D 98 -27.54 4.22 -54.60
CA SER D 98 -27.09 2.93 -54.09
C SER D 98 -26.19 2.27 -55.12
N GLU D 99 -25.38 1.32 -54.67
CA GLU D 99 -24.33 0.70 -55.50
C GLU D 99 -23.40 1.78 -56.05
N ASN D 100 -22.74 2.45 -55.11
CA ASN D 100 -22.26 3.81 -55.28
C ASN D 100 -20.73 3.86 -55.17
N THR D 101 -20.02 2.98 -55.89
CA THR D 101 -18.69 2.60 -55.42
C THR D 101 -17.67 3.72 -55.62
N GLN D 102 -16.73 3.77 -54.68
CA GLN D 102 -15.67 4.77 -54.63
C GLN D 102 -14.33 4.03 -54.50
N LEU D 103 -13.31 4.57 -55.17
CA LEU D 103 -11.96 4.02 -55.10
C LEU D 103 -11.12 4.92 -54.19
N SER D 104 -10.62 4.34 -53.10
CA SER D 104 -9.71 5.03 -52.19
C SER D 104 -8.29 4.62 -52.54
N GLU D 105 -7.41 5.60 -52.71
CA GLU D 105 -6.04 5.35 -53.15
C GLU D 105 -5.11 6.22 -52.33
N ALA D 106 -3.92 5.70 -52.01
CA ALA D 106 -2.94 6.45 -51.24
C ALA D 106 -1.56 5.85 -51.47
N TYR D 107 -0.53 6.70 -51.41
CA TYR D 107 0.84 6.22 -51.39
C TYR D 107 1.72 7.29 -50.77
N VAL D 108 3.03 7.03 -50.75
CA VAL D 108 3.99 7.90 -50.10
C VAL D 108 5.13 8.21 -51.06
N GLU D 109 5.76 9.35 -50.83
CA GLU D 109 6.92 9.78 -51.61
C GLU D 109 7.87 10.52 -50.66
N PHE D 110 8.90 11.14 -51.23
CA PHE D 110 9.83 11.93 -50.43
C PHE D 110 9.29 13.34 -50.24
N ALA D 111 9.44 13.86 -49.03
CA ALA D 111 8.96 15.19 -48.73
C ALA D 111 9.77 16.23 -49.50
N PRO D 112 9.18 17.40 -49.79
CA PRO D 112 9.93 18.38 -50.60
C PRO D 112 11.22 18.85 -49.96
N ASP D 113 11.26 18.96 -48.64
CA ASP D 113 12.43 19.44 -47.92
C ASP D 113 13.40 18.32 -47.58
N CYS D 114 13.34 17.18 -48.27
CA CYS D 114 14.21 16.06 -47.98
C CYS D 114 15.58 16.19 -48.64
N THR D 115 15.77 17.14 -49.55
CA THR D 115 17.07 17.31 -50.18
C THR D 115 18.13 17.81 -49.22
N ILE D 116 17.74 18.33 -48.05
CA ILE D 116 18.66 18.78 -47.02
C ILE D 116 18.62 17.86 -45.80
N ASP D 117 17.42 17.63 -45.26
CA ASP D 117 17.25 16.86 -44.02
C ASP D 117 16.94 15.41 -44.38
N HIS D 118 17.99 14.67 -44.68
CA HIS D 118 17.88 13.25 -45.00
C HIS D 118 19.07 12.51 -44.42
N ALA D 119 18.89 11.20 -44.23
CA ALA D 119 19.92 10.33 -43.70
C ALA D 119 20.32 9.30 -44.75
N VAL D 120 21.59 8.92 -44.72
CA VAL D 120 22.18 7.96 -45.65
C VAL D 120 22.69 6.78 -44.85
N ALA D 121 22.29 5.56 -45.26
CA ALA D 121 22.68 4.34 -44.59
C ALA D 121 23.86 3.70 -45.32
N LEU D 122 24.95 3.44 -44.60
CA LEU D 122 26.17 2.92 -45.20
C LEU D 122 26.64 1.68 -44.44
N LYS D 123 27.37 0.83 -45.16
CA LYS D 123 28.07 -0.31 -44.60
C LYS D 123 29.56 -0.12 -44.83
N VAL D 124 30.35 -0.27 -43.76
CA VAL D 124 31.78 0.01 -43.81
C VAL D 124 32.55 -1.31 -43.80
N HIS D 125 33.81 -1.23 -44.19
CA HIS D 125 34.72 -2.36 -44.28
C HIS D 125 36.01 -2.03 -43.54
N THR D 126 37.04 -2.86 -43.76
CA THR D 126 38.33 -2.67 -43.11
C THR D 126 38.84 -1.25 -43.31
N ALA D 127 39.23 -0.61 -42.21
CA ALA D 127 39.69 0.76 -42.23
C ALA D 127 41.17 0.85 -42.59
N ALA D 128 41.52 1.81 -43.42
CA ALA D 128 42.89 2.06 -43.84
C ALA D 128 43.38 3.34 -43.18
N LEU D 129 44.51 3.24 -42.48
CA LEU D 129 45.08 4.38 -41.78
C LEU D 129 46.18 5.02 -42.62
N LYS D 130 46.06 6.33 -42.81
CA LYS D 130 47.03 7.11 -43.58
C LYS D 130 47.50 8.26 -42.69
N VAL D 131 48.81 8.45 -42.60
CA VAL D 131 49.42 9.42 -41.69
C VAL D 131 50.23 10.41 -42.48
N GLY D 132 50.04 11.70 -42.19
CA GLY D 132 50.96 12.73 -42.64
C GLY D 132 52.08 12.88 -41.63
N LEU D 133 53.31 12.77 -42.12
CA LEU D 133 54.50 12.79 -41.28
C LEU D 133 55.41 13.94 -41.70
N ARG D 134 55.96 14.62 -40.70
CA ARG D 134 57.08 15.54 -40.90
C ARG D 134 58.31 14.90 -40.29
N ILE D 135 59.31 14.64 -41.12
CA ILE D 135 60.53 13.95 -40.72
C ILE D 135 61.69 14.90 -40.99
N VAL D 136 62.48 15.19 -39.96
CA VAL D 136 63.68 16.00 -40.09
C VAL D 136 64.88 15.13 -39.76
N TYR D 137 65.84 15.09 -40.68
CA TYR D 137 67.08 14.35 -40.54
C TYR D 137 68.22 15.31 -40.81
N GLY D 138 69.19 15.34 -39.89
CA GLY D 138 70.30 16.26 -40.02
C GLY D 138 69.81 17.69 -40.08
N ASN D 139 69.88 18.28 -41.27
CA ASN D 139 69.43 19.65 -41.50
C ASN D 139 68.15 19.74 -42.34
N THR D 140 67.74 18.66 -42.99
CA THR D 140 66.67 18.69 -43.98
C THR D 140 65.38 18.12 -43.40
N THR D 141 64.27 18.83 -43.63
CA THR D 141 62.95 18.40 -43.20
C THR D 141 62.06 18.13 -44.42
N ALA D 142 61.18 17.13 -44.29
CA ALA D 142 60.32 16.70 -45.37
C ALA D 142 58.94 16.36 -44.84
N HIS D 143 57.92 16.75 -45.60
CA HIS D 143 56.53 16.42 -45.31
C HIS D 143 56.07 15.36 -46.31
N LEU D 144 55.37 14.34 -45.82
CA LEU D 144 54.91 13.26 -46.69
C LEU D 144 53.70 12.57 -46.09
N ASP D 145 52.70 12.30 -46.94
CA ASP D 145 51.54 11.50 -46.54
C ASP D 145 51.77 10.06 -46.99
N THR D 146 51.74 9.12 -46.03
CA THR D 146 52.05 7.73 -46.30
C THR D 146 50.96 6.83 -45.74
N PHE D 147 50.75 5.72 -46.46
CA PHE D 147 49.75 4.72 -46.08
C PHE D 147 50.38 3.75 -45.09
N VAL D 148 49.68 3.50 -43.99
CA VAL D 148 50.16 2.59 -42.95
C VAL D 148 49.59 1.22 -43.30
N ASN D 149 50.34 0.48 -44.13
CA ASN D 149 50.02 -0.91 -44.45
C ASN D 149 51.24 -1.82 -44.46
N GLY D 150 52.47 -1.28 -44.47
CA GLY D 150 53.68 -2.07 -44.47
C GLY D 150 54.34 -2.24 -45.80
N VAL D 151 53.71 -1.80 -46.90
CA VAL D 151 54.25 -1.98 -48.24
C VAL D 151 54.35 -0.64 -48.97
N THR D 152 53.23 0.07 -49.04
CA THR D 152 53.16 1.29 -49.86
C THR D 152 54.13 2.34 -49.31
N PRO D 153 55.07 2.86 -50.11
CA PRO D 153 56.02 3.84 -49.57
C PRO D 153 55.60 5.28 -49.78
N GLY D 154 55.99 6.10 -48.81
CA GLY D 154 55.93 7.55 -48.94
C GLY D 154 57.29 8.08 -49.35
N SER D 155 57.28 9.04 -50.29
CA SER D 155 58.49 9.53 -50.91
C SER D 155 58.53 11.05 -50.90
N SER D 156 59.68 11.61 -50.49
CA SER D 156 59.95 13.05 -50.63
C SER D 156 61.32 13.22 -51.29
N ARG D 157 61.33 13.09 -52.63
CA ARG D 157 62.32 13.67 -53.54
C ARG D 157 63.75 13.15 -53.39
N ASP D 158 64.11 12.64 -52.21
CA ASP D 158 65.24 11.74 -52.04
C ASP D 158 64.95 10.68 -50.99
N LEU D 159 63.91 10.89 -50.17
CA LEU D 159 63.68 10.10 -48.96
C LEU D 159 62.56 9.11 -49.22
N LYS D 160 62.80 7.84 -48.91
CA LYS D 160 61.80 6.78 -48.98
C LYS D 160 61.53 6.32 -47.56
N VAL D 161 60.24 6.09 -47.25
CA VAL D 161 59.84 5.60 -45.94
C VAL D 161 58.67 4.65 -46.10
N ILE D 162 58.69 3.54 -45.39
CA ILE D 162 57.55 2.61 -45.33
C ILE D 162 57.15 2.43 -43.88
N ALA D 163 55.85 2.56 -43.62
CA ALA D 163 55.30 2.53 -42.27
C ALA D 163 54.28 1.40 -42.13
N GLY D 164 54.02 1.04 -40.89
CA GLY D 164 53.00 0.06 -40.59
C GLY D 164 53.54 -1.36 -40.50
N PRO D 165 52.66 -2.31 -40.18
CA PRO D 165 51.23 -2.16 -39.86
C PRO D 165 51.00 -1.64 -38.44
N ILE D 166 49.80 -1.15 -38.13
CA ILE D 166 49.50 -0.71 -36.77
C ILE D 166 49.60 -1.90 -35.83
N SER D 167 50.11 -1.65 -34.61
CA SER D 167 50.30 -2.73 -33.66
C SER D 167 48.99 -3.40 -33.28
N ALA D 168 47.93 -2.61 -33.07
CA ALA D 168 46.63 -3.12 -32.68
C ALA D 168 45.56 -2.50 -33.56
N ALA D 169 44.89 -3.32 -34.35
CA ALA D 169 43.83 -2.83 -35.23
C ALA D 169 42.66 -2.29 -34.41
N PHE D 170 42.03 -1.25 -34.93
CA PHE D 170 40.91 -0.62 -34.25
C PHE D 170 40.14 0.23 -35.25
N SER D 171 38.82 0.26 -35.11
CA SER D 171 37.95 1.07 -35.95
C SER D 171 36.74 1.53 -35.15
N PRO D 172 36.49 2.84 -35.02
CA PRO D 172 35.33 3.28 -34.23
C PRO D 172 33.99 3.03 -34.91
N PHE D 173 33.98 2.70 -36.20
CA PHE D 173 32.75 2.51 -36.96
C PHE D 173 32.31 1.05 -36.87
N ASP D 174 31.08 0.82 -36.42
CA ASP D 174 30.50 -0.50 -36.51
C ASP D 174 30.19 -0.84 -37.97
N HIS D 175 29.67 -2.05 -38.19
CA HIS D 175 29.46 -2.52 -39.56
C HIS D 175 28.48 -1.60 -40.30
N LYS D 176 27.40 -1.20 -39.65
CA LYS D 176 26.36 -0.39 -40.26
C LYS D 176 26.30 0.97 -39.58
N VAL D 177 26.32 2.04 -40.39
CA VAL D 177 26.35 3.40 -39.88
C VAL D 177 25.32 4.24 -40.64
N VAL D 178 24.97 5.37 -40.05
CA VAL D 178 24.02 6.32 -40.62
C VAL D 178 24.63 7.71 -40.54
N ILE D 179 24.53 8.46 -41.64
CA ILE D 179 25.05 9.82 -41.74
C ILE D 179 23.88 10.77 -41.94
N ARG D 180 23.79 11.79 -41.10
CA ARG D 180 22.72 12.79 -41.16
C ARG D 180 23.33 14.16 -40.92
N LYS D 181 23.42 14.96 -41.98
CA LYS D 181 23.87 16.35 -41.89
C LYS D 181 25.24 16.45 -41.20
N GLY D 182 26.13 15.52 -41.54
CA GLY D 182 27.46 15.49 -41.00
C GLY D 182 27.62 14.75 -39.68
N LEU D 183 26.52 14.28 -39.10
CA LEU D 183 26.55 13.54 -37.85
C LEU D 183 26.52 12.04 -38.14
N VAL D 184 27.43 11.30 -37.52
CA VAL D 184 27.61 9.88 -37.76
C VAL D 184 27.07 9.11 -36.56
N TYR D 185 26.28 8.07 -36.82
CA TYR D 185 25.72 7.22 -35.78
C TYR D 185 25.98 5.77 -36.15
N ASN D 186 26.24 4.94 -35.13
CA ASN D 186 26.47 3.51 -35.33
C ASN D 186 25.18 2.73 -35.12
N TYR D 187 24.19 3.03 -35.96
CA TYR D 187 22.89 2.40 -35.87
C TYR D 187 22.80 1.19 -36.80
N ASP D 188 22.05 0.18 -36.35
CA ASP D 188 21.86 -1.05 -37.11
C ASP D 188 20.56 -0.87 -37.90
N PHE D 189 20.69 -0.22 -39.06
CA PHE D 189 19.53 0.01 -39.90
C PHE D 189 19.09 -1.29 -40.57
N PRO D 190 17.81 -1.42 -40.91
CA PRO D 190 17.37 -2.64 -41.61
C PRO D 190 17.98 -2.71 -43.01
N GLU D 191 18.20 -3.94 -43.48
CA GLU D 191 18.75 -4.15 -44.81
C GLU D 191 17.75 -3.66 -45.86
N TYR D 192 18.28 -3.32 -47.03
CA TYR D 192 17.45 -2.80 -48.12
C TYR D 192 16.34 -3.79 -48.47
N GLY D 193 15.12 -3.29 -48.57
CA GLY D 193 13.96 -4.09 -48.88
C GLY D 193 13.23 -4.66 -47.69
N ALA D 194 13.88 -4.74 -46.53
CA ALA D 194 13.26 -5.23 -45.30
C ALA D 194 12.71 -4.09 -44.46
N MET D 195 11.85 -3.27 -45.06
CA MET D 195 11.27 -2.15 -44.34
C MET D 195 10.34 -2.63 -43.24
N LYS D 196 10.32 -1.88 -42.13
CA LYS D 196 9.38 -2.12 -41.04
C LYS D 196 8.76 -0.79 -40.64
N PRO D 197 7.43 -0.69 -40.54
CA PRO D 197 6.82 0.61 -40.24
C PRO D 197 7.16 1.10 -38.84
N GLY D 198 7.19 2.42 -38.70
CA GLY D 198 7.45 3.03 -37.40
C GLY D 198 8.89 3.01 -36.96
N ALA D 199 9.82 2.64 -37.85
CA ALA D 199 11.24 2.55 -37.52
C ALA D 199 12.05 3.16 -38.65
N PHE D 200 13.33 3.41 -38.37
CA PHE D 200 14.20 4.04 -39.33
C PHE D 200 14.32 3.18 -40.60
N GLY D 201 14.36 3.84 -41.74
CA GLY D 201 14.42 3.13 -43.01
C GLY D 201 13.10 2.56 -43.45
N ASP D 202 11.98 3.05 -42.90
CA ASP D 202 10.67 2.59 -43.35
C ASP D 202 10.43 2.96 -44.81
N ILE D 203 11.03 4.06 -45.27
CA ILE D 203 11.02 4.46 -46.67
C ILE D 203 12.46 4.48 -47.17
N GLN D 204 12.71 3.78 -48.27
CA GLN D 204 14.07 3.58 -48.79
C GLN D 204 14.11 3.87 -50.28
N ALA D 205 15.26 4.35 -50.72
CA ALA D 205 15.51 4.61 -52.14
C ALA D 205 17.00 4.70 -52.36
N SER D 206 17.43 4.33 -53.57
CA SER D 206 18.85 4.40 -53.90
C SER D 206 19.37 5.83 -53.92
N SER D 207 18.50 6.81 -54.17
CA SER D 207 18.90 8.21 -54.19
C SER D 207 17.68 9.07 -53.92
N LEU D 208 17.91 10.36 -53.69
CA LEU D 208 16.82 11.28 -53.46
C LEU D 208 15.92 11.38 -54.69
N ASP D 209 16.51 11.41 -55.88
CA ASP D 209 15.77 11.52 -57.14
C ASP D 209 15.32 10.18 -57.69
N ALA D 210 15.64 9.07 -57.02
CA ALA D 210 15.30 7.75 -57.56
C ALA D 210 13.78 7.57 -57.61
N THR D 211 13.30 7.06 -58.74
CA THR D 211 11.88 6.78 -58.93
C THR D 211 11.46 5.43 -58.36
N ASP D 212 12.40 4.56 -58.03
CA ASP D 212 12.09 3.24 -57.47
C ASP D 212 11.99 3.30 -55.94
N ILE D 213 11.17 4.23 -55.44
CA ILE D 213 11.00 4.36 -54.00
C ILE D 213 10.15 3.21 -53.48
N VAL D 214 10.60 2.58 -52.41
CA VAL D 214 9.90 1.48 -51.76
C VAL D 214 9.74 1.85 -50.29
N ALA D 215 8.55 1.62 -49.74
CA ALA D 215 8.27 1.97 -48.35
C ALA D 215 7.23 1.02 -47.79
N ARG D 216 7.21 0.93 -46.47
CA ARG D 216 6.21 0.15 -45.72
C ARG D 216 5.89 0.93 -44.45
N THR D 217 4.84 1.75 -44.52
CA THR D 217 4.43 2.63 -43.42
C THR D 217 3.16 2.14 -42.71
N ASP D 218 2.66 0.96 -43.05
CA ASP D 218 1.45 0.41 -42.44
C ASP D 218 0.25 1.33 -42.64
N ILE D 219 0.21 2.01 -43.77
CA ILE D 219 -0.94 2.86 -44.10
C ILE D 219 -2.14 1.97 -44.34
N ARG D 220 -3.25 2.29 -43.68
CA ARG D 220 -4.51 1.57 -43.87
C ARG D 220 -5.64 2.59 -44.04
N LEU D 221 -6.40 2.43 -45.11
CA LEU D 221 -7.53 3.29 -45.39
C LEU D 221 -8.75 2.82 -44.61
N LEU D 222 -9.69 3.75 -44.38
CA LEU D 222 -10.90 3.47 -43.62
C LEU D 222 -12.11 3.82 -44.47
N LYS D 223 -13.22 3.14 -44.20
CA LYS D 223 -14.45 3.40 -44.94
C LYS D 223 -14.95 4.80 -44.60
N PRO D 224 -15.24 5.65 -45.58
CA PRO D 224 -15.75 6.99 -45.24
C PRO D 224 -17.11 6.92 -44.55
N SER D 225 -17.31 7.85 -43.62
CA SER D 225 -18.53 7.90 -42.81
C SER D 225 -19.30 9.20 -43.01
N VAL D 226 -18.62 10.35 -42.93
CA VAL D 226 -19.31 11.61 -43.11
C VAL D 226 -19.82 11.71 -44.55
N LYS D 227 -20.97 12.37 -44.72
CA LYS D 227 -21.59 12.48 -46.04
C LYS D 227 -20.66 13.13 -47.04
N ASN D 228 -19.94 14.17 -46.60
CA ASN D 228 -19.16 14.97 -47.54
C ASN D 228 -17.94 14.20 -48.04
N ILE D 229 -17.52 14.52 -49.27
CA ILE D 229 -16.49 13.74 -49.93
C ILE D 229 -15.16 13.96 -49.22
N HIS D 230 -14.59 12.89 -48.70
CA HIS D 230 -13.21 12.89 -48.24
C HIS D 230 -12.78 11.43 -48.14
N VAL D 231 -11.47 11.23 -48.01
CA VAL D 231 -10.89 9.88 -47.92
C VAL D 231 -10.18 9.76 -46.58
N PRO D 232 -10.67 8.92 -45.63
CA PRO D 232 -9.97 8.78 -44.35
C PRO D 232 -8.95 7.66 -44.33
N TYR D 233 -7.82 7.88 -43.67
CA TYR D 233 -6.76 6.89 -43.57
C TYR D 233 -6.04 7.09 -42.25
N THR D 234 -5.41 6.02 -41.77
CA THR D 234 -4.54 6.09 -40.60
C THR D 234 -3.24 5.35 -40.91
N GLN D 235 -2.14 5.89 -40.39
CA GLN D 235 -0.81 5.45 -40.79
C GLN D 235 0.13 5.61 -39.59
N ALA D 236 1.18 4.79 -39.58
CA ALA D 236 2.17 4.87 -38.52
C ALA D 236 2.99 6.15 -38.63
N VAL D 237 3.67 6.49 -37.54
CA VAL D 237 4.47 7.71 -37.54
C VAL D 237 5.65 7.54 -38.49
N SER D 238 6.28 8.67 -38.81
CA SER D 238 7.51 8.64 -39.61
C SER D 238 8.64 8.06 -38.77
N GLY D 239 9.13 6.89 -39.17
CA GLY D 239 10.22 6.27 -38.44
C GLY D 239 11.47 7.13 -38.42
N TYR D 240 11.65 7.96 -39.46
CA TYR D 240 12.80 8.86 -39.47
C TYR D 240 12.73 9.85 -38.31
N GLU D 241 11.55 10.43 -38.07
CA GLU D 241 11.39 11.32 -36.92
C GLU D 241 11.58 10.57 -35.61
N MET D 242 11.07 9.33 -35.51
CA MET D 242 11.22 8.59 -34.26
C MET D 242 12.69 8.31 -33.98
N TRP D 243 13.46 7.95 -35.01
CA TRP D 243 14.90 7.77 -34.83
C TRP D 243 15.57 9.10 -34.49
N LYS D 244 15.13 10.18 -35.11
CA LYS D 244 15.71 11.49 -34.83
C LYS D 244 15.52 11.88 -33.36
N ASN D 245 14.32 11.63 -32.82
CA ASN D 245 14.07 11.90 -31.42
C ASN D 245 14.92 11.00 -30.53
N ASN D 246 15.04 9.73 -30.89
CA ASN D 246 15.82 8.74 -30.13
C ASN D 246 17.14 8.42 -30.80
N SER D 247 17.74 9.41 -31.48
CA SER D 247 19.00 9.16 -32.18
C SER D 247 20.14 8.90 -31.20
N GLY D 248 20.16 9.60 -30.07
CA GLY D 248 21.26 9.50 -29.15
C GLY D 248 22.43 10.37 -29.57
N ARG D 249 23.50 10.29 -28.78
CA ARG D 249 24.68 11.10 -29.07
C ARG D 249 25.36 10.57 -30.33
N PRO D 250 25.89 11.46 -31.20
CA PRO D 250 26.54 10.97 -32.42
C PRO D 250 27.92 10.39 -32.15
N LEU D 251 28.60 9.91 -33.19
CA LEU D 251 29.94 9.36 -33.04
C LEU D 251 31.01 10.44 -32.88
N GLN D 252 30.66 11.70 -33.14
CA GLN D 252 31.61 12.79 -32.90
C GLN D 252 31.86 13.03 -31.42
N GLU D 253 31.03 12.48 -30.53
CA GLU D 253 31.16 12.66 -29.09
C GLU D 253 31.22 11.33 -28.34
N THR D 254 31.43 10.22 -29.07
CA THR D 254 31.53 8.91 -28.44
C THR D 254 32.69 8.06 -28.97
N ALA D 255 33.36 8.48 -30.03
CA ALA D 255 34.44 7.69 -30.59
C ALA D 255 35.59 7.60 -29.57
N PRO D 256 36.12 6.41 -29.29
CA PRO D 256 37.25 6.32 -28.36
C PRO D 256 38.55 6.81 -28.99
N PHE D 257 39.55 6.96 -28.14
CA PHE D 257 40.88 7.45 -28.50
C PHE D 257 40.89 8.90 -28.96
N GLY D 258 39.78 9.62 -28.79
CA GLY D 258 39.76 11.06 -29.00
C GLY D 258 40.09 11.53 -30.40
N CYS D 259 39.49 10.93 -31.42
CA CYS D 259 39.64 11.36 -32.80
C CYS D 259 38.36 11.95 -33.37
N LYS D 260 38.53 12.96 -34.21
CA LYS D 260 37.43 13.74 -34.74
C LYS D 260 36.83 13.01 -35.93
N ILE D 261 35.55 12.67 -35.84
CA ILE D 261 34.85 11.99 -36.93
C ILE D 261 34.44 13.03 -37.96
N GLU D 262 34.85 12.81 -39.21
CA GLU D 262 34.60 13.75 -40.30
C GLU D 262 33.96 13.01 -41.46
N VAL D 263 33.22 13.76 -42.27
CA VAL D 263 32.41 13.20 -43.35
C VAL D 263 32.92 13.76 -44.67
N GLU D 264 32.56 13.06 -45.76
CA GLU D 264 32.91 13.46 -47.12
C GLU D 264 34.41 13.55 -47.29
N PRO D 265 35.13 12.41 -47.26
CA PRO D 265 34.67 11.04 -47.02
C PRO D 265 34.57 10.71 -45.53
N LEU D 266 33.85 9.65 -45.17
CA LEU D 266 33.79 9.23 -43.77
C LEU D 266 35.18 8.83 -43.30
N ARG D 267 35.56 9.30 -42.12
CA ARG D 267 36.92 9.10 -41.61
C ARG D 267 36.97 9.54 -40.16
N ALA D 268 38.05 9.12 -39.49
CA ALA D 268 38.35 9.54 -38.13
C ALA D 268 39.77 10.09 -38.13
N SER D 269 39.91 11.38 -37.81
CA SER D 269 41.18 12.09 -37.91
C SER D 269 41.83 12.25 -36.54
N ASN D 270 43.15 12.14 -36.52
CA ASN D 270 43.97 12.38 -35.32
C ASN D 270 43.58 11.44 -34.19
N CYS D 271 43.81 10.15 -34.41
CA CYS D 271 43.38 9.11 -33.48
C CYS D 271 44.61 8.43 -32.91
N ALA D 272 44.80 8.58 -31.60
CA ALA D 272 46.02 8.16 -30.91
C ALA D 272 45.81 6.75 -30.38
N TYR D 273 46.41 5.77 -31.05
CA TYR D 273 46.32 4.38 -30.64
C TYR D 273 47.40 3.57 -31.35
N GLY D 274 48.02 2.67 -30.60
CA GLY D 274 48.99 1.76 -31.17
C GLY D 274 50.32 2.43 -31.49
N HIS D 275 51.18 1.66 -32.17
CA HIS D 275 52.51 2.10 -32.57
C HIS D 275 52.71 1.79 -34.05
N ILE D 276 53.44 2.65 -34.74
CA ILE D 276 53.70 2.53 -36.16
C ILE D 276 55.16 2.10 -36.34
N PRO D 277 55.43 0.89 -36.83
CA PRO D 277 56.81 0.57 -37.25
C PRO D 277 57.13 1.25 -38.58
N ILE D 278 58.19 2.06 -38.57
CA ILE D 278 58.58 2.89 -39.71
C ILE D 278 60.04 2.62 -40.03
N SER D 279 60.33 2.32 -41.30
CA SER D 279 61.70 2.20 -41.79
C SER D 279 61.93 3.29 -42.82
N ILE D 280 63.00 4.05 -42.64
CA ILE D 280 63.34 5.18 -43.49
C ILE D 280 64.69 4.90 -44.13
N ASP D 281 64.75 4.98 -45.46
CA ASP D 281 65.99 4.86 -46.20
C ASP D 281 66.60 6.25 -46.28
N ILE D 282 67.50 6.54 -45.34
CA ILE D 282 68.09 7.88 -45.27
C ILE D 282 69.12 8.04 -46.40
N PRO D 283 69.05 9.10 -47.22
CA PRO D 283 69.99 9.21 -48.33
C PRO D 283 71.43 9.32 -47.85
N ASP D 284 72.35 8.79 -48.66
CA ASP D 284 73.76 8.81 -48.31
C ASP D 284 74.31 10.23 -48.18
N ALA D 285 73.77 11.19 -48.93
CA ALA D 285 74.26 12.56 -48.87
C ALA D 285 73.95 13.24 -47.54
N ALA D 286 72.95 12.76 -46.79
CA ALA D 286 72.62 13.39 -45.51
C ALA D 286 73.75 13.26 -44.51
N PHE D 287 74.39 12.09 -44.46
CA PHE D 287 75.45 11.86 -43.49
C PHE D 287 76.71 12.62 -43.87
N VAL D 288 77.52 12.94 -42.85
CA VAL D 288 78.84 13.53 -43.03
C VAL D 288 79.82 12.73 -42.18
N ARG D 289 81.04 12.56 -42.69
CA ARG D 289 82.02 11.72 -42.02
C ARG D 289 82.37 12.28 -40.65
N SER D 290 82.69 11.37 -39.73
CA SER D 290 83.07 11.78 -38.38
C SER D 290 84.33 12.64 -38.36
N SER D 291 85.17 12.54 -39.39
CA SER D 291 86.34 13.40 -39.50
C SER D 291 85.97 14.88 -39.64
N GLU D 292 84.73 15.19 -40.05
CA GLU D 292 84.26 16.57 -40.13
C GLU D 292 83.48 17.02 -38.92
N SER D 293 82.79 16.13 -38.22
CA SER D 293 82.06 16.53 -37.03
C SER D 293 83.03 16.87 -35.91
N PRO D 294 82.70 17.84 -35.03
CA PRO D 294 83.63 18.18 -33.94
C PRO D 294 83.49 17.21 -32.77
N THR D 295 84.51 16.38 -32.59
CA THR D 295 84.56 15.55 -31.39
C THR D 295 84.82 16.43 -30.17
N ILE D 296 84.12 16.12 -29.09
CA ILE D 296 84.28 16.83 -27.83
C ILE D 296 85.28 16.04 -26.98
N LEU D 297 86.31 16.73 -26.47
CA LEU D 297 87.33 16.06 -25.69
C LEU D 297 86.74 15.49 -24.40
N GLU D 298 85.87 16.25 -23.74
CA GLU D 298 85.17 15.69 -22.59
C GLU D 298 83.90 16.50 -22.31
N VAL D 299 83.00 15.89 -21.55
CA VAL D 299 81.72 16.51 -21.20
C VAL D 299 81.27 15.95 -19.86
N SER D 300 80.76 16.82 -18.99
CA SER D 300 80.22 16.44 -17.69
C SER D 300 78.83 17.01 -17.54
N CYS D 301 77.89 16.17 -17.09
CA CYS D 301 76.49 16.52 -16.99
C CYS D 301 76.12 16.81 -15.54
N THR D 302 75.40 17.91 -15.33
CA THR D 302 74.82 18.22 -14.02
C THR D 302 73.36 18.60 -14.23
N VAL D 303 72.46 17.88 -13.57
CA VAL D 303 71.02 18.08 -13.75
C VAL D 303 70.56 19.16 -12.78
N ALA D 304 69.81 20.13 -13.30
CA ALA D 304 69.22 21.17 -12.48
C ALA D 304 67.97 20.60 -11.80
N ASP D 305 67.17 21.48 -11.20
CA ASP D 305 65.92 21.03 -10.58
C ASP D 305 65.01 20.45 -11.64
N CYS D 306 64.68 19.16 -11.49
CA CYS D 306 63.91 18.42 -12.49
C CYS D 306 62.60 17.95 -11.87
N ILE D 307 61.70 17.53 -12.75
CA ILE D 307 60.32 17.23 -12.40
C ILE D 307 59.77 16.33 -13.50
N TYR D 308 59.12 15.23 -13.12
CA TYR D 308 58.55 14.29 -14.10
C TYR D 308 57.08 14.68 -14.32
N SER D 309 56.88 15.55 -15.30
CA SER D 309 55.57 16.03 -15.72
C SER D 309 55.36 15.68 -17.19
N ALA D 310 54.20 16.04 -17.72
CA ALA D 310 53.90 15.82 -19.12
C ALA D 310 54.71 16.74 -20.05
N ASP D 311 54.90 17.98 -19.65
CA ASP D 311 55.65 18.94 -20.45
C ASP D 311 57.15 18.75 -20.20
N PHE D 312 57.98 19.62 -20.79
CA PHE D 312 59.42 19.56 -20.59
C PHE D 312 59.72 20.07 -19.20
N GLY D 313 59.63 19.15 -18.23
CA GLY D 313 59.73 19.55 -16.83
C GLY D 313 61.12 19.98 -16.44
N GLY D 314 62.12 19.13 -16.68
CA GLY D 314 63.44 19.29 -16.14
C GLY D 314 64.43 19.93 -17.10
N SER D 315 65.57 20.29 -16.54
CA SER D 315 66.68 20.89 -17.28
C SER D 315 67.99 20.33 -16.76
N LEU D 316 69.02 20.40 -17.60
CA LEU D 316 70.35 19.95 -17.24
C LEU D 316 71.36 20.82 -17.99
N THR D 317 72.62 20.74 -17.55
CA THR D 317 73.70 21.51 -18.16
C THR D 317 74.90 20.61 -18.39
N LEU D 318 75.41 20.62 -19.61
CA LEU D 318 76.61 19.88 -19.98
C LEU D 318 77.76 20.88 -20.09
N GLN D 319 78.76 20.71 -19.23
CA GLN D 319 80.00 21.48 -19.30
C GLN D 319 80.99 20.66 -20.13
N TYR D 320 81.43 21.23 -21.25
CA TYR D 320 82.16 20.47 -22.26
C TYR D 320 83.40 21.23 -22.71
N LYS D 321 84.41 20.44 -23.09
CA LYS D 321 85.60 20.92 -23.78
C LYS D 321 85.74 20.14 -25.08
N ALA D 322 85.86 20.87 -26.18
CA ALA D 322 85.96 20.32 -27.53
C ALA D 322 87.16 20.94 -28.24
N ASP D 323 87.29 20.64 -29.54
CA ASP D 323 88.43 21.08 -30.34
C ASP D 323 88.05 21.98 -31.52
N ARG D 324 86.76 22.17 -31.80
CA ARG D 324 86.36 22.96 -32.95
C ARG D 324 84.93 23.45 -32.73
N GLU D 325 84.53 24.44 -33.54
CA GLU D 325 83.20 25.03 -33.48
C GLU D 325 82.31 24.34 -34.50
N GLY D 326 81.17 23.82 -34.05
CA GLY D 326 80.27 23.07 -34.93
C GLY D 326 78.86 22.98 -34.41
N HIS D 327 78.17 21.90 -34.80
CA HIS D 327 76.71 21.79 -34.72
C HIS D 327 76.34 20.41 -34.14
N CYS D 328 76.88 20.11 -32.95
CA CYS D 328 76.78 18.76 -32.43
C CYS D 328 75.33 18.32 -32.27
N PRO D 329 74.97 17.06 -32.64
CA PRO D 329 73.63 16.56 -32.32
C PRO D 329 73.59 15.94 -30.93
N VAL D 330 72.54 16.25 -30.17
CA VAL D 330 72.38 15.77 -28.80
C VAL D 330 71.18 14.82 -28.76
N HIS D 331 71.31 13.77 -27.94
CA HIS D 331 70.25 12.78 -27.81
C HIS D 331 70.22 12.25 -26.39
N SER D 332 69.06 11.69 -26.01
CA SER D 332 68.90 10.96 -24.76
C SER D 332 68.66 9.50 -25.10
N HIS D 333 69.47 8.60 -24.53
CA HIS D 333 69.44 7.19 -24.88
C HIS D 333 68.48 6.36 -24.04
N SER D 334 67.75 6.98 -23.12
CA SER D 334 66.78 6.28 -22.29
C SER D 334 65.39 6.39 -22.90
N THR D 335 64.60 5.33 -22.74
CA THR D 335 63.24 5.29 -23.25
C THR D 335 62.26 6.10 -22.41
N THR D 336 62.68 6.57 -21.24
CA THR D 336 61.83 7.33 -20.32
C THR D 336 62.39 8.74 -20.12
N ALA D 337 62.96 9.33 -21.17
CA ALA D 337 63.49 10.68 -21.09
C ALA D 337 63.69 11.19 -22.51
N VAL D 338 63.14 12.36 -22.83
CA VAL D 338 63.20 12.94 -24.16
C VAL D 338 63.68 14.38 -24.04
N LEU D 339 64.69 14.74 -24.85
CA LEU D 339 65.19 16.11 -24.86
C LEU D 339 64.28 17.00 -25.70
N LYS D 340 64.39 18.31 -25.47
CA LYS D 340 63.70 19.30 -26.29
C LYS D 340 64.48 19.62 -27.56
N GLU D 341 65.79 19.82 -27.45
CA GLU D 341 66.63 20.14 -28.59
C GLU D 341 67.14 18.87 -29.24
N ALA D 342 67.61 19.01 -30.48
CA ALA D 342 68.19 17.92 -31.25
C ALA D 342 69.58 18.22 -31.77
N THR D 343 69.85 19.47 -32.15
CA THR D 343 71.17 19.90 -32.60
C THR D 343 71.50 21.23 -31.92
N THR D 344 72.71 21.33 -31.39
CA THR D 344 73.15 22.49 -30.63
C THR D 344 74.53 22.92 -31.10
N HIS D 345 74.71 24.23 -31.23
CA HIS D 345 76.01 24.77 -31.57
C HIS D 345 76.99 24.52 -30.42
N VAL D 346 78.21 24.13 -30.79
CA VAL D 346 79.25 23.75 -29.84
C VAL D 346 80.48 24.58 -30.14
N THR D 347 81.11 25.10 -29.08
CA THR D 347 82.34 25.87 -29.17
C THR D 347 83.50 25.04 -28.61
N ALA D 348 84.68 25.65 -28.56
CA ALA D 348 85.86 24.94 -28.07
C ALA D 348 85.70 24.54 -26.61
N VAL D 349 85.30 25.49 -25.76
CA VAL D 349 85.09 25.24 -24.33
C VAL D 349 83.85 26.00 -23.90
N GLY D 350 83.03 25.38 -23.05
CA GLY D 350 81.90 26.10 -22.50
C GLY D 350 80.91 25.17 -21.82
N SER D 351 79.66 25.62 -21.77
CA SER D 351 78.59 24.85 -21.18
C SER D 351 77.29 25.16 -21.93
N ILE D 352 76.44 24.14 -22.09
CA ILE D 352 75.18 24.27 -22.80
C ILE D 352 74.07 23.65 -21.97
N THR D 353 72.91 24.31 -21.96
CA THR D 353 71.76 23.88 -21.17
C THR D 353 70.72 23.21 -22.08
N LEU D 354 70.21 22.07 -21.64
CA LEU D 354 69.25 21.27 -22.40
C LEU D 354 68.05 20.97 -21.52
N HIS D 355 66.85 21.20 -22.07
CA HIS D 355 65.62 20.86 -21.38
C HIS D 355 65.19 19.44 -21.76
N PHE D 356 64.44 18.81 -20.86
CA PHE D 356 64.03 17.43 -21.08
C PHE D 356 62.77 17.12 -20.28
N SER D 357 62.00 16.15 -20.79
CA SER D 357 60.82 15.61 -20.14
C SER D 357 61.09 14.17 -19.74
N THR D 358 60.73 13.81 -18.51
CA THR D 358 60.92 12.47 -17.99
C THR D 358 59.65 11.98 -17.32
N SER D 359 59.45 10.67 -17.36
CA SER D 359 58.32 10.01 -16.69
C SER D 359 58.75 9.20 -15.48
N SER D 360 60.01 9.34 -15.05
CA SER D 360 60.57 8.57 -13.96
C SER D 360 60.87 9.46 -12.77
N PRO D 361 60.80 8.95 -11.53
CA PRO D 361 61.16 9.77 -10.37
C PRO D 361 62.62 10.15 -10.31
N GLN D 362 63.50 9.45 -11.02
CA GLN D 362 64.93 9.69 -10.99
C GLN D 362 65.43 9.96 -12.40
N ALA D 363 66.12 11.07 -12.59
CA ALA D 363 66.79 11.36 -13.85
C ALA D 363 68.14 10.64 -13.87
N ASN D 364 68.14 9.38 -14.29
CA ASN D 364 69.28 8.48 -14.19
C ASN D 364 69.61 7.90 -15.56
N PHE D 365 69.73 8.78 -16.56
CA PHE D 365 69.77 8.38 -17.96
C PHE D 365 71.03 8.91 -18.63
N ILE D 366 71.32 8.34 -19.81
CA ILE D 366 72.53 8.67 -20.56
C ILE D 366 72.18 9.70 -21.63
N VAL D 367 73.00 10.74 -21.73
CA VAL D 367 72.87 11.78 -22.74
C VAL D 367 74.10 11.73 -23.64
N SER D 368 73.88 11.68 -24.94
CA SER D 368 74.95 11.57 -25.93
C SER D 368 75.11 12.91 -26.63
N LEU D 369 76.34 13.45 -26.60
CA LEU D 369 76.73 14.65 -27.31
C LEU D 369 77.82 14.27 -28.31
N CYS D 370 77.59 14.58 -29.59
CA CYS D 370 78.43 14.13 -30.70
C CYS D 370 78.91 12.69 -30.50
N GLY D 371 77.95 11.84 -30.17
CA GLY D 371 78.18 10.42 -30.00
C GLY D 371 78.59 10.00 -28.60
N LYS D 372 79.43 10.78 -27.92
CA LYS D 372 80.00 10.33 -26.65
C LYS D 372 79.02 10.60 -25.53
N LYS D 373 78.98 9.69 -24.56
CA LYS D 373 77.90 9.59 -23.59
C LYS D 373 78.30 10.15 -22.23
N THR D 374 77.28 10.55 -21.47
CA THR D 374 77.45 11.04 -20.11
C THR D 374 76.24 10.62 -19.29
N THR D 375 76.48 10.09 -18.10
CA THR D 375 75.41 9.57 -17.24
C THR D 375 74.89 10.69 -16.36
N CYS D 376 73.73 11.24 -16.70
CA CYS D 376 73.06 12.24 -15.89
C CYS D 376 72.28 11.54 -14.78
N ASN D 377 72.61 11.85 -13.54
CA ASN D 377 72.03 11.22 -12.35
C ASN D 377 71.47 12.34 -11.49
N ALA D 378 70.24 12.17 -11.03
CA ALA D 378 69.58 13.15 -10.16
C ALA D 378 68.28 12.54 -9.64
N GLU D 379 67.53 13.34 -8.89
CA GLU D 379 66.24 12.94 -8.34
C GLU D 379 65.20 13.96 -8.78
N CYS D 380 64.08 13.47 -9.32
CA CYS D 380 63.01 14.31 -9.84
C CYS D 380 61.81 14.23 -8.90
N LYS D 381 61.29 15.40 -8.54
CA LYS D 381 60.19 15.49 -7.57
C LYS D 381 58.86 15.22 -8.26
N PRO D 382 57.82 14.86 -7.50
CA PRO D 382 56.49 14.74 -8.10
C PRO D 382 56.00 16.10 -8.57
N PRO D 383 55.16 16.14 -9.60
CA PRO D 383 54.68 17.43 -10.09
C PRO D 383 53.78 18.13 -9.09
N ALA D 384 53.78 19.46 -9.16
CA ALA D 384 52.94 20.28 -8.31
C ALA D 384 51.54 20.44 -8.88
N ASP D 385 51.43 20.79 -10.16
CA ASP D 385 50.13 20.91 -10.80
C ASP D 385 49.51 19.51 -10.99
N HIS D 386 48.21 19.43 -10.73
CA HIS D 386 47.49 18.16 -10.84
C HIS D 386 47.02 17.86 -12.25
N ILE D 387 46.70 18.88 -13.05
CA ILE D 387 46.17 18.72 -14.39
C ILE D 387 46.94 19.63 -15.33
N ILE D 388 47.26 19.12 -16.52
CA ILE D 388 47.95 19.87 -17.56
C ILE D 388 47.20 19.70 -18.87
N GLY D 389 47.30 20.72 -19.72
CA GLY D 389 46.62 20.74 -20.99
C GLY D 389 47.50 20.32 -22.15
N GLU D 390 48.34 19.31 -21.93
CA GLU D 390 49.25 18.83 -22.97
C GLU D 390 49.46 17.32 -22.78
N PRO D 391 49.43 16.52 -23.85
CA PRO D 391 49.56 15.07 -23.66
C PRO D 391 50.95 14.70 -23.18
N HIS D 392 51.01 13.59 -22.43
CA HIS D 392 52.30 13.05 -22.00
C HIS D 392 53.08 12.58 -23.21
N LYS D 393 54.31 13.08 -23.36
CA LYS D 393 55.15 12.78 -24.51
C LYS D 393 56.06 11.58 -24.25
N VAL D 394 55.99 10.97 -23.07
CA VAL D 394 56.80 9.81 -22.72
C VAL D 394 55.91 8.81 -22.00
N ASP D 395 55.95 7.55 -22.44
CA ASP D 395 55.18 6.50 -21.79
C ASP D 395 55.82 6.12 -20.46
N GLN D 396 55.00 5.57 -19.57
CA GLN D 396 55.41 5.21 -18.22
C GLN D 396 55.81 3.73 -18.20
N GLU D 397 57.04 3.46 -17.79
CA GLU D 397 57.55 2.10 -17.66
C GLU D 397 57.33 1.62 -16.23
N PHE D 398 57.70 0.36 -15.96
CA PHE D 398 57.58 -0.22 -14.62
C PHE D 398 58.88 -0.16 -13.85
N GLN D 399 59.97 -0.71 -14.39
CA GLN D 399 61.24 -0.75 -13.68
C GLN D 399 61.88 0.62 -13.54
N ALA D 400 61.51 1.60 -14.37
CA ALA D 400 62.05 2.95 -14.30
C ALA D 400 61.16 3.93 -13.57
N ALA D 401 59.91 3.55 -13.25
CA ALA D 401 59.00 4.40 -12.52
C ALA D 401 59.12 4.26 -11.00
N VAL D 402 59.96 3.35 -10.52
CA VAL D 402 60.14 3.11 -9.09
C VAL D 402 61.43 3.83 -8.67
N SER D 403 61.32 4.68 -7.65
CA SER D 403 62.44 5.50 -7.24
C SER D 403 63.57 4.65 -6.67
N LYS D 404 64.79 5.19 -6.75
CA LYS D 404 65.96 4.43 -6.31
C LYS D 404 65.97 4.24 -4.80
N THR D 405 65.37 5.17 -4.05
CA THR D 405 65.27 4.99 -2.60
C THR D 405 64.34 3.83 -2.27
N SER D 406 63.15 3.81 -2.88
CA SER D 406 62.24 2.69 -2.69
C SER D 406 62.82 1.39 -3.24
N TRP D 407 63.55 1.47 -4.36
CA TRP D 407 64.22 0.29 -4.87
C TRP D 407 65.24 -0.25 -3.88
N ASN D 408 66.01 0.65 -3.24
CA ASN D 408 66.95 0.24 -2.22
C ASN D 408 66.24 -0.42 -1.06
N TRP D 409 65.12 0.16 -0.61
CA TRP D 409 64.38 -0.43 0.49
C TRP D 409 63.86 -1.82 0.15
N LEU D 410 63.27 -1.96 -1.05
CA LEU D 410 62.74 -3.26 -1.47
C LEU D 410 63.86 -4.28 -1.60
N LEU D 411 64.98 -3.88 -2.20
CA LEU D 411 66.10 -4.80 -2.36
C LEU D 411 66.66 -5.23 -1.01
N ALA D 412 66.77 -4.30 -0.07
CA ALA D 412 67.24 -4.66 1.27
C ALA D 412 66.29 -5.62 1.95
N LEU D 413 64.97 -5.36 1.85
CA LEU D 413 64.02 -6.22 2.55
C LEU D 413 63.97 -7.61 1.93
N PHE D 414 64.09 -7.72 0.61
CA PHE D 414 64.14 -9.03 -0.02
C PHE D 414 65.45 -9.74 0.26
N GLY D 415 66.56 -8.98 0.28
CA GLY D 415 67.85 -9.57 0.56
C GLY D 415 67.96 -10.05 1.99
N GLY D 416 67.21 -9.45 2.91
CA GLY D 416 67.17 -9.97 4.26
C GLY D 416 66.64 -11.40 4.30
N ALA D 417 65.51 -11.63 3.63
CA ALA D 417 64.95 -12.98 3.57
C ALA D 417 65.88 -13.92 2.82
N SER D 418 66.48 -13.45 1.72
CA SER D 418 67.39 -14.30 0.97
C SER D 418 68.60 -14.70 1.81
N SER D 419 69.16 -13.75 2.55
CA SER D 419 70.29 -14.05 3.43
C SER D 419 69.87 -14.98 4.56
N LEU D 420 68.65 -14.82 5.07
CA LEU D 420 68.19 -15.72 6.12
C LEU D 420 68.10 -17.15 5.62
N ILE D 421 67.49 -17.36 4.45
CA ILE D 421 67.38 -18.73 3.93
C ILE D 421 68.76 -19.28 3.60
N VAL D 422 69.65 -18.45 3.05
CA VAL D 422 71.00 -18.92 2.72
C VAL D 422 71.75 -19.31 3.98
N VAL D 423 71.66 -18.49 5.02
CA VAL D 423 72.35 -18.79 6.27
C VAL D 423 71.80 -20.05 6.90
N GLY D 424 70.46 -20.22 6.87
CA GLY D 424 69.88 -21.44 7.42
C GLY D 424 70.35 -22.68 6.67
N LEU D 425 70.37 -22.62 5.34
CA LEU D 425 70.82 -23.76 4.56
C LEU D 425 72.28 -24.07 4.82
N ILE D 426 73.12 -23.03 4.91
CA ILE D 426 74.54 -23.23 5.17
C ILE D 426 74.74 -23.84 6.56
N VAL D 427 73.99 -23.36 7.55
CA VAL D 427 74.10 -23.90 8.90
C VAL D 427 73.68 -25.36 8.91
N LEU D 428 72.59 -25.70 8.21
CA LEU D 428 72.16 -27.10 8.16
C LEU D 428 73.21 -27.98 7.50
N VAL D 429 73.79 -27.51 6.40
CA VAL D 429 74.81 -28.31 5.71
C VAL D 429 76.03 -28.50 6.60
N CYS D 430 76.47 -27.44 7.27
CA CYS D 430 77.62 -27.54 8.14
C CYS D 430 77.35 -28.49 9.31
N SER D 431 76.16 -28.42 9.89
CA SER D 431 75.81 -29.32 10.98
C SER D 431 75.79 -30.77 10.50
N SER D 432 75.22 -31.02 9.32
CA SER D 432 75.20 -32.38 8.79
C SER D 432 76.62 -32.90 8.55
N MET D 433 77.49 -32.06 7.98
CA MET D 433 78.86 -32.48 7.73
C MET D 433 79.61 -32.74 9.04
N LEU D 434 79.38 -31.90 10.04
CA LEU D 434 80.03 -32.12 11.34
C LEU D 434 79.53 -33.39 12.00
N ILE D 435 78.24 -33.70 11.86
CA ILE D 435 77.71 -34.96 12.36
C ILE D 435 78.38 -36.13 11.66
N ASN D 436 78.51 -36.04 10.33
CA ASN D 436 79.15 -37.11 9.57
C ASN D 436 80.60 -37.29 10.01
N THR D 437 81.30 -36.19 10.27
CA THR D 437 82.67 -36.29 10.77
C THR D 437 82.72 -36.93 12.15
N ARG D 438 81.79 -36.57 13.03
CA ARG D 438 81.78 -37.02 14.42
C ARG D 438 80.79 -38.17 14.64
N ARG D 439 80.29 -38.79 13.57
CA ARG D 439 79.42 -39.94 13.70
C ARG D 439 80.25 -41.16 14.07
N PRO E 11 -7.92 28.08 -58.53
CA PRO E 11 -8.27 27.97 -57.11
C PRO E 11 -9.49 27.10 -56.86
N TYR E 12 -9.32 26.03 -56.10
CA TYR E 12 -10.43 25.16 -55.71
C TYR E 12 -10.80 25.47 -54.26
N LEU E 13 -11.79 24.76 -53.74
CA LEU E 13 -12.24 24.92 -52.36
C LEU E 13 -12.36 23.55 -51.72
N GLY E 14 -11.82 23.42 -50.51
CA GLY E 14 -11.70 22.13 -49.85
C GLY E 14 -12.43 22.10 -48.52
N PHE E 15 -12.66 20.87 -48.05
CA PHE E 15 -13.39 20.59 -46.81
C PHE E 15 -12.43 20.79 -45.64
N CYS E 16 -12.33 22.03 -45.17
CA CYS E 16 -11.49 22.33 -44.04
C CYS E 16 -12.03 21.61 -42.80
N PRO E 17 -11.17 20.97 -41.99
CA PRO E 17 -11.68 20.30 -40.78
C PRO E 17 -12.25 21.25 -39.73
N TYR E 18 -11.76 22.49 -39.66
CA TYR E 18 -12.17 23.45 -38.62
C TYR E 18 -12.39 24.80 -39.29
N CYS E 19 -13.65 25.10 -39.60
CA CYS E 19 -14.02 26.37 -40.20
C CYS E 19 -14.10 27.43 -39.10
N ARG E 20 -14.69 28.59 -39.43
CA ARG E 20 -14.69 29.71 -38.49
C ARG E 20 -15.43 29.37 -37.20
N HIS E 21 -16.60 28.72 -37.31
CA HIS E 21 -17.44 28.65 -36.12
C HIS E 21 -17.05 27.51 -35.18
N SER E 22 -17.32 26.26 -35.54
CA SER E 22 -16.81 25.13 -34.78
C SER E 22 -16.47 23.91 -35.63
N ALA E 23 -17.10 23.79 -36.79
CA ALA E 23 -17.24 22.51 -37.47
C ALA E 23 -16.53 22.49 -38.82
N PRO E 24 -16.25 21.31 -39.38
CA PRO E 24 -15.69 21.26 -40.73
C PRO E 24 -16.67 21.82 -41.76
N CYS E 25 -16.12 22.42 -42.80
CA CYS E 25 -16.96 22.94 -43.89
C CYS E 25 -16.07 23.28 -45.07
N PHE E 26 -16.68 23.48 -46.23
CA PHE E 26 -15.92 23.78 -47.43
C PHE E 26 -15.59 25.27 -47.47
N SER E 27 -14.30 25.57 -47.58
CA SER E 27 -13.79 26.92 -47.63
C SER E 27 -12.77 27.01 -48.75
N PRO E 28 -12.50 28.21 -49.27
CA PRO E 28 -11.52 28.33 -50.36
C PRO E 28 -10.08 28.29 -49.91
N ILE E 29 -9.82 28.22 -48.60
CA ILE E 29 -8.48 28.36 -48.05
C ILE E 29 -8.11 27.14 -47.22
N LYS E 30 -8.60 25.96 -47.61
CA LYS E 30 -8.23 24.73 -46.90
C LYS E 30 -6.72 24.56 -46.91
N ILE E 31 -6.14 24.30 -45.74
CA ILE E 31 -4.70 24.07 -45.62
C ILE E 31 -4.45 22.60 -45.98
N GLU E 32 -3.65 22.37 -47.02
CA GLU E 32 -3.33 21.00 -47.42
C GLU E 32 -2.21 20.42 -46.57
N ASN E 33 -1.02 21.05 -46.64
CA ASN E 33 0.15 20.59 -45.92
C ASN E 33 0.87 21.79 -45.32
N VAL E 34 1.59 21.55 -44.23
CA VAL E 34 2.37 22.56 -43.55
C VAL E 34 3.75 21.97 -43.24
N TRP E 35 4.80 22.68 -43.62
CA TRP E 35 6.18 22.29 -43.35
C TRP E 35 6.86 23.33 -42.48
N ASP E 36 7.73 22.85 -41.58
CA ASP E 36 8.42 23.72 -40.64
C ASP E 36 9.88 23.30 -40.45
N GLU E 37 10.48 22.66 -41.46
CA GLU E 37 11.84 22.14 -41.33
C GLU E 37 12.88 23.25 -41.23
N SER E 38 12.54 24.50 -41.54
CA SER E 38 13.49 25.59 -41.41
C SER E 38 13.89 25.79 -39.95
N ASP E 39 15.15 26.12 -39.73
CA ASP E 39 15.72 26.26 -38.40
C ASP E 39 15.39 27.58 -37.72
N ASP E 40 14.88 28.56 -38.46
CA ASP E 40 14.54 29.87 -37.89
C ASP E 40 13.07 29.96 -37.48
N GLY E 41 12.31 28.87 -37.60
CA GLY E 41 10.92 28.85 -37.20
C GLY E 41 9.93 29.18 -38.29
N SER E 42 10.38 29.66 -39.44
CA SER E 42 9.48 29.95 -40.53
C SER E 42 8.85 28.67 -41.07
N ILE E 43 7.58 28.75 -41.46
CA ILE E 43 6.81 27.61 -41.93
C ILE E 43 6.21 27.94 -43.28
N ARG E 44 6.12 26.92 -44.13
CA ARG E 44 5.51 27.02 -45.46
C ARG E 44 4.14 26.34 -45.40
N ILE E 45 3.13 27.04 -45.91
CA ILE E 45 1.73 26.62 -45.79
C ILE E 45 1.14 26.54 -47.19
N GLN E 46 0.63 25.37 -47.55
CA GLN E 46 -0.04 25.17 -48.83
C GLN E 46 -1.55 25.24 -48.63
N VAL E 47 -2.22 26.03 -49.45
CA VAL E 47 -3.67 26.18 -49.42
C VAL E 47 -4.22 26.08 -50.84
N SER E 48 -5.55 26.08 -50.96
CA SER E 48 -6.21 25.95 -52.24
C SER E 48 -6.32 27.26 -53.00
N ALA E 49 -6.13 28.41 -52.33
CA ALA E 49 -6.18 29.69 -53.00
C ALA E 49 -4.86 29.99 -53.70
N GLN E 50 -4.91 30.95 -54.62
CA GLN E 50 -3.74 31.34 -55.41
C GLN E 50 -3.34 32.75 -55.00
N PHE E 51 -2.07 32.92 -54.65
CA PHE E 51 -1.54 34.18 -54.15
C PHE E 51 -0.59 34.81 -55.16
N GLY E 52 -0.55 36.14 -55.16
CA GLY E 52 0.27 36.90 -56.07
C GLY E 52 -0.30 37.05 -57.47
N TYR E 53 -1.50 36.54 -57.72
CA TYR E 53 -2.12 36.56 -59.04
C TYR E 53 -3.48 37.26 -58.95
N ASN E 54 -3.84 37.94 -60.04
CA ASN E 54 -5.08 38.72 -60.10
C ASN E 54 -6.21 37.85 -60.64
N GLN E 55 -7.32 38.48 -61.02
CA GLN E 55 -8.49 37.75 -61.50
C GLN E 55 -8.13 36.85 -62.68
N ALA E 56 -7.49 37.40 -63.71
CA ALA E 56 -7.11 36.59 -64.87
C ALA E 56 -5.98 35.64 -64.53
N GLY E 57 -5.14 35.98 -63.56
CA GLY E 57 -3.99 35.18 -63.18
C GLY E 57 -2.65 35.87 -63.37
N THR E 58 -2.61 37.09 -63.89
CA THR E 58 -1.34 37.79 -64.08
C THR E 58 -0.71 38.09 -62.72
N ALA E 59 0.62 38.04 -62.68
CA ALA E 59 1.36 38.25 -61.44
C ALA E 59 1.10 39.64 -60.87
N ASP E 60 0.40 39.71 -59.75
CA ASP E 60 0.14 40.97 -59.04
C ASP E 60 0.29 40.71 -57.56
N VAL E 61 1.31 41.30 -56.95
CA VAL E 61 1.64 41.02 -55.55
C VAL E 61 0.50 41.46 -54.63
N THR E 62 -0.08 42.63 -54.90
CA THR E 62 -0.99 43.25 -53.94
C THR E 62 -2.29 42.49 -53.74
N LYS E 63 -2.65 41.57 -54.64
CA LYS E 63 -3.95 40.91 -54.59
C LYS E 63 -3.81 39.42 -54.87
N PHE E 64 -4.85 38.68 -54.50
CA PHE E 64 -4.90 37.24 -54.66
C PHE E 64 -6.29 36.85 -55.16
N ARG E 65 -6.46 35.57 -55.47
CA ARG E 65 -7.70 35.06 -56.03
C ARG E 65 -8.09 33.74 -55.37
N TYR E 66 -9.37 33.41 -55.47
CA TYR E 66 -9.95 32.23 -54.85
C TYR E 66 -11.24 31.88 -55.57
N MET E 67 -11.96 30.88 -55.06
CA MET E 67 -13.20 30.40 -55.65
C MET E 67 -14.40 31.01 -54.95
N SER E 68 -15.43 31.32 -55.74
CA SER E 68 -16.61 32.01 -55.21
C SER E 68 -17.49 31.07 -54.39
N PHE E 69 -18.21 31.66 -53.44
CA PHE E 69 -19.23 30.96 -52.66
C PHE E 69 -20.61 31.14 -53.28
N ASP E 70 -20.76 30.68 -54.52
CA ASP E 70 -22.01 30.80 -55.24
C ASP E 70 -22.14 29.62 -56.20
N HIS E 71 -23.31 29.51 -56.82
CA HIS E 71 -23.62 28.37 -57.68
C HIS E 71 -22.98 28.49 -59.06
N ASP E 72 -22.56 29.69 -59.47
CA ASP E 72 -21.77 29.85 -60.68
C ASP E 72 -20.31 29.45 -60.47
N HIS E 73 -19.82 29.58 -59.23
CA HIS E 73 -18.45 29.24 -58.82
C HIS E 73 -17.41 29.69 -59.85
N ASP E 74 -17.44 30.99 -60.13
CA ASP E 74 -16.39 31.61 -60.93
C ASP E 74 -15.18 31.87 -60.02
N ILE E 75 -14.18 32.57 -60.54
CA ILE E 75 -12.97 32.90 -59.78
C ILE E 75 -13.09 34.35 -59.35
N LYS E 76 -13.01 34.59 -58.04
CA LYS E 76 -13.06 35.93 -57.46
C LYS E 76 -11.67 36.33 -57.01
N GLU E 77 -11.51 37.64 -56.76
CA GLU E 77 -10.24 38.19 -56.35
C GLU E 77 -10.46 39.19 -55.22
N ASP E 78 -9.42 39.35 -54.40
CA ASP E 78 -9.46 40.27 -53.27
C ASP E 78 -8.04 40.78 -53.02
N SER E 79 -7.92 41.71 -52.08
CA SER E 79 -6.64 42.30 -51.74
C SER E 79 -5.94 41.46 -50.67
N MET E 80 -4.60 41.40 -50.77
CA MET E 80 -3.81 40.61 -49.83
C MET E 80 -3.73 41.26 -48.45
N ASP E 81 -4.14 42.52 -48.31
CA ASP E 81 -4.08 43.18 -47.01
C ASP E 81 -5.06 42.59 -46.00
N LYS E 82 -5.99 41.74 -46.44
CA LYS E 82 -7.03 41.19 -45.59
C LYS E 82 -6.82 39.71 -45.27
N ILE E 83 -5.59 39.20 -45.43
CA ILE E 83 -5.26 37.82 -45.10
C ILE E 83 -4.39 37.83 -43.85
N ALA E 84 -4.68 36.90 -42.94
CA ALA E 84 -3.95 36.80 -41.68
C ALA E 84 -3.61 35.34 -41.40
N ILE E 85 -2.51 35.14 -40.68
CA ILE E 85 -2.03 33.83 -40.27
C ILE E 85 -1.73 33.89 -38.78
N SER E 86 -2.13 32.84 -38.05
CA SER E 86 -1.94 32.84 -36.60
C SER E 86 -1.86 31.40 -36.09
N THR E 87 -0.95 31.16 -35.15
CA THR E 87 -0.85 29.88 -34.47
C THR E 87 -1.29 29.99 -33.01
N SER E 88 -0.66 30.89 -32.26
CA SER E 88 -1.13 31.31 -30.95
C SER E 88 -1.38 32.81 -30.91
N GLY E 89 -0.44 33.60 -31.40
CA GLY E 89 -0.64 34.99 -31.70
C GLY E 89 -0.56 35.24 -33.19
N PRO E 90 -0.68 36.49 -33.61
CA PRO E 90 -0.59 36.79 -35.04
C PRO E 90 0.78 36.44 -35.60
N CYS E 91 0.80 35.94 -36.83
CA CYS E 91 2.03 35.60 -37.53
C CYS E 91 2.36 36.68 -38.54
N ARG E 92 3.66 36.89 -38.75
CA ARG E 92 4.15 37.87 -39.71
C ARG E 92 4.39 37.18 -41.05
N ARG E 93 3.68 37.64 -42.07
CA ARG E 93 3.84 37.06 -43.41
C ARG E 93 5.20 37.44 -43.98
N LEU E 94 5.90 36.45 -44.53
CA LEU E 94 7.22 36.62 -45.09
C LEU E 94 7.24 36.52 -46.62
N GLY E 95 6.47 35.60 -47.18
CA GLY E 95 6.44 35.42 -48.63
C GLY E 95 5.18 34.73 -49.06
N HIS E 96 4.90 34.81 -50.36
CA HIS E 96 3.67 34.27 -50.91
C HIS E 96 3.86 34.05 -52.40
N LYS E 97 3.37 32.93 -52.91
CA LYS E 97 3.53 32.58 -54.31
C LYS E 97 2.55 31.47 -54.66
N GLY E 98 1.59 31.78 -55.52
CA GLY E 98 0.65 30.76 -55.97
C GLY E 98 -0.10 30.12 -54.82
N TYR E 99 -0.07 28.79 -54.77
CA TYR E 99 -0.75 28.05 -53.72
C TYR E 99 -0.10 28.22 -52.35
N PHE E 100 1.14 28.70 -52.30
CA PHE E 100 1.96 28.60 -51.11
C PHE E 100 2.15 29.96 -50.44
N LEU E 101 2.21 29.92 -49.11
CA LEU E 101 2.59 31.04 -48.27
C LEU E 101 3.77 30.61 -47.41
N LEU E 102 4.50 31.59 -46.88
CA LEU E 102 5.57 31.32 -45.94
C LEU E 102 5.56 32.42 -44.90
N ALA E 103 5.52 32.03 -43.62
CA ALA E 103 5.40 33.01 -42.55
C ALA E 103 6.10 32.49 -41.30
N GLN E 104 6.56 33.42 -40.48
CA GLN E 104 7.15 33.13 -39.19
C GLN E 104 6.05 33.23 -38.13
N CYS E 105 5.92 32.19 -37.31
CA CYS E 105 4.83 32.08 -36.35
C CYS E 105 5.38 31.84 -34.95
N PRO E 106 4.67 32.25 -33.90
CA PRO E 106 5.07 31.86 -32.55
C PRO E 106 4.71 30.42 -32.27
N PRO E 107 5.21 29.83 -31.19
CA PRO E 107 4.84 28.44 -30.88
C PRO E 107 3.34 28.30 -30.67
N GLY E 108 2.80 27.18 -31.15
CA GLY E 108 1.38 26.93 -31.04
C GLY E 108 1.06 25.50 -31.41
N ASP E 109 -0.14 25.06 -31.04
CA ASP E 109 -0.59 23.70 -31.30
C ASP E 109 -1.27 23.53 -32.64
N SER E 110 -1.69 24.63 -33.28
CA SER E 110 -2.37 24.56 -34.56
C SER E 110 -2.06 25.84 -35.33
N VAL E 111 -2.31 25.80 -36.64
CA VAL E 111 -2.05 26.92 -37.54
C VAL E 111 -3.35 27.26 -38.24
N THR E 112 -3.65 28.56 -38.33
CA THR E 112 -4.90 29.06 -38.88
C THR E 112 -4.60 30.15 -39.90
N VAL E 113 -5.31 30.10 -41.02
CA VAL E 113 -5.24 31.12 -42.06
C VAL E 113 -6.64 31.66 -42.28
N SER E 114 -6.79 32.98 -42.26
CA SER E 114 -8.09 33.63 -42.28
C SER E 114 -8.12 34.76 -43.29
N ILE E 115 -9.30 34.94 -43.89
CA ILE E 115 -9.60 36.10 -44.73
C ILE E 115 -10.78 36.84 -44.11
N THR E 116 -10.66 38.16 -44.02
CA THR E 116 -11.71 39.02 -43.45
C THR E 116 -12.16 39.99 -44.53
N SER E 117 -13.11 39.54 -45.35
CA SER E 117 -13.73 40.39 -46.36
C SER E 117 -14.86 41.16 -45.69
N GLY E 118 -14.53 42.33 -45.16
CA GLY E 118 -15.50 43.09 -44.40
C GLY E 118 -15.94 42.31 -43.17
N ALA E 119 -17.23 42.07 -43.05
CA ALA E 119 -17.79 41.29 -41.97
C ALA E 119 -17.82 39.79 -42.26
N SER E 120 -17.39 39.37 -43.44
CA SER E 120 -17.36 37.96 -43.82
C SER E 120 -15.97 37.42 -43.51
N GLU E 121 -15.86 36.67 -42.42
CA GLU E 121 -14.59 36.09 -41.97
C GLU E 121 -14.62 34.59 -42.20
N ASN E 122 -13.66 34.10 -42.99
CA ASN E 122 -13.50 32.67 -43.26
C ASN E 122 -12.10 32.27 -42.84
N SER E 123 -12.01 31.38 -41.85
CA SER E 123 -10.73 30.93 -41.29
C SER E 123 -10.68 29.42 -41.28
N CYS E 124 -9.59 28.87 -41.78
CA CYS E 124 -9.32 27.43 -41.75
C CYS E 124 -8.17 27.16 -40.79
N THR E 125 -8.38 26.22 -39.87
CA THR E 125 -7.43 25.85 -38.84
C THR E 125 -7.10 24.38 -38.98
N VAL E 126 -5.82 24.04 -38.84
CA VAL E 126 -5.37 22.65 -38.89
C VAL E 126 -4.37 22.41 -37.77
N GLU E 127 -4.48 21.25 -37.14
CA GLU E 127 -3.58 20.90 -36.04
C GLU E 127 -2.17 20.70 -36.56
N LYS E 128 -1.21 21.35 -35.89
CA LYS E 128 0.20 21.23 -36.24
C LYS E 128 0.99 21.75 -35.05
N LYS E 129 1.76 20.89 -34.40
CA LYS E 129 2.49 21.26 -33.18
C LYS E 129 3.70 22.07 -33.59
N ILE E 130 3.52 23.38 -33.72
CA ILE E 130 4.61 24.30 -34.05
C ILE E 130 5.37 24.59 -32.76
N ARG E 131 6.62 24.16 -32.70
CA ARG E 131 7.47 24.34 -31.53
C ARG E 131 8.62 25.28 -31.83
N ARG E 132 9.21 25.82 -30.77
CA ARG E 132 10.36 26.70 -30.88
C ARG E 132 11.62 25.84 -30.94
N LYS E 133 12.35 25.95 -32.05
CA LYS E 133 13.55 25.16 -32.29
C LYS E 133 14.75 26.08 -32.43
N PHE E 134 15.92 25.56 -32.10
CA PHE E 134 17.17 26.31 -32.11
C PHE E 134 18.25 25.49 -32.79
N VAL E 135 19.32 26.19 -33.20
CA VAL E 135 20.49 25.58 -33.82
C VAL E 135 21.67 25.77 -32.89
N GLY E 136 22.44 24.69 -32.69
CA GLY E 136 23.61 24.71 -31.84
C GLY E 136 23.45 23.75 -30.66
N ARG E 137 24.03 24.14 -29.52
CA ARG E 137 23.99 23.33 -28.31
C ARG E 137 23.48 24.10 -27.10
N GLU E 138 22.91 25.29 -27.30
CA GLU E 138 22.37 26.10 -26.21
C GLU E 138 21.03 26.68 -26.64
N GLU E 139 20.06 26.64 -25.73
CA GLU E 139 18.76 27.24 -26.01
C GLU E 139 18.83 28.75 -25.94
N TYR E 140 18.04 29.40 -26.79
CA TYR E 140 17.97 30.86 -26.81
C TYR E 140 16.65 31.29 -27.40
N LEU E 141 16.07 32.37 -26.86
CA LEU E 141 14.82 32.88 -27.40
C LEU E 141 15.04 33.56 -28.75
N PHE E 142 16.10 34.36 -28.86
CA PHE E 142 16.45 35.06 -30.08
C PHE E 142 17.91 34.79 -30.43
N PRO E 143 18.29 34.89 -31.71
CA PRO E 143 19.72 34.82 -32.06
C PRO E 143 20.47 36.01 -31.48
N PRO E 144 21.39 35.80 -30.53
CA PRO E 144 22.00 36.96 -29.86
C PRO E 144 22.92 37.74 -30.79
N VAL E 145 23.17 38.98 -30.39
CA VAL E 145 24.03 39.86 -31.20
C VAL E 145 25.44 39.29 -31.29
N HIS E 146 25.95 38.75 -30.18
CA HIS E 146 27.32 38.23 -30.11
C HIS E 146 27.26 36.72 -29.94
N GLY E 147 28.10 36.02 -30.69
CA GLY E 147 28.18 34.58 -30.58
C GLY E 147 28.84 33.98 -31.80
N LYS E 148 28.93 32.66 -31.78
CA LYS E 148 29.54 31.93 -32.89
C LYS E 148 28.60 31.93 -34.09
N LEU E 149 29.18 31.73 -35.28
CA LEU E 149 28.42 31.60 -36.52
C LEU E 149 28.50 30.15 -36.97
N VAL E 150 27.38 29.44 -36.92
CA VAL E 150 27.34 28.02 -37.23
C VAL E 150 26.48 27.79 -38.47
N LYS E 151 26.47 26.56 -38.97
CA LYS E 151 25.73 26.20 -40.18
C LYS E 151 24.28 25.94 -39.83
N CYS E 152 23.36 26.57 -40.57
CA CYS E 152 21.94 26.38 -40.38
C CYS E 152 21.27 26.30 -41.76
N HIS E 153 20.01 25.88 -41.76
CA HIS E 153 19.21 25.76 -42.98
C HIS E 153 17.90 26.49 -42.76
N VAL E 154 17.57 27.42 -43.65
CA VAL E 154 16.40 28.27 -43.50
C VAL E 154 15.65 28.32 -44.83
N TYR E 155 14.34 28.48 -44.75
CA TYR E 155 13.54 28.68 -45.94
C TYR E 155 13.90 30.02 -46.56
N ASP E 156 14.31 29.99 -47.83
CA ASP E 156 14.70 31.21 -48.52
C ASP E 156 13.48 32.11 -48.68
N HIS E 157 13.62 33.38 -48.27
CA HIS E 157 12.53 34.35 -48.41
C HIS E 157 12.27 34.72 -49.86
N LEU E 158 13.18 34.41 -50.77
CA LEU E 158 13.01 34.79 -52.18
C LEU E 158 11.84 34.02 -52.78
N LYS E 159 11.02 34.74 -53.56
CA LYS E 159 9.84 34.13 -54.16
C LYS E 159 10.23 33.12 -55.23
N GLU E 160 11.32 33.37 -55.95
CA GLU E 160 11.67 32.60 -57.14
C GLU E 160 12.72 31.53 -56.81
N THR E 161 12.32 30.55 -56.00
CA THR E 161 13.14 29.39 -55.66
C THR E 161 12.31 28.13 -55.85
N SER E 162 12.95 26.97 -55.65
CA SER E 162 12.34 25.68 -55.96
C SER E 162 12.70 24.68 -54.88
N ALA E 163 11.71 24.31 -54.06
CA ALA E 163 11.85 23.21 -53.10
C ALA E 163 11.35 21.89 -53.65
N GLY E 164 10.75 21.88 -54.82
CA GLY E 164 10.16 20.67 -55.37
C GLY E 164 9.06 21.04 -56.35
N TYR E 165 8.25 20.04 -56.69
CA TYR E 165 7.14 20.22 -57.61
C TYR E 165 5.92 19.47 -57.11
N ILE E 166 4.75 20.01 -57.43
CA ILE E 166 3.46 19.42 -57.11
C ILE E 166 2.74 19.17 -58.43
N THR E 167 2.19 17.96 -58.58
CA THR E 167 1.49 17.57 -59.80
C THR E 167 0.02 17.94 -59.68
N MET E 168 -0.47 18.74 -60.64
CA MET E 168 -1.86 19.16 -60.72
C MET E 168 -2.47 18.61 -61.99
N HIS E 169 -3.77 18.35 -61.93
CA HIS E 169 -4.50 17.65 -62.98
C HIS E 169 -5.71 18.47 -63.42
N ARG E 170 -6.45 17.91 -64.37
CA ARG E 170 -7.67 18.52 -64.89
C ARG E 170 -8.80 18.38 -63.87
N PRO E 171 -9.61 19.42 -63.66
CA PRO E 171 -10.70 19.30 -62.69
C PRO E 171 -11.72 18.26 -63.13
N GLY E 172 -12.29 17.57 -62.14
CA GLY E 172 -13.29 16.57 -62.39
C GLY E 172 -14.69 17.15 -62.34
N PRO E 173 -15.70 16.28 -62.43
CA PRO E 173 -17.09 16.76 -62.39
C PRO E 173 -17.43 17.37 -61.03
N HIS E 174 -17.92 18.61 -61.05
CA HIS E 174 -18.39 19.30 -59.85
C HIS E 174 -19.89 19.54 -60.03
N ALA E 175 -20.70 18.62 -59.52
CA ALA E 175 -22.14 18.70 -59.68
C ALA E 175 -22.73 19.78 -58.79
N TYR E 176 -23.92 20.24 -59.16
CA TYR E 176 -24.62 21.28 -58.42
C TYR E 176 -26.11 20.96 -58.40
N LYS E 177 -26.78 21.44 -57.34
CA LYS E 177 -28.22 21.24 -57.20
C LYS E 177 -29.05 22.34 -57.84
N SER E 178 -28.57 23.59 -57.84
CA SER E 178 -29.30 24.67 -58.47
C SER E 178 -29.43 24.47 -59.98
N TYR E 179 -28.54 23.68 -60.59
CA TYR E 179 -28.68 23.33 -61.99
C TYR E 179 -29.87 22.43 -62.24
N LEU E 180 -30.49 21.88 -61.20
CA LEU E 180 -31.64 21.01 -61.31
C LEU E 180 -32.86 21.67 -60.68
N GLU E 181 -34.04 21.31 -61.19
CA GLU E 181 -35.31 21.79 -60.65
C GLU E 181 -36.34 20.68 -60.80
N GLU E 182 -37.25 20.59 -59.84
CA GLU E 182 -38.37 19.67 -59.88
C GLU E 182 -39.67 20.45 -59.89
N ALA E 183 -40.54 20.17 -60.87
CA ALA E 183 -41.82 20.85 -60.98
C ALA E 183 -42.84 19.89 -61.56
N SER E 184 -43.95 19.70 -60.85
CA SER E 184 -45.05 18.87 -61.31
C SER E 184 -44.58 17.45 -61.63
N GLY E 185 -43.67 16.95 -60.81
CA GLY E 185 -43.13 15.62 -61.03
C GLY E 185 -42.25 15.48 -62.25
N GLU E 186 -41.66 16.58 -62.72
CA GLU E 186 -40.77 16.57 -63.86
C GLU E 186 -39.46 17.26 -63.50
N VAL E 187 -38.35 16.69 -63.98
CA VAL E 187 -37.02 17.19 -63.67
C VAL E 187 -36.53 18.03 -64.84
N TYR E 188 -36.08 19.24 -64.55
CA TYR E 188 -35.56 20.17 -65.54
C TYR E 188 -34.13 20.55 -65.16
N ILE E 189 -33.32 20.82 -66.18
CA ILE E 189 -31.95 21.31 -66.01
C ILE E 189 -31.91 22.76 -66.47
N LYS E 190 -31.33 23.64 -65.65
CA LYS E 190 -31.31 25.08 -65.90
C LYS E 190 -29.85 25.54 -65.90
N PRO E 191 -29.16 25.44 -67.05
CA PRO E 191 -27.79 25.96 -67.11
C PRO E 191 -27.76 27.46 -67.02
N PRO E 192 -26.64 28.07 -66.62
CA PRO E 192 -26.52 29.53 -66.67
C PRO E 192 -26.44 30.04 -68.10
N SER E 193 -26.27 31.35 -68.26
CA SER E 193 -26.31 31.96 -69.58
C SER E 193 -25.08 31.59 -70.39
N GLY E 194 -25.30 30.94 -71.54
CA GLY E 194 -24.26 30.75 -72.53
C GLY E 194 -23.27 29.64 -72.24
N LYS E 195 -23.46 28.87 -71.17
CA LYS E 195 -22.56 27.78 -70.80
C LYS E 195 -23.25 26.46 -71.05
N ASN E 196 -22.65 25.62 -71.91
CA ASN E 196 -23.20 24.31 -72.24
C ASN E 196 -22.92 23.35 -71.09
N VAL E 197 -23.94 23.07 -70.29
CA VAL E 197 -23.80 22.21 -69.11
C VAL E 197 -24.10 20.77 -69.54
N THR E 198 -23.18 19.87 -69.22
CA THR E 198 -23.40 18.46 -69.45
C THR E 198 -24.22 17.85 -68.32
N TYR E 199 -25.19 17.02 -68.71
CA TYR E 199 -26.16 16.42 -67.80
C TYR E 199 -26.22 14.92 -68.06
N GLU E 200 -26.64 14.17 -67.03
CA GLU E 200 -26.78 12.73 -67.19
C GLU E 200 -27.53 12.14 -66.00
N CYS E 201 -28.15 10.98 -66.25
CA CYS E 201 -28.71 10.15 -65.17
C CYS E 201 -29.29 8.85 -65.70
N LYS E 202 -29.66 7.99 -64.73
CA LYS E 202 -30.44 6.78 -64.94
C LYS E 202 -31.82 7.01 -64.34
N CYS E 203 -32.77 7.38 -65.18
CA CYS E 203 -34.18 7.50 -64.82
C CYS E 203 -34.96 6.34 -65.43
N GLY E 204 -34.35 5.16 -65.39
CA GLY E 204 -34.72 4.06 -66.26
C GLY E 204 -33.48 3.65 -67.03
N ASP E 205 -33.46 3.92 -68.34
CA ASP E 205 -32.25 3.71 -69.12
C ASP E 205 -31.27 4.85 -68.92
N TYR E 206 -29.98 4.54 -69.02
CA TYR E 206 -28.95 5.54 -68.86
C TYR E 206 -29.03 6.58 -69.97
N SER E 207 -28.79 7.84 -69.62
CA SER E 207 -28.85 8.94 -70.56
C SER E 207 -27.81 9.98 -70.20
N THR E 208 -27.22 10.61 -71.22
CA THR E 208 -26.21 11.64 -71.04
C THR E 208 -26.25 12.57 -72.25
N GLY E 209 -25.91 13.83 -72.01
CA GLY E 209 -25.88 14.80 -73.08
C GLY E 209 -25.40 16.15 -72.60
N ILE E 210 -25.55 17.15 -73.46
CA ILE E 210 -25.16 18.53 -73.16
C ILE E 210 -26.32 19.44 -73.51
N VAL E 211 -26.69 20.32 -72.58
CA VAL E 211 -27.78 21.27 -72.76
C VAL E 211 -27.27 22.65 -72.36
N SER E 212 -27.53 23.65 -73.20
CA SER E 212 -27.15 25.03 -72.93
C SER E 212 -28.32 25.90 -72.49
N THR E 213 -29.51 25.33 -72.35
CA THR E 213 -30.70 26.09 -72.00
C THR E 213 -31.66 25.16 -71.27
N ARG E 214 -32.69 25.75 -70.65
CA ARG E 214 -33.71 25.02 -69.92
C ARG E 214 -34.26 23.86 -70.76
N THR E 215 -34.07 22.64 -70.25
CA THR E 215 -34.43 21.43 -70.98
C THR E 215 -35.20 20.50 -70.07
N LYS E 216 -36.10 19.71 -70.66
CA LYS E 216 -36.92 18.77 -69.90
C LYS E 216 -36.26 17.40 -69.84
N MET E 217 -36.82 16.55 -68.99
CA MET E 217 -36.40 15.15 -68.88
C MET E 217 -37.63 14.26 -68.81
N ASN E 218 -37.48 13.03 -69.30
CA ASN E 218 -38.54 12.05 -69.31
C ASN E 218 -38.21 10.89 -68.39
N GLY E 219 -39.23 10.36 -67.72
CA GLY E 219 -39.06 9.23 -66.83
C GLY E 219 -38.41 9.55 -65.51
N CYS E 220 -38.10 10.82 -65.23
CA CYS E 220 -37.48 11.23 -63.98
C CYS E 220 -38.56 11.72 -63.03
N THR E 221 -38.62 11.10 -61.84
CA THR E 221 -39.65 11.41 -60.85
C THR E 221 -39.15 12.17 -59.64
N LYS E 222 -37.84 12.14 -59.36
CA LYS E 222 -37.25 12.79 -58.21
C LYS E 222 -36.14 13.73 -58.65
N ALA E 223 -35.93 14.79 -57.85
CA ALA E 223 -34.87 15.76 -58.16
C ALA E 223 -33.50 15.14 -57.98
N LYS E 224 -33.33 14.27 -56.98
CA LYS E 224 -32.02 13.69 -56.66
C LYS E 224 -31.52 12.74 -57.74
N GLN E 225 -32.33 12.39 -58.73
CA GLN E 225 -31.96 11.36 -59.68
C GLN E 225 -30.85 11.77 -60.64
N CYS E 226 -30.66 13.07 -60.90
CA CYS E 226 -29.83 13.49 -62.02
C CYS E 226 -28.76 14.49 -61.64
N ILE E 227 -27.74 14.56 -62.52
CA ILE E 227 -26.54 15.34 -62.29
C ILE E 227 -26.31 16.25 -63.48
N ALA E 228 -25.85 17.48 -63.20
CA ALA E 228 -25.55 18.48 -64.22
C ALA E 228 -24.36 19.31 -63.75
N TYR E 229 -23.46 19.62 -64.69
CA TYR E 229 -22.28 20.41 -64.38
C TYR E 229 -21.69 20.95 -65.67
N LYS E 230 -21.01 22.09 -65.58
CA LYS E 230 -20.40 22.69 -66.77
C LYS E 230 -19.00 22.15 -66.97
N SER E 231 -18.63 21.94 -68.24
CA SER E 231 -17.33 21.37 -68.61
C SER E 231 -16.30 22.49 -68.59
N ASP E 232 -15.60 22.63 -67.47
CA ASP E 232 -14.56 23.63 -67.30
C ASP E 232 -13.21 22.92 -67.45
N GLN E 233 -12.79 22.74 -68.70
CA GLN E 233 -11.50 22.13 -69.01
C GLN E 233 -10.38 23.16 -69.17
N THR E 234 -10.69 24.46 -69.06
CA THR E 234 -9.68 25.50 -69.10
C THR E 234 -9.07 25.80 -67.74
N LYS E 235 -9.24 24.90 -66.77
CA LYS E 235 -8.73 25.08 -65.41
C LYS E 235 -7.90 23.86 -65.03
N TRP E 236 -7.11 24.03 -63.97
CA TRP E 236 -6.33 22.94 -63.39
C TRP E 236 -6.41 23.05 -61.88
N VAL E 237 -6.32 21.90 -61.20
CA VAL E 237 -6.43 21.83 -59.75
C VAL E 237 -5.37 20.89 -59.20
N PHE E 238 -4.87 21.22 -58.01
CA PHE E 238 -3.91 20.38 -57.32
C PHE E 238 -4.46 18.98 -57.13
N ASN E 239 -3.56 18.02 -57.00
CA ASN E 239 -3.94 16.66 -56.64
C ASN E 239 -4.37 16.71 -55.18
N SER E 240 -5.57 17.23 -54.93
CA SER E 240 -6.09 17.38 -53.58
C SER E 240 -6.86 16.14 -53.15
N PRO E 241 -6.91 15.82 -51.86
CA PRO E 241 -7.75 14.71 -51.39
C PRO E 241 -9.23 15.07 -51.24
N ASP E 242 -9.64 16.27 -51.67
CA ASP E 242 -10.95 16.81 -51.40
C ASP E 242 -11.74 17.08 -52.68
N LEU E 243 -11.30 16.52 -53.81
CA LEU E 243 -11.97 16.68 -55.08
C LEU E 243 -12.17 15.32 -55.72
N ILE E 244 -13.18 15.22 -56.57
CA ILE E 244 -13.42 14.02 -57.38
C ILE E 244 -12.76 14.25 -58.74
N ARG E 245 -11.96 13.28 -59.17
CA ARG E 245 -11.09 13.49 -60.32
C ARG E 245 -11.83 13.23 -61.64
N HIS E 246 -11.27 13.79 -62.70
CA HIS E 246 -11.75 13.51 -64.04
C HIS E 246 -11.52 12.04 -64.39
N THR E 247 -12.13 11.60 -65.49
CA THR E 247 -11.93 10.23 -65.94
C THR E 247 -10.47 9.99 -66.31
N ASP E 248 -9.82 10.99 -66.91
CA ASP E 248 -8.40 10.91 -67.29
C ASP E 248 -7.61 11.71 -66.27
N HIS E 249 -7.20 11.04 -65.19
CA HIS E 249 -6.42 11.67 -64.12
C HIS E 249 -4.93 11.46 -64.35
N SER E 250 -4.48 11.92 -65.52
CA SER E 250 -3.07 11.91 -65.87
C SER E 250 -2.42 13.22 -65.45
N VAL E 251 -1.11 13.18 -65.22
CA VAL E 251 -0.38 14.38 -64.81
C VAL E 251 -0.41 15.36 -65.98
N GLN E 252 -1.15 16.45 -65.82
CA GLN E 252 -1.26 17.49 -66.83
C GLN E 252 -0.61 18.80 -66.44
N GLY E 253 0.02 18.87 -65.26
CA GLY E 253 0.64 20.10 -64.82
C GLY E 253 1.57 19.86 -63.65
N LYS E 254 2.62 20.67 -63.61
CA LYS E 254 3.54 20.70 -62.47
C LYS E 254 3.78 22.14 -62.06
N LEU E 255 3.74 22.39 -60.75
CA LEU E 255 3.98 23.73 -60.21
C LEU E 255 4.99 23.66 -59.08
N HIS E 256 5.84 24.69 -58.99
CA HIS E 256 6.95 24.66 -58.05
C HIS E 256 6.46 24.80 -56.61
N ILE E 257 7.30 24.31 -55.69
CA ILE E 257 7.11 24.54 -54.26
C ILE E 257 8.13 25.62 -53.87
N PRO E 258 7.75 26.90 -53.85
CA PRO E 258 8.75 27.96 -53.63
C PRO E 258 9.36 27.94 -52.23
N PHE E 259 10.25 28.89 -51.97
CA PHE E 259 10.93 29.03 -50.68
C PHE E 259 11.74 27.76 -50.36
N ARG E 260 12.74 27.52 -51.20
CA ARG E 260 13.63 26.39 -51.00
C ARG E 260 14.36 26.52 -49.67
N LEU E 261 14.47 25.40 -48.96
CA LEU E 261 15.21 25.34 -47.70
C LEU E 261 16.70 25.39 -48.05
N THR E 262 17.27 26.60 -48.04
CA THR E 262 18.64 26.82 -48.44
C THR E 262 19.58 26.86 -47.23
N PRO E 263 20.86 26.52 -47.39
CA PRO E 263 21.79 26.62 -46.27
C PRO E 263 22.38 28.02 -46.14
N THR E 264 22.68 28.40 -44.89
CA THR E 264 23.31 29.67 -44.60
C THR E 264 23.97 29.56 -43.22
N VAL E 265 24.38 30.70 -42.67
CA VAL E 265 25.08 30.78 -41.40
C VAL E 265 24.19 31.52 -40.40
N CYS E 266 23.99 30.92 -39.22
CA CYS E 266 23.16 31.49 -38.16
C CYS E 266 24.01 31.80 -36.94
N PRO E 267 23.69 32.85 -36.18
CA PRO E 267 24.43 33.12 -34.94
C PRO E 267 23.84 32.37 -33.75
N VAL E 268 24.73 31.87 -32.90
CA VAL E 268 24.37 31.08 -31.74
C VAL E 268 25.14 31.58 -30.53
N PRO E 269 24.59 31.50 -29.32
CA PRO E 269 25.28 32.07 -28.15
C PRO E 269 26.53 31.28 -27.77
N LEU E 270 27.41 31.96 -27.04
CA LEU E 270 28.54 31.33 -26.37
C LEU E 270 28.32 31.47 -24.86
N ALA E 271 28.26 30.34 -24.16
CA ALA E 271 27.95 30.35 -22.75
C ALA E 271 29.09 30.99 -21.95
N HIS E 272 28.85 31.16 -20.65
CA HIS E 272 29.90 31.63 -19.76
C HIS E 272 31.00 30.59 -19.66
N THR E 273 32.25 31.03 -19.77
CA THR E 273 33.37 30.09 -19.74
C THR E 273 33.45 29.44 -18.36
N PRO E 274 33.48 28.11 -18.25
CA PRO E 274 33.45 27.49 -16.93
C PRO E 274 34.76 27.70 -16.18
N THR E 275 34.66 27.59 -14.85
CA THR E 275 35.83 27.71 -13.99
C THR E 275 36.29 26.31 -13.61
N VAL E 276 37.53 25.98 -13.98
CA VAL E 276 38.08 24.63 -13.79
C VAL E 276 38.95 24.62 -12.55
N THR E 277 38.64 23.72 -11.62
CA THR E 277 39.46 23.49 -10.43
C THR E 277 40.11 22.12 -10.56
N LYS E 278 41.44 22.09 -10.48
CA LYS E 278 42.21 20.88 -10.74
C LYS E 278 42.55 20.19 -9.42
N TRP E 279 42.30 18.88 -9.35
CA TRP E 279 42.70 18.07 -8.21
C TRP E 279 43.26 16.76 -8.75
N PHE E 280 43.92 16.01 -7.87
CA PHE E 280 44.64 14.81 -8.25
C PHE E 280 43.76 13.84 -9.02
N LYS E 281 44.08 13.62 -10.31
CA LYS E 281 43.30 12.78 -11.20
C LYS E 281 41.83 13.22 -11.21
N GLY E 282 41.64 14.50 -11.54
CA GLY E 282 40.28 15.02 -11.66
C GLY E 282 40.18 16.51 -11.84
N ILE E 283 39.06 16.93 -12.45
CA ILE E 283 38.74 18.34 -12.61
C ILE E 283 37.32 18.56 -12.10
N THR E 284 37.05 19.82 -11.73
CA THR E 284 35.73 20.24 -11.29
C THR E 284 35.37 21.49 -12.08
N LEU E 285 34.36 21.36 -12.94
CA LEU E 285 33.88 22.47 -13.74
C LEU E 285 32.74 23.15 -12.99
N HIS E 286 32.97 24.38 -12.55
CA HIS E 286 31.90 25.25 -12.07
C HIS E 286 31.28 25.93 -13.28
N LEU E 287 29.97 25.70 -13.47
CA LEU E 287 29.26 26.06 -14.68
C LEU E 287 28.08 26.96 -14.34
N THR E 288 27.84 27.94 -15.22
CA THR E 288 26.69 28.83 -15.12
C THR E 288 26.01 28.87 -16.48
N ALA E 289 24.69 28.74 -16.50
CA ALA E 289 23.94 28.72 -17.75
C ALA E 289 22.52 29.21 -17.48
N THR E 290 22.16 30.36 -18.04
CA THR E 290 20.81 30.87 -17.88
C THR E 290 19.79 29.99 -18.61
N ARG E 291 20.20 29.38 -19.72
CA ARG E 291 19.37 28.47 -20.50
C ARG E 291 20.01 27.10 -20.53
N PRO E 292 19.25 26.04 -20.87
CA PRO E 292 19.85 24.70 -20.94
C PRO E 292 21.02 24.63 -21.91
N THR E 293 22.20 24.30 -21.37
CA THR E 293 23.43 24.21 -22.14
C THR E 293 23.93 22.76 -22.11
N LEU E 294 24.40 22.27 -23.25
CA LEU E 294 24.82 20.88 -23.37
C LEU E 294 26.30 20.76 -23.02
N LEU E 295 26.61 19.91 -22.04
CA LEU E 295 27.97 19.57 -21.66
C LEU E 295 28.21 18.13 -22.06
N THR E 296 29.24 17.89 -22.86
CA THR E 296 29.56 16.57 -23.37
C THR E 296 31.04 16.27 -23.12
N THR E 297 31.31 15.20 -22.37
CA THR E 297 32.67 14.84 -22.00
C THR E 297 32.96 13.41 -22.44
N ARG E 298 34.23 13.13 -22.69
CA ARG E 298 34.65 11.79 -23.07
C ARG E 298 36.12 11.60 -22.75
N LYS E 299 36.47 10.38 -22.32
CA LYS E 299 37.87 10.02 -22.10
C LYS E 299 38.54 9.67 -23.42
N LEU E 300 39.84 9.95 -23.49
CA LEU E 300 40.63 9.74 -24.70
C LEU E 300 41.41 8.43 -24.67
N GLY E 301 40.90 7.42 -23.96
CA GLY E 301 41.52 6.13 -23.89
C GLY E 301 40.78 5.10 -24.73
N LEU E 302 40.99 3.83 -24.36
CA LEU E 302 40.29 2.74 -25.05
C LEU E 302 38.78 2.86 -24.86
N ARG E 303 38.35 3.16 -23.63
CA ARG E 303 36.94 3.30 -23.29
C ARG E 303 36.58 4.78 -23.28
N ALA E 304 35.61 5.17 -24.13
CA ALA E 304 35.21 6.57 -24.19
C ALA E 304 34.57 7.01 -22.88
N ASP E 305 33.65 6.21 -22.34
CA ASP E 305 32.90 6.56 -21.13
C ASP E 305 32.24 7.92 -21.30
N ALA E 306 31.69 8.17 -22.49
CA ALA E 306 31.14 9.47 -22.81
C ALA E 306 29.92 9.78 -21.97
N THR E 307 29.78 11.05 -21.60
CA THR E 307 28.64 11.55 -20.85
C THR E 307 28.12 12.82 -21.50
N ALA E 308 26.80 13.00 -21.46
CA ALA E 308 26.14 14.17 -22.01
C ALA E 308 25.05 14.61 -21.05
N GLU E 309 24.93 15.93 -20.86
CA GLU E 309 23.94 16.45 -19.93
C GLU E 309 23.57 17.88 -20.28
N TRP E 310 22.27 18.18 -20.17
CA TRP E 310 21.77 19.54 -20.31
C TRP E 310 21.69 20.18 -18.93
N ILE E 311 22.30 21.35 -18.78
CA ILE E 311 22.52 21.98 -17.48
C ILE E 311 21.88 23.36 -17.48
N THR E 312 21.17 23.68 -16.40
CA THR E 312 20.59 24.99 -16.17
C THR E 312 21.03 25.50 -14.80
N GLY E 313 20.90 26.81 -14.61
CA GLY E 313 21.31 27.40 -13.35
C GLY E 313 22.82 27.40 -13.21
N THR E 314 23.26 27.44 -11.95
CA THR E 314 24.67 27.38 -11.59
C THR E 314 24.94 26.11 -10.80
N THR E 315 25.96 25.36 -11.19
CA THR E 315 26.25 24.08 -10.56
C THR E 315 27.74 23.77 -10.72
N SER E 316 28.13 22.59 -10.27
CA SER E 316 29.51 22.12 -10.38
C SER E 316 29.49 20.63 -10.69
N ARG E 317 30.36 20.21 -11.62
CA ARG E 317 30.45 18.82 -12.05
C ARG E 317 31.87 18.33 -11.92
N ASN E 318 32.04 17.17 -11.30
CA ASN E 318 33.34 16.55 -11.11
C ASN E 318 33.56 15.48 -12.17
N PHE E 319 34.71 15.51 -12.83
CA PHE E 319 35.06 14.54 -13.86
C PHE E 319 36.47 14.02 -13.57
N SER E 320 36.58 12.70 -13.43
CA SER E 320 37.88 12.08 -13.22
C SER E 320 38.68 12.08 -14.51
N VAL E 321 39.93 12.51 -14.43
CA VAL E 321 40.83 12.60 -15.58
C VAL E 321 41.99 11.65 -15.33
N GLY E 322 42.17 10.69 -16.23
CA GLY E 322 43.27 9.74 -16.16
C GLY E 322 44.47 10.22 -16.95
N ARG E 323 45.49 9.35 -17.00
CA ARG E 323 46.69 9.67 -17.77
C ARG E 323 46.37 9.77 -19.25
N GLU E 324 45.42 8.98 -19.75
CA GLU E 324 45.06 9.04 -21.16
C GLU E 324 44.46 10.40 -21.52
N GLY E 325 43.78 11.05 -20.59
CA GLY E 325 43.25 12.39 -20.77
C GLY E 325 41.73 12.39 -20.81
N LEU E 326 41.19 13.60 -20.94
CA LEU E 326 39.76 13.82 -21.02
C LEU E 326 39.52 15.02 -21.94
N GLU E 327 38.36 15.02 -22.58
CA GLU E 327 37.98 16.08 -23.51
C GLU E 327 36.54 16.46 -23.23
N TYR E 328 36.31 17.73 -22.91
CA TYR E 328 34.99 18.24 -22.58
C TYR E 328 34.62 19.41 -23.49
N VAL E 329 33.36 19.44 -23.90
CA VAL E 329 32.80 20.52 -24.70
C VAL E 329 31.62 21.08 -23.93
N TRP E 330 31.69 22.38 -23.63
CA TRP E 330 30.66 23.09 -22.86
C TRP E 330 29.94 24.05 -23.81
N GLY E 331 28.70 23.73 -24.15
CA GLY E 331 27.94 24.58 -25.04
C GLY E 331 28.56 24.64 -26.42
N ASN E 332 28.59 25.83 -27.00
CA ASN E 332 29.09 26.04 -28.35
C ASN E 332 30.60 26.22 -28.40
N HIS E 333 31.29 26.20 -27.28
CA HIS E 333 32.73 26.38 -27.28
C HIS E 333 33.42 25.18 -27.94
N GLU E 334 34.64 25.41 -28.40
CA GLU E 334 35.43 24.33 -28.97
C GLU E 334 35.80 23.33 -27.89
N PRO E 335 36.08 22.07 -28.25
CA PRO E 335 36.47 21.09 -27.23
C PRO E 335 37.75 21.50 -26.53
N VAL E 336 37.82 21.19 -25.24
CA VAL E 336 39.00 21.46 -24.42
C VAL E 336 39.49 20.14 -23.85
N ARG E 337 40.78 19.87 -24.01
CA ARG E 337 41.40 18.61 -23.62
C ARG E 337 42.36 18.85 -22.46
N VAL E 338 42.34 17.96 -21.48
CA VAL E 338 43.20 18.05 -20.30
C VAL E 338 43.73 16.67 -19.96
N TRP E 339 44.98 16.60 -19.53
CA TRP E 339 45.65 15.36 -19.17
C TRP E 339 46.10 15.41 -17.72
N ALA E 340 45.90 14.32 -17.00
CA ALA E 340 46.29 14.24 -15.61
C ALA E 340 47.78 13.97 -15.47
N GLN E 341 48.42 14.70 -14.56
CA GLN E 341 49.81 14.46 -14.22
C GLN E 341 49.89 13.29 -13.25
N GLU E 342 51.08 13.07 -12.68
CA GLU E 342 51.28 12.07 -11.64
C GLU E 342 51.56 12.76 -10.32
N SER E 343 50.87 13.88 -10.08
CA SER E 343 51.11 14.70 -8.90
C SER E 343 50.41 14.12 -7.67
N ALA E 344 50.86 12.93 -7.29
CA ALA E 344 50.30 12.30 -6.10
C ALA E 344 50.88 12.97 -4.84
N PRO E 345 50.12 13.00 -3.73
CA PRO E 345 50.65 13.59 -2.50
C PRO E 345 51.57 12.63 -1.78
N GLY E 346 52.84 13.01 -1.64
CA GLY E 346 53.81 12.16 -0.97
C GLY E 346 55.21 12.52 -1.41
N ASP E 347 56.10 11.53 -1.28
CA ASP E 347 57.51 11.72 -1.63
C ASP E 347 58.14 10.37 -2.02
N PRO E 348 58.57 10.18 -3.27
CA PRO E 348 59.27 8.93 -3.61
C PRO E 348 60.67 8.81 -3.05
N HIS E 349 61.26 9.92 -2.58
CA HIS E 349 62.63 9.93 -2.06
C HIS E 349 62.67 10.28 -0.57
N GLY E 350 61.58 9.97 0.15
CA GLY E 350 61.50 10.27 1.57
C GLY E 350 61.49 9.04 2.44
N TRP E 351 60.85 9.14 3.60
CA TRP E 351 60.76 8.01 4.51
C TRP E 351 59.82 6.95 3.93
N PRO E 352 59.90 5.71 4.42
CA PRO E 352 59.10 4.63 3.79
C PRO E 352 57.60 4.90 3.76
N HIS E 353 57.04 5.53 4.80
CA HIS E 353 55.61 5.77 4.81
C HIS E 353 55.20 6.77 3.73
N GLU E 354 56.02 7.81 3.50
CA GLU E 354 55.73 8.74 2.42
C GLU E 354 55.77 8.04 1.06
N ILE E 355 56.76 7.17 0.86
CA ILE E 355 56.86 6.43 -0.40
C ILE E 355 55.64 5.54 -0.59
N ILE E 356 55.23 4.85 0.47
CA ILE E 356 54.08 3.97 0.38
C ILE E 356 52.81 4.76 0.06
N ILE E 357 52.64 5.92 0.69
CA ILE E 357 51.48 6.76 0.40
C ILE E 357 51.49 7.20 -1.05
N HIS E 358 52.66 7.67 -1.53
CA HIS E 358 52.77 8.18 -2.89
C HIS E 358 52.46 7.10 -3.91
N TYR E 359 53.00 5.90 -3.72
CA TYR E 359 52.80 4.82 -4.69
C TYR E 359 51.49 4.06 -4.46
N TYR E 360 50.81 4.29 -3.34
CA TYR E 360 49.47 3.76 -3.13
C TYR E 360 48.41 4.63 -3.79
N HIS E 361 48.58 5.95 -3.73
CA HIS E 361 47.60 6.83 -4.37
C HIS E 361 47.67 6.71 -5.90
N ARG E 362 48.86 6.55 -6.46
CA ARG E 362 48.98 6.38 -7.90
C ARG E 362 48.45 5.03 -8.36
N HIS E 363 48.86 3.95 -7.69
CA HIS E 363 48.50 2.59 -8.10
C HIS E 363 48.23 1.77 -6.84
N PRO E 364 46.99 1.77 -6.34
CA PRO E 364 46.72 1.05 -5.08
C PRO E 364 46.91 -0.45 -5.19
N VAL E 365 46.45 -1.07 -6.29
CA VAL E 365 46.52 -2.52 -6.41
C VAL E 365 47.97 -2.98 -6.47
N TYR E 366 48.78 -2.31 -7.29
CA TYR E 366 50.18 -2.71 -7.44
C TYR E 366 50.95 -2.53 -6.12
N THR E 367 50.72 -1.40 -5.44
CA THR E 367 51.40 -1.17 -4.17
C THR E 367 50.97 -2.19 -3.12
N VAL E 368 49.69 -2.51 -3.07
CA VAL E 368 49.21 -3.52 -2.12
C VAL E 368 49.83 -4.87 -2.42
N ILE E 369 49.93 -5.22 -3.71
CA ILE E 369 50.55 -6.48 -4.09
C ILE E 369 52.01 -6.51 -3.67
N VAL E 370 52.73 -5.41 -3.90
CA VAL E 370 54.14 -5.36 -3.54
C VAL E 370 54.33 -5.48 -2.03
N LEU E 371 53.50 -4.76 -1.26
CA LEU E 371 53.61 -4.82 0.19
C LEU E 371 53.29 -6.21 0.71
N CYS E 372 52.25 -6.84 0.17
CA CYS E 372 51.92 -8.20 0.58
C CYS E 372 53.04 -9.17 0.24
N GLY E 373 53.64 -9.02 -0.94
CA GLY E 373 54.77 -9.87 -1.30
C GLY E 373 55.96 -9.69 -0.38
N VAL E 374 56.25 -8.44 -0.03
CA VAL E 374 57.36 -8.16 0.88
C VAL E 374 57.09 -8.78 2.25
N ALA E 375 55.86 -8.63 2.75
CA ALA E 375 55.51 -9.22 4.03
C ALA E 375 55.62 -10.73 3.99
N LEU E 376 55.15 -11.36 2.91
CA LEU E 376 55.26 -12.80 2.77
C LEU E 376 56.72 -13.23 2.72
N ALA E 377 57.56 -12.49 2.01
CA ALA E 377 58.98 -12.82 1.93
C ALA E 377 59.62 -12.73 3.31
N ILE E 378 59.31 -11.68 4.07
CA ILE E 378 59.88 -11.55 5.41
C ILE E 378 59.41 -12.70 6.29
N LEU E 379 58.12 -13.04 6.22
CA LEU E 379 57.57 -14.11 7.05
C LEU E 379 58.23 -15.45 6.72
N VAL E 380 58.32 -15.77 5.43
CA VAL E 380 58.90 -17.07 5.06
C VAL E 380 60.39 -17.10 5.38
N GLY E 381 61.11 -15.98 5.21
CA GLY E 381 62.51 -15.96 5.58
C GLY E 381 62.72 -16.18 7.06
N THR E 382 61.91 -15.50 7.88
CA THR E 382 62.02 -15.69 9.33
C THR E 382 61.67 -17.12 9.73
N ALA E 383 60.62 -17.69 9.12
CA ALA E 383 60.24 -19.06 9.43
C ALA E 383 61.33 -20.04 9.03
N SER E 384 61.93 -19.84 7.86
CA SER E 384 63.01 -20.72 7.42
C SER E 384 64.22 -20.61 8.34
N SER E 385 64.58 -19.39 8.74
CA SER E 385 65.72 -19.23 9.64
C SER E 385 65.45 -19.91 10.98
N ALA E 386 64.24 -19.74 11.51
CA ALA E 386 63.90 -20.39 12.78
C ALA E 386 63.94 -21.90 12.64
N ALA E 387 63.38 -22.43 11.55
CA ALA E 387 63.39 -23.88 11.35
C ALA E 387 64.80 -24.42 11.22
N CYS E 388 65.65 -23.72 10.47
CA CYS E 388 67.04 -24.17 10.32
C CYS E 388 67.79 -24.11 11.64
N ILE E 389 67.56 -23.05 12.43
CA ILE E 389 68.23 -22.94 13.72
C ILE E 389 67.77 -24.07 14.66
N ALA E 390 66.46 -24.36 14.66
CA ALA E 390 65.95 -25.42 15.52
C ALA E 390 66.46 -26.78 15.10
N LYS E 391 66.54 -27.02 13.78
CA LYS E 391 67.09 -28.27 13.29
C LYS E 391 68.57 -28.40 13.63
N ALA E 392 69.30 -27.30 13.55
CA ALA E 392 70.70 -27.32 13.97
C ALA E 392 70.82 -27.64 15.45
N ARG E 393 69.94 -27.07 16.27
CA ARG E 393 69.93 -27.41 17.69
C ARG E 393 69.67 -28.90 17.90
N ARG E 394 68.67 -29.44 17.21
CA ARG E 394 68.40 -30.88 17.31
C ARG E 394 69.65 -31.67 16.95
N ASP E 395 70.24 -31.37 15.80
CA ASP E 395 71.38 -32.13 15.29
C ASP E 395 72.56 -32.07 16.26
N CYS E 396 72.86 -30.89 16.79
CA CYS E 396 74.06 -30.69 17.59
C CYS E 396 73.82 -30.86 19.09
N LEU E 397 72.59 -31.18 19.50
CA LEU E 397 72.29 -31.33 20.92
C LEU E 397 71.77 -32.72 21.27
N THR E 398 71.03 -33.38 20.37
CA THR E 398 70.46 -34.67 20.70
C THR E 398 71.50 -35.76 20.98
N PRO E 399 72.68 -35.79 20.34
CA PRO E 399 73.68 -36.78 20.80
C PRO E 399 74.13 -36.56 22.22
N TYR E 400 74.22 -35.31 22.67
CA TYR E 400 74.70 -35.00 24.01
C TYR E 400 73.61 -35.17 25.07
N ALA E 401 72.34 -35.16 24.68
CA ALA E 401 71.25 -35.38 25.61
C ALA E 401 71.00 -36.85 25.92
N LEU E 402 71.56 -37.76 25.12
CA LEU E 402 71.44 -39.19 25.33
C LEU E 402 72.66 -39.79 26.02
N ALA E 403 73.57 -38.94 26.52
CA ALA E 403 74.80 -39.38 27.15
C ALA E 403 75.01 -38.61 28.44
N PRO E 404 75.73 -39.19 29.41
CA PRO E 404 75.95 -38.48 30.68
C PRO E 404 77.02 -37.41 30.55
N ASN E 405 76.96 -36.45 31.47
CA ASN E 405 78.00 -35.45 31.65
C ASN E 405 78.30 -34.71 30.34
N ALA E 406 77.28 -34.00 29.86
CA ALA E 406 77.38 -33.27 28.59
C ALA E 406 78.25 -32.04 28.81
N THR E 407 79.57 -32.23 28.67
CA THR E 407 80.53 -31.13 28.79
C THR E 407 80.51 -30.34 27.48
N VAL E 408 79.47 -29.53 27.34
CA VAL E 408 79.17 -28.86 26.07
C VAL E 408 79.84 -27.49 26.06
N PRO E 409 80.66 -27.16 25.06
CA PRO E 409 80.98 -25.75 24.83
C PRO E 409 79.69 -24.95 24.66
N THR E 410 79.53 -23.91 25.47
CA THR E 410 78.24 -23.25 25.59
C THR E 410 77.95 -22.28 24.45
N ALA E 411 78.82 -22.18 23.44
CA ALA E 411 78.56 -21.26 22.33
C ALA E 411 77.30 -21.66 21.57
N LEU E 412 77.12 -22.97 21.32
CA LEU E 412 75.98 -23.41 20.53
C LEU E 412 74.67 -23.14 21.24
N ALA E 413 74.57 -23.56 22.51
CA ALA E 413 73.35 -23.37 23.27
C ALA E 413 73.03 -21.89 23.43
N VAL E 414 74.05 -21.07 23.74
CA VAL E 414 73.84 -19.64 23.89
C VAL E 414 73.36 -19.03 22.58
N LEU E 415 73.95 -19.47 21.47
CA LEU E 415 73.57 -18.92 20.17
C LEU E 415 72.11 -19.23 19.83
N CYS E 416 71.72 -20.50 19.92
CA CYS E 416 70.44 -20.94 19.37
C CYS E 416 69.36 -21.11 20.45
N CYS E 417 69.61 -20.67 21.68
CA CYS E 417 68.57 -20.69 22.71
C CYS E 417 67.54 -19.59 22.55
N ILE E 418 67.88 -18.50 21.85
CA ILE E 418 67.05 -17.32 21.79
C ILE E 418 66.35 -17.24 20.43
N GLU F 107 68.17 -56.76 34.20
CA GLU F 107 67.56 -56.76 32.89
C GLU F 107 66.08 -57.08 32.96
N SER F 108 65.71 -58.10 33.76
CA SER F 108 64.30 -58.46 33.88
C SER F 108 63.50 -57.36 34.59
N ASP F 109 64.08 -56.76 35.63
CA ASP F 109 63.34 -55.84 36.47
C ASP F 109 63.10 -54.49 35.80
N LYS F 110 64.12 -53.93 35.15
CA LYS F 110 64.08 -52.56 34.64
C LYS F 110 64.40 -52.52 33.16
N THR F 111 63.74 -53.39 32.39
CA THR F 111 63.73 -53.30 30.92
C THR F 111 62.30 -53.66 30.51
N PHE F 112 61.52 -52.64 30.16
CA PHE F 112 60.08 -52.79 29.93
C PHE F 112 59.81 -53.06 28.45
N PRO F 113 59.22 -54.19 28.09
CA PRO F 113 58.74 -54.37 26.71
C PRO F 113 57.76 -53.28 26.30
N ILE F 114 57.63 -53.10 24.98
CA ILE F 114 56.54 -52.33 24.38
C ILE F 114 55.53 -53.32 23.79
N MET F 115 54.27 -53.14 24.19
CA MET F 115 53.18 -54.04 23.82
C MET F 115 52.39 -53.44 22.67
N LEU F 116 51.88 -54.30 21.79
CA LEU F 116 50.99 -53.84 20.74
C LEU F 116 50.30 -55.05 20.11
N ASN F 117 48.96 -55.01 20.07
CA ASN F 117 48.16 -56.08 19.46
C ASN F 117 48.48 -57.43 20.10
N GLY F 118 48.71 -57.41 21.41
CA GLY F 118 49.04 -58.63 22.12
C GLY F 118 50.40 -59.22 21.81
N GLN F 119 51.30 -58.45 21.21
CA GLN F 119 52.64 -58.90 20.86
C GLN F 119 53.67 -57.90 21.35
N VAL F 120 54.80 -58.40 21.84
CA VAL F 120 55.91 -57.55 22.25
C VAL F 120 56.71 -57.18 21.02
N ASN F 121 56.96 -55.88 20.82
CA ASN F 121 57.71 -55.40 19.66
C ASN F 121 59.12 -54.95 19.98
N GLY F 122 59.44 -54.69 21.23
CA GLY F 122 60.76 -54.22 21.57
C GLY F 122 60.98 -54.23 23.07
N TYR F 123 61.96 -53.44 23.50
CA TYR F 123 62.33 -53.36 24.91
C TYR F 123 62.83 -51.94 25.21
N ALA F 124 61.94 -51.09 25.69
CA ALA F 124 62.32 -49.75 26.12
C ALA F 124 63.10 -49.83 27.42
N CYS F 125 64.11 -48.98 27.56
CA CYS F 125 65.06 -49.06 28.67
C CYS F 125 65.18 -47.70 29.36
N VAL F 126 65.24 -47.74 30.69
CA VAL F 126 65.40 -46.54 31.51
C VAL F 126 66.85 -46.50 31.97
N VAL F 127 67.60 -45.50 31.49
CA VAL F 127 69.02 -45.36 31.77
C VAL F 127 69.29 -43.94 32.22
N GLY F 128 70.09 -43.79 33.29
CA GLY F 128 70.52 -42.48 33.73
C GLY F 128 69.41 -41.52 34.05
N GLY F 129 68.25 -42.02 34.48
CA GLY F 129 67.12 -41.16 34.78
C GLY F 129 66.29 -40.74 33.59
N ARG F 130 66.48 -41.37 32.43
CA ARG F 130 65.68 -41.07 31.25
C ARG F 130 65.30 -42.36 30.55
N LEU F 131 64.04 -42.43 30.11
CA LEU F 131 63.54 -43.55 29.34
C LEU F 131 63.92 -43.37 27.87
N MET F 132 64.25 -44.47 27.20
CA MET F 132 64.60 -44.49 25.79
C MET F 132 63.86 -45.63 25.11
N LYS F 133 63.40 -45.38 23.87
CA LYS F 133 62.57 -46.33 23.13
C LYS F 133 62.89 -46.17 21.65
N PRO F 134 63.26 -47.25 20.93
CA PRO F 134 63.68 -47.08 19.53
C PRO F 134 62.54 -46.61 18.63
N LEU F 135 62.84 -45.63 17.78
CA LEU F 135 61.81 -45.02 16.94
C LEU F 135 61.23 -46.01 15.94
N HIS F 136 62.06 -46.91 15.40
CA HIS F 136 61.60 -47.78 14.33
C HIS F 136 60.46 -48.70 14.79
N VAL F 137 60.41 -49.02 16.07
CA VAL F 137 59.35 -49.88 16.60
C VAL F 137 58.19 -49.03 17.07
N GLU F 138 56.99 -49.61 17.01
CA GLU F 138 55.75 -48.92 17.37
C GLU F 138 54.96 -49.77 18.34
N GLY F 139 54.28 -49.11 19.28
CA GLY F 139 53.46 -49.81 20.24
C GLY F 139 53.17 -48.94 21.45
N LYS F 140 52.71 -49.60 22.51
CA LYS F 140 52.40 -48.95 23.77
C LYS F 140 53.21 -49.58 24.89
N ILE F 141 53.51 -48.76 25.90
CA ILE F 141 54.34 -49.19 27.03
C ILE F 141 53.44 -49.74 28.11
N ASP F 142 53.80 -50.91 28.65
CA ASP F 142 52.98 -51.56 29.67
C ASP F 142 52.84 -50.69 30.92
N ASN F 143 53.93 -50.08 31.36
CA ASN F 143 53.89 -49.26 32.57
C ASN F 143 52.96 -48.08 32.38
N GLU F 144 52.12 -47.82 33.38
CA GLU F 144 51.22 -46.67 33.32
C GLU F 144 51.98 -45.35 33.46
N GLN F 145 53.00 -45.34 34.31
CA GLN F 145 53.78 -44.11 34.50
C GLN F 145 54.50 -43.70 33.23
N LEU F 146 55.10 -44.68 32.53
CA LEU F 146 55.83 -44.35 31.31
C LEU F 146 54.91 -43.90 30.18
N ALA F 147 53.62 -44.25 30.23
CA ALA F 147 52.70 -43.82 29.20
C ALA F 147 52.37 -42.33 29.26
N ALA F 148 52.73 -41.65 30.36
CA ALA F 148 52.43 -40.24 30.54
C ALA F 148 53.64 -39.34 30.30
N VAL F 149 54.72 -39.87 29.73
CA VAL F 149 55.94 -39.11 29.49
C VAL F 149 55.95 -38.60 28.05
N LYS F 150 56.47 -37.40 27.86
CA LYS F 150 56.59 -36.81 26.53
C LYS F 150 57.91 -37.25 25.91
N LEU F 151 57.82 -37.87 24.73
CA LEU F 151 58.97 -38.48 24.07
C LEU F 151 59.49 -37.56 22.98
N LYS F 152 60.66 -36.97 23.21
CA LYS F 152 61.36 -36.21 22.19
C LYS F 152 62.10 -37.16 21.26
N LYS F 153 61.93 -36.97 19.96
CA LYS F 153 62.36 -37.95 18.96
C LYS F 153 63.66 -37.50 18.31
N ALA F 154 64.71 -38.32 18.46
CA ALA F 154 65.93 -38.22 17.68
C ALA F 154 65.84 -39.30 16.61
N SER F 155 65.36 -38.90 15.42
CA SER F 155 65.17 -39.86 14.34
C SER F 155 66.49 -40.26 13.70
N MET F 156 67.47 -39.36 13.68
CA MET F 156 68.78 -39.68 13.09
C MET F 156 69.46 -40.84 13.82
N TYR F 157 69.20 -41.02 15.11
CA TYR F 157 69.68 -42.20 15.85
C TYR F 157 68.59 -43.25 16.04
N ASP F 158 67.41 -43.06 15.47
CA ASP F 158 66.34 -44.05 15.53
C ASP F 158 65.92 -44.31 16.98
N LEU F 159 65.61 -43.23 17.69
CA LEU F 159 65.31 -43.33 19.11
C LEU F 159 64.44 -42.16 19.52
N GLU F 160 63.69 -42.34 20.61
CA GLU F 160 63.08 -41.22 21.32
C GLU F 160 63.38 -41.38 22.80
N TYR F 161 63.45 -40.25 23.49
CA TYR F 161 63.82 -40.22 24.90
C TYR F 161 62.88 -39.32 25.68
N GLY F 162 62.74 -39.62 26.97
CA GLY F 162 61.91 -38.82 27.86
C GLY F 162 62.45 -38.89 29.27
N ASP F 163 61.94 -37.99 30.12
CA ASP F 163 62.37 -37.91 31.51
C ASP F 163 61.48 -38.79 32.37
N VAL F 164 62.10 -39.69 33.14
CA VAL F 164 61.36 -40.57 34.04
C VAL F 164 60.84 -39.75 35.21
N PRO F 165 59.80 -40.19 35.91
CA PRO F 165 59.29 -39.40 37.05
C PRO F 165 60.20 -39.48 38.26
N GLN F 166 59.85 -38.76 39.32
CA GLN F 166 60.73 -38.65 40.48
C GLN F 166 60.91 -40.00 41.18
N ASN F 167 59.83 -40.78 41.29
CA ASN F 167 59.90 -42.02 42.05
C ASN F 167 60.89 -43.01 41.43
N MET F 168 60.91 -43.11 40.10
CA MET F 168 61.71 -44.13 39.42
C MET F 168 63.11 -43.67 39.03
N LYS F 169 63.51 -42.44 39.38
CA LYS F 169 64.85 -42.00 38.98
C LYS F 169 65.93 -42.81 39.69
N SER F 170 65.70 -43.19 40.95
CA SER F 170 66.73 -43.87 41.73
C SER F 170 66.97 -45.30 41.27
N ASP F 171 65.98 -45.93 40.63
CA ASP F 171 66.08 -47.31 40.16
C ASP F 171 66.24 -47.29 38.64
N THR F 172 67.49 -47.21 38.20
CA THR F 172 67.81 -47.18 36.78
C THR F 172 69.16 -47.84 36.55
N LEU F 173 69.39 -48.32 35.34
CA LEU F 173 70.69 -48.85 34.98
C LEU F 173 71.68 -47.71 34.73
N GLN F 174 72.97 -48.05 34.74
CA GLN F 174 74.03 -47.06 34.76
C GLN F 174 74.70 -46.94 33.38
N TYR F 175 74.76 -45.71 32.91
CA TYR F 175 75.51 -45.36 31.70
C TYR F 175 76.97 -45.78 31.82
N THR F 176 77.68 -45.77 30.69
CA THR F 176 79.09 -46.13 30.66
C THR F 176 79.76 -45.49 29.45
N SER F 177 81.10 -45.45 29.51
CA SER F 177 81.94 -45.00 28.40
C SER F 177 83.05 -45.97 28.07
N ASP F 178 83.63 -46.63 29.07
CA ASP F 178 84.76 -47.54 28.85
C ASP F 178 84.26 -48.90 28.40
N LYS F 179 84.76 -49.37 27.26
CA LYS F 179 84.33 -50.63 26.65
C LYS F 179 85.56 -51.43 26.21
N PRO F 180 86.24 -52.10 27.12
CA PRO F 180 87.32 -53.01 26.71
C PRO F 180 86.76 -54.14 25.86
N PRO F 181 87.48 -54.57 24.82
CA PRO F 181 86.95 -55.68 24.00
C PRO F 181 86.87 -56.97 24.79
N GLY F 182 85.85 -57.77 24.48
CA GLY F 182 85.68 -59.03 25.18
C GLY F 182 84.21 -59.44 25.19
N PHE F 183 83.89 -60.34 26.12
CA PHE F 183 82.53 -60.85 26.25
C PHE F 183 81.72 -59.96 27.17
N TYR F 184 80.47 -59.69 26.76
CA TYR F 184 79.56 -58.87 27.53
C TYR F 184 78.22 -59.59 27.67
N ASN F 185 77.51 -59.28 28.75
CA ASN F 185 76.27 -59.97 29.07
C ASN F 185 75.15 -59.55 28.13
N TRP F 186 74.17 -60.44 27.97
CA TRP F 186 72.98 -60.16 27.18
C TRP F 186 71.94 -61.20 27.57
N HIS F 187 70.66 -60.83 27.45
CA HIS F 187 69.59 -61.73 27.86
C HIS F 187 69.63 -63.05 27.10
N HIS F 188 70.09 -63.04 25.85
CA HIS F 188 70.21 -64.24 25.04
C HIS F 188 71.57 -64.91 25.15
N GLY F 189 72.46 -64.39 25.99
CA GLY F 189 73.75 -65.01 26.22
C GLY F 189 74.91 -64.04 26.36
N ALA F 190 75.94 -64.22 25.54
CA ALA F 190 77.14 -63.40 25.55
C ALA F 190 77.35 -62.80 24.18
N VAL F 191 77.88 -61.57 24.15
CA VAL F 191 78.13 -60.83 22.92
C VAL F 191 79.60 -60.47 22.89
N GLN F 192 80.24 -60.69 21.74
CA GLN F 192 81.68 -60.48 21.58
C GLN F 192 81.91 -59.10 20.98
N TYR F 193 82.74 -58.30 21.66
CA TYR F 193 83.08 -56.95 21.22
C TYR F 193 84.56 -56.96 20.82
N GLU F 194 84.82 -56.60 19.56
CA GLU F 194 86.19 -56.59 19.05
C GLU F 194 86.26 -55.66 17.84
N ASN F 195 87.40 -54.99 17.71
CA ASN F 195 87.67 -54.09 16.58
C ASN F 195 86.57 -53.04 16.44
N GLY F 196 86.08 -52.57 17.59
CA GLY F 196 85.01 -51.58 17.58
C GLY F 196 83.73 -52.09 16.96
N ARG F 197 83.40 -53.38 17.15
CA ARG F 197 82.22 -53.97 16.56
C ARG F 197 81.65 -55.04 17.48
N PHE F 198 80.32 -55.13 17.48
CA PHE F 198 79.57 -56.06 18.31
C PHE F 198 79.06 -57.21 17.45
N THR F 199 79.28 -58.44 17.91
CA THR F 199 78.82 -59.62 17.18
C THR F 199 78.25 -60.65 18.16
N VAL F 200 77.36 -61.49 17.62
CA VAL F 200 76.67 -62.51 18.38
C VAL F 200 76.70 -63.80 17.55
N PRO F 201 76.52 -64.96 18.20
CA PRO F 201 76.46 -66.21 17.43
C PRO F 201 75.30 -66.19 16.45
N ARG F 202 75.51 -66.77 15.28
CA ARG F 202 74.54 -66.70 14.21
C ARG F 202 73.23 -67.38 14.61
N GLY F 203 72.12 -66.69 14.37
CA GLY F 203 70.79 -67.21 14.64
C GLY F 203 70.17 -66.75 15.94
N VAL F 204 70.98 -66.26 16.87
CA VAL F 204 70.45 -65.80 18.16
C VAL F 204 69.85 -64.41 17.99
N GLY F 205 68.75 -64.18 18.70
CA GLY F 205 68.04 -62.91 18.59
C GLY F 205 67.17 -62.87 17.36
N GLY F 206 66.45 -61.75 17.22
CA GLY F 206 65.57 -61.58 16.09
C GLY F 206 64.60 -60.44 16.31
N LYS F 207 63.51 -60.47 15.55
CA LYS F 207 62.50 -59.43 15.64
C LYS F 207 61.83 -59.44 17.02
N GLY F 208 61.44 -58.26 17.47
CA GLY F 208 60.88 -58.09 18.79
C GLY F 208 61.90 -57.88 19.89
N ASP F 209 63.19 -57.96 19.58
CA ASP F 209 64.26 -57.81 20.56
C ASP F 209 64.94 -56.45 20.50
N SER F 210 64.44 -55.52 19.68
CA SER F 210 65.04 -54.21 19.59
C SER F 210 64.89 -53.46 20.90
N GLY F 211 65.91 -52.65 21.24
CA GLY F 211 65.92 -51.90 22.47
C GLY F 211 66.53 -52.63 23.65
N ARG F 212 66.91 -53.90 23.48
CA ARG F 212 67.47 -54.66 24.59
C ARG F 212 68.85 -54.10 24.96
N PRO F 213 69.12 -53.78 26.22
CA PRO F 213 70.43 -53.19 26.55
C PRO F 213 71.48 -54.27 26.80
N ILE F 214 72.64 -54.11 26.16
CA ILE F 214 73.78 -54.97 26.46
C ILE F 214 74.33 -54.56 27.82
N LEU F 215 74.60 -55.54 28.66
CA LEU F 215 74.99 -55.32 30.04
C LEU F 215 76.47 -55.64 30.25
N ASP F 216 77.09 -54.90 31.16
CA ASP F 216 78.49 -55.09 31.53
C ASP F 216 78.57 -56.02 32.74
N ASN F 217 79.80 -56.33 33.14
CA ASN F 217 80.00 -57.22 34.29
C ASN F 217 79.44 -56.61 35.57
N ARG F 218 79.62 -55.31 35.75
CA ARG F 218 79.18 -54.62 36.97
C ARG F 218 77.73 -54.16 36.90
N GLY F 219 76.89 -54.78 36.06
CA GLY F 219 75.52 -54.34 35.95
C GLY F 219 75.36 -52.98 35.32
N ARG F 220 76.14 -52.67 34.29
CA ARG F 220 76.13 -51.38 33.62
C ARG F 220 75.87 -51.57 32.13
N VAL F 221 75.10 -50.64 31.55
CA VAL F 221 74.69 -50.73 30.16
C VAL F 221 75.80 -50.21 29.27
N VAL F 222 76.07 -50.92 28.18
CA VAL F 222 77.10 -50.54 27.21
C VAL F 222 76.48 -50.05 25.91
N ALA F 223 75.52 -50.80 25.37
CA ALA F 223 74.89 -50.46 24.10
C ALA F 223 73.46 -50.98 24.10
N ILE F 224 72.66 -50.42 23.20
CA ILE F 224 71.26 -50.77 23.04
C ILE F 224 71.10 -51.41 21.66
N VAL F 225 70.45 -52.57 21.62
CA VAL F 225 70.32 -53.34 20.38
C VAL F 225 69.24 -52.69 19.52
N LEU F 226 69.59 -52.36 18.28
CA LEU F 226 68.64 -51.86 17.29
C LEU F 226 68.34 -52.89 16.21
N GLY F 227 69.36 -53.61 15.75
CA GLY F 227 69.13 -54.62 14.73
C GLY F 227 70.31 -55.57 14.62
N GLY F 228 70.18 -56.52 13.69
CA GLY F 228 71.23 -57.48 13.44
C GLY F 228 71.35 -57.88 12.00
N ALA F 229 72.58 -57.94 11.48
CA ALA F 229 72.87 -58.32 10.11
C ALA F 229 73.58 -59.66 10.10
N ASN F 230 73.06 -60.60 9.32
CA ASN F 230 73.62 -61.95 9.25
C ASN F 230 74.70 -61.98 8.18
N GLU F 231 75.94 -62.24 8.60
CA GLU F 231 77.08 -62.34 7.69
C GLU F 231 77.57 -63.78 7.53
N GLY F 232 76.71 -64.76 7.78
CA GLY F 232 77.04 -66.15 7.57
C GLY F 232 77.61 -66.84 8.81
N THR F 233 78.78 -66.42 9.26
CA THR F 233 79.41 -67.07 10.41
C THR F 233 78.83 -66.56 11.72
N ARG F 234 78.67 -65.24 11.84
CA ARG F 234 78.15 -64.64 13.06
C ARG F 234 77.05 -63.66 12.66
N THR F 235 76.56 -62.85 13.60
CA THR F 235 75.60 -61.79 13.31
C THR F 235 76.13 -60.50 13.93
N ALA F 236 76.34 -59.49 13.09
CA ALA F 236 76.84 -58.20 13.54
C ALA F 236 75.68 -57.35 14.02
N LEU F 237 75.80 -56.80 15.24
CA LEU F 237 74.71 -56.07 15.87
C LEU F 237 74.81 -54.58 15.55
N SER F 238 73.77 -54.05 14.92
CA SER F 238 73.63 -52.61 14.72
C SER F 238 73.07 -52.02 16.01
N VAL F 239 73.86 -51.17 16.66
CA VAL F 239 73.60 -50.70 18.01
C VAL F 239 73.91 -49.21 18.09
N VAL F 240 73.67 -48.63 19.27
CA VAL F 240 74.12 -47.29 19.61
C VAL F 240 75.04 -47.42 20.82
N THR F 241 76.26 -46.90 20.68
CA THR F 241 77.29 -46.99 21.71
C THR F 241 77.65 -45.60 22.19
N TRP F 242 78.35 -45.55 23.32
CA TRP F 242 78.79 -44.29 23.91
C TRP F 242 80.21 -43.96 23.42
N ASN F 243 80.68 -42.76 23.76
CA ASN F 243 82.00 -42.30 23.38
C ASN F 243 82.63 -41.61 24.58
N GLN F 244 83.96 -41.53 24.57
CA GLN F 244 84.69 -40.97 25.70
C GLN F 244 84.28 -39.52 25.98
N LYS F 245 83.89 -38.79 24.94
CA LYS F 245 83.43 -37.41 25.07
C LYS F 245 81.91 -37.32 25.27
N GLY F 246 81.26 -38.42 25.63
CA GLY F 246 79.82 -38.41 25.85
C GLY F 246 79.03 -38.17 24.57
N VAL F 247 79.42 -38.84 23.49
CA VAL F 247 78.77 -38.75 22.20
C VAL F 247 78.15 -40.11 21.91
N THR F 248 76.85 -40.12 21.60
CA THR F 248 76.12 -41.36 21.32
C THR F 248 76.28 -41.69 19.84
N ILE F 249 77.25 -42.53 19.53
CA ILE F 249 77.52 -42.93 18.16
C ILE F 249 76.60 -44.08 17.77
N LYS F 250 75.87 -43.91 16.68
CA LYS F 250 75.04 -44.96 16.13
C LYS F 250 75.90 -45.80 15.18
N ASP F 251 76.28 -47.00 15.62
CA ASP F 251 77.16 -47.88 14.86
C ASP F 251 76.28 -48.95 14.21
N THR F 252 76.23 -48.93 12.88
CA THR F 252 75.38 -49.84 12.12
C THR F 252 76.21 -50.48 11.01
N PRO F 253 76.56 -51.77 11.09
CA PRO F 253 77.30 -52.39 9.99
C PRO F 253 76.45 -52.49 8.73
N GLU F 254 77.14 -52.59 7.60
CA GLU F 254 76.45 -52.66 6.32
C GLU F 254 75.54 -53.88 6.26
N GLY F 255 74.35 -53.69 5.69
CA GLY F 255 73.37 -54.74 5.62
C GLY F 255 72.51 -54.90 6.85
N SER F 256 72.57 -53.95 7.79
CA SER F 256 71.78 -54.05 9.01
C SER F 256 70.29 -53.92 8.71
N GLU F 257 69.48 -54.65 9.48
CA GLU F 257 68.04 -54.68 9.33
C GLU F 257 67.43 -54.28 10.67
N PRO F 258 66.60 -53.24 10.73
CA PRO F 258 66.05 -52.82 12.03
C PRO F 258 65.00 -53.81 12.51
N TRP F 259 65.31 -54.52 13.59
CA TRP F 259 64.40 -55.51 14.16
C TRP F 259 63.19 -54.82 14.79
N PHE G 1 -41.36 -36.47 -23.79
CA PHE G 1 -39.98 -36.80 -23.40
C PHE G 1 -39.34 -35.57 -22.78
N GLU G 2 -38.87 -35.74 -21.55
CA GLU G 2 -38.08 -34.73 -20.86
C GLU G 2 -36.61 -35.15 -20.92
N HIS G 3 -35.77 -34.27 -21.48
CA HIS G 3 -34.33 -34.49 -21.58
C HIS G 3 -33.63 -33.38 -20.81
N ALA G 4 -32.72 -33.77 -19.93
CA ALA G 4 -32.02 -32.84 -19.04
C ALA G 4 -30.54 -32.78 -19.43
N THR G 5 -30.02 -31.58 -19.60
CA THR G 5 -28.61 -31.35 -19.89
C THR G 5 -28.10 -30.27 -18.96
N THR G 6 -26.78 -30.07 -18.99
CA THR G 6 -26.09 -29.05 -18.21
C THR G 6 -25.33 -28.17 -19.20
N VAL G 7 -26.00 -27.17 -19.73
CA VAL G 7 -25.43 -26.35 -20.80
C VAL G 7 -24.40 -25.39 -20.18
N PRO G 8 -23.17 -25.30 -20.70
CA PRO G 8 -22.25 -24.29 -20.19
C PRO G 8 -22.76 -22.89 -20.50
N ASN G 9 -22.66 -22.01 -19.51
CA ASN G 9 -23.09 -20.62 -19.68
C ASN G 9 -22.00 -19.82 -20.39
N VAL G 10 -21.94 -20.01 -21.70
CA VAL G 10 -21.02 -19.31 -22.57
C VAL G 10 -21.80 -18.82 -23.79
N PRO G 11 -22.26 -17.57 -23.79
CA PRO G 11 -23.10 -17.11 -24.91
C PRO G 11 -22.37 -17.18 -26.25
N GLY G 12 -23.11 -17.57 -27.28
CA GLY G 12 -22.59 -17.67 -28.62
C GLY G 12 -21.99 -19.01 -28.98
N ILE G 13 -21.85 -19.92 -28.02
CA ILE G 13 -21.24 -21.23 -28.27
C ILE G 13 -22.36 -22.27 -28.30
N PRO G 14 -22.68 -22.85 -29.46
CA PRO G 14 -23.74 -23.86 -29.48
C PRO G 14 -23.36 -25.10 -28.69
N TYR G 15 -24.37 -25.72 -28.07
CA TYR G 15 -24.23 -26.98 -27.37
C TYR G 15 -25.07 -28.02 -28.09
N LYS G 16 -24.44 -29.10 -28.52
CA LYS G 16 -25.06 -30.15 -29.31
C LYS G 16 -25.32 -31.37 -28.43
N ALA G 17 -26.53 -31.92 -28.53
CA ALA G 17 -26.90 -33.13 -27.81
C ALA G 17 -27.79 -33.98 -28.70
N LEU G 18 -27.94 -35.25 -28.32
CA LEU G 18 -28.76 -36.20 -29.06
C LEU G 18 -29.76 -36.83 -28.10
N VAL G 19 -31.04 -36.52 -28.29
CA VAL G 19 -32.10 -37.19 -27.53
C VAL G 19 -32.25 -38.59 -28.12
N GLU G 20 -31.99 -39.60 -27.31
CA GLU G 20 -31.97 -41.00 -27.73
C GLU G 20 -33.14 -41.71 -27.04
N ARG G 21 -34.30 -41.68 -27.67
CA ARG G 21 -35.46 -42.34 -27.11
C ARG G 21 -35.33 -43.85 -27.28
N ALA G 22 -36.00 -44.59 -26.40
CA ALA G 22 -35.82 -46.04 -26.34
C ALA G 22 -36.27 -46.72 -27.64
N GLY G 23 -37.49 -46.43 -28.08
CA GLY G 23 -38.06 -47.07 -29.24
C GLY G 23 -38.21 -46.22 -30.48
N TYR G 24 -37.60 -45.03 -30.51
CA TYR G 24 -37.73 -44.10 -31.62
C TYR G 24 -36.33 -43.71 -32.10
N ALA G 25 -36.28 -43.15 -33.30
CA ALA G 25 -35.00 -42.73 -33.88
C ALA G 25 -34.39 -41.63 -33.02
N PRO G 26 -33.07 -41.57 -32.89
CA PRO G 26 -32.47 -40.45 -32.14
C PRO G 26 -32.65 -39.15 -32.90
N LEU G 27 -32.80 -38.06 -32.16
CA LEU G 27 -33.05 -36.75 -32.73
C LEU G 27 -32.04 -35.75 -32.19
N ASN G 28 -31.60 -34.85 -33.07
CA ASN G 28 -30.58 -33.87 -32.73
C ASN G 28 -31.20 -32.68 -32.01
N LEU G 29 -30.45 -32.10 -31.08
CA LEU G 29 -30.86 -30.91 -30.34
C LEU G 29 -29.67 -29.99 -30.25
N GLU G 30 -29.88 -28.70 -30.50
CA GLU G 30 -28.83 -27.71 -30.35
C GLU G 30 -29.37 -26.53 -29.57
N ILE G 31 -28.65 -26.15 -28.52
CA ILE G 31 -29.03 -25.09 -27.60
C ILE G 31 -27.98 -23.99 -27.69
N THR G 32 -28.41 -22.77 -28.01
CA THR G 32 -27.53 -21.61 -28.07
C THR G 32 -28.03 -20.56 -27.10
N VAL G 33 -27.13 -20.09 -26.24
CA VAL G 33 -27.45 -19.03 -25.28
C VAL G 33 -27.21 -17.71 -26.02
N VAL G 34 -28.26 -17.21 -26.67
CA VAL G 34 -28.13 -16.01 -27.49
C VAL G 34 -27.76 -14.81 -26.63
N SER G 35 -28.40 -14.67 -25.47
CA SER G 35 -28.15 -13.54 -24.59
C SER G 35 -28.38 -13.95 -23.15
N SER G 36 -27.78 -13.20 -22.24
CA SER G 36 -27.96 -13.37 -20.81
C SER G 36 -27.91 -12.00 -20.16
N GLU G 37 -28.75 -11.81 -19.13
CA GLU G 37 -28.88 -10.52 -18.46
C GLU G 37 -28.95 -10.76 -16.95
N LEU G 38 -27.81 -10.62 -16.28
CA LEU G 38 -27.78 -10.64 -14.82
C LEU G 38 -28.11 -9.23 -14.31
N THR G 39 -29.33 -9.07 -13.80
CA THR G 39 -29.83 -7.78 -13.36
C THR G 39 -30.08 -7.81 -11.85
N PRO G 40 -29.49 -6.90 -11.05
CA PRO G 40 -29.80 -6.89 -9.62
C PRO G 40 -31.01 -6.04 -9.30
N SER G 41 -31.39 -6.00 -8.02
CA SER G 41 -32.49 -5.17 -7.54
C SER G 41 -31.89 -3.94 -6.86
N THR G 42 -32.30 -2.76 -7.32
CA THR G 42 -31.69 -1.50 -6.90
C THR G 42 -32.72 -0.62 -6.22
N ASN G 43 -32.26 0.14 -5.22
CA ASN G 43 -33.07 1.16 -4.55
C ASN G 43 -32.23 2.43 -4.49
N LYS G 44 -32.84 3.56 -4.84
CA LYS G 44 -32.11 4.82 -4.91
C LYS G 44 -31.95 5.39 -3.50
N GLU G 45 -30.74 5.26 -2.95
CA GLU G 45 -30.46 5.90 -1.66
C GLU G 45 -30.55 7.41 -1.77
N TYR G 46 -29.90 7.99 -2.78
CA TYR G 46 -29.91 9.43 -2.97
C TYR G 46 -29.18 9.75 -4.27
N VAL G 47 -29.18 11.04 -4.61
CA VAL G 47 -28.45 11.56 -5.75
C VAL G 47 -27.62 12.76 -5.27
N THR G 48 -26.39 12.85 -5.77
CA THR G 48 -25.46 13.90 -5.36
C THR G 48 -24.83 14.51 -6.59
N CYS G 49 -24.39 15.75 -6.45
CA CYS G 49 -23.78 16.48 -7.56
C CYS G 49 -23.00 17.66 -7.00
N ARG G 50 -22.43 18.46 -7.90
CA ARG G 50 -21.75 19.68 -7.50
C ARG G 50 -22.74 20.65 -6.88
N PHE G 51 -22.51 20.99 -5.61
CA PHE G 51 -23.41 21.90 -4.92
C PHE G 51 -23.06 23.35 -5.29
N HIS G 52 -24.11 24.17 -5.39
CA HIS G 52 -23.99 25.61 -5.56
C HIS G 52 -24.20 26.23 -4.19
N THR G 53 -23.17 26.90 -3.66
CA THR G 53 -23.23 27.52 -2.35
C THR G 53 -23.84 28.90 -2.51
N VAL G 54 -25.15 29.00 -2.37
CA VAL G 54 -25.86 30.26 -2.51
C VAL G 54 -25.79 31.01 -1.19
N ILE G 55 -25.42 32.28 -1.28
CA ILE G 55 -25.32 33.18 -0.13
C ILE G 55 -26.43 34.21 -0.28
N PRO G 56 -27.50 34.17 0.53
CA PRO G 56 -28.51 35.22 0.45
C PRO G 56 -27.94 36.60 0.72
N SER G 57 -28.66 37.61 0.27
CA SER G 57 -28.21 38.98 0.48
C SER G 57 -28.13 39.28 1.97
N PRO G 58 -27.02 39.84 2.47
CA PRO G 58 -26.96 40.16 3.90
C PRO G 58 -27.96 41.24 4.27
N GLN G 59 -28.44 41.18 5.50
CA GLN G 59 -29.31 42.19 6.07
C GLN G 59 -28.62 42.84 7.27
N VAL G 60 -28.75 44.17 7.35
CA VAL G 60 -28.15 44.95 8.42
C VAL G 60 -29.25 45.70 9.14
N LYS G 61 -29.30 45.55 10.47
CA LYS G 61 -30.13 46.38 11.31
C LYS G 61 -29.30 47.60 11.67
N CYS G 62 -29.89 48.79 11.54
CA CYS G 62 -29.11 50.03 11.45
C CYS G 62 -28.17 50.21 12.64
N CYS G 63 -28.70 50.37 13.85
CA CYS G 63 -27.89 50.05 15.03
C CYS G 63 -28.77 49.43 16.10
N GLY G 64 -29.64 48.50 15.69
CA GLY G 64 -30.39 47.69 16.62
C GLY G 64 -29.64 46.40 16.95
N SER G 65 -30.31 45.26 16.80
CA SER G 65 -29.64 43.97 16.98
C SER G 65 -30.50 42.89 16.36
N LEU G 66 -29.91 42.07 15.50
CA LEU G 66 -30.61 40.97 14.84
C LEU G 66 -30.42 39.69 15.65
N GLU G 67 -31.05 38.60 15.18
CA GLU G 67 -30.92 37.30 15.81
C GLU G 67 -31.02 36.24 14.72
N CYS G 68 -30.23 35.17 14.87
CA CYS G 68 -30.17 34.11 13.88
C CYS G 68 -31.27 33.09 14.16
N LYS G 69 -32.21 32.98 13.22
CA LYS G 69 -33.30 32.02 13.33
C LYS G 69 -32.94 30.72 12.62
N ALA G 70 -33.44 29.61 13.15
CA ALA G 70 -33.16 28.30 12.58
C ALA G 70 -34.03 28.07 11.36
N SER G 71 -33.43 27.51 10.31
CA SER G 71 -34.09 27.18 9.06
C SER G 71 -33.85 25.70 8.74
N SER G 72 -34.33 25.28 7.56
CA SER G 72 -34.21 23.89 7.11
C SER G 72 -33.45 23.75 5.81
N LYS G 73 -32.75 24.80 5.37
CA LYS G 73 -31.98 24.70 4.13
C LYS G 73 -30.77 23.78 4.33
N ALA G 74 -30.28 23.24 3.22
CA ALA G 74 -29.18 22.29 3.28
C ALA G 74 -27.93 22.95 3.81
N ASP G 75 -27.43 22.44 4.94
CA ASP G 75 -26.26 23.01 5.62
C ASP G 75 -26.45 24.50 5.86
N TYR G 76 -27.63 24.87 6.33
CA TYR G 76 -27.90 26.27 6.64
C TYR G 76 -26.94 26.77 7.71
N THR G 77 -26.35 27.94 7.45
CA THR G 77 -25.42 28.55 8.38
C THR G 77 -25.73 30.04 8.51
N CYS G 78 -25.78 30.51 9.75
CA CYS G 78 -26.12 31.89 10.05
C CYS G 78 -25.19 32.40 11.16
N ARG G 79 -24.79 33.66 11.05
CA ARG G 79 -23.93 34.28 12.03
C ARG G 79 -24.32 35.74 12.20
N VAL G 80 -23.97 36.30 13.36
CA VAL G 80 -24.25 37.69 13.71
C VAL G 80 -22.93 38.38 14.02
N PHE G 81 -22.73 39.56 13.43
CA PHE G 81 -21.53 40.35 13.64
C PHE G 81 -21.93 41.73 14.14
N GLY G 82 -21.03 42.36 14.90
CA GLY G 82 -21.29 43.66 15.51
C GLY G 82 -21.13 44.81 14.53
N GLY G 83 -20.53 45.89 15.01
CA GLY G 83 -20.34 47.08 14.22
C GLY G 83 -19.58 46.84 12.93
N VAL G 84 -20.19 47.20 11.79
CA VAL G 84 -19.62 46.98 10.47
C VAL G 84 -19.58 48.28 9.66
N TYR G 85 -20.68 49.03 9.67
CA TYR G 85 -20.75 50.31 8.96
C TYR G 85 -20.48 50.12 7.47
N PRO G 86 -21.38 49.43 6.75
CA PRO G 86 -21.10 49.09 5.35
C PRO G 86 -21.19 50.29 4.41
N PHE G 87 -20.49 50.14 3.28
CA PHE G 87 -20.42 51.13 2.21
C PHE G 87 -20.94 50.50 0.92
N MET G 88 -21.75 51.23 0.15
CA MET G 88 -22.12 50.79 -1.20
C MET G 88 -21.61 51.73 -2.29
N TRP G 89 -22.18 52.93 -2.40
CA TRP G 89 -21.75 53.91 -3.38
C TRP G 89 -21.75 55.34 -2.86
N GLY G 90 -22.58 55.66 -1.85
CA GLY G 90 -22.47 56.88 -1.08
C GLY G 90 -21.72 56.69 0.22
N GLY G 91 -21.44 55.44 0.58
CA GLY G 91 -20.55 55.14 1.68
C GLY G 91 -21.16 55.22 3.06
N ALA G 92 -22.48 55.35 3.17
CA ALA G 92 -23.14 55.40 4.48
C ALA G 92 -24.52 54.75 4.34
N GLN G 93 -24.59 53.46 4.67
CA GLN G 93 -25.82 52.70 4.62
C GLN G 93 -26.53 52.63 5.97
N CYS G 94 -25.92 53.15 7.03
CA CYS G 94 -26.45 52.97 8.38
C CYS G 94 -26.06 54.14 9.25
N PHE G 95 -27.03 54.63 10.02
CA PHE G 95 -26.80 55.67 11.01
C PHE G 95 -26.31 55.03 12.30
N CYS G 96 -25.79 55.87 13.21
CA CYS G 96 -25.38 55.43 14.54
C CYS G 96 -24.36 54.29 14.41
N ASP G 97 -23.19 54.70 13.91
CA ASP G 97 -22.25 53.77 13.27
C ASP G 97 -21.90 52.58 14.16
N SER G 98 -21.86 52.79 15.47
CA SER G 98 -21.51 51.70 16.38
C SER G 98 -22.72 50.81 16.64
N GLU G 99 -22.46 49.62 17.16
CA GLU G 99 -23.47 48.59 17.42
C GLU G 99 -24.41 48.43 16.21
N ASN G 100 -23.82 47.98 15.12
CA ASN G 100 -24.39 48.06 13.78
C ASN G 100 -24.65 46.67 13.22
N THR G 101 -25.33 45.84 14.02
CA THR G 101 -25.38 44.40 13.81
C THR G 101 -25.71 44.02 12.38
N GLN G 102 -24.95 43.06 11.84
CA GLN G 102 -25.15 42.51 10.51
C GLN G 102 -25.36 41.01 10.64
N LEU G 103 -26.22 40.46 9.78
CA LEU G 103 -26.48 39.03 9.71
C LEU G 103 -25.87 38.45 8.45
N SER G 104 -25.11 37.37 8.60
CA SER G 104 -24.52 36.65 7.49
C SER G 104 -25.21 35.30 7.36
N GLU G 105 -25.69 35.00 6.15
CA GLU G 105 -26.49 33.81 5.88
C GLU G 105 -25.91 33.09 4.68
N ALA G 106 -25.90 31.75 4.74
CA ALA G 106 -25.40 30.96 3.62
C ALA G 106 -25.99 29.57 3.67
N TYR G 107 -26.21 28.99 2.49
CA TYR G 107 -26.61 27.58 2.41
C TYR G 107 -26.27 27.09 1.00
N VAL G 108 -26.49 25.79 0.79
CA VAL G 108 -26.13 25.13 -0.46
C VAL G 108 -27.39 24.55 -1.09
N GLU G 109 -27.34 24.40 -2.42
CA GLU G 109 -28.40 23.77 -3.19
C GLU G 109 -27.75 23.05 -4.36
N PHE G 110 -28.57 22.51 -5.26
CA PHE G 110 -28.07 21.84 -6.45
C PHE G 110 -27.79 22.86 -7.55
N ALA G 111 -26.67 22.67 -8.24
CA ALA G 111 -26.32 23.55 -9.34
C ALA G 111 -27.30 23.37 -10.50
N PRO G 112 -27.50 24.40 -11.33
CA PRO G 112 -28.48 24.25 -12.43
C PRO G 112 -28.14 23.15 -13.41
N ASP G 113 -26.86 22.87 -13.63
CA ASP G 113 -26.43 21.85 -14.58
C ASP G 113 -26.41 20.45 -13.99
N CYS G 114 -26.91 20.27 -12.77
CA CYS G 114 -26.90 18.96 -12.13
C CYS G 114 -27.94 18.00 -12.71
N THR G 115 -28.84 18.48 -13.58
CA THR G 115 -29.87 17.62 -14.15
C THR G 115 -29.29 16.51 -15.02
N ILE G 116 -28.06 16.67 -15.52
CA ILE G 116 -27.39 15.65 -16.32
C ILE G 116 -26.17 15.08 -15.61
N ASP G 117 -25.29 15.94 -15.11
CA ASP G 117 -24.08 15.50 -14.40
C ASP G 117 -24.45 15.33 -12.93
N HIS G 118 -24.66 14.09 -12.53
CA HIS G 118 -25.01 13.78 -11.14
C HIS G 118 -24.83 12.28 -10.92
N ALA G 119 -24.39 11.92 -9.72
CA ALA G 119 -24.14 10.53 -9.36
C ALA G 119 -25.26 10.01 -8.47
N VAL G 120 -25.85 8.89 -8.86
CA VAL G 120 -26.90 8.23 -8.11
C VAL G 120 -26.28 7.11 -7.30
N ALA G 121 -26.55 7.10 -6.00
CA ALA G 121 -26.03 6.09 -5.09
C ALA G 121 -27.06 4.99 -4.91
N LEU G 122 -26.66 3.74 -5.16
CA LEU G 122 -27.57 2.61 -5.14
C LEU G 122 -27.03 1.51 -4.23
N LYS G 123 -27.95 0.74 -3.65
CA LYS G 123 -27.65 -0.49 -2.96
C LYS G 123 -28.22 -1.65 -3.75
N VAL G 124 -27.37 -2.61 -4.10
CA VAL G 124 -27.75 -3.75 -4.94
C VAL G 124 -27.90 -4.98 -4.06
N HIS G 125 -28.86 -5.82 -4.40
CA HIS G 125 -29.20 -7.03 -3.66
C HIS G 125 -28.99 -8.24 -4.56
N THR G 126 -29.46 -9.40 -4.10
CA THR G 126 -29.29 -10.65 -4.84
C THR G 126 -29.80 -10.50 -6.26
N ALA G 127 -28.97 -10.91 -7.23
CA ALA G 127 -29.23 -10.69 -8.64
C ALA G 127 -29.73 -11.97 -9.28
N ALA G 128 -30.82 -11.85 -10.05
CA ALA G 128 -31.40 -12.97 -10.78
C ALA G 128 -30.92 -12.94 -12.23
N LEU G 129 -30.69 -14.13 -12.79
CA LEU G 129 -30.17 -14.28 -14.14
C LEU G 129 -31.30 -14.67 -15.09
N LYS G 130 -31.35 -13.99 -16.23
CA LYS G 130 -32.32 -14.28 -17.28
C LYS G 130 -31.53 -14.54 -18.57
N VAL G 131 -31.87 -15.62 -19.26
CA VAL G 131 -31.14 -16.06 -20.45
C VAL G 131 -32.12 -16.24 -21.60
N GLY G 132 -31.70 -15.78 -22.78
CA GLY G 132 -32.42 -16.07 -24.02
C GLY G 132 -31.79 -17.27 -24.71
N LEU G 133 -32.63 -18.24 -25.02
CA LEU G 133 -32.20 -19.51 -25.60
C LEU G 133 -32.82 -19.68 -26.97
N ARG G 134 -31.99 -20.01 -27.97
CA ARG G 134 -32.44 -20.49 -29.26
C ARG G 134 -32.20 -22.01 -29.27
N ILE G 135 -33.28 -22.77 -29.34
CA ILE G 135 -33.23 -24.23 -29.29
C ILE G 135 -33.78 -24.75 -30.61
N VAL G 136 -32.99 -25.56 -31.30
CA VAL G 136 -33.41 -26.17 -32.56
C VAL G 136 -33.31 -27.69 -32.41
N TYR G 137 -34.43 -28.36 -32.66
CA TYR G 137 -34.55 -29.81 -32.53
C TYR G 137 -34.99 -30.36 -33.88
N GLY G 138 -34.25 -31.34 -34.39
CA GLY G 138 -34.56 -31.89 -35.69
C GLY G 138 -34.54 -30.83 -36.76
N ASN G 139 -35.73 -30.45 -37.23
CA ASN G 139 -35.88 -29.43 -38.27
C ASN G 139 -36.47 -28.12 -37.76
N THR G 140 -37.04 -28.11 -36.55
CA THR G 140 -37.79 -26.96 -36.05
C THR G 140 -36.98 -26.21 -35.00
N THR G 141 -36.94 -24.88 -35.14
CA THR G 141 -36.21 -24.00 -34.23
C THR G 141 -37.16 -23.05 -33.51
N ALA G 142 -36.73 -22.59 -32.34
CA ALA G 142 -37.54 -21.71 -31.52
C ALA G 142 -36.63 -20.80 -30.70
N HIS G 143 -37.15 -19.60 -30.41
CA HIS G 143 -36.50 -18.64 -29.54
C HIS G 143 -37.35 -18.46 -28.29
N LEU G 144 -36.69 -18.27 -27.15
CA LEU G 144 -37.41 -18.04 -25.90
C LEU G 144 -36.53 -17.27 -24.94
N ASP G 145 -37.17 -16.70 -23.92
CA ASP G 145 -36.49 -16.03 -22.82
C ASP G 145 -36.97 -16.66 -21.52
N THR G 146 -36.03 -17.07 -20.67
CA THR G 146 -36.35 -17.76 -19.44
C THR G 146 -35.54 -17.19 -18.28
N PHE G 147 -36.07 -17.37 -17.08
CA PHE G 147 -35.38 -16.99 -15.85
C PHE G 147 -34.69 -18.21 -15.27
N VAL G 148 -33.39 -18.07 -14.98
CA VAL G 148 -32.58 -19.18 -14.50
C VAL G 148 -32.78 -19.25 -12.98
N ASN G 149 -33.78 -20.02 -12.56
CA ASN G 149 -34.00 -20.30 -11.14
C ASN G 149 -34.37 -21.75 -10.85
N GLY G 150 -34.69 -22.56 -11.86
CA GLY G 150 -35.17 -23.90 -11.64
C GLY G 150 -36.66 -24.01 -11.41
N VAL G 151 -37.39 -22.90 -11.41
CA VAL G 151 -38.84 -22.88 -11.20
C VAL G 151 -39.55 -22.18 -12.36
N THR G 152 -39.09 -20.99 -12.73
CA THR G 152 -39.70 -20.25 -13.82
C THR G 152 -39.51 -20.99 -15.13
N PRO G 153 -40.57 -21.33 -15.87
CA PRO G 153 -40.39 -22.00 -17.15
C PRO G 153 -40.39 -21.04 -18.33
N GLY G 154 -40.02 -21.60 -19.48
CA GLY G 154 -40.17 -20.95 -20.77
C GLY G 154 -41.08 -21.78 -21.66
N SER G 155 -42.02 -21.12 -22.33
CA SER G 155 -43.01 -21.77 -23.16
C SER G 155 -42.94 -21.23 -24.58
N SER G 156 -42.72 -22.13 -25.56
CA SER G 156 -42.79 -21.76 -26.98
C SER G 156 -43.67 -22.78 -27.71
N ARG G 157 -44.97 -22.63 -27.56
CA ARG G 157 -46.03 -23.16 -28.43
C ARG G 157 -46.13 -24.68 -28.48
N ASP G 158 -45.03 -25.38 -28.21
CA ASP G 158 -45.04 -26.78 -27.82
C ASP G 158 -43.95 -27.05 -26.77
N LEU G 159 -43.02 -26.11 -26.60
CA LEU G 159 -41.77 -26.37 -25.90
C LEU G 159 -41.87 -25.87 -24.47
N LYS G 160 -41.54 -26.73 -23.52
CA LYS G 160 -41.55 -26.43 -22.10
C LYS G 160 -40.13 -26.62 -21.57
N VAL G 161 -39.48 -25.52 -21.17
CA VAL G 161 -38.10 -25.56 -20.72
C VAL G 161 -38.03 -25.05 -19.30
N ILE G 162 -37.29 -25.76 -18.45
CA ILE G 162 -37.00 -25.34 -17.08
C ILE G 162 -35.49 -25.15 -16.96
N ALA G 163 -35.07 -23.94 -16.63
CA ALA G 163 -33.66 -23.57 -16.57
C ALA G 163 -33.24 -23.24 -15.15
N GLY G 164 -31.99 -23.58 -14.83
CA GLY G 164 -31.40 -23.21 -13.57
C GLY G 164 -31.48 -24.28 -12.51
N PRO G 165 -30.95 -24.00 -11.32
CA PRO G 165 -30.25 -22.76 -10.90
C PRO G 165 -28.78 -22.73 -11.35
N ILE G 166 -28.13 -21.56 -11.25
CA ILE G 166 -26.73 -21.47 -11.61
C ILE G 166 -25.90 -22.34 -10.68
N SER G 167 -24.86 -22.97 -11.24
CA SER G 167 -23.99 -23.83 -10.45
C SER G 167 -23.25 -23.05 -9.37
N ALA G 168 -22.72 -21.87 -9.73
CA ALA G 168 -21.93 -21.04 -8.82
C ALA G 168 -22.34 -19.59 -9.00
N ALA G 169 -23.04 -19.04 -8.02
CA ALA G 169 -23.56 -17.68 -8.13
C ALA G 169 -22.42 -16.67 -8.16
N PHE G 170 -22.62 -15.59 -8.91
CA PHE G 170 -21.63 -14.52 -9.02
C PHE G 170 -22.35 -13.23 -9.34
N SER G 171 -21.96 -12.16 -8.65
CA SER G 171 -22.44 -10.81 -8.94
C SER G 171 -21.26 -9.85 -8.97
N PRO G 172 -20.94 -9.22 -10.12
CA PRO G 172 -19.77 -8.33 -10.14
C PRO G 172 -19.92 -7.12 -9.23
N PHE G 173 -21.15 -6.74 -8.89
CA PHE G 173 -21.39 -5.55 -8.07
C PHE G 173 -21.13 -5.87 -6.60
N ASP G 174 -20.48 -4.94 -5.92
CA ASP G 174 -20.34 -5.01 -4.46
C ASP G 174 -21.68 -4.59 -3.84
N HIS G 175 -21.71 -4.46 -2.52
CA HIS G 175 -22.96 -4.11 -1.85
C HIS G 175 -23.48 -2.74 -2.31
N LYS G 176 -22.58 -1.78 -2.50
CA LYS G 176 -22.94 -0.40 -2.81
C LYS G 176 -22.34 0.00 -4.15
N VAL G 177 -23.13 0.73 -4.95
CA VAL G 177 -22.75 1.10 -6.31
C VAL G 177 -23.07 2.57 -6.52
N VAL G 178 -22.37 3.19 -7.47
CA VAL G 178 -22.60 4.58 -7.88
C VAL G 178 -22.69 4.62 -9.39
N ILE G 179 -23.73 5.28 -9.91
CA ILE G 179 -23.96 5.40 -11.35
C ILE G 179 -23.84 6.87 -11.73
N ARG G 180 -22.98 7.17 -12.69
CA ARG G 180 -22.81 8.54 -13.18
C ARG G 180 -22.69 8.49 -14.70
N LYS G 181 -23.72 9.00 -15.38
CA LYS G 181 -23.72 9.11 -16.85
C LYS G 181 -23.45 7.76 -17.51
N GLY G 182 -24.03 6.71 -16.94
CA GLY G 182 -23.88 5.36 -17.45
C GLY G 182 -22.67 4.62 -16.92
N LEU G 183 -21.72 5.32 -16.29
CA LEU G 183 -20.54 4.67 -15.75
C LEU G 183 -20.85 4.15 -14.35
N VAL G 184 -20.53 2.88 -14.11
CA VAL G 184 -20.82 2.20 -12.84
C VAL G 184 -19.51 2.05 -12.08
N TYR G 185 -19.53 2.45 -10.82
CA TYR G 185 -18.38 2.30 -9.92
C TYR G 185 -18.85 1.58 -8.67
N ASN G 186 -18.22 0.45 -8.34
CA ASN G 186 -18.55 -0.31 -7.15
C ASN G 186 -17.84 0.31 -5.94
N TYR G 187 -18.21 1.55 -5.65
CA TYR G 187 -17.59 2.35 -4.60
C TYR G 187 -18.60 2.53 -3.47
N ASP G 188 -18.24 2.08 -2.28
CA ASP G 188 -19.09 2.29 -1.11
C ASP G 188 -19.20 3.78 -0.81
N PHE G 189 -20.39 4.19 -0.38
CA PHE G 189 -20.70 5.58 -0.11
C PHE G 189 -21.26 5.74 1.29
N PRO G 190 -21.15 6.93 1.89
CA PRO G 190 -21.76 7.13 3.21
C PRO G 190 -23.28 6.97 3.15
N GLU G 191 -23.84 6.44 4.24
CA GLU G 191 -25.27 6.22 4.29
C GLU G 191 -26.01 7.56 4.32
N TYR G 192 -27.32 7.49 4.11
CA TYR G 192 -28.15 8.69 4.15
C TYR G 192 -28.06 9.36 5.51
N GLY G 193 -27.84 10.67 5.50
CA GLY G 193 -27.66 11.43 6.72
C GLY G 193 -26.23 11.52 7.21
N ALA G 194 -25.35 10.65 6.75
CA ALA G 194 -23.95 10.63 7.20
C ALA G 194 -23.05 11.42 6.25
N MET G 195 -23.32 12.72 6.11
CA MET G 195 -22.52 13.54 5.21
C MET G 195 -21.13 13.75 5.80
N LYS G 196 -20.12 13.75 4.93
CA LYS G 196 -18.74 14.07 5.31
C LYS G 196 -18.25 15.16 4.37
N PRO G 197 -17.81 16.32 4.87
CA PRO G 197 -17.32 17.37 3.96
C PRO G 197 -16.07 16.90 3.22
N GLY G 198 -15.96 17.31 1.96
CA GLY G 198 -14.83 16.95 1.15
C GLY G 198 -14.81 15.52 0.67
N ALA G 199 -15.89 14.78 0.85
CA ALA G 199 -15.98 13.38 0.44
C ALA G 199 -17.28 13.18 -0.35
N PHE G 200 -17.40 12.01 -0.97
CA PHE G 200 -18.56 11.73 -1.81
C PHE G 200 -19.85 11.79 -1.00
N GLY G 201 -20.90 12.31 -1.63
CA GLY G 201 -22.19 12.43 -0.96
C GLY G 201 -22.20 13.43 0.17
N ASP G 202 -21.43 14.51 0.05
CA ASP G 202 -21.51 15.59 1.04
C ASP G 202 -22.84 16.33 0.95
N ILE G 203 -23.48 16.32 -0.21
CA ILE G 203 -24.83 16.84 -0.39
C ILE G 203 -25.69 15.71 -0.95
N GLN G 204 -26.84 15.47 -0.31
CA GLN G 204 -27.69 14.34 -0.64
C GLN G 204 -29.14 14.79 -0.75
N ALA G 205 -29.89 14.10 -1.59
CA ALA G 205 -31.31 14.34 -1.75
C ALA G 205 -31.95 13.12 -2.42
N SER G 206 -33.26 12.99 -2.25
CA SER G 206 -33.99 11.89 -2.85
C SER G 206 -34.26 12.09 -4.34
N SER G 207 -34.14 13.32 -4.83
CA SER G 207 -34.34 13.60 -6.25
C SER G 207 -33.71 14.95 -6.57
N LEU G 208 -33.57 15.22 -7.87
CA LEU G 208 -33.02 16.51 -8.29
C LEU G 208 -33.92 17.65 -7.86
N ASP G 209 -35.24 17.46 -7.95
CA ASP G 209 -36.20 18.50 -7.59
C ASP G 209 -36.72 18.37 -6.16
N ALA G 210 -36.22 17.40 -5.40
CA ALA G 210 -36.66 17.24 -4.01
C ALA G 210 -36.20 18.42 -3.17
N THR G 211 -37.09 18.90 -2.30
CA THR G 211 -36.81 20.03 -1.44
C THR G 211 -36.18 19.62 -0.11
N ASP G 212 -36.08 18.33 0.19
CA ASP G 212 -35.49 17.84 1.44
C ASP G 212 -34.00 17.57 1.28
N ILE G 213 -33.30 18.55 0.70
CA ILE G 213 -31.87 18.42 0.43
C ILE G 213 -31.12 18.56 1.74
N VAL G 214 -30.24 17.59 2.04
CA VAL G 214 -29.44 17.58 3.25
C VAL G 214 -27.97 17.58 2.87
N ALA G 215 -27.19 18.42 3.53
CA ALA G 215 -25.77 18.53 3.22
C ALA G 215 -24.99 18.92 4.47
N ARG G 216 -23.73 18.50 4.51
CA ARG G 216 -22.77 18.92 5.53
C ARG G 216 -21.45 19.18 4.81
N THR G 217 -21.28 20.41 4.33
CA THR G 217 -20.11 20.79 3.53
C THR G 217 -19.07 21.58 4.32
N ASP G 218 -19.28 21.77 5.63
CA ASP G 218 -18.33 22.46 6.50
C ASP G 218 -18.07 23.88 5.97
N ILE G 219 -19.13 24.68 6.03
CA ILE G 219 -19.09 26.09 5.63
C ILE G 219 -19.08 26.93 6.90
N ARG G 220 -18.13 27.86 6.98
CA ARG G 220 -18.00 28.75 8.13
C ARG G 220 -17.92 30.20 7.65
N LEU G 221 -18.73 31.05 8.26
CA LEU G 221 -18.76 32.47 7.96
C LEU G 221 -17.63 33.18 8.70
N LEU G 222 -17.11 34.24 8.09
CA LEU G 222 -16.04 35.04 8.65
C LEU G 222 -16.48 36.49 8.82
N LYS G 223 -15.90 37.16 9.78
CA LYS G 223 -16.25 38.55 10.06
C LYS G 223 -15.81 39.42 8.88
N PRO G 224 -16.69 40.28 8.34
CA PRO G 224 -16.25 41.17 7.27
C PRO G 224 -15.24 42.18 7.79
N SER G 225 -14.32 42.58 6.90
CA SER G 225 -13.23 43.49 7.23
C SER G 225 -13.21 44.74 6.36
N VAL G 226 -13.60 44.63 5.09
CA VAL G 226 -13.55 45.79 4.21
C VAL G 226 -14.73 46.71 4.47
N LYS G 227 -14.58 47.97 4.08
CA LYS G 227 -15.63 48.96 4.28
C LYS G 227 -16.89 48.57 3.50
N ASN G 228 -16.71 48.13 2.26
CA ASN G 228 -17.84 47.83 1.40
C ASN G 228 -18.58 46.58 1.88
N ILE G 229 -19.90 46.58 1.66
CA ILE G 229 -20.73 45.47 2.12
C ILE G 229 -20.38 44.24 1.30
N HIS G 230 -20.07 43.15 2.00
CA HIS G 230 -19.86 41.84 1.38
C HIS G 230 -19.72 40.82 2.49
N VAL G 231 -20.21 39.61 2.25
CA VAL G 231 -20.19 38.53 3.23
C VAL G 231 -19.08 37.56 2.83
N PRO G 232 -18.01 37.43 3.62
CA PRO G 232 -17.01 36.41 3.34
C PRO G 232 -17.30 35.10 4.05
N TYR G 233 -16.78 34.01 3.48
CA TYR G 233 -16.99 32.68 4.03
C TYR G 233 -15.91 31.76 3.50
N THR G 234 -15.77 30.60 4.14
CA THR G 234 -14.90 29.54 3.65
C THR G 234 -15.66 28.23 3.72
N GLN G 235 -15.26 27.29 2.87
CA GLN G 235 -16.03 26.07 2.68
C GLN G 235 -15.14 25.02 2.05
N ALA G 236 -15.34 23.77 2.46
CA ALA G 236 -14.56 22.67 1.92
C ALA G 236 -14.88 22.44 0.45
N VAL G 237 -13.91 21.89 -0.28
CA VAL G 237 -14.11 21.64 -1.70
C VAL G 237 -15.23 20.63 -1.89
N SER G 238 -15.78 20.62 -3.11
CA SER G 238 -16.87 19.70 -3.44
C SER G 238 -16.36 18.27 -3.44
N GLY G 239 -16.83 17.46 -2.49
CA GLY G 239 -16.42 16.07 -2.43
C GLY G 239 -16.83 15.29 -3.67
N TYR G 240 -17.92 15.72 -4.31
CA TYR G 240 -18.29 15.10 -5.58
C TYR G 240 -17.20 15.30 -6.63
N GLU G 241 -16.64 16.52 -6.70
CA GLU G 241 -15.54 16.77 -7.63
C GLU G 241 -14.31 15.94 -7.24
N MET G 242 -14.04 15.82 -5.94
CA MET G 242 -12.89 15.03 -5.50
C MET G 242 -13.04 13.57 -5.91
N TRP G 243 -14.24 13.01 -5.73
CA TRP G 243 -14.48 11.64 -6.16
C TRP G 243 -14.38 11.51 -7.68
N LYS G 244 -14.88 12.52 -8.41
CA LYS G 244 -14.79 12.49 -9.85
C LYS G 244 -13.34 12.46 -10.31
N ASN G 245 -12.48 13.26 -9.69
CA ASN G 245 -11.06 13.23 -10.02
C ASN G 245 -10.44 11.88 -9.67
N ASN G 246 -10.80 11.32 -8.51
CA ASN G 246 -10.27 10.06 -8.02
C ASN G 246 -11.30 8.93 -8.13
N SER G 247 -12.10 8.97 -9.20
CA SER G 247 -13.15 7.96 -9.36
C SER G 247 -12.55 6.58 -9.64
N GLY G 248 -11.42 6.52 -10.34
CA GLY G 248 -10.88 5.26 -10.78
C GLY G 248 -11.59 4.77 -12.03
N ARG G 249 -11.12 3.64 -12.54
CA ARG G 249 -11.72 3.09 -13.75
C ARG G 249 -13.12 2.56 -13.45
N PRO G 250 -14.07 2.69 -14.39
CA PRO G 250 -15.43 2.20 -14.11
C PRO G 250 -15.52 0.68 -14.13
N LEU G 251 -16.65 0.15 -13.64
CA LEU G 251 -16.84 -1.30 -13.62
C LEU G 251 -16.94 -1.90 -15.01
N GLN G 252 -17.21 -1.08 -16.03
CA GLN G 252 -17.25 -1.60 -17.40
C GLN G 252 -15.90 -2.14 -17.86
N GLU G 253 -14.80 -1.64 -17.29
CA GLU G 253 -13.45 -2.01 -17.70
C GLU G 253 -12.74 -2.92 -16.70
N THR G 254 -13.43 -3.35 -15.63
CA THR G 254 -12.84 -4.25 -14.65
C THR G 254 -13.79 -5.33 -14.16
N ALA G 255 -15.00 -5.42 -14.70
CA ALA G 255 -15.91 -6.48 -14.29
C ALA G 255 -15.38 -7.82 -14.77
N PRO G 256 -15.15 -8.81 -13.88
CA PRO G 256 -14.59 -10.08 -14.34
C PRO G 256 -15.59 -10.90 -15.14
N PHE G 257 -15.11 -11.99 -15.75
CA PHE G 257 -15.91 -12.90 -16.58
C PHE G 257 -16.42 -12.22 -17.86
N GLY G 258 -15.89 -11.03 -18.18
CA GLY G 258 -16.13 -10.42 -19.47
C GLY G 258 -17.58 -10.20 -19.86
N CYS G 259 -18.27 -9.27 -19.19
CA CYS G 259 -19.63 -8.91 -19.53
C CYS G 259 -19.83 -7.40 -19.58
N LYS G 260 -20.79 -6.98 -20.39
CA LYS G 260 -21.06 -5.56 -20.61
C LYS G 260 -21.96 -5.05 -19.50
N ILE G 261 -21.46 -4.13 -18.69
CA ILE G 261 -22.29 -3.51 -17.65
C ILE G 261 -23.10 -2.39 -18.28
N GLU G 262 -24.43 -2.53 -18.21
CA GLU G 262 -25.35 -1.59 -18.81
C GLU G 262 -26.24 -0.99 -17.73
N VAL G 263 -26.84 0.16 -18.07
CA VAL G 263 -27.65 0.93 -17.14
C VAL G 263 -29.03 1.13 -17.74
N GLU G 264 -29.97 1.56 -16.89
CA GLU G 264 -31.34 1.85 -17.28
C GLU G 264 -31.99 0.63 -17.94
N PRO G 265 -32.24 -0.45 -17.18
CA PRO G 265 -31.89 -0.68 -15.77
C PRO G 265 -30.46 -1.19 -15.60
N LEU G 266 -29.91 -1.12 -14.39
CA LEU G 266 -28.57 -1.66 -14.14
C LEU G 266 -28.58 -3.17 -14.36
N ARG G 267 -27.58 -3.66 -15.08
CA ARG G 267 -27.50 -5.10 -15.39
C ARG G 267 -26.12 -5.41 -15.95
N ALA G 268 -25.83 -6.70 -16.06
CA ALA G 268 -24.63 -7.19 -16.73
C ALA G 268 -25.06 -8.16 -17.81
N SER G 269 -24.62 -7.91 -19.03
CA SER G 269 -25.07 -8.65 -20.21
C SER G 269 -23.94 -9.54 -20.74
N ASN G 270 -24.32 -10.77 -21.11
CA ASN G 270 -23.41 -11.74 -21.73
C ASN G 270 -22.21 -12.02 -20.84
N CYS G 271 -22.48 -12.62 -19.68
CA CYS G 271 -21.46 -12.90 -18.67
C CYS G 271 -21.33 -14.40 -18.54
N ALA G 272 -20.20 -14.93 -18.99
CA ALA G 272 -20.00 -16.36 -19.10
C ALA G 272 -19.36 -16.89 -17.82
N TYR G 273 -20.07 -17.78 -17.13
CA TYR G 273 -19.58 -18.37 -15.89
C TYR G 273 -20.50 -19.51 -15.49
N GLY G 274 -19.90 -20.63 -15.10
CA GLY G 274 -20.67 -21.75 -14.60
C GLY G 274 -21.48 -22.46 -15.68
N HIS G 275 -22.47 -23.21 -15.21
CA HIS G 275 -23.35 -23.99 -16.07
C HIS G 275 -24.79 -23.79 -15.64
N ILE G 276 -25.70 -23.98 -16.58
CA ILE G 276 -27.14 -23.91 -16.33
C ILE G 276 -27.73 -25.31 -16.56
N PRO G 277 -28.32 -25.95 -15.55
CA PRO G 277 -29.07 -27.19 -15.82
C PRO G 277 -30.41 -26.88 -16.46
N ILE G 278 -30.63 -27.40 -17.66
CA ILE G 278 -31.81 -27.11 -18.46
C ILE G 278 -32.50 -28.43 -18.79
N SER G 279 -33.80 -28.50 -18.49
CA SER G 279 -34.64 -29.65 -18.82
C SER G 279 -35.65 -29.21 -19.87
N ILE G 280 -35.68 -29.90 -21.00
CA ILE G 280 -36.56 -29.59 -22.12
C ILE G 280 -37.53 -30.74 -22.30
N ASP G 281 -38.83 -30.44 -22.31
CA ASP G 281 -39.85 -31.45 -22.59
C ASP G 281 -40.12 -31.39 -24.08
N ILE G 282 -39.38 -32.20 -24.83
CA ILE G 282 -39.51 -32.19 -26.30
C ILE G 282 -40.90 -32.69 -26.67
N PRO G 283 -41.64 -32.02 -27.57
CA PRO G 283 -42.95 -32.56 -27.97
C PRO G 283 -42.80 -33.91 -28.64
N ASP G 284 -43.79 -34.78 -28.42
CA ASP G 284 -43.76 -36.14 -28.94
C ASP G 284 -43.97 -36.20 -30.45
N ALA G 285 -44.47 -35.13 -31.07
CA ALA G 285 -44.68 -35.12 -32.51
C ALA G 285 -43.37 -34.98 -33.28
N ALA G 286 -42.34 -34.39 -32.66
CA ALA G 286 -41.07 -34.20 -33.35
C ALA G 286 -40.41 -35.55 -33.67
N PHE G 287 -40.49 -36.51 -32.75
CA PHE G 287 -39.81 -37.77 -32.94
C PHE G 287 -40.43 -38.56 -34.11
N VAL G 288 -39.62 -39.45 -34.67
CA VAL G 288 -40.07 -40.39 -35.69
C VAL G 288 -39.44 -41.74 -35.38
N ARG G 289 -40.24 -42.80 -35.51
CA ARG G 289 -39.77 -44.13 -35.13
C ARG G 289 -38.59 -44.56 -36.00
N SER G 290 -37.74 -45.42 -35.43
CA SER G 290 -36.53 -45.85 -36.11
C SER G 290 -36.82 -46.62 -37.39
N SER G 291 -38.02 -47.20 -37.53
CA SER G 291 -38.37 -47.89 -38.77
C SER G 291 -38.48 -46.95 -39.95
N GLU G 292 -38.62 -45.64 -39.72
CA GLU G 292 -38.72 -44.65 -40.79
C GLU G 292 -37.35 -44.13 -41.22
N SER G 293 -36.57 -43.60 -40.28
CA SER G 293 -35.22 -43.18 -40.60
C SER G 293 -34.35 -44.42 -40.84
N PRO G 294 -33.38 -44.35 -41.76
CA PRO G 294 -32.58 -45.56 -42.03
C PRO G 294 -31.62 -45.83 -40.88
N THR G 295 -31.47 -47.11 -40.55
CA THR G 295 -30.52 -47.56 -39.54
C THR G 295 -29.36 -48.26 -40.24
N ILE G 296 -28.15 -47.74 -40.02
CA ILE G 296 -26.97 -48.29 -40.69
C ILE G 296 -26.63 -49.65 -40.10
N LEU G 297 -25.93 -50.47 -40.90
CA LEU G 297 -25.57 -51.82 -40.50
C LEU G 297 -24.21 -51.85 -39.81
N GLU G 298 -23.16 -51.37 -40.50
CA GLU G 298 -21.84 -51.26 -39.91
C GLU G 298 -21.24 -49.91 -40.30
N VAL G 299 -20.59 -49.26 -39.32
CA VAL G 299 -19.92 -47.99 -39.54
C VAL G 299 -18.54 -48.08 -38.90
N SER G 300 -17.53 -47.57 -39.62
CA SER G 300 -16.16 -47.56 -39.15
C SER G 300 -15.58 -46.16 -39.31
N CYS G 301 -14.60 -45.84 -38.46
CA CYS G 301 -14.04 -44.51 -38.32
C CYS G 301 -12.56 -44.54 -38.68
N THR G 302 -12.16 -43.71 -39.64
CA THR G 302 -10.74 -43.51 -39.99
C THR G 302 -10.43 -42.05 -39.73
N VAL G 303 -9.61 -41.78 -38.73
CA VAL G 303 -9.34 -40.41 -38.30
C VAL G 303 -8.21 -39.83 -39.15
N ALA G 304 -8.47 -38.65 -39.73
CA ALA G 304 -7.46 -37.93 -40.48
C ALA G 304 -6.59 -37.11 -39.53
N ASP G 305 -5.81 -36.17 -40.07
CA ASP G 305 -5.00 -35.32 -39.22
C ASP G 305 -5.87 -34.58 -38.21
N CYS G 306 -5.41 -34.57 -36.96
CA CYS G 306 -6.15 -33.95 -35.87
C CYS G 306 -5.22 -33.05 -35.06
N ILE G 307 -5.68 -31.84 -34.76
CA ILE G 307 -4.97 -30.88 -33.94
C ILE G 307 -5.91 -30.40 -32.85
N TYR G 308 -5.46 -30.47 -31.60
CA TYR G 308 -6.29 -30.07 -30.45
C TYR G 308 -6.17 -28.56 -30.24
N SER G 309 -6.70 -27.83 -31.22
CA SER G 309 -6.73 -26.38 -31.18
C SER G 309 -8.06 -25.92 -30.57
N ALA G 310 -8.25 -24.61 -30.45
CA ALA G 310 -9.50 -24.05 -29.96
C ALA G 310 -10.59 -24.01 -31.02
N ASP G 311 -10.26 -24.34 -32.27
CA ASP G 311 -11.20 -24.36 -33.38
C ASP G 311 -11.32 -25.79 -33.91
N PHE G 312 -12.10 -25.96 -34.99
CA PHE G 312 -12.30 -27.28 -35.57
C PHE G 312 -11.07 -27.73 -36.34
N GLY G 313 -9.99 -27.99 -35.61
CA GLY G 313 -8.74 -28.45 -36.20
C GLY G 313 -8.61 -29.96 -36.21
N GLY G 314 -9.65 -30.66 -36.62
CA GLY G 314 -9.57 -32.10 -36.80
C GLY G 314 -10.57 -32.58 -37.82
N SER G 315 -10.21 -33.65 -38.51
CA SER G 315 -11.06 -34.24 -39.54
C SER G 315 -11.01 -35.75 -39.43
N LEU G 316 -12.09 -36.39 -39.89
CA LEU G 316 -12.18 -37.84 -39.92
C LEU G 316 -13.14 -38.24 -41.04
N THR G 317 -13.17 -39.54 -41.32
CA THR G 317 -14.09 -40.11 -42.29
C THR G 317 -14.80 -41.30 -41.66
N LEU G 318 -16.09 -41.40 -41.92
CA LEU G 318 -16.91 -42.52 -41.47
C LEU G 318 -17.39 -43.28 -42.69
N GLN G 319 -16.97 -44.53 -42.82
CA GLN G 319 -17.47 -45.42 -43.87
C GLN G 319 -18.63 -46.23 -43.33
N TYR G 320 -19.74 -46.22 -44.06
CA TYR G 320 -21.02 -46.73 -43.58
C TYR G 320 -21.70 -47.62 -44.62
N LYS G 321 -22.33 -48.67 -44.11
CA LYS G 321 -23.25 -49.51 -44.86
C LYS G 321 -24.65 -49.27 -44.29
N ALA G 322 -25.60 -48.98 -45.16
CA ALA G 322 -26.96 -48.63 -44.74
C ALA G 322 -27.99 -49.34 -45.61
N ASP G 323 -29.26 -49.19 -45.24
CA ASP G 323 -30.36 -49.86 -45.91
C ASP G 323 -31.13 -48.96 -46.88
N ARG G 324 -31.12 -47.64 -46.64
CA ARG G 324 -31.90 -46.73 -47.47
C ARG G 324 -31.32 -45.33 -47.30
N GLU G 325 -31.59 -44.48 -48.28
CA GLU G 325 -31.18 -43.08 -48.20
C GLU G 325 -31.91 -42.37 -47.07
N GLY G 326 -31.24 -41.42 -46.44
CA GLY G 326 -31.86 -40.68 -45.37
C GLY G 326 -31.05 -39.49 -44.91
N HIS G 327 -31.36 -39.02 -43.70
CA HIS G 327 -30.87 -37.75 -43.17
C HIS G 327 -30.31 -37.97 -41.76
N CYS G 328 -29.39 -38.92 -41.65
CA CYS G 328 -28.99 -39.44 -40.34
C CYS G 328 -28.38 -38.34 -39.47
N PRO G 329 -28.67 -38.30 -38.18
CA PRO G 329 -27.95 -37.39 -37.29
C PRO G 329 -26.64 -38.02 -36.80
N VAL G 330 -25.71 -37.13 -36.44
CA VAL G 330 -24.37 -37.52 -36.01
C VAL G 330 -24.03 -36.77 -34.73
N HIS G 331 -23.36 -37.46 -33.82
CA HIS G 331 -23.04 -36.90 -32.50
C HIS G 331 -21.69 -37.44 -32.05
N SER G 332 -21.10 -36.73 -31.09
CA SER G 332 -19.89 -37.17 -30.40
C SER G 332 -20.23 -37.29 -28.91
N HIS G 333 -20.07 -38.49 -28.36
CA HIS G 333 -20.51 -38.80 -27.01
C HIS G 333 -19.43 -38.59 -25.96
N SER G 334 -18.34 -37.90 -26.30
CA SER G 334 -17.28 -37.58 -25.35
C SER G 334 -17.31 -36.10 -25.01
N THR G 335 -16.82 -35.77 -23.82
CA THR G 335 -16.82 -34.40 -23.32
C THR G 335 -15.64 -33.58 -23.82
N THR G 336 -14.69 -34.19 -24.52
CA THR G 336 -13.53 -33.51 -25.09
C THR G 336 -13.52 -33.63 -26.60
N ALA G 337 -14.71 -33.62 -27.22
CA ALA G 337 -14.82 -33.74 -28.66
C ALA G 337 -16.16 -33.19 -29.10
N VAL G 338 -16.12 -32.18 -29.98
CA VAL G 338 -17.33 -31.58 -30.54
C VAL G 338 -17.21 -31.60 -32.06
N LEU G 339 -18.37 -31.56 -32.72
CA LEU G 339 -18.47 -31.74 -34.16
C LEU G 339 -19.04 -30.49 -34.82
N LYS G 340 -18.48 -30.14 -35.99
CA LYS G 340 -18.98 -28.99 -36.73
C LYS G 340 -20.43 -29.21 -37.19
N GLU G 341 -20.73 -30.41 -37.68
CA GLU G 341 -22.03 -30.76 -38.21
C GLU G 341 -22.77 -31.69 -37.26
N ALA G 342 -24.10 -31.59 -37.27
CA ALA G 342 -24.95 -32.41 -36.43
C ALA G 342 -25.82 -33.40 -37.20
N THR G 343 -25.93 -33.24 -38.53
CA THR G 343 -26.72 -34.16 -39.33
C THR G 343 -26.12 -34.21 -40.72
N THR G 344 -26.42 -35.30 -41.44
CA THR G 344 -25.85 -35.49 -42.77
C THR G 344 -26.71 -36.46 -43.56
N HIS G 345 -26.84 -36.20 -44.86
CA HIS G 345 -27.49 -37.13 -45.75
C HIS G 345 -26.64 -38.39 -45.87
N VAL G 346 -27.31 -39.55 -45.82
CA VAL G 346 -26.65 -40.84 -45.78
C VAL G 346 -27.19 -41.68 -46.93
N THR G 347 -26.29 -42.29 -47.70
CA THR G 347 -26.65 -43.19 -48.78
C THR G 347 -26.65 -44.62 -48.25
N ALA G 348 -26.87 -45.60 -49.13
CA ALA G 348 -26.85 -47.00 -48.71
C ALA G 348 -25.43 -47.46 -48.43
N VAL G 349 -24.52 -47.24 -49.38
CA VAL G 349 -23.13 -47.66 -49.30
C VAL G 349 -22.27 -46.42 -49.52
N GLY G 350 -21.31 -46.17 -48.63
CA GLY G 350 -20.34 -45.15 -48.93
C GLY G 350 -19.57 -44.68 -47.71
N SER G 351 -19.12 -43.42 -47.79
CA SER G 351 -18.37 -42.81 -46.71
C SER G 351 -18.64 -41.32 -46.71
N ILE G 352 -18.46 -40.69 -45.55
CA ILE G 352 -18.70 -39.26 -45.37
C ILE G 352 -17.56 -38.67 -44.57
N THR G 353 -17.14 -37.45 -44.96
CA THR G 353 -16.12 -36.72 -44.24
C THR G 353 -16.78 -35.84 -43.18
N LEU G 354 -16.07 -35.63 -42.06
CA LEU G 354 -16.60 -34.86 -40.95
C LEU G 354 -15.46 -34.13 -40.27
N HIS G 355 -15.80 -33.06 -39.57
CA HIS G 355 -14.83 -32.21 -38.87
C HIS G 355 -15.17 -32.16 -37.39
N PHE G 356 -14.13 -31.95 -36.57
CA PHE G 356 -14.30 -31.98 -35.13
C PHE G 356 -13.18 -31.18 -34.46
N SER G 357 -13.46 -30.80 -33.21
CA SER G 357 -12.54 -30.08 -32.35
C SER G 357 -12.38 -30.84 -31.04
N THR G 358 -11.16 -30.80 -30.50
CA THR G 358 -10.83 -31.43 -29.23
C THR G 358 -9.84 -30.55 -28.49
N SER G 359 -9.48 -30.98 -27.27
CA SER G 359 -8.53 -30.24 -26.44
C SER G 359 -7.42 -31.11 -25.85
N SER G 360 -7.61 -32.43 -25.75
CA SER G 360 -6.55 -33.29 -25.26
C SER G 360 -5.57 -33.61 -26.39
N PRO G 361 -4.31 -33.92 -26.06
CA PRO G 361 -3.37 -34.33 -27.11
C PRO G 361 -3.76 -35.63 -27.77
N GLN G 362 -4.61 -36.43 -27.13
CA GLN G 362 -5.10 -37.70 -27.67
C GLN G 362 -6.59 -37.58 -27.98
N ALA G 363 -7.03 -38.32 -28.98
CA ALA G 363 -8.44 -38.51 -29.30
C ALA G 363 -8.77 -39.96 -28.97
N ASN G 364 -9.74 -40.16 -28.09
CA ASN G 364 -10.20 -41.50 -27.71
C ASN G 364 -11.72 -41.47 -27.59
N PHE G 365 -12.38 -40.87 -28.56
CA PHE G 365 -13.77 -40.43 -28.38
C PHE G 365 -14.71 -41.22 -29.26
N ILE G 366 -15.96 -41.33 -28.80
CA ILE G 366 -16.96 -42.19 -29.42
C ILE G 366 -17.85 -41.33 -30.31
N VAL G 367 -17.72 -41.51 -31.62
CA VAL G 367 -18.68 -40.91 -32.56
C VAL G 367 -19.90 -41.82 -32.65
N SER G 368 -21.01 -41.26 -33.11
CA SER G 368 -22.23 -42.03 -33.25
C SER G 368 -23.03 -41.49 -34.44
N LEU G 369 -23.55 -42.41 -35.25
CA LEU G 369 -24.40 -42.10 -36.39
C LEU G 369 -25.68 -42.90 -36.29
N CYS G 370 -26.81 -42.21 -36.47
CA CYS G 370 -28.16 -42.78 -36.30
C CYS G 370 -28.22 -43.72 -35.09
N GLY G 371 -27.66 -43.25 -33.99
CA GLY G 371 -27.63 -43.97 -32.74
C GLY G 371 -26.40 -44.83 -32.49
N LYS G 372 -25.98 -45.60 -33.49
CA LYS G 372 -24.93 -46.60 -33.25
C LYS G 372 -23.56 -45.94 -33.17
N LYS G 373 -22.72 -46.47 -32.28
CA LYS G 373 -21.49 -45.82 -31.87
C LYS G 373 -20.27 -46.46 -32.55
N THR G 374 -19.14 -45.76 -32.43
CA THR G 374 -17.87 -46.24 -32.96
C THR G 374 -16.76 -45.40 -32.33
N THR G 375 -15.77 -46.08 -31.74
CA THR G 375 -14.65 -45.39 -31.14
C THR G 375 -13.68 -44.88 -32.21
N CYS G 376 -13.10 -43.71 -31.94
CA CYS G 376 -12.07 -43.13 -32.78
C CYS G 376 -10.85 -42.85 -31.91
N ASN G 377 -9.71 -43.42 -32.30
CA ASN G 377 -8.45 -43.32 -31.57
C ASN G 377 -7.42 -42.64 -32.45
N ALA G 378 -6.75 -41.62 -31.91
CA ALA G 378 -5.81 -40.84 -32.69
C ALA G 378 -4.88 -40.07 -31.75
N GLU G 379 -3.77 -39.62 -32.30
CA GLU G 379 -2.82 -38.75 -31.62
C GLU G 379 -2.80 -37.40 -32.33
N CYS G 380 -2.97 -36.32 -31.58
CA CYS G 380 -3.10 -34.97 -32.12
C CYS G 380 -1.88 -34.14 -31.72
N LYS G 381 -1.41 -33.30 -32.65
CA LYS G 381 -0.23 -32.48 -32.43
C LYS G 381 -0.59 -31.18 -31.70
N PRO G 382 0.38 -30.53 -31.05
CA PRO G 382 0.12 -29.21 -30.51
C PRO G 382 -0.25 -28.24 -31.62
N PRO G 383 -1.08 -27.23 -31.33
CA PRO G 383 -1.48 -26.30 -32.38
C PRO G 383 -0.32 -25.44 -32.85
N ALA G 384 -0.19 -25.30 -34.17
CA ALA G 384 0.86 -24.46 -34.72
C ALA G 384 0.66 -23.00 -34.33
N ASP G 385 -0.59 -22.52 -34.41
CA ASP G 385 -0.88 -21.14 -34.04
C ASP G 385 -0.81 -21.00 -32.52
N HIS G 386 -0.36 -19.81 -32.09
CA HIS G 386 -0.24 -19.51 -30.67
C HIS G 386 -1.51 -18.92 -30.08
N ILE G 387 -2.18 -18.02 -30.80
CA ILE G 387 -3.31 -17.25 -30.28
C ILE G 387 -4.42 -17.22 -31.31
N ILE G 388 -5.67 -17.33 -30.86
CA ILE G 388 -6.84 -17.24 -31.73
C ILE G 388 -7.82 -16.26 -31.10
N GLY G 389 -8.68 -15.68 -31.95
CA GLY G 389 -9.76 -14.83 -31.50
C GLY G 389 -11.07 -15.58 -31.43
N GLU G 390 -11.02 -16.87 -31.08
CA GLU G 390 -12.19 -17.72 -30.95
C GLU G 390 -12.07 -18.44 -29.60
N PRO G 391 -13.15 -18.56 -28.82
CA PRO G 391 -13.03 -19.22 -27.53
C PRO G 391 -12.91 -20.73 -27.67
N HIS G 392 -12.34 -21.36 -26.65
CA HIS G 392 -12.25 -22.81 -26.62
C HIS G 392 -13.65 -23.41 -26.52
N LYS G 393 -13.96 -24.35 -27.41
CA LYS G 393 -15.30 -24.92 -27.46
C LYS G 393 -15.52 -26.02 -26.43
N VAL G 394 -14.46 -26.54 -25.82
CA VAL G 394 -14.56 -27.55 -24.77
C VAL G 394 -13.59 -27.19 -23.65
N ASP G 395 -13.59 -28.01 -22.60
CA ASP G 395 -12.75 -27.80 -21.43
C ASP G 395 -11.88 -29.03 -21.24
N GLN G 396 -10.59 -28.82 -21.00
CA GLN G 396 -9.69 -29.94 -20.74
C GLN G 396 -10.07 -30.58 -19.41
N GLU G 397 -10.28 -31.90 -19.43
CA GLU G 397 -10.77 -32.60 -18.26
C GLU G 397 -9.61 -32.94 -17.33
N PHE G 398 -9.96 -33.31 -16.09
CA PHE G 398 -8.97 -33.60 -15.06
C PHE G 398 -8.16 -34.82 -15.45
N GLN G 399 -6.90 -34.61 -15.81
CA GLN G 399 -5.95 -35.68 -16.10
C GLN G 399 -6.41 -36.56 -17.26
N ALA G 400 -7.22 -35.99 -18.16
CA ALA G 400 -7.55 -36.63 -19.44
C ALA G 400 -6.69 -36.11 -20.58
N ALA G 401 -5.78 -35.17 -20.30
CA ALA G 401 -4.91 -34.58 -21.32
C ALA G 401 -3.54 -35.25 -21.35
N VAL G 402 -3.39 -36.39 -20.69
CA VAL G 402 -2.11 -37.07 -20.58
C VAL G 402 -1.99 -38.05 -21.74
N SER G 403 -0.89 -37.97 -22.48
CA SER G 403 -0.76 -38.71 -23.73
C SER G 403 -0.47 -40.18 -23.48
N LYS G 404 -0.56 -40.97 -24.54
CA LYS G 404 -0.30 -42.41 -24.44
C LYS G 404 1.15 -42.68 -24.05
N THR G 405 2.09 -41.95 -24.66
CA THR G 405 3.49 -42.13 -24.30
C THR G 405 3.75 -41.75 -22.85
N SER G 406 3.18 -40.63 -22.41
CA SER G 406 3.31 -40.22 -21.01
C SER G 406 2.70 -41.28 -20.09
N TRP G 407 1.52 -41.80 -20.44
CA TRP G 407 0.90 -42.84 -19.64
C TRP G 407 1.80 -44.06 -19.54
N ASN G 408 2.34 -44.50 -20.67
CA ASN G 408 3.17 -45.71 -20.67
C ASN G 408 4.41 -45.52 -19.82
N TRP G 409 5.11 -44.38 -20.00
CA TRP G 409 6.34 -44.16 -19.23
C TRP G 409 6.05 -44.03 -17.74
N LEU G 410 5.01 -43.29 -17.36
CA LEU G 410 4.70 -43.13 -15.94
C LEU G 410 4.28 -44.46 -15.32
N LEU G 411 3.45 -45.23 -16.03
CA LEU G 411 3.02 -46.53 -15.52
C LEU G 411 4.20 -47.47 -15.39
N ALA G 412 5.12 -47.46 -16.36
CA ALA G 412 6.30 -48.30 -16.26
C ALA G 412 7.15 -47.91 -15.06
N LEU G 413 7.36 -46.61 -14.85
CA LEU G 413 8.21 -46.17 -13.75
C LEU G 413 7.59 -46.46 -12.39
N PHE G 414 6.27 -46.36 -12.25
CA PHE G 414 5.62 -46.73 -11.00
C PHE G 414 5.53 -48.24 -10.81
N GLY G 415 5.25 -48.98 -11.89
CA GLY G 415 5.14 -50.42 -11.79
C GLY G 415 6.46 -51.10 -11.52
N GLY G 416 7.56 -50.48 -11.94
CA GLY G 416 8.86 -51.01 -11.55
C GLY G 416 9.02 -51.05 -10.05
N ALA G 417 8.71 -49.95 -9.38
CA ALA G 417 8.79 -49.90 -7.93
C ALA G 417 7.78 -50.84 -7.29
N SER G 418 6.56 -50.91 -7.84
CA SER G 418 5.54 -51.78 -7.27
C SER G 418 5.95 -53.24 -7.34
N SER G 419 6.39 -53.68 -8.52
CA SER G 419 6.86 -55.05 -8.67
C SER G 419 8.09 -55.32 -7.83
N LEU G 420 8.97 -54.32 -7.69
CA LEU G 420 10.16 -54.50 -6.87
C LEU G 420 9.78 -54.74 -5.41
N ILE G 421 8.87 -53.93 -4.87
CA ILE G 421 8.49 -54.11 -3.47
C ILE G 421 7.73 -55.41 -3.29
N VAL G 422 6.91 -55.81 -4.28
CA VAL G 422 6.25 -57.10 -4.20
C VAL G 422 7.28 -58.23 -4.16
N VAL G 423 8.30 -58.15 -5.01
CA VAL G 423 9.35 -59.17 -5.04
C VAL G 423 10.10 -59.18 -3.71
N GLY G 424 10.36 -57.99 -3.15
CA GLY G 424 11.06 -57.94 -1.87
C GLY G 424 10.26 -58.57 -0.75
N LEU G 425 8.96 -58.29 -0.69
CA LEU G 425 8.10 -58.93 0.31
C LEU G 425 8.06 -60.43 0.11
N ILE G 426 7.99 -60.88 -1.15
CA ILE G 426 7.97 -62.31 -1.43
C ILE G 426 9.27 -62.96 -0.96
N VAL G 427 10.40 -62.31 -1.21
CA VAL G 427 11.69 -62.85 -0.80
C VAL G 427 11.78 -62.89 0.72
N LEU G 428 11.29 -61.86 1.40
CA LEU G 428 11.30 -61.86 2.86
C LEU G 428 10.46 -63.01 3.40
N VAL G 429 9.27 -63.21 2.84
CA VAL G 429 8.41 -64.31 3.29
C VAL G 429 9.09 -65.65 3.03
N CYS G 430 9.71 -65.79 1.85
CA CYS G 430 10.38 -67.04 1.51
C CYS G 430 11.52 -67.33 2.48
N SER G 431 12.34 -66.32 2.80
CA SER G 431 13.42 -66.52 3.74
C SER G 431 12.89 -66.88 5.13
N SER G 432 11.83 -66.20 5.57
CA SER G 432 11.27 -66.49 6.87
C SER G 432 10.76 -67.92 6.95
N MET G 433 10.03 -68.37 5.92
CA MET G 433 9.51 -69.74 5.96
C MET G 433 10.64 -70.76 5.84
N LEU G 434 11.66 -70.45 5.04
CA LEU G 434 12.80 -71.36 4.93
C LEU G 434 13.51 -71.52 6.27
N ILE G 435 13.69 -70.41 7.00
CA ILE G 435 14.33 -70.49 8.31
C ILE G 435 13.43 -71.26 9.28
N ASN G 436 12.13 -70.98 9.25
CA ASN G 436 11.21 -71.68 10.16
C ASN G 436 11.23 -73.18 9.91
N THR G 437 11.24 -73.60 8.63
CA THR G 437 11.34 -75.01 8.33
C THR G 437 12.67 -75.59 8.78
N ARG G 438 13.76 -74.84 8.60
CA ARG G 438 15.11 -75.28 8.95
C ARG G 438 15.55 -74.73 10.29
N ARG G 439 14.61 -74.41 11.18
CA ARG G 439 14.94 -73.93 12.52
C ARG G 439 15.12 -75.12 13.45
N PRO H 11 -30.91 45.38 -13.22
CA PRO H 11 -29.59 45.73 -13.72
C PRO H 11 -28.65 46.25 -12.63
N TYR H 12 -28.70 45.66 -11.44
CA TYR H 12 -27.92 46.14 -10.31
C TYR H 12 -26.43 46.10 -10.62
N LEU H 13 -25.64 46.73 -9.76
CA LEU H 13 -24.19 46.77 -9.87
C LEU H 13 -23.56 46.11 -8.65
N GLY H 14 -22.61 45.22 -8.89
CA GLY H 14 -21.97 44.47 -7.82
C GLY H 14 -20.60 45.00 -7.46
N PHE H 15 -19.92 44.30 -6.55
CA PHE H 15 -18.58 44.66 -6.06
C PHE H 15 -17.58 43.70 -6.68
N CYS H 16 -17.07 44.05 -7.86
CA CYS H 16 -16.15 43.18 -8.57
C CYS H 16 -14.84 43.04 -7.80
N PRO H 17 -14.34 41.83 -7.54
CA PRO H 17 -13.05 41.72 -6.83
C PRO H 17 -11.89 42.32 -7.59
N TYR H 18 -11.89 42.23 -8.92
CA TYR H 18 -10.78 42.71 -9.75
C TYR H 18 -11.37 43.55 -10.88
N CYS H 19 -11.38 44.86 -10.68
CA CYS H 19 -11.86 45.79 -11.69
C CYS H 19 -10.77 45.96 -12.75
N ARG H 20 -10.98 46.90 -13.68
CA ARG H 20 -10.02 47.10 -14.76
C ARG H 20 -8.64 47.49 -14.22
N HIS H 21 -8.59 48.43 -13.27
CA HIS H 21 -7.30 48.87 -12.77
C HIS H 21 -6.59 47.76 -12.01
N SER H 22 -7.20 47.29 -10.92
CA SER H 22 -6.63 46.22 -10.09
C SER H 22 -7.46 45.98 -8.85
N ALA H 23 -7.67 47.02 -8.05
CA ALA H 23 -8.32 46.85 -6.76
C ALA H 23 -9.80 46.50 -6.95
N PRO H 24 -10.42 45.86 -5.95
CA PRO H 24 -11.87 45.62 -6.04
C PRO H 24 -12.62 46.94 -6.11
N CYS H 25 -13.71 46.96 -6.87
CA CYS H 25 -14.50 48.18 -7.00
C CYS H 25 -15.89 47.84 -7.47
N PHE H 26 -16.81 48.80 -7.29
CA PHE H 26 -18.19 48.62 -7.69
C PHE H 26 -18.33 48.81 -9.20
N SER H 27 -18.83 47.78 -9.88
CA SER H 27 -18.98 47.78 -11.32
C SER H 27 -20.37 47.25 -11.68
N PRO H 28 -20.88 47.59 -12.87
CA PRO H 28 -22.20 47.08 -13.26
C PRO H 28 -22.18 45.68 -13.83
N ILE H 29 -21.02 45.10 -14.10
CA ILE H 29 -20.90 43.85 -14.83
C ILE H 29 -20.19 42.80 -13.98
N LYS H 30 -20.42 42.84 -12.67
CA LYS H 30 -19.83 41.84 -11.79
C LYS H 30 -20.28 40.44 -12.19
N ILE H 31 -19.34 39.51 -12.22
CA ILE H 31 -19.64 38.11 -12.52
C ILE H 31 -20.06 37.42 -11.23
N GLU H 32 -21.27 36.87 -11.22
CA GLU H 32 -21.77 36.16 -10.04
C GLU H 32 -21.38 34.69 -10.06
N ASN H 33 -21.45 34.04 -11.23
CA ASN H 33 -21.17 32.62 -11.33
C ASN H 33 -20.75 32.27 -12.74
N VAL H 34 -19.93 31.24 -12.86
CA VAL H 34 -19.46 30.72 -14.14
C VAL H 34 -19.63 29.22 -14.13
N TRP H 35 -20.27 28.68 -15.17
CA TRP H 35 -20.48 27.24 -15.34
C TRP H 35 -19.81 26.79 -16.63
N ASP H 36 -19.09 25.68 -16.56
CA ASP H 36 -18.35 25.13 -17.71
C ASP H 36 -18.52 23.61 -17.77
N GLU H 37 -19.74 23.14 -17.52
CA GLU H 37 -20.02 21.71 -17.55
C GLU H 37 -20.24 21.18 -18.97
N SER H 38 -20.34 22.04 -19.96
CA SER H 38 -20.52 21.58 -21.33
C SER H 38 -19.28 20.86 -21.83
N ASP H 39 -19.50 19.81 -22.62
CA ASP H 39 -18.41 18.99 -23.13
C ASP H 39 -17.63 19.65 -24.27
N ASP H 40 -18.22 20.62 -24.97
CA ASP H 40 -17.56 21.29 -26.08
C ASP H 40 -16.72 22.48 -25.65
N GLY H 41 -16.67 22.79 -24.35
CA GLY H 41 -15.85 23.86 -23.82
C GLY H 41 -16.57 25.18 -23.64
N SER H 42 -17.79 25.31 -24.14
CA SER H 42 -18.54 26.54 -23.97
C SER H 42 -18.86 26.77 -22.50
N ILE H 43 -18.81 28.03 -22.08
CA ILE H 43 -19.07 28.41 -20.70
C ILE H 43 -20.23 29.40 -20.66
N ARG H 44 -21.07 29.24 -19.64
CA ARG H 44 -22.20 30.12 -19.36
C ARG H 44 -21.83 30.99 -18.17
N ILE H 45 -21.92 32.31 -18.37
CA ILE H 45 -21.52 33.29 -17.37
C ILE H 45 -22.77 34.05 -16.94
N GLN H 46 -22.88 34.33 -15.64
CA GLN H 46 -23.94 35.16 -15.09
C GLN H 46 -23.33 36.46 -14.59
N VAL H 47 -23.94 37.58 -14.97
CA VAL H 47 -23.45 38.90 -14.57
C VAL H 47 -24.61 39.74 -14.07
N SER H 48 -24.30 40.92 -13.53
CA SER H 48 -25.29 41.81 -12.93
C SER H 48 -25.96 42.73 -13.94
N ALA H 49 -25.51 42.75 -15.19
CA ALA H 49 -26.13 43.55 -16.23
C ALA H 49 -27.09 42.69 -17.05
N GLN H 50 -28.11 43.35 -17.61
CA GLN H 50 -29.14 42.68 -18.40
C GLN H 50 -28.81 42.84 -19.88
N PHE H 51 -28.95 41.74 -20.62
CA PHE H 51 -28.47 41.61 -21.99
C PHE H 51 -29.59 41.15 -22.90
N GLY H 52 -29.69 41.78 -24.08
CA GLY H 52 -30.79 41.58 -24.99
C GLY H 52 -31.98 42.48 -24.76
N TYR H 53 -31.86 43.47 -23.86
CA TYR H 53 -32.95 44.39 -23.56
C TYR H 53 -32.42 45.82 -23.53
N ASN H 54 -33.27 46.76 -23.93
CA ASN H 54 -32.92 48.16 -23.98
C ASN H 54 -33.20 48.82 -22.62
N GLN H 55 -33.18 50.16 -22.58
CA GLN H 55 -33.43 50.87 -21.33
C GLN H 55 -34.81 50.54 -20.79
N ALA H 56 -35.84 50.62 -21.65
CA ALA H 56 -37.19 50.32 -21.21
C ALA H 56 -37.41 48.84 -20.98
N GLY H 57 -36.53 47.97 -21.48
CA GLY H 57 -36.64 46.55 -21.30
C GLY H 57 -37.18 45.79 -22.49
N THR H 58 -37.53 46.47 -23.58
CA THR H 58 -38.01 45.78 -24.78
C THR H 58 -36.89 44.96 -25.39
N ALA H 59 -37.23 43.73 -25.79
CA ALA H 59 -36.22 42.79 -26.26
C ALA H 59 -35.65 43.23 -27.60
N ASP H 60 -34.33 43.40 -27.63
CA ASP H 60 -33.61 43.64 -28.88
C ASP H 60 -32.22 43.04 -28.72
N VAL H 61 -31.75 42.35 -29.76
CA VAL H 61 -30.50 41.62 -29.66
C VAL H 61 -29.30 42.56 -29.78
N THR H 62 -29.47 43.73 -30.39
CA THR H 62 -28.32 44.54 -30.80
C THR H 62 -27.79 45.45 -29.70
N LYS H 63 -28.45 45.55 -28.55
CA LYS H 63 -27.95 46.39 -27.48
C LYS H 63 -28.44 45.86 -26.13
N PHE H 64 -27.82 46.35 -25.07
CA PHE H 64 -28.09 45.92 -23.70
C PHE H 64 -28.27 47.12 -22.80
N ARG H 65 -28.56 46.84 -21.53
CA ARG H 65 -28.76 47.87 -20.51
C ARG H 65 -27.89 47.57 -19.28
N TYR H 66 -27.68 48.61 -18.49
CA TYR H 66 -26.84 48.53 -17.30
C TYR H 66 -27.18 49.71 -16.37
N MET H 67 -26.47 49.77 -15.25
CA MET H 67 -26.69 50.77 -14.22
C MET H 67 -25.68 51.91 -14.40
N SER H 68 -26.18 53.14 -14.33
CA SER H 68 -25.33 54.32 -14.53
C SER H 68 -24.39 54.52 -13.35
N PHE H 69 -23.25 55.14 -13.65
CA PHE H 69 -22.32 55.63 -12.61
C PHE H 69 -22.62 57.09 -12.30
N ASP H 70 -23.87 57.38 -11.94
CA ASP H 70 -24.30 58.70 -11.52
C ASP H 70 -25.12 58.57 -10.25
N HIS H 71 -25.46 59.72 -9.66
CA HIS H 71 -26.11 59.74 -8.35
C HIS H 71 -27.62 59.54 -8.44
N ASP H 72 -28.20 59.59 -9.65
CA ASP H 72 -29.59 59.19 -9.86
C ASP H 72 -29.73 57.70 -10.15
N HIS H 73 -28.63 57.03 -10.53
CA HIS H 73 -28.58 55.58 -10.77
C HIS H 73 -29.71 55.11 -11.68
N ASP H 74 -29.99 55.90 -12.72
CA ASP H 74 -30.94 55.50 -13.73
C ASP H 74 -30.34 54.45 -14.65
N ILE H 75 -31.22 53.65 -15.27
CA ILE H 75 -30.78 52.61 -16.19
C ILE H 75 -30.38 53.26 -17.50
N LYS H 76 -29.28 52.78 -18.08
CA LYS H 76 -28.80 53.25 -19.37
C LYS H 76 -28.65 52.06 -20.31
N GLU H 77 -28.42 52.36 -21.60
CA GLU H 77 -28.28 51.34 -22.62
C GLU H 77 -27.05 51.61 -23.48
N ASP H 78 -26.42 50.53 -23.93
CA ASP H 78 -25.23 50.60 -24.77
C ASP H 78 -25.31 49.50 -25.83
N SER H 79 -24.69 49.76 -26.97
CA SER H 79 -24.72 48.80 -28.06
C SER H 79 -23.97 47.52 -27.70
N MET H 80 -24.42 46.40 -28.26
CA MET H 80 -23.87 45.10 -27.92
C MET H 80 -22.46 44.89 -28.46
N ASP H 81 -22.07 45.60 -29.51
CA ASP H 81 -20.76 45.40 -30.11
C ASP H 81 -19.61 45.75 -29.18
N LYS H 82 -19.87 46.50 -28.11
CA LYS H 82 -18.83 46.91 -27.17
C LYS H 82 -18.56 45.89 -26.07
N ILE H 83 -19.36 44.82 -25.99
CA ILE H 83 -19.13 43.77 -25.00
C ILE H 83 -18.00 42.87 -25.48
N ALA H 84 -17.19 42.39 -24.53
CA ALA H 84 -16.10 41.48 -24.86
C ALA H 84 -15.89 40.52 -23.70
N ILE H 85 -15.60 39.26 -24.05
CA ILE H 85 -15.32 38.20 -23.08
C ILE H 85 -13.94 37.66 -23.40
N SER H 86 -13.12 37.43 -22.38
CA SER H 86 -11.76 36.95 -22.61
C SER H 86 -11.23 36.23 -21.37
N THR H 87 -10.50 35.15 -21.60
CA THR H 87 -9.80 34.43 -20.54
C THR H 87 -8.29 34.61 -20.67
N SER H 88 -7.73 34.24 -21.81
CA SER H 88 -6.36 34.57 -22.19
C SER H 88 -6.29 35.26 -23.54
N GLY H 89 -7.15 34.88 -24.47
CA GLY H 89 -7.41 35.64 -25.67
C GLY H 89 -8.89 35.98 -25.75
N PRO H 90 -9.29 36.76 -26.77
CA PRO H 90 -10.71 37.06 -26.94
C PRO H 90 -11.54 35.80 -27.09
N CYS H 91 -12.73 35.83 -26.49
CA CYS H 91 -13.69 34.73 -26.58
C CYS H 91 -14.78 35.08 -27.58
N ARG H 92 -15.18 34.09 -28.36
CA ARG H 92 -16.26 34.27 -29.31
C ARG H 92 -17.60 34.10 -28.60
N ARG H 93 -18.41 35.16 -28.62
CA ARG H 93 -19.72 35.13 -27.98
C ARG H 93 -20.66 34.26 -28.80
N LEU H 94 -21.38 33.36 -28.12
CA LEU H 94 -22.32 32.44 -28.75
C LEU H 94 -23.77 32.82 -28.51
N GLY H 95 -24.11 33.26 -27.31
CA GLY H 95 -25.49 33.62 -27.01
C GLY H 95 -25.56 34.54 -25.81
N HIS H 96 -26.72 35.16 -25.65
CA HIS H 96 -26.92 36.09 -24.54
C HIS H 96 -28.42 36.23 -24.28
N LYS H 97 -28.78 36.30 -23.00
CA LYS H 97 -30.18 36.42 -22.61
C LYS H 97 -30.23 36.93 -21.17
N GLY H 98 -30.81 38.11 -20.98
CA GLY H 98 -30.96 38.67 -19.65
C GLY H 98 -29.65 38.83 -18.91
N TYR H 99 -29.53 38.18 -17.75
CA TYR H 99 -28.33 38.25 -16.94
C TYR H 99 -27.21 37.35 -17.43
N PHE H 100 -27.48 36.50 -18.43
CA PHE H 100 -26.59 35.40 -18.77
C PHE H 100 -25.98 35.57 -20.16
N LEU H 101 -24.73 35.12 -20.29
CA LEU H 101 -24.04 35.05 -21.55
C LEU H 101 -23.55 33.62 -21.73
N LEU H 102 -23.23 33.25 -22.96
CA LEU H 102 -22.63 31.95 -23.25
C LEU H 102 -21.62 32.14 -24.36
N ALA H 103 -20.39 31.68 -24.15
CA ALA H 103 -19.32 31.89 -25.10
C ALA H 103 -18.34 30.73 -25.08
N GLN H 104 -17.62 30.58 -26.19
CA GLN H 104 -16.55 29.60 -26.31
C GLN H 104 -15.23 30.32 -26.03
N CYS H 105 -14.48 29.82 -25.04
CA CYS H 105 -13.28 30.48 -24.57
C CYS H 105 -12.08 29.54 -24.68
N PRO H 106 -10.86 30.07 -24.85
CA PRO H 106 -9.69 29.20 -24.80
C PRO H 106 -9.33 28.86 -23.36
N PRO H 107 -8.41 27.93 -23.15
CA PRO H 107 -8.00 27.60 -21.78
C PRO H 107 -7.40 28.81 -21.07
N GLY H 108 -7.67 28.90 -19.77
CA GLY H 108 -7.17 30.01 -18.98
C GLY H 108 -7.49 29.81 -17.51
N ASP H 109 -7.01 30.76 -16.70
CA ASP H 109 -7.20 30.73 -15.27
C ASP H 109 -8.22 31.73 -14.75
N SER H 110 -8.71 32.63 -15.60
CA SER H 110 -9.69 33.62 -15.19
C SER H 110 -10.58 33.95 -16.39
N VAL H 111 -11.72 34.56 -16.11
CA VAL H 111 -12.65 35.01 -17.14
C VAL H 111 -13.00 36.47 -16.87
N THR H 112 -12.99 37.29 -17.93
CA THR H 112 -13.18 38.73 -17.83
C THR H 112 -14.25 39.16 -18.81
N VAL H 113 -15.16 40.01 -18.34
CA VAL H 113 -16.19 40.63 -19.17
C VAL H 113 -15.99 42.13 -19.13
N SER H 114 -15.95 42.76 -20.30
CA SER H 114 -15.60 44.17 -20.42
C SER H 114 -16.52 44.90 -21.36
N ILE H 115 -16.89 46.13 -20.98
CA ILE H 115 -17.57 47.08 -21.85
C ILE H 115 -16.58 48.19 -22.19
N THR H 116 -16.67 48.72 -23.42
CA THR H 116 -15.76 49.75 -23.92
C THR H 116 -16.58 50.87 -24.55
N SER H 117 -17.02 51.82 -23.72
CA SER H 117 -17.68 53.03 -24.22
C SER H 117 -16.60 53.99 -24.67
N GLY H 118 -16.14 53.78 -25.91
CA GLY H 118 -15.07 54.59 -26.47
C GLY H 118 -13.78 54.46 -25.69
N ALA H 119 -13.38 55.54 -25.03
CA ALA H 119 -12.17 55.55 -24.21
C ALA H 119 -12.44 55.15 -22.76
N SER H 120 -13.70 54.92 -22.38
CA SER H 120 -14.06 54.51 -21.02
C SER H 120 -14.33 53.02 -21.03
N GLU H 121 -13.38 52.24 -20.53
CA GLU H 121 -13.49 50.78 -20.49
C GLU H 121 -13.68 50.33 -19.04
N ASN H 122 -14.66 49.47 -18.83
CA ASN H 122 -14.91 48.85 -17.52
C ASN H 122 -14.91 47.35 -17.68
N SER H 123 -13.98 46.68 -17.01
CA SER H 123 -13.81 45.23 -17.11
C SER H 123 -13.82 44.62 -15.72
N CYS H 124 -14.55 43.52 -15.58
CA CYS H 124 -14.57 42.74 -14.35
C CYS H 124 -14.03 41.35 -14.63
N THR H 125 -13.08 40.92 -13.80
CA THR H 125 -12.40 39.64 -13.94
C THR H 125 -12.66 38.79 -12.70
N VAL H 126 -12.94 37.51 -12.91
CA VAL H 126 -13.15 36.56 -11.81
C VAL H 126 -12.37 35.29 -12.11
N GLU H 127 -11.77 34.73 -11.07
CA GLU H 127 -10.92 33.54 -11.21
C GLU H 127 -11.79 32.32 -11.49
N LYS H 128 -11.40 31.55 -12.51
CA LYS H 128 -12.06 30.29 -12.83
C LYS H 128 -11.11 29.47 -13.68
N LYS H 129 -10.83 28.24 -13.23
CA LYS H 129 -9.89 27.36 -13.92
C LYS H 129 -10.61 26.74 -15.11
N ILE H 130 -10.57 27.46 -16.23
CA ILE H 130 -11.16 26.98 -17.48
C ILE H 130 -10.08 26.18 -18.22
N ARG H 131 -10.33 24.89 -18.41
CA ARG H 131 -9.38 23.98 -19.05
C ARG H 131 -10.05 23.29 -20.23
N ARG H 132 -9.27 23.06 -21.27
CA ARG H 132 -9.77 22.35 -22.45
C ARG H 132 -10.14 20.92 -22.05
N LYS H 133 -11.34 20.49 -22.46
CA LYS H 133 -11.84 19.16 -22.15
C LYS H 133 -12.36 18.51 -23.42
N PHE H 134 -12.41 17.18 -23.41
CA PHE H 134 -12.79 16.39 -24.57
C PHE H 134 -13.76 15.29 -24.13
N VAL H 135 -14.30 14.57 -25.10
CA VAL H 135 -15.19 13.44 -24.87
C VAL H 135 -14.63 12.24 -25.62
N GLY H 136 -14.56 11.11 -24.93
CA GLY H 136 -14.03 9.88 -25.49
C GLY H 136 -12.79 9.42 -24.75
N ARG H 137 -12.14 8.41 -25.33
CA ARG H 137 -10.95 7.81 -24.74
C ARG H 137 -9.65 8.29 -25.38
N GLU H 138 -9.72 9.30 -26.25
CA GLU H 138 -8.55 9.85 -26.92
C GLU H 138 -8.60 11.37 -26.88
N GLU H 139 -7.43 12.00 -26.79
CA GLU H 139 -7.35 13.44 -26.79
C GLU H 139 -7.40 13.99 -28.21
N TYR H 140 -7.82 15.25 -28.32
CA TYR H 140 -7.87 15.95 -29.59
C TYR H 140 -8.17 17.42 -29.34
N LEU H 141 -7.67 18.27 -30.23
CA LEU H 141 -7.94 19.70 -30.17
C LEU H 141 -9.26 20.06 -30.83
N PHE H 142 -9.57 19.42 -31.97
CA PHE H 142 -10.73 19.72 -32.77
C PHE H 142 -11.54 18.45 -33.05
N PRO H 143 -12.85 18.55 -33.25
CA PRO H 143 -13.63 17.35 -33.61
C PRO H 143 -13.16 16.80 -34.94
N PRO H 144 -12.64 15.57 -34.99
CA PRO H 144 -12.14 15.05 -36.26
C PRO H 144 -13.26 14.85 -37.28
N VAL H 145 -12.90 15.00 -38.55
CA VAL H 145 -13.88 14.81 -39.62
C VAL H 145 -14.35 13.37 -39.66
N HIS H 146 -13.41 12.42 -39.54
CA HIS H 146 -13.71 11.00 -39.59
C HIS H 146 -13.52 10.40 -38.20
N GLY H 147 -14.46 9.57 -37.78
CA GLY H 147 -14.35 8.93 -36.48
C GLY H 147 -15.71 8.44 -36.02
N LYS H 148 -15.72 7.91 -34.79
CA LYS H 148 -16.95 7.41 -34.20
C LYS H 148 -17.83 8.56 -33.74
N LEU H 149 -19.09 8.24 -33.45
CA LEU H 149 -20.04 9.19 -32.88
C LEU H 149 -20.46 8.68 -31.51
N VAL H 150 -20.26 9.53 -30.48
CA VAL H 150 -20.52 9.13 -29.11
C VAL H 150 -21.47 10.13 -28.44
N LYS H 151 -21.88 9.82 -27.22
CA LYS H 151 -22.90 10.58 -26.50
C LYS H 151 -22.20 11.69 -25.72
N CYS H 152 -22.57 12.95 -25.98
CA CYS H 152 -22.00 14.10 -25.30
C CYS H 152 -23.13 15.01 -24.84
N HIS H 153 -22.77 16.02 -24.05
CA HIS H 153 -23.73 17.00 -23.53
C HIS H 153 -23.14 18.38 -23.70
N VAL H 154 -23.86 19.25 -24.42
CA VAL H 154 -23.39 20.59 -24.75
C VAL H 154 -24.48 21.59 -24.39
N TYR H 155 -24.05 22.80 -24.05
CA TYR H 155 -25.01 23.86 -23.76
C TYR H 155 -25.78 24.23 -25.02
N ASP H 156 -27.10 24.36 -24.89
CA ASP H 156 -27.95 24.69 -26.01
C ASP H 156 -27.71 26.14 -26.44
N HIS H 157 -27.29 26.32 -27.69
CA HIS H 157 -27.04 27.68 -28.19
C HIS H 157 -28.32 28.51 -28.25
N LEU H 158 -29.48 27.87 -28.34
CA LEU H 158 -30.75 28.58 -28.38
C LEU H 158 -30.99 29.25 -27.03
N LYS H 159 -31.28 30.55 -27.04
CA LYS H 159 -31.42 31.30 -25.80
C LYS H 159 -32.79 31.13 -25.16
N GLU H 160 -33.78 30.65 -25.90
CA GLU H 160 -35.15 30.49 -25.38
C GLU H 160 -35.37 29.13 -24.72
N THR H 161 -34.46 28.77 -23.82
CA THR H 161 -34.48 27.48 -23.13
C THR H 161 -34.21 27.78 -21.65
N SER H 162 -34.39 26.78 -20.78
CA SER H 162 -34.19 26.96 -19.35
C SER H 162 -33.43 25.78 -18.77
N ALA H 163 -32.39 26.08 -18.00
CA ALA H 163 -31.66 25.10 -17.21
C ALA H 163 -32.11 25.07 -15.75
N GLY H 164 -32.97 25.99 -15.34
CA GLY H 164 -33.34 26.11 -13.95
C GLY H 164 -33.97 27.47 -13.69
N TYR H 165 -33.76 27.96 -12.47
CA TYR H 165 -34.27 29.28 -12.10
C TYR H 165 -33.29 29.97 -11.16
N ILE H 166 -33.35 31.30 -11.17
CA ILE H 166 -32.64 32.15 -10.21
C ILE H 166 -33.68 32.97 -9.47
N THR H 167 -33.49 33.12 -8.16
CA THR H 167 -34.41 33.86 -7.31
C THR H 167 -33.98 35.33 -7.24
N MET H 168 -34.87 36.21 -7.68
CA MET H 168 -34.70 37.65 -7.57
C MET H 168 -35.80 38.21 -6.68
N HIS H 169 -35.45 39.26 -5.94
CA HIS H 169 -36.29 39.84 -4.91
C HIS H 169 -36.28 41.36 -5.05
N ARG H 170 -37.16 42.03 -4.28
CA ARG H 170 -37.27 43.48 -4.38
C ARG H 170 -36.00 44.15 -3.87
N PRO H 171 -35.62 45.30 -4.42
CA PRO H 171 -34.39 45.95 -3.96
C PRO H 171 -34.53 46.46 -2.54
N GLY H 172 -33.41 46.49 -1.82
CA GLY H 172 -33.36 47.04 -0.49
C GLY H 172 -33.04 48.53 -0.51
N PRO H 173 -32.84 49.13 0.66
CA PRO H 173 -32.49 50.56 0.71
C PRO H 173 -31.04 50.78 0.31
N HIS H 174 -30.83 51.47 -0.81
CA HIS H 174 -29.50 51.82 -1.30
C HIS H 174 -29.27 53.29 -1.03
N ALA H 175 -28.39 53.58 -0.07
CA ALA H 175 -28.19 54.94 0.41
C ALA H 175 -27.35 55.75 -0.58
N TYR H 176 -27.28 57.05 -0.33
CA TYR H 176 -26.46 57.96 -1.13
C TYR H 176 -25.98 59.10 -0.24
N LYS H 177 -24.84 59.69 -0.64
CA LYS H 177 -24.24 60.78 0.12
C LYS H 177 -24.51 62.15 -0.49
N SER H 178 -24.75 62.24 -1.80
CA SER H 178 -25.02 63.53 -2.42
C SER H 178 -26.43 64.03 -2.12
N TYR H 179 -27.38 63.12 -1.90
CA TYR H 179 -28.70 63.55 -1.44
C TYR H 179 -28.58 64.32 -0.13
N LEU H 180 -27.65 63.92 0.72
CA LEU H 180 -27.41 64.59 1.99
C LEU H 180 -26.34 65.66 1.82
N GLU H 181 -26.65 66.85 2.31
CA GLU H 181 -25.70 67.96 2.27
C GLU H 181 -25.67 68.62 3.64
N GLU H 182 -24.48 68.72 4.22
CA GLU H 182 -24.27 69.37 5.51
C GLU H 182 -23.68 70.75 5.29
N ALA H 183 -24.28 71.75 5.94
CA ALA H 183 -23.77 73.11 5.87
C ALA H 183 -24.38 73.93 7.00
N SER H 184 -23.56 74.84 7.53
CA SER H 184 -23.97 75.77 8.60
C SER H 184 -24.61 75.02 9.77
N GLY H 185 -24.02 73.88 10.11
CA GLY H 185 -24.50 73.10 11.24
C GLY H 185 -25.85 72.46 11.05
N GLU H 186 -26.35 72.40 9.81
CA GLU H 186 -27.62 71.77 9.48
C GLU H 186 -27.38 70.76 8.37
N VAL H 187 -28.37 69.88 8.19
CA VAL H 187 -28.33 68.86 7.15
C VAL H 187 -29.61 68.94 6.33
N TYR H 188 -29.46 68.74 5.02
CA TYR H 188 -30.55 68.87 4.07
C TYR H 188 -30.57 67.64 3.16
N ILE H 189 -31.78 67.29 2.72
CA ILE H 189 -32.01 66.22 1.76
C ILE H 189 -32.49 66.87 0.47
N LYS H 190 -31.86 66.50 -0.65
CA LYS H 190 -32.12 67.10 -1.96
C LYS H 190 -32.58 66.01 -2.93
N PRO H 191 -33.88 65.73 -3.00
CA PRO H 191 -34.37 64.72 -3.96
C PRO H 191 -34.27 65.23 -5.38
N PRO H 192 -34.43 64.36 -6.38
CA PRO H 192 -34.46 64.81 -7.77
C PRO H 192 -35.81 65.43 -8.10
N SER H 193 -35.97 65.81 -9.38
CA SER H 193 -37.17 66.49 -9.84
C SER H 193 -38.34 65.52 -9.87
N GLY H 194 -39.27 65.66 -8.91
CA GLY H 194 -40.49 64.90 -8.90
C GLY H 194 -40.39 63.50 -8.35
N LYS H 195 -39.19 63.05 -7.98
CA LYS H 195 -39.00 61.70 -7.44
C LYS H 195 -39.08 61.76 -5.91
N ASN H 196 -40.09 61.12 -5.34
CA ASN H 196 -40.21 61.07 -3.89
C ASN H 196 -39.05 60.28 -3.31
N VAL H 197 -38.38 60.87 -2.31
CA VAL H 197 -37.21 60.27 -1.69
C VAL H 197 -37.54 60.02 -0.22
N THR H 198 -37.44 58.76 0.21
CA THR H 198 -37.51 58.45 1.62
C THR H 198 -36.21 58.87 2.29
N TYR H 199 -36.34 59.42 3.50
CA TYR H 199 -35.21 59.87 4.28
C TYR H 199 -35.44 59.50 5.74
N GLU H 200 -34.35 59.35 6.47
CA GLU H 200 -34.42 58.81 7.82
C GLU H 200 -33.21 59.29 8.60
N CYS H 201 -33.36 59.39 9.92
CA CYS H 201 -32.25 59.90 10.71
C CYS H 201 -32.40 59.54 12.17
N LYS H 202 -31.29 59.66 12.89
CA LYS H 202 -31.21 59.48 14.33
C LYS H 202 -30.30 60.60 14.86
N CYS H 203 -30.92 61.71 15.27
CA CYS H 203 -30.20 62.85 15.83
C CYS H 203 -30.78 63.13 17.20
N GLY H 204 -30.88 62.08 18.01
CA GLY H 204 -31.71 62.09 19.20
C GLY H 204 -32.70 60.96 19.10
N ASP H 205 -33.98 61.31 18.92
CA ASP H 205 -35.01 60.31 18.70
C ASP H 205 -35.04 59.88 17.24
N TYR H 206 -35.43 58.63 17.02
CA TYR H 206 -35.60 58.09 15.67
C TYR H 206 -36.62 58.95 14.91
N SER H 207 -36.29 59.32 13.66
CA SER H 207 -37.18 60.16 12.88
C SER H 207 -37.09 59.80 11.40
N THR H 208 -38.20 59.35 10.83
CA THR H 208 -38.29 59.00 9.42
C THR H 208 -39.04 60.11 8.66
N GLY H 209 -39.17 59.93 7.35
CA GLY H 209 -40.00 60.83 6.57
C GLY H 209 -39.81 60.59 5.09
N ILE H 210 -40.65 61.26 4.31
CA ILE H 210 -40.59 61.24 2.85
C ILE H 210 -40.61 62.69 2.38
N VAL H 211 -39.68 63.04 1.49
CA VAL H 211 -39.51 64.41 1.02
C VAL H 211 -39.47 64.41 -0.51
N SER H 212 -39.75 65.57 -1.09
CA SER H 212 -39.75 65.78 -2.53
C SER H 212 -38.85 66.92 -2.97
N THR H 213 -38.72 67.96 -2.15
CA THR H 213 -37.86 69.11 -2.43
C THR H 213 -36.76 69.19 -1.37
N ARG H 214 -35.96 70.26 -1.45
CA ARG H 214 -34.88 70.46 -0.49
C ARG H 214 -35.46 70.61 0.91
N THR H 215 -35.23 69.63 1.78
CA THR H 215 -35.84 69.57 3.10
C THR H 215 -34.75 69.53 4.17
N LYS H 216 -34.85 70.45 5.14
CA LYS H 216 -33.92 70.50 6.26
C LYS H 216 -34.37 69.56 7.38
N MET H 217 -33.40 68.92 8.02
CA MET H 217 -33.64 68.08 9.18
C MET H 217 -33.10 68.77 10.43
N ASN H 218 -33.92 68.79 11.48
CA ASN H 218 -33.60 69.48 12.72
C ASN H 218 -32.74 68.63 13.66
N GLY H 219 -31.98 69.32 14.51
CA GLY H 219 -31.21 68.66 15.55
C GLY H 219 -29.99 67.90 15.08
N CYS H 220 -29.61 68.04 13.81
CA CYS H 220 -28.51 67.28 13.22
C CYS H 220 -27.32 68.21 12.97
N THR H 221 -26.14 67.75 13.37
CA THR H 221 -24.90 68.49 13.18
C THR H 221 -23.83 67.68 12.47
N LYS H 222 -24.04 66.37 12.26
CA LYS H 222 -23.09 65.50 11.57
C LYS H 222 -23.77 64.88 10.36
N ALA H 223 -22.99 64.66 9.30
CA ALA H 223 -23.55 64.14 8.06
C ALA H 223 -23.82 62.64 8.11
N LYS H 224 -23.24 61.92 9.08
CA LYS H 224 -23.34 60.47 9.12
C LYS H 224 -24.61 59.97 9.81
N GLN H 225 -25.40 60.85 10.42
CA GLN H 225 -26.54 60.42 11.23
C GLN H 225 -27.79 60.09 10.42
N CYS H 226 -27.92 60.59 9.19
CA CYS H 226 -29.12 60.35 8.38
C CYS H 226 -28.76 59.67 7.07
N ILE H 227 -29.79 59.04 6.49
CA ILE H 227 -29.71 58.38 5.19
C ILE H 227 -30.85 58.93 4.33
N ALA H 228 -30.64 58.94 3.02
CA ALA H 228 -31.70 59.22 2.05
C ALA H 228 -31.58 58.29 0.86
N TYR H 229 -32.71 57.82 0.35
CA TYR H 229 -32.76 56.98 -0.83
C TYR H 229 -34.13 57.11 -1.47
N LYS H 230 -34.19 56.94 -2.79
CA LYS H 230 -35.46 57.03 -3.49
C LYS H 230 -36.24 55.72 -3.37
N SER H 231 -37.56 55.85 -3.26
CA SER H 231 -38.46 54.71 -3.15
C SER H 231 -38.60 54.09 -4.53
N ASP H 232 -37.86 53.01 -4.78
CA ASP H 232 -37.85 52.32 -6.07
C ASP H 232 -38.41 50.92 -5.86
N GLN H 233 -39.74 50.81 -5.92
CA GLN H 233 -40.41 49.53 -6.02
C GLN H 233 -40.55 49.06 -7.47
N THR H 234 -40.10 49.87 -8.43
CA THR H 234 -40.21 49.56 -9.84
C THR H 234 -38.99 48.82 -10.37
N LYS H 235 -38.29 48.07 -9.52
CA LYS H 235 -37.01 47.46 -9.86
C LYS H 235 -36.93 46.09 -9.17
N TRP H 236 -35.98 45.27 -9.63
CA TRP H 236 -35.70 43.99 -9.00
C TRP H 236 -34.20 43.73 -9.05
N VAL H 237 -33.74 42.87 -8.13
CA VAL H 237 -32.33 42.51 -8.02
C VAL H 237 -32.23 41.02 -7.75
N PHE H 238 -31.25 40.37 -8.37
CA PHE H 238 -30.96 38.97 -8.09
C PHE H 238 -30.52 38.82 -6.64
N ASN H 239 -30.76 37.63 -6.09
CA ASN H 239 -30.39 37.34 -4.71
C ASN H 239 -28.86 37.24 -4.60
N SER H 240 -28.19 38.38 -4.74
CA SER H 240 -26.74 38.47 -4.73
C SER H 240 -26.23 38.86 -3.35
N PRO H 241 -25.02 38.45 -2.94
CA PRO H 241 -24.52 38.82 -1.61
C PRO H 241 -23.89 40.21 -1.53
N ASP H 242 -23.97 41.00 -2.60
CA ASP H 242 -23.38 42.33 -2.62
C ASP H 242 -24.38 43.44 -2.33
N LEU H 243 -25.60 43.09 -1.90
CA LEU H 243 -26.66 44.07 -1.67
C LEU H 243 -27.30 43.84 -0.31
N ILE H 244 -27.84 44.92 0.25
CA ILE H 244 -28.63 44.85 1.48
C ILE H 244 -30.08 44.66 1.09
N ARG H 245 -30.76 43.78 1.80
CA ARG H 245 -32.06 43.27 1.38
C ARG H 245 -33.20 44.04 2.05
N HIS H 246 -34.31 44.14 1.31
CA HIS H 246 -35.55 44.62 1.88
C HIS H 246 -35.95 43.72 3.04
N THR H 247 -36.55 44.32 4.07
CA THR H 247 -36.98 43.56 5.24
C THR H 247 -37.86 42.38 4.85
N ASP H 248 -38.69 42.56 3.82
CA ASP H 248 -39.52 41.47 3.28
C ASP H 248 -38.79 40.83 2.12
N HIS H 249 -37.77 40.03 2.45
CA HIS H 249 -36.96 39.34 1.44
C HIS H 249 -37.51 37.94 1.15
N SER H 250 -38.82 37.86 0.90
CA SER H 250 -39.43 36.58 0.57
C SER H 250 -39.07 36.18 -0.85
N VAL H 251 -39.07 34.87 -1.11
CA VAL H 251 -38.88 34.39 -2.47
C VAL H 251 -39.97 35.01 -3.34
N GLN H 252 -39.56 35.83 -4.30
CA GLN H 252 -40.46 36.76 -4.98
C GLN H 252 -40.45 36.66 -6.49
N GLY H 253 -39.38 36.18 -7.12
CA GLY H 253 -39.38 36.02 -8.56
C GLY H 253 -38.37 34.96 -8.98
N LYS H 254 -38.73 34.19 -10.01
CA LYS H 254 -37.91 33.12 -10.55
C LYS H 254 -37.67 33.37 -12.03
N LEU H 255 -36.42 33.59 -12.41
CA LEU H 255 -36.05 33.88 -13.80
C LEU H 255 -35.30 32.70 -14.39
N HIS H 256 -35.60 32.40 -15.66
CA HIS H 256 -34.95 31.30 -16.37
C HIS H 256 -33.42 31.41 -16.28
N ILE H 257 -32.78 30.25 -16.35
CA ILE H 257 -31.34 30.16 -16.59
C ILE H 257 -31.16 29.66 -18.01
N PRO H 258 -30.91 30.53 -19.00
CA PRO H 258 -30.90 30.08 -20.39
C PRO H 258 -29.74 29.13 -20.71
N PHE H 259 -29.74 28.60 -21.93
CA PHE H 259 -28.68 27.72 -22.42
C PHE H 259 -28.57 26.46 -21.55
N ARG H 260 -29.63 25.66 -21.58
CA ARG H 260 -29.64 24.39 -20.86
C ARG H 260 -28.59 23.45 -21.43
N LEU H 261 -28.00 22.65 -20.56
CA LEU H 261 -27.05 21.63 -20.96
C LEU H 261 -27.83 20.48 -21.58
N THR H 262 -27.99 20.51 -22.93
CA THR H 262 -28.79 19.50 -23.62
C THR H 262 -27.90 18.36 -24.11
N PRO H 263 -28.41 17.13 -24.19
CA PRO H 263 -27.59 16.03 -24.72
C PRO H 263 -27.63 16.00 -26.24
N THR H 264 -26.49 15.66 -26.84
CA THR H 264 -26.39 15.50 -28.28
C THR H 264 -25.31 14.47 -28.57
N VAL H 265 -24.91 14.36 -29.84
CA VAL H 265 -23.92 13.40 -30.29
C VAL H 265 -22.71 14.17 -30.81
N CYS H 266 -21.51 13.68 -30.46
CA CYS H 266 -20.26 14.33 -30.81
C CYS H 266 -19.36 13.37 -31.57
N PRO H 267 -18.60 13.83 -32.57
CA PRO H 267 -17.64 12.95 -33.22
C PRO H 267 -16.33 12.89 -32.45
N VAL H 268 -15.74 11.70 -32.42
CA VAL H 268 -14.49 11.45 -31.69
C VAL H 268 -13.55 10.64 -32.58
N PRO H 269 -12.23 10.77 -32.41
CA PRO H 269 -11.30 10.10 -33.32
C PRO H 269 -11.26 8.60 -33.09
N LEU H 270 -10.74 7.89 -34.10
CA LEU H 270 -10.44 6.47 -34.02
C LEU H 270 -8.93 6.31 -34.17
N ALA H 271 -8.31 5.67 -33.19
CA ALA H 271 -6.86 5.57 -33.16
C ALA H 271 -6.37 4.57 -34.21
N HIS H 272 -5.06 4.61 -34.47
CA HIS H 272 -4.43 3.63 -35.35
C HIS H 272 -4.61 2.24 -34.78
N THR H 273 -4.99 1.30 -35.63
CA THR H 273 -5.25 -0.05 -35.17
C THR H 273 -3.92 -0.70 -34.74
N PRO H 274 -3.85 -1.31 -33.56
CA PRO H 274 -2.56 -1.84 -33.09
C PRO H 274 -2.15 -3.07 -33.88
N THR H 275 -0.84 -3.33 -33.86
CA THR H 275 -0.28 -4.52 -34.50
C THR H 275 0.00 -5.57 -33.44
N VAL H 276 -0.61 -6.74 -33.59
CA VAL H 276 -0.57 -7.79 -32.58
C VAL H 276 0.47 -8.82 -32.99
N THR H 277 1.41 -9.11 -32.09
CA THR H 277 2.40 -10.16 -32.25
C THR H 277 2.10 -11.24 -31.21
N LYS H 278 1.90 -12.47 -31.66
CA LYS H 278 1.41 -13.55 -30.81
C LYS H 278 2.59 -14.42 -30.37
N TRP H 279 2.71 -14.63 -29.06
CA TRP H 279 3.69 -15.56 -28.49
C TRP H 279 2.98 -16.45 -27.48
N PHE H 280 3.69 -17.50 -27.05
CA PHE H 280 3.11 -18.53 -26.21
C PHE H 280 2.46 -17.96 -24.96
N LYS H 281 1.13 -18.06 -24.88
CA LYS H 281 0.35 -17.52 -23.77
C LYS H 281 0.64 -16.03 -23.58
N GLY H 282 0.51 -15.28 -24.67
CA GLY H 282 0.69 -13.85 -24.60
C GLY H 282 0.65 -13.12 -25.94
N ILE H 283 0.40 -11.83 -25.88
CA ILE H 283 0.39 -10.97 -27.06
C ILE H 283 1.23 -9.73 -26.78
N THR H 284 1.68 -9.10 -27.86
CA THR H 284 2.40 -7.84 -27.80
C THR H 284 1.71 -6.88 -28.75
N LEU H 285 1.12 -5.83 -28.21
CA LEU H 285 0.45 -4.81 -29.00
C LEU H 285 1.44 -3.68 -29.28
N HIS H 286 1.82 -3.53 -30.54
CA HIS H 286 2.53 -2.35 -31.00
C HIS H 286 1.51 -1.27 -31.27
N LEU H 287 1.65 -0.15 -30.57
CA LEU H 287 0.66 0.92 -30.53
C LEU H 287 1.27 2.22 -30.99
N THR H 288 0.50 2.97 -31.80
CA THR H 288 0.86 4.30 -32.25
C THR H 288 -0.25 5.25 -31.84
N ALA H 289 0.12 6.41 -31.30
CA ALA H 289 -0.85 7.40 -30.85
C ALA H 289 -0.17 8.76 -30.85
N THR H 290 -0.62 9.66 -31.74
CA THR H 290 -0.04 11.00 -31.78
C THR H 290 -0.43 11.82 -30.55
N ARG H 291 -1.54 11.45 -29.90
CA ARG H 291 -2.01 12.11 -28.69
C ARG H 291 -2.34 11.06 -27.64
N PRO H 292 -2.44 11.44 -26.36
CA PRO H 292 -2.72 10.44 -25.30
C PRO H 292 -3.99 9.64 -25.57
N THR H 293 -3.83 8.33 -25.74
CA THR H 293 -4.94 7.42 -26.01
C THR H 293 -5.01 6.38 -24.90
N LEU H 294 -6.23 6.06 -24.48
CA LEU H 294 -6.43 5.15 -23.36
C LEU H 294 -6.52 3.71 -23.86
N LEU H 295 -5.72 2.83 -23.24
CA LEU H 295 -5.73 1.40 -23.51
C LEU H 295 -6.15 0.69 -22.23
N THR H 296 -7.17 -0.16 -22.33
CA THR H 296 -7.71 -0.87 -21.16
C THR H 296 -7.82 -2.35 -21.48
N THR H 297 -7.23 -3.19 -20.64
CA THR H 297 -7.24 -4.63 -20.82
C THR H 297 -7.80 -5.30 -19.58
N ARG H 298 -8.41 -6.48 -19.78
CA ARG H 298 -8.95 -7.25 -18.66
C ARG H 298 -9.13 -8.70 -19.09
N LYS H 299 -8.82 -9.61 -18.18
CA LYS H 299 -9.04 -11.03 -18.45
C LYS H 299 -10.52 -11.38 -18.35
N LEU H 300 -10.88 -12.48 -19.03
CA LEU H 300 -12.27 -12.94 -19.10
C LEU H 300 -12.51 -14.15 -18.19
N GLY H 301 -11.80 -14.21 -17.07
CA GLY H 301 -11.97 -15.29 -16.11
C GLY H 301 -12.48 -14.80 -14.77
N LEU H 302 -12.20 -15.56 -13.70
CA LEU H 302 -12.60 -15.11 -12.37
C LEU H 302 -11.90 -13.82 -12.00
N ARG H 303 -10.62 -13.72 -12.28
CA ARG H 303 -9.82 -12.52 -11.99
C ARG H 303 -9.78 -11.63 -13.22
N ALA H 304 -10.25 -10.39 -13.08
CA ALA H 304 -10.20 -9.45 -14.18
C ALA H 304 -8.76 -9.05 -14.49
N ASP H 305 -7.96 -8.78 -13.46
CA ASP H 305 -6.60 -8.29 -13.61
C ASP H 305 -6.56 -7.07 -14.53
N ALA H 306 -7.52 -6.16 -14.32
CA ALA H 306 -7.70 -5.03 -15.22
C ALA H 306 -6.50 -4.09 -15.16
N THR H 307 -6.13 -3.59 -16.34
CA THR H 307 -5.08 -2.58 -16.48
C THR H 307 -5.59 -1.46 -17.36
N ALA H 308 -5.18 -0.24 -17.04
CA ALA H 308 -5.54 0.95 -17.81
C ALA H 308 -4.33 1.86 -17.91
N GLU H 309 -4.10 2.42 -19.09
CA GLU H 309 -2.93 3.27 -19.30
C GLU H 309 -3.17 4.25 -20.42
N TRP H 310 -2.75 5.51 -20.20
CA TRP H 310 -2.74 6.52 -21.24
C TRP H 310 -1.39 6.48 -21.93
N ILE H 311 -1.40 6.37 -23.26
CA ILE H 311 -0.21 6.09 -24.06
C ILE H 311 -0.02 7.21 -25.07
N THR H 312 1.22 7.67 -25.21
CA THR H 312 1.61 8.69 -26.16
C THR H 312 2.79 8.18 -26.98
N GLY H 313 2.93 8.73 -28.19
CA GLY H 313 4.00 8.27 -29.07
C GLY H 313 3.71 6.87 -29.60
N THR H 314 4.79 6.17 -29.91
CA THR H 314 4.73 4.78 -30.38
C THR H 314 5.51 3.89 -29.42
N THR H 315 4.91 2.75 -29.08
CA THR H 315 5.50 1.85 -28.10
C THR H 315 4.94 0.45 -28.31
N SER H 316 5.28 -0.46 -27.40
CA SER H 316 4.79 -1.83 -27.43
C SER H 316 4.50 -2.27 -26.01
N ARG H 317 3.37 -2.97 -25.84
CA ARG H 317 2.94 -3.45 -24.53
C ARG H 317 2.68 -4.95 -24.59
N ASN H 318 3.24 -5.67 -23.63
CA ASN H 318 3.09 -7.13 -23.53
C ASN H 318 1.97 -7.44 -22.55
N PHE H 319 1.05 -8.31 -22.96
CA PHE H 319 -0.08 -8.72 -22.14
C PHE H 319 -0.18 -10.24 -22.13
N SER H 320 -0.20 -10.83 -20.94
CA SER H 320 -0.31 -12.28 -20.80
C SER H 320 -1.77 -12.68 -20.98
N VAL H 321 -2.02 -13.61 -21.92
CA VAL H 321 -3.35 -14.08 -22.24
C VAL H 321 -3.46 -15.53 -21.79
N GLY H 322 -4.39 -15.79 -20.88
CA GLY H 322 -4.64 -17.14 -20.42
C GLY H 322 -5.63 -17.88 -21.30
N ARG H 323 -5.93 -19.12 -20.90
CA ARG H 323 -6.89 -19.92 -21.65
C ARG H 323 -8.28 -19.30 -21.60
N GLU H 324 -8.65 -18.69 -20.47
CA GLU H 324 -9.97 -18.09 -20.34
C GLU H 324 -10.18 -16.96 -21.33
N GLY H 325 -9.12 -16.23 -21.68
CA GLY H 325 -9.18 -15.16 -22.66
C GLY H 325 -8.71 -13.85 -22.09
N LEU H 326 -8.81 -12.82 -22.93
CA LEU H 326 -8.41 -11.47 -22.56
C LEU H 326 -9.00 -10.50 -23.57
N GLU H 327 -9.60 -9.42 -23.07
CA GLU H 327 -10.22 -8.40 -23.90
C GLU H 327 -9.45 -7.10 -23.72
N TYR H 328 -9.09 -6.47 -24.84
CA TYR H 328 -8.40 -5.19 -24.83
C TYR H 328 -9.17 -4.19 -25.68
N VAL H 329 -9.25 -2.95 -25.19
CA VAL H 329 -9.90 -1.84 -25.87
C VAL H 329 -8.85 -0.76 -26.06
N TRP H 330 -8.69 -0.32 -27.30
CA TRP H 330 -7.69 0.66 -27.69
C TRP H 330 -8.39 1.91 -28.18
N GLY H 331 -8.34 2.98 -27.38
CA GLY H 331 -9.00 4.21 -27.74
C GLY H 331 -10.51 4.04 -27.82
N ASN H 332 -11.09 4.60 -28.88
CA ASN H 332 -12.53 4.55 -29.11
C ASN H 332 -12.97 3.31 -29.90
N HIS H 333 -12.04 2.39 -30.19
CA HIS H 333 -12.38 1.19 -30.93
C HIS H 333 -13.21 0.25 -30.07
N GLU H 334 -13.92 -0.65 -30.73
CA GLU H 334 -14.70 -1.64 -30.01
C GLU H 334 -13.76 -2.63 -29.31
N PRO H 335 -14.21 -3.28 -28.23
CA PRO H 335 -13.34 -4.25 -27.55
C PRO H 335 -12.98 -5.40 -28.48
N VAL H 336 -11.74 -5.89 -28.34
CA VAL H 336 -11.26 -7.04 -29.08
C VAL H 336 -10.88 -8.11 -28.08
N ARG H 337 -11.49 -9.28 -28.21
CA ARG H 337 -11.26 -10.42 -27.32
C ARG H 337 -10.39 -11.44 -28.03
N VAL H 338 -9.53 -12.11 -27.26
CA VAL H 338 -8.57 -13.04 -27.83
C VAL H 338 -8.28 -14.12 -26.78
N TRP H 339 -8.05 -15.35 -27.25
CA TRP H 339 -7.89 -16.51 -26.38
C TRP H 339 -6.59 -17.22 -26.69
N ALA H 340 -6.03 -17.87 -25.67
CA ALA H 340 -4.75 -18.54 -25.78
C ALA H 340 -4.93 -20.02 -26.13
N GLN H 341 -3.98 -20.55 -26.89
CA GLN H 341 -3.95 -21.96 -27.25
C GLN H 341 -3.05 -22.71 -26.27
N GLU H 342 -2.79 -23.98 -26.56
CA GLU H 342 -1.86 -24.81 -25.80
C GLU H 342 -0.64 -25.14 -26.67
N SER H 343 -0.17 -24.15 -27.43
CA SER H 343 0.93 -24.34 -28.38
C SER H 343 2.28 -24.25 -27.66
N ALA H 344 2.49 -25.17 -26.72
CA ALA H 344 3.77 -25.24 -26.03
C ALA H 344 4.82 -25.87 -26.94
N PRO H 345 6.11 -25.58 -26.71
CA PRO H 345 7.15 -26.16 -27.58
C PRO H 345 7.48 -27.58 -27.14
N GLY H 346 7.47 -28.50 -28.09
CA GLY H 346 7.78 -29.89 -27.84
C GLY H 346 6.80 -30.80 -28.57
N ASP H 347 6.55 -31.96 -27.96
CA ASP H 347 5.67 -32.95 -28.56
C ASP H 347 5.17 -33.93 -27.50
N PRO H 348 3.86 -34.14 -27.33
CA PRO H 348 3.40 -35.13 -26.36
C PRO H 348 3.36 -36.56 -26.88
N HIS H 349 3.84 -36.81 -28.10
CA HIS H 349 3.85 -38.14 -28.69
C HIS H 349 5.24 -38.53 -29.18
N GLY H 350 6.28 -38.06 -28.48
CA GLY H 350 7.65 -38.31 -28.87
C GLY H 350 8.53 -38.81 -27.75
N TRP H 351 9.81 -38.44 -27.79
CA TRP H 351 10.77 -38.95 -26.82
C TRP H 351 10.53 -38.28 -25.46
N PRO H 352 11.04 -38.87 -24.37
CA PRO H 352 10.75 -38.30 -23.04
C PRO H 352 11.26 -36.88 -22.86
N HIS H 353 12.41 -36.53 -23.45
CA HIS H 353 12.95 -35.18 -23.25
C HIS H 353 12.10 -34.12 -23.95
N GLU H 354 11.29 -34.52 -24.93
CA GLU H 354 10.38 -33.58 -25.57
C GLU H 354 9.11 -33.40 -24.75
N ILE H 355 8.48 -34.50 -24.34
CA ILE H 355 7.23 -34.42 -23.61
C ILE H 355 7.44 -33.78 -22.24
N ILE H 356 8.58 -34.02 -21.61
CA ILE H 356 8.84 -33.45 -20.29
C ILE H 356 8.80 -31.93 -20.36
N ILE H 357 9.54 -31.34 -21.31
CA ILE H 357 9.55 -29.88 -21.43
C ILE H 357 8.20 -29.37 -21.94
N HIS H 358 7.55 -30.12 -22.84
CA HIS H 358 6.26 -29.68 -23.36
C HIS H 358 5.25 -29.53 -22.25
N TYR H 359 5.19 -30.51 -21.35
CA TYR H 359 4.29 -30.43 -20.21
C TYR H 359 4.78 -29.48 -19.13
N TYR H 360 6.10 -29.31 -18.99
CA TYR H 360 6.63 -28.38 -18.01
C TYR H 360 6.20 -26.95 -18.32
N HIS H 361 6.27 -26.56 -19.59
CA HIS H 361 5.90 -25.20 -19.95
C HIS H 361 4.41 -24.96 -19.71
N ARG H 362 3.56 -25.94 -20.02
CA ARG H 362 2.13 -25.79 -19.80
C ARG H 362 1.78 -25.69 -18.32
N HIS H 363 2.42 -26.51 -17.48
CA HIS H 363 2.16 -26.52 -16.04
C HIS H 363 3.48 -26.67 -15.31
N PRO H 364 4.13 -25.55 -14.96
CA PRO H 364 5.44 -25.66 -14.29
C PRO H 364 5.42 -26.45 -12.99
N VAL H 365 4.35 -26.35 -12.21
CA VAL H 365 4.32 -26.95 -10.88
C VAL H 365 3.89 -28.42 -10.93
N TYR H 366 2.86 -28.73 -11.73
CA TYR H 366 2.35 -30.10 -11.78
C TYR H 366 3.41 -31.06 -12.29
N THR H 367 4.11 -30.69 -13.35
CA THR H 367 5.14 -31.56 -13.91
C THR H 367 6.28 -31.77 -12.92
N VAL H 368 6.69 -30.70 -12.23
CA VAL H 368 7.75 -30.83 -11.24
C VAL H 368 7.31 -31.75 -10.12
N ILE H 369 6.07 -31.63 -9.66
CA ILE H 369 5.57 -32.48 -8.59
C ILE H 369 5.54 -33.94 -9.05
N VAL H 370 5.08 -34.18 -10.27
CA VAL H 370 4.99 -35.55 -10.77
C VAL H 370 6.38 -36.16 -10.91
N LEU H 371 7.33 -35.40 -11.44
CA LEU H 371 8.70 -35.91 -11.59
C LEU H 371 9.33 -36.17 -10.24
N CYS H 372 9.09 -35.28 -9.26
CA CYS H 372 9.61 -35.50 -7.92
C CYS H 372 9.00 -36.76 -7.29
N GLY H 373 7.70 -36.98 -7.52
CA GLY H 373 7.08 -38.20 -7.03
C GLY H 373 7.66 -39.45 -7.66
N VAL H 374 7.94 -39.39 -8.97
CA VAL H 374 8.55 -40.53 -9.65
C VAL H 374 9.94 -40.79 -9.09
N ALA H 375 10.72 -39.73 -8.87
CA ALA H 375 12.05 -39.89 -8.30
C ALA H 375 11.99 -40.46 -6.90
N LEU H 376 11.01 -40.01 -6.11
CA LEU H 376 10.83 -40.55 -4.76
C LEU H 376 10.48 -42.02 -4.81
N ALA H 377 9.61 -42.42 -5.76
CA ALA H 377 9.27 -43.82 -5.90
C ALA H 377 10.50 -44.66 -6.28
N ILE H 378 11.33 -44.14 -7.20
CA ILE H 378 12.52 -44.87 -7.59
C ILE H 378 13.49 -45.00 -6.42
N LEU H 379 13.66 -43.93 -5.64
CA LEU H 379 14.55 -43.99 -4.49
C LEU H 379 14.03 -44.97 -3.44
N VAL H 380 12.72 -44.95 -3.19
CA VAL H 380 12.13 -45.90 -2.26
C VAL H 380 12.33 -47.32 -2.75
N GLY H 381 12.23 -47.52 -4.06
CA GLY H 381 12.45 -48.86 -4.61
C GLY H 381 13.88 -49.31 -4.42
N THR H 382 14.84 -48.42 -4.66
CA THR H 382 16.25 -48.78 -4.44
C THR H 382 16.49 -49.13 -2.97
N ALA H 383 15.95 -48.32 -2.06
CA ALA H 383 16.13 -48.60 -0.64
C ALA H 383 15.48 -49.92 -0.25
N SER H 384 14.28 -50.19 -0.76
CA SER H 384 13.61 -51.44 -0.44
C SER H 384 14.38 -52.64 -0.98
N SER H 385 14.89 -52.55 -2.20
CA SER H 385 15.67 -53.64 -2.76
C SER H 385 16.93 -53.89 -1.93
N ALA H 386 17.63 -52.82 -1.54
CA ALA H 386 18.83 -52.98 -0.73
C ALA H 386 18.50 -53.63 0.61
N ALA H 387 17.42 -53.17 1.27
CA ALA H 387 17.06 -53.71 2.57
C ALA H 387 16.67 -55.18 2.45
N CYS H 388 15.88 -55.52 1.43
CA CYS H 388 15.45 -56.91 1.25
C CYS H 388 16.63 -57.81 0.92
N ILE H 389 17.57 -57.33 0.10
CA ILE H 389 18.76 -58.12 -0.21
C ILE H 389 19.57 -58.35 1.05
N ALA H 390 19.75 -57.31 1.86
CA ALA H 390 20.52 -57.46 3.10
C ALA H 390 19.85 -58.44 4.05
N LYS H 391 18.52 -58.33 4.21
CA LYS H 391 17.82 -59.21 5.12
C LYS H 391 17.86 -60.65 4.64
N ALA H 392 17.67 -60.88 3.33
CA ALA H 392 17.73 -62.24 2.80
C ALA H 392 19.13 -62.82 2.95
N ARG H 393 20.16 -62.02 2.69
CA ARG H 393 21.53 -62.49 2.87
C ARG H 393 21.80 -62.87 4.31
N ARG H 394 21.37 -62.02 5.25
CA ARG H 394 21.57 -62.33 6.67
C ARG H 394 20.84 -63.61 7.04
N ASP H 395 19.59 -63.75 6.58
CA ASP H 395 18.79 -64.92 6.90
C ASP H 395 19.42 -66.20 6.36
N CYS H 396 19.93 -66.16 5.12
CA CYS H 396 20.45 -67.35 4.48
C CYS H 396 21.91 -67.64 4.84
N LEU H 397 22.62 -66.70 5.48
CA LEU H 397 23.99 -66.92 5.89
C LEU H 397 24.19 -67.15 7.39
N THR H 398 23.29 -66.63 8.23
CA THR H 398 23.47 -66.81 9.68
C THR H 398 23.34 -68.27 10.12
N PRO H 399 22.56 -69.16 9.43
CA PRO H 399 22.64 -70.58 9.84
C PRO H 399 23.93 -71.25 9.39
N TYR H 400 24.43 -70.87 8.22
CA TYR H 400 25.62 -71.46 7.64
C TYR H 400 26.90 -70.70 7.98
N ALA H 401 26.79 -69.54 8.63
CA ALA H 401 27.99 -68.81 9.04
C ALA H 401 28.72 -69.54 10.16
N LEU H 402 27.98 -70.03 11.15
CA LEU H 402 28.54 -70.78 12.27
C LEU H 402 28.49 -72.28 12.05
N ALA H 403 28.05 -72.74 10.89
CA ALA H 403 27.85 -74.16 10.68
C ALA H 403 29.20 -74.88 10.52
N PRO H 404 29.25 -76.18 10.78
CA PRO H 404 30.49 -76.94 10.59
C PRO H 404 30.63 -77.37 9.13
N ASN H 405 31.64 -76.83 8.45
CA ASN H 405 31.90 -77.14 7.05
C ASN H 405 30.65 -76.89 6.20
N ALA H 406 30.28 -75.62 6.14
CA ALA H 406 29.03 -75.21 5.52
C ALA H 406 29.05 -75.58 4.04
N THR H 407 28.27 -76.61 3.69
CA THR H 407 28.16 -77.08 2.31
C THR H 407 27.00 -76.37 1.63
N VAL H 408 27.17 -75.07 1.46
CA VAL H 408 26.12 -74.24 0.82
C VAL H 408 25.93 -74.72 -0.61
N PRO H 409 24.71 -74.83 -1.12
CA PRO H 409 24.53 -74.92 -2.57
C PRO H 409 25.11 -73.69 -3.24
N THR H 410 25.75 -73.90 -4.40
CA THR H 410 26.47 -72.80 -5.04
C THR H 410 25.53 -71.66 -5.44
N ALA H 411 24.27 -71.97 -5.72
CA ALA H 411 23.32 -70.92 -6.08
C ALA H 411 23.11 -69.95 -4.93
N LEU H 412 22.94 -70.46 -3.71
CA LEU H 412 22.75 -69.60 -2.56
C LEU H 412 23.97 -68.73 -2.31
N ALA H 413 25.17 -69.32 -2.39
CA ALA H 413 26.39 -68.56 -2.17
C ALA H 413 26.55 -67.47 -3.21
N VAL H 414 26.29 -67.78 -4.48
CA VAL H 414 26.41 -66.78 -5.53
C VAL H 414 25.40 -65.67 -5.33
N LEU H 415 24.15 -66.02 -4.99
CA LEU H 415 23.12 -65.01 -4.82
C LEU H 415 23.42 -64.10 -3.64
N CYS H 416 23.89 -64.67 -2.53
CA CYS H 416 24.07 -63.91 -1.29
C CYS H 416 25.44 -63.29 -1.15
N CYS H 417 26.36 -63.54 -2.07
CA CYS H 417 27.70 -62.94 -2.02
C CYS H 417 27.75 -61.57 -2.68
N ILE H 418 26.65 -61.12 -3.29
CA ILE H 418 26.61 -59.82 -3.96
C ILE H 418 25.58 -58.93 -3.26
N GLU I 107 38.96 -75.56 28.52
CA GLU I 107 37.88 -74.63 28.83
C GLU I 107 38.39 -73.44 29.63
N SER I 108 39.22 -73.70 30.64
CA SER I 108 39.77 -72.61 31.45
C SER I 108 40.69 -71.73 30.62
N ASP I 109 41.50 -72.32 29.75
CA ASP I 109 42.50 -71.55 29.02
C ASP I 109 41.84 -70.65 27.97
N LYS I 110 40.90 -71.19 27.19
CA LYS I 110 40.44 -70.55 25.97
C LYS I 110 38.97 -70.11 26.05
N THR I 111 38.44 -69.91 27.25
CA THR I 111 37.12 -69.32 27.45
C THR I 111 37.30 -68.07 28.30
N PHE I 112 36.89 -66.93 27.77
CA PHE I 112 37.20 -65.63 28.38
C PHE I 112 35.95 -65.04 29.01
N PRO I 113 35.93 -64.83 30.33
CA PRO I 113 34.82 -64.08 30.94
C PRO I 113 34.54 -62.75 30.24
N ILE I 114 33.32 -62.26 30.40
CA ILE I 114 32.91 -60.93 29.96
C ILE I 114 32.64 -60.11 31.21
N MET I 115 33.27 -58.95 31.32
CA MET I 115 33.21 -58.11 32.51
C MET I 115 32.55 -56.78 32.19
N LEU I 116 31.69 -56.34 33.12
CA LEU I 116 31.02 -55.05 33.03
C LEU I 116 30.93 -54.48 34.43
N ASN I 117 31.44 -53.26 34.61
CA ASN I 117 31.38 -52.56 35.89
C ASN I 117 32.01 -53.37 37.02
N GLY I 118 33.04 -54.14 36.70
CA GLY I 118 33.72 -54.96 37.69
C GLY I 118 33.05 -56.26 38.03
N GLN I 119 31.98 -56.64 37.31
CA GLN I 119 31.26 -57.88 37.56
C GLN I 119 31.27 -58.74 36.30
N VAL I 120 31.51 -60.04 36.48
CA VAL I 120 31.48 -60.98 35.37
C VAL I 120 30.03 -61.33 35.07
N ASN I 121 29.60 -61.06 33.83
CA ASN I 121 28.21 -61.24 33.43
C ASN I 121 28.05 -62.14 32.22
N GLY I 122 29.12 -62.59 31.59
CA GLY I 122 28.99 -63.44 30.42
C GLY I 122 30.31 -64.05 30.05
N TYR I 123 30.26 -64.90 29.02
CA TYR I 123 31.44 -65.60 28.54
C TYR I 123 31.43 -65.62 27.02
N ALA I 124 32.58 -65.36 26.42
CA ALA I 124 32.78 -65.44 24.97
C ALA I 124 33.67 -66.64 24.66
N CYS I 125 33.37 -67.32 23.56
CA CYS I 125 34.02 -68.58 23.23
C CYS I 125 34.68 -68.49 21.87
N VAL I 126 35.77 -69.24 21.68
CA VAL I 126 36.43 -69.34 20.39
C VAL I 126 36.25 -70.76 19.87
N VAL I 127 35.68 -70.90 18.68
CA VAL I 127 35.43 -72.19 18.06
C VAL I 127 35.75 -72.08 16.58
N GLY I 128 36.46 -73.06 16.04
CA GLY I 128 36.72 -73.12 14.61
C GLY I 128 37.42 -71.90 14.07
N GLY I 129 38.16 -71.18 14.91
CA GLY I 129 38.84 -69.98 14.47
C GLY I 129 38.02 -68.72 14.49
N ARG I 130 36.88 -68.71 15.21
CA ARG I 130 36.02 -67.54 15.27
C ARG I 130 35.49 -67.36 16.69
N LEU I 131 35.36 -66.10 17.12
CA LEU I 131 34.90 -65.78 18.46
C LEU I 131 33.41 -65.44 18.43
N MET I 132 32.62 -66.18 19.21
CA MET I 132 31.20 -65.90 19.41
C MET I 132 30.98 -65.30 20.80
N LYS I 133 30.02 -64.38 20.86
CA LYS I 133 29.56 -63.77 22.11
C LYS I 133 28.04 -63.66 21.99
N PRO I 134 27.28 -63.77 23.09
CA PRO I 134 25.84 -63.57 23.00
C PRO I 134 25.31 -62.15 23.28
N LEU I 135 24.14 -61.88 22.69
CA LEU I 135 23.64 -60.51 22.53
C LEU I 135 22.97 -59.99 23.79
N HIS I 136 22.31 -60.85 24.57
CA HIS I 136 21.58 -60.37 25.74
C HIS I 136 22.53 -59.74 26.75
N VAL I 137 23.68 -60.35 26.98
CA VAL I 137 24.65 -59.80 27.92
C VAL I 137 25.43 -58.68 27.25
N GLU I 138 25.68 -57.61 28.00
CA GLU I 138 26.46 -56.47 27.55
C GLU I 138 27.71 -56.36 28.43
N GLY I 139 28.86 -56.17 27.79
CA GLY I 139 30.10 -56.01 28.52
C GLY I 139 31.31 -56.00 27.61
N LYS I 140 32.42 -55.45 28.10
CA LYS I 140 33.65 -55.41 27.33
C LYS I 140 34.33 -56.78 27.36
N ILE I 141 35.38 -56.91 26.55
CA ILE I 141 36.28 -58.05 26.57
C ILE I 141 37.66 -57.52 26.93
N ASP I 142 38.26 -58.08 27.98
CA ASP I 142 39.54 -57.58 28.46
C ASP I 142 40.63 -57.73 27.41
N ASN I 143 40.50 -58.70 26.53
CA ASN I 143 41.54 -58.97 25.54
C ASN I 143 41.61 -57.85 24.51
N GLU I 144 42.85 -57.44 24.16
CA GLU I 144 43.03 -56.39 23.16
C GLU I 144 42.58 -56.84 21.77
N GLN I 145 42.99 -58.03 21.35
CA GLN I 145 42.69 -58.44 19.98
C GLN I 145 41.19 -58.62 19.79
N LEU I 146 40.56 -59.38 20.70
CA LEU I 146 39.12 -59.56 20.62
C LEU I 146 38.39 -58.23 20.74
N ALA I 147 38.92 -57.30 21.53
CA ALA I 147 38.35 -55.96 21.57
C ALA I 147 38.45 -55.28 20.21
N ALA I 148 39.49 -55.60 19.44
CA ALA I 148 39.70 -55.03 18.12
C ALA I 148 39.01 -55.81 17.01
N VAL I 149 38.35 -56.92 17.32
CA VAL I 149 37.67 -57.72 16.30
C VAL I 149 36.34 -57.05 15.93
N LYS I 150 36.06 -57.00 14.64
CA LYS I 150 34.74 -56.56 14.16
C LYS I 150 33.76 -57.71 14.31
N LEU I 151 32.66 -57.46 15.02
CA LEU I 151 31.68 -58.48 15.35
C LEU I 151 30.49 -58.35 14.41
N LYS I 152 30.31 -59.36 13.55
CA LYS I 152 29.10 -59.47 12.75
C LYS I 152 27.99 -60.07 13.60
N LYS I 153 26.88 -59.35 13.74
CA LYS I 153 25.86 -59.66 14.73
C LYS I 153 24.66 -60.31 14.04
N ALA I 154 24.33 -61.53 14.45
CA ALA I 154 23.06 -62.16 14.12
C ALA I 154 22.16 -61.97 15.35
N SER I 155 21.23 -61.01 15.24
CA SER I 155 20.42 -60.64 16.39
C SER I 155 19.38 -61.70 16.70
N MET I 156 18.75 -62.29 15.67
CA MET I 156 17.75 -63.32 15.92
C MET I 156 18.40 -64.59 16.43
N TYR I 157 19.66 -64.84 16.06
CA TYR I 157 20.45 -65.89 16.68
C TYR I 157 20.99 -65.49 18.05
N ASP I 158 20.84 -64.22 18.45
CA ASP I 158 21.28 -63.75 19.75
C ASP I 158 22.79 -63.97 19.91
N LEU I 159 23.54 -63.70 18.84
CA LEU I 159 24.96 -63.98 18.85
C LEU I 159 25.66 -62.96 17.95
N GLU I 160 26.97 -62.82 18.17
CA GLU I 160 27.84 -62.06 17.29
C GLU I 160 29.12 -62.86 17.13
N TYR I 161 29.53 -63.03 15.88
CA TYR I 161 30.72 -63.80 15.52
C TYR I 161 31.74 -62.89 14.85
N GLY I 162 33.00 -63.08 15.20
CA GLY I 162 34.08 -62.27 14.65
C GLY I 162 35.32 -63.10 14.39
N ASP I 163 35.98 -62.75 13.29
CA ASP I 163 37.17 -63.47 12.84
C ASP I 163 38.29 -63.33 13.87
N VAL I 164 38.77 -64.45 14.38
CA VAL I 164 39.86 -64.43 15.35
C VAL I 164 41.15 -64.00 14.66
N PRO I 165 42.03 -63.19 15.31
CA PRO I 165 43.32 -62.86 14.68
C PRO I 165 44.16 -64.08 14.34
N GLN I 166 45.26 -63.86 13.61
CA GLN I 166 46.08 -64.96 13.12
C GLN I 166 46.89 -65.63 14.23
N ASN I 167 47.36 -64.85 15.21
CA ASN I 167 48.34 -65.37 16.15
C ASN I 167 47.75 -66.41 17.11
N MET I 168 46.43 -66.60 17.14
CA MET I 168 45.80 -67.61 17.98
C MET I 168 44.77 -68.45 17.24
N LYS I 169 44.72 -68.37 15.90
CA LYS I 169 43.83 -69.23 15.15
C LYS I 169 44.30 -70.67 15.12
N SER I 170 45.61 -70.91 15.29
CA SER I 170 46.14 -72.27 15.21
C SER I 170 45.57 -73.14 16.33
N ASP I 171 45.51 -72.61 17.55
CA ASP I 171 45.02 -73.34 18.72
C ASP I 171 43.64 -72.78 19.06
N THR I 172 42.61 -73.50 18.62
CA THR I 172 41.22 -73.13 18.89
C THR I 172 40.41 -74.40 19.15
N LEU I 173 39.29 -74.23 19.85
CA LEU I 173 38.43 -75.36 20.15
C LEU I 173 37.90 -75.98 18.87
N GLN I 174 37.84 -77.31 18.85
CA GLN I 174 37.23 -78.04 17.75
C GLN I 174 35.76 -78.29 18.05
N TYR I 175 34.96 -78.40 17.00
CA TYR I 175 33.52 -78.54 17.09
C TYR I 175 33.08 -79.89 16.56
N THR I 176 31.79 -80.17 16.73
CA THR I 176 31.22 -81.43 16.27
C THR I 176 29.73 -81.25 16.05
N SER I 177 29.17 -82.14 15.22
CA SER I 177 27.74 -82.17 14.94
C SER I 177 27.06 -83.45 15.40
N ASP I 178 27.80 -84.53 15.60
CA ASP I 178 27.22 -85.77 16.10
C ASP I 178 26.89 -85.62 17.58
N LYS I 179 25.65 -85.96 17.94
CA LYS I 179 25.12 -85.75 19.29
C LYS I 179 24.46 -87.02 19.80
N PRO I 180 25.25 -88.00 20.26
CA PRO I 180 24.67 -89.14 20.95
C PRO I 180 24.10 -88.73 22.30
N PRO I 181 22.95 -89.26 22.71
CA PRO I 181 22.40 -88.88 24.01
C PRO I 181 23.25 -89.41 25.16
N GLY I 182 23.21 -88.69 26.28
CA GLY I 182 23.94 -89.09 27.46
C GLY I 182 24.53 -87.88 28.16
N PHE I 183 25.55 -88.12 28.99
CA PHE I 183 26.16 -87.07 29.78
C PHE I 183 27.26 -86.37 28.99
N TYR I 184 27.30 -85.04 29.13
CA TYR I 184 28.30 -84.21 28.48
C TYR I 184 28.93 -83.27 29.50
N ASN I 185 30.26 -83.29 29.57
CA ASN I 185 30.97 -82.54 30.59
C ASN I 185 30.80 -81.03 30.39
N TRP I 186 30.84 -80.30 31.50
CA TRP I 186 30.73 -78.84 31.48
C TRP I 186 31.16 -78.33 32.86
N HIS I 187 31.26 -77.00 32.97
CA HIS I 187 31.99 -76.37 34.07
C HIS I 187 31.56 -76.86 35.44
N HIS I 188 30.25 -76.89 35.70
CA HIS I 188 29.70 -77.29 36.99
C HIS I 188 29.17 -78.72 36.97
N GLY I 189 29.74 -79.60 36.15
CA GLY I 189 29.38 -81.00 36.18
C GLY I 189 29.07 -81.59 34.81
N ALA I 190 27.85 -82.11 34.65
CA ALA I 190 27.44 -82.78 33.41
C ALA I 190 26.02 -82.38 33.04
N VAL I 191 25.79 -82.24 31.74
CA VAL I 191 24.47 -82.00 31.17
C VAL I 191 23.97 -83.29 30.56
N GLN I 192 22.75 -83.68 30.89
CA GLN I 192 22.13 -84.89 30.34
C GLN I 192 21.38 -84.50 29.07
N TYR I 193 21.73 -85.15 27.96
CA TYR I 193 21.10 -84.92 26.66
C TYR I 193 20.18 -86.09 26.38
N GLU I 194 18.88 -85.79 26.22
CA GLU I 194 17.88 -86.80 25.93
C GLU I 194 16.66 -86.13 25.32
N ASN I 195 16.01 -86.86 24.40
CA ASN I 195 14.80 -86.39 23.74
C ASN I 195 15.04 -85.05 23.04
N GLY I 196 16.22 -84.89 22.46
CA GLY I 196 16.54 -83.65 21.78
C GLY I 196 16.65 -82.45 22.70
N ARG I 197 16.92 -82.68 23.99
CA ARG I 197 16.92 -81.60 24.98
C ARG I 197 18.08 -81.78 25.94
N PHE I 198 18.61 -80.63 26.38
CA PHE I 198 19.68 -80.57 27.37
C PHE I 198 19.07 -80.22 28.71
N THR I 199 19.37 -81.02 29.73
CA THR I 199 18.88 -80.76 31.07
C THR I 199 20.04 -80.85 32.05
N VAL I 200 19.91 -80.08 33.14
CA VAL I 200 20.91 -79.98 34.19
C VAL I 200 20.10 -80.08 35.48
N PRO I 201 20.65 -80.44 36.63
CA PRO I 201 19.83 -80.47 37.83
C PRO I 201 19.45 -79.14 38.46
N ARG I 202 18.41 -79.20 39.29
CA ARG I 202 17.82 -77.97 39.82
C ARG I 202 18.80 -77.27 40.77
N GLY I 203 19.04 -75.99 40.51
CA GLY I 203 19.92 -75.18 41.33
C GLY I 203 21.30 -74.96 40.78
N VAL I 204 21.70 -75.69 39.75
CA VAL I 204 23.02 -75.51 39.14
C VAL I 204 22.88 -74.55 37.97
N GLY I 205 23.86 -73.67 37.81
CA GLY I 205 23.82 -72.66 36.78
C GLY I 205 22.99 -71.46 37.20
N GLY I 206 23.01 -70.44 36.34
CA GLY I 206 22.27 -69.23 36.63
C GLY I 206 22.71 -68.10 35.72
N LYS I 207 22.42 -66.88 36.15
CA LYS I 207 22.80 -65.71 35.37
C LYS I 207 24.31 -65.57 35.34
N GLY I 208 24.84 -65.22 34.16
CA GLY I 208 26.26 -65.07 33.96
C GLY I 208 26.97 -66.27 33.38
N ASP I 209 26.30 -67.42 33.28
CA ASP I 209 26.89 -68.62 32.69
C ASP I 209 26.56 -68.78 31.22
N SER I 210 25.90 -67.81 30.59
CA SER I 210 25.61 -67.90 29.17
C SER I 210 26.90 -67.81 28.37
N GLY I 211 26.90 -68.49 27.21
CA GLY I 211 28.06 -68.54 26.36
C GLY I 211 29.09 -69.59 26.74
N ARG I 212 28.84 -70.38 27.78
CA ARG I 212 29.78 -71.41 28.19
C ARG I 212 29.69 -72.60 27.24
N PRO I 213 30.78 -73.02 26.60
CA PRO I 213 30.68 -74.17 25.69
C PRO I 213 30.37 -75.46 26.44
N ILE I 214 29.67 -76.35 25.75
CA ILE I 214 29.45 -77.72 26.23
C ILE I 214 30.44 -78.59 25.48
N LEU I 215 31.32 -79.25 26.23
CA LEU I 215 32.45 -79.98 25.66
C LEU I 215 32.09 -81.45 25.51
N ASP I 216 32.77 -82.13 24.59
CA ASP I 216 32.59 -83.56 24.39
C ASP I 216 33.64 -84.33 25.21
N ASN I 217 33.51 -85.65 25.24
CA ASN I 217 34.48 -86.48 25.94
C ASN I 217 35.86 -86.35 25.29
N ARG I 218 35.90 -86.15 23.98
CA ARG I 218 37.15 -85.95 23.25
C ARG I 218 37.57 -84.48 23.18
N GLY I 219 37.09 -83.65 24.10
CA GLY I 219 37.47 -82.24 24.12
C GLY I 219 36.98 -81.44 22.94
N ARG I 220 35.71 -81.61 22.55
CA ARG I 220 35.13 -80.90 21.43
C ARG I 220 33.84 -80.22 21.84
N VAL I 221 33.60 -79.04 21.26
CA VAL I 221 32.39 -78.27 21.55
C VAL I 221 31.24 -78.80 20.71
N VAL I 222 30.08 -79.01 21.35
CA VAL I 222 28.89 -79.49 20.67
C VAL I 222 27.80 -78.43 20.65
N ALA I 223 27.68 -77.63 21.71
CA ALA I 223 26.65 -76.60 21.79
C ALA I 223 27.10 -75.52 22.76
N ILE I 224 26.44 -74.36 22.66
CA ILE I 224 26.71 -73.21 23.51
C ILE I 224 25.45 -72.87 24.26
N VAL I 225 25.54 -72.81 25.59
CA VAL I 225 24.38 -72.52 26.42
C VAL I 225 24.09 -71.02 26.39
N LEU I 226 22.81 -70.67 26.25
CA LEU I 226 22.35 -69.29 26.28
C LEU I 226 21.53 -68.96 27.50
N GLY I 227 20.75 -69.92 28.01
CA GLY I 227 19.96 -69.66 29.20
C GLY I 227 19.40 -70.94 29.77
N GLY I 228 18.55 -70.80 30.78
CA GLY I 228 17.91 -71.93 31.41
C GLY I 228 16.50 -71.61 31.83
N ALA I 229 15.68 -72.66 31.90
CA ALA I 229 14.28 -72.56 32.31
C ALA I 229 14.01 -73.60 33.40
N ASN I 230 13.39 -73.16 34.49
CA ASN I 230 13.14 -74.02 35.65
C ASN I 230 11.81 -74.75 35.47
N GLU I 231 11.87 -76.08 35.36
CA GLU I 231 10.68 -76.92 35.28
C GLU I 231 10.44 -77.71 36.56
N GLY I 232 11.06 -77.31 37.68
CA GLY I 232 10.83 -77.96 38.96
C GLY I 232 11.80 -79.08 39.26
N THR I 233 11.66 -80.20 38.56
CA THR I 233 12.54 -81.35 38.83
C THR I 233 13.96 -81.09 38.36
N ARG I 234 14.09 -80.51 37.17
CA ARG I 234 15.40 -80.18 36.60
C ARG I 234 15.36 -78.75 36.06
N THR I 235 16.40 -78.35 35.32
CA THR I 235 16.41 -77.09 34.59
C THR I 235 16.81 -77.40 33.16
N ALA I 236 15.98 -76.96 32.21
CA ALA I 236 16.22 -77.21 30.79
C ALA I 236 17.04 -76.06 30.21
N LEU I 237 18.13 -76.40 29.53
CA LEU I 237 19.07 -75.40 29.03
C LEU I 237 18.67 -75.01 27.61
N SER I 238 18.39 -73.72 27.42
CA SER I 238 18.19 -73.15 26.09
C SER I 238 19.56 -72.86 25.49
N VAL I 239 19.92 -73.60 24.43
CA VAL I 239 21.25 -73.60 23.87
C VAL I 239 21.16 -73.44 22.35
N VAL I 240 22.32 -73.51 21.69
CA VAL I 240 22.42 -73.41 20.24
C VAL I 240 23.07 -74.70 19.76
N THR I 241 22.25 -75.68 19.40
CA THR I 241 22.76 -76.95 18.88
C THR I 241 23.05 -76.82 17.40
N TRP I 242 23.85 -77.74 16.88
CA TRP I 242 24.23 -77.77 15.47
C TRP I 242 23.54 -78.95 14.79
N ASN I 243 23.81 -79.14 13.50
CA ASN I 243 23.19 -80.21 12.73
C ASN I 243 24.18 -80.71 11.70
N GLN I 244 23.89 -81.91 11.18
CA GLN I 244 24.81 -82.58 10.25
C GLN I 244 24.82 -81.90 8.88
N LYS I 245 23.75 -81.20 8.51
CA LYS I 245 23.60 -80.62 7.18
C LYS I 245 24.13 -79.18 7.11
N GLY I 246 25.08 -78.83 7.96
CA GLY I 246 25.61 -77.48 7.96
C GLY I 246 24.59 -76.45 8.40
N VAL I 247 23.84 -76.74 9.47
CA VAL I 247 22.77 -75.90 9.97
C VAL I 247 22.97 -75.73 11.47
N THR I 248 22.58 -74.57 12.00
CA THR I 248 22.61 -74.29 13.43
C THR I 248 21.22 -73.93 13.92
N ILE I 249 20.74 -74.66 14.92
CA ILE I 249 19.37 -74.54 15.41
C ILE I 249 19.42 -74.13 16.88
N LYS I 250 18.71 -73.06 17.21
CA LYS I 250 18.53 -72.68 18.61
C LYS I 250 17.43 -73.54 19.21
N ASP I 251 17.70 -74.14 20.37
CA ASP I 251 16.70 -74.91 21.10
C ASP I 251 16.35 -74.17 22.37
N THR I 252 15.05 -73.88 22.53
CA THR I 252 14.53 -73.23 23.71
C THR I 252 13.24 -73.92 24.16
N PRO I 253 12.98 -73.99 25.46
CA PRO I 253 11.70 -74.47 25.94
C PRO I 253 10.58 -73.45 26.17
N GLU I 254 9.45 -73.93 26.68
CA GLU I 254 8.43 -73.02 27.14
C GLU I 254 8.86 -72.37 28.45
N GLY I 255 8.66 -71.05 28.54
CA GLY I 255 9.13 -70.30 29.69
C GLY I 255 10.64 -70.11 29.72
N SER I 256 11.22 -69.70 28.60
CA SER I 256 12.66 -69.46 28.56
C SER I 256 13.04 -68.30 29.46
N GLU I 257 14.26 -68.37 30.00
CA GLU I 257 14.86 -67.28 30.77
C GLU I 257 16.31 -67.13 30.33
N PRO I 258 16.63 -66.20 29.40
CA PRO I 258 18.03 -66.06 28.99
C PRO I 258 18.93 -65.58 30.12
N TRP I 259 19.85 -66.43 30.54
CA TRP I 259 20.76 -66.11 31.64
C TRP I 259 21.71 -65.00 31.23
N PHE J 1 -16.47 18.56 26.34
CA PHE J 1 -16.34 17.43 27.23
C PHE J 1 -17.20 16.25 26.73
N GLU J 2 -16.53 15.20 26.27
CA GLU J 2 -17.19 14.04 25.70
C GLU J 2 -17.53 13.04 26.80
N HIS J 3 -18.81 12.69 26.90
CA HIS J 3 -19.29 11.67 27.84
C HIS J 3 -19.94 10.55 27.05
N ALA J 4 -19.53 9.32 27.35
CA ALA J 4 -20.03 8.13 26.65
C ALA J 4 -20.91 7.34 27.60
N THR J 5 -22.12 7.04 27.17
CA THR J 5 -23.08 6.25 27.93
C THR J 5 -23.66 5.16 27.04
N THR J 6 -24.36 4.21 27.66
CA THR J 6 -25.05 3.13 26.97
C THR J 6 -26.53 3.22 27.37
N VAL J 7 -27.28 4.00 26.62
CA VAL J 7 -28.69 4.24 26.97
C VAL J 7 -29.51 3.02 26.54
N PRO J 8 -30.31 2.41 27.43
CA PRO J 8 -31.17 1.32 26.99
C PRO J 8 -32.22 1.83 26.00
N ASN J 9 -32.42 1.07 24.93
CA ASN J 9 -33.37 1.45 23.88
C ASN J 9 -34.77 1.02 24.33
N VAL J 10 -35.35 1.84 25.19
CA VAL J 10 -36.71 1.64 25.70
C VAL J 10 -37.45 2.96 25.65
N PRO J 11 -38.40 3.17 24.72
CA PRO J 11 -39.07 4.47 24.66
C PRO J 11 -39.86 4.77 25.92
N GLY J 12 -39.82 6.04 26.33
CA GLY J 12 -40.62 6.52 27.44
C GLY J 12 -39.99 6.39 28.81
N ILE J 13 -38.86 5.69 28.92
CA ILE J 13 -38.17 5.49 30.21
C ILE J 13 -36.90 6.34 30.21
N PRO J 14 -36.83 7.45 30.93
CA PRO J 14 -35.60 8.25 30.91
C PRO J 14 -34.43 7.51 31.53
N TYR J 15 -33.25 7.77 31.00
CA TYR J 15 -31.99 7.26 31.54
C TYR J 15 -31.19 8.45 32.07
N LYS J 16 -30.81 8.38 33.34
CA LYS J 16 -30.17 9.49 34.03
C LYS J 16 -28.73 9.15 34.37
N ALA J 17 -27.86 10.16 34.23
CA ALA J 17 -26.45 9.99 34.50
C ALA J 17 -25.91 11.29 35.07
N LEU J 18 -24.73 11.20 35.69
CA LEU J 18 -24.04 12.36 36.25
C LEU J 18 -22.67 12.49 35.60
N VAL J 19 -22.44 13.61 34.92
CA VAL J 19 -21.15 13.91 34.33
C VAL J 19 -20.33 14.69 35.34
N GLU J 20 -19.10 14.23 35.59
CA GLU J 20 -18.25 14.75 36.65
C GLU J 20 -16.91 15.17 36.05
N ARG J 21 -16.83 16.41 35.57
CA ARG J 21 -15.54 16.97 35.21
C ARG J 21 -14.76 17.29 36.48
N ALA J 22 -13.43 17.12 36.40
CA ALA J 22 -12.61 17.06 37.60
C ALA J 22 -12.67 18.37 38.37
N GLY J 23 -12.40 19.49 37.71
CA GLY J 23 -12.35 20.78 38.38
C GLY J 23 -13.67 21.52 38.46
N TYR J 24 -14.77 20.87 38.08
CA TYR J 24 -16.06 21.52 37.97
C TYR J 24 -17.14 20.66 38.64
N ALA J 25 -18.20 21.32 39.06
CA ALA J 25 -19.26 20.63 39.78
C ALA J 25 -19.95 19.62 38.86
N PRO J 26 -20.44 18.49 39.39
CA PRO J 26 -21.14 17.53 38.53
C PRO J 26 -22.42 18.12 37.96
N LEU J 27 -22.78 17.62 36.78
CA LEU J 27 -24.00 18.02 36.10
C LEU J 27 -24.85 16.79 35.82
N ASN J 28 -26.16 16.99 35.72
CA ASN J 28 -27.12 15.91 35.49
C ASN J 28 -27.43 15.83 34.01
N LEU J 29 -27.61 14.60 33.51
CA LEU J 29 -27.86 14.35 32.09
C LEU J 29 -28.97 13.33 31.99
N GLU J 30 -30.13 13.76 31.50
CA GLU J 30 -31.29 12.89 31.31
C GLU J 30 -31.50 12.70 29.82
N ILE J 31 -31.44 11.46 29.36
CA ILE J 31 -31.61 11.11 27.96
C ILE J 31 -32.85 10.24 27.84
N THR J 32 -33.81 10.66 27.03
CA THR J 32 -35.05 9.93 26.83
C THR J 32 -35.26 9.68 25.35
N VAL J 33 -35.53 8.43 24.99
CA VAL J 33 -35.83 8.06 23.62
C VAL J 33 -37.31 8.32 23.36
N VAL J 34 -37.61 9.52 22.86
CA VAL J 34 -39.02 9.89 22.67
C VAL J 34 -39.64 9.05 21.57
N SER J 35 -38.91 8.86 20.46
CA SER J 35 -39.39 8.06 19.34
C SER J 35 -38.21 7.37 18.70
N SER J 36 -38.49 6.23 18.07
CA SER J 36 -37.45 5.45 17.38
C SER J 36 -38.11 4.62 16.31
N GLU J 37 -37.71 4.80 15.06
CA GLU J 37 -38.24 4.06 13.92
C GLU J 37 -37.12 3.29 13.24
N LEU J 38 -37.35 2.01 12.99
CA LEU J 38 -36.45 1.15 12.22
C LEU J 38 -37.09 0.94 10.86
N THR J 39 -36.43 1.42 9.81
CA THR J 39 -36.93 1.34 8.45
C THR J 39 -35.97 0.50 7.60
N PRO J 40 -36.45 -0.55 6.90
CA PRO J 40 -35.53 -1.35 6.09
C PRO J 40 -35.32 -0.80 4.69
N SER J 41 -34.34 -1.36 3.99
CA SER J 41 -34.13 -1.05 2.58
C SER J 41 -35.13 -1.86 1.75
N THR J 42 -35.97 -1.16 1.01
CA THR J 42 -37.12 -1.76 0.33
C THR J 42 -37.09 -1.45 -1.15
N ASN J 43 -37.56 -2.40 -1.95
CA ASN J 43 -37.68 -2.23 -3.40
C ASN J 43 -38.83 -3.09 -3.89
N LYS J 44 -39.79 -2.46 -4.57
CA LYS J 44 -40.95 -3.19 -5.07
C LYS J 44 -40.53 -4.15 -6.17
N GLU J 45 -40.82 -5.43 -5.99
CA GLU J 45 -40.61 -6.39 -7.06
C GLU J 45 -41.78 -6.41 -8.02
N TYR J 46 -43.01 -6.39 -7.49
CA TYR J 46 -44.20 -6.29 -8.34
C TYR J 46 -45.41 -6.05 -7.45
N VAL J 47 -46.57 -5.94 -8.10
CA VAL J 47 -47.86 -5.86 -7.45
C VAL J 47 -48.75 -6.95 -8.01
N THR J 48 -49.87 -7.20 -7.32
CA THR J 48 -50.80 -8.23 -7.75
C THR J 48 -52.18 -7.91 -7.20
N CYS J 49 -53.19 -8.52 -7.79
CA CYS J 49 -54.59 -8.31 -7.41
C CYS J 49 -55.41 -9.44 -8.04
N ARG J 50 -56.73 -9.33 -7.93
CA ARG J 50 -57.63 -10.31 -8.52
C ARG J 50 -57.80 -9.99 -10.01
N PHE J 51 -57.39 -10.92 -10.87
CA PHE J 51 -57.43 -10.66 -12.30
C PHE J 51 -58.87 -10.50 -12.79
N HIS J 52 -59.05 -9.58 -13.74
CA HIS J 52 -60.26 -9.48 -14.54
C HIS J 52 -60.03 -10.27 -15.82
N THR J 53 -60.80 -11.35 -15.98
CA THR J 53 -60.67 -12.21 -17.16
C THR J 53 -61.39 -11.53 -18.32
N VAL J 54 -60.60 -10.86 -19.16
CA VAL J 54 -61.13 -10.19 -20.34
C VAL J 54 -61.09 -11.15 -21.51
N ILE J 55 -62.22 -11.32 -22.18
CA ILE J 55 -62.38 -12.25 -23.28
C ILE J 55 -62.87 -11.46 -24.48
N PRO J 56 -61.99 -11.16 -25.45
CA PRO J 56 -62.46 -10.42 -26.64
C PRO J 56 -63.54 -11.18 -27.38
N SER J 57 -64.25 -10.45 -28.23
CA SER J 57 -65.34 -11.05 -28.99
C SER J 57 -64.81 -12.15 -29.90
N PRO J 58 -65.53 -13.26 -30.07
CA PRO J 58 -65.09 -14.28 -31.02
C PRO J 58 -65.18 -13.77 -32.45
N GLN J 59 -64.33 -14.32 -33.31
CA GLN J 59 -64.38 -14.07 -34.75
C GLN J 59 -64.51 -15.40 -35.48
N VAL J 60 -65.38 -15.41 -36.49
CA VAL J 60 -65.67 -16.61 -37.27
C VAL J 60 -65.34 -16.32 -38.72
N LYS J 61 -64.54 -17.19 -39.33
CA LYS J 61 -64.34 -17.19 -40.77
C LYS J 61 -65.41 -18.09 -41.37
N CYS J 62 -66.34 -17.49 -42.11
CA CYS J 62 -67.60 -18.14 -42.41
C CYS J 62 -67.40 -19.39 -43.27
N CYS J 63 -66.57 -19.31 -44.31
CA CYS J 63 -66.31 -20.44 -45.21
C CYS J 63 -64.82 -20.57 -45.51
N GLY J 64 -64.00 -20.54 -44.47
CA GLY J 64 -62.55 -20.67 -44.61
C GLY J 64 -61.92 -21.22 -43.36
N SER J 65 -60.70 -20.76 -43.06
CA SER J 65 -59.97 -21.25 -41.89
C SER J 65 -59.03 -20.15 -41.41
N LEU J 66 -59.09 -19.85 -40.12
CA LEU J 66 -58.23 -18.86 -39.49
C LEU J 66 -57.04 -19.54 -38.82
N GLU J 67 -56.01 -18.72 -38.55
CA GLU J 67 -54.81 -19.17 -37.86
C GLU J 67 -54.60 -18.28 -36.64
N CYS J 68 -54.34 -18.90 -35.49
CA CYS J 68 -54.15 -18.15 -34.26
C CYS J 68 -52.75 -17.53 -34.24
N LYS J 69 -52.69 -16.23 -33.92
CA LYS J 69 -51.43 -15.50 -33.90
C LYS J 69 -50.86 -15.51 -32.48
N ALA J 70 -49.84 -14.68 -32.24
CA ALA J 70 -49.21 -14.54 -30.94
C ALA J 70 -49.10 -13.07 -30.58
N SER J 71 -49.20 -12.78 -29.29
CA SER J 71 -49.11 -11.42 -28.77
C SER J 71 -48.42 -11.43 -27.43
N SER J 72 -48.04 -10.24 -26.96
CA SER J 72 -47.34 -10.06 -25.70
C SER J 72 -48.27 -9.73 -24.54
N LYS J 73 -49.59 -9.83 -24.73
CA LYS J 73 -50.54 -9.50 -23.68
C LYS J 73 -50.47 -10.54 -22.56
N ALA J 74 -50.91 -10.13 -21.38
CA ALA J 74 -50.77 -10.96 -20.18
C ALA J 74 -51.61 -12.22 -20.31
N ASP J 75 -50.94 -13.37 -20.40
CA ASP J 75 -51.58 -14.67 -20.54
C ASP J 75 -52.47 -14.70 -21.78
N TYR J 76 -51.85 -14.45 -22.93
CA TYR J 76 -52.58 -14.55 -24.19
C TYR J 76 -52.94 -16.00 -24.46
N THR J 77 -54.23 -16.23 -24.69
CA THR J 77 -54.74 -17.57 -24.97
C THR J 77 -55.64 -17.50 -26.19
N CYS J 78 -55.46 -18.43 -27.12
CA CYS J 78 -56.18 -18.40 -28.38
C CYS J 78 -56.22 -19.79 -28.99
N ARG J 79 -57.42 -20.17 -29.47
CA ARG J 79 -57.64 -21.49 -30.04
C ARG J 79 -58.55 -21.38 -31.24
N VAL J 80 -58.44 -22.38 -32.13
CA VAL J 80 -59.21 -22.45 -33.37
C VAL J 80 -60.05 -23.72 -33.34
N PHE J 81 -61.27 -23.62 -33.86
CA PHE J 81 -62.21 -24.73 -33.87
C PHE J 81 -62.87 -24.80 -35.24
N GLY J 82 -63.40 -25.98 -35.58
CA GLY J 82 -64.02 -26.22 -36.88
C GLY J 82 -65.42 -25.67 -36.99
N GLY J 83 -66.29 -26.42 -37.66
CA GLY J 83 -67.67 -25.98 -37.88
C GLY J 83 -68.43 -25.73 -36.60
N VAL J 84 -69.07 -24.56 -36.50
CA VAL J 84 -69.82 -24.15 -35.32
C VAL J 84 -71.28 -23.85 -35.67
N TYR J 85 -71.51 -23.16 -36.78
CA TYR J 85 -72.86 -22.79 -37.21
C TYR J 85 -73.52 -21.93 -36.13
N PRO J 86 -72.99 -20.75 -35.84
CA PRO J 86 -73.52 -19.96 -34.72
C PRO J 86 -74.85 -19.31 -35.03
N PHE J 87 -75.61 -19.05 -33.97
CA PHE J 87 -76.87 -18.33 -34.00
C PHE J 87 -76.74 -17.09 -33.13
N MET J 88 -77.31 -15.97 -33.60
CA MET J 88 -77.28 -14.72 -32.82
C MET J 88 -78.67 -14.30 -32.37
N TRP J 89 -79.58 -13.94 -33.28
CA TRP J 89 -80.97 -13.74 -32.90
C TRP J 89 -81.98 -14.14 -33.97
N GLY J 90 -81.58 -14.27 -35.24
CA GLY J 90 -82.53 -14.50 -36.30
C GLY J 90 -82.81 -15.98 -36.53
N GLY J 91 -81.76 -16.79 -36.43
CA GLY J 91 -81.84 -18.21 -36.72
C GLY J 91 -80.72 -18.69 -37.62
N ALA J 92 -79.73 -17.84 -37.88
CA ALA J 92 -78.57 -18.21 -38.68
C ALA J 92 -77.56 -17.08 -38.62
N GLN J 93 -76.28 -17.45 -38.64
CA GLN J 93 -75.19 -16.48 -38.72
C GLN J 93 -74.10 -16.87 -39.72
N CYS J 94 -74.11 -18.09 -40.25
CA CYS J 94 -73.24 -18.48 -41.34
C CYS J 94 -73.86 -19.59 -42.18
N PHE J 95 -73.80 -19.38 -43.50
CA PHE J 95 -73.93 -20.47 -44.46
C PHE J 95 -72.63 -21.27 -44.41
N CYS J 96 -72.49 -22.25 -45.29
CA CYS J 96 -71.41 -23.23 -45.21
C CYS J 96 -71.45 -23.95 -43.85
N ASP J 97 -72.53 -24.72 -43.66
CA ASP J 97 -72.73 -25.46 -42.43
C ASP J 97 -71.52 -26.31 -42.05
N SER J 98 -70.71 -26.74 -43.02
CA SER J 98 -69.40 -27.31 -42.77
C SER J 98 -68.34 -26.28 -43.16
N GLU J 99 -67.16 -26.43 -42.58
CA GLU J 99 -66.06 -25.48 -42.77
C GLU J 99 -66.48 -24.08 -42.35
N ASN J 100 -66.76 -23.97 -41.05
CA ASN J 100 -67.28 -22.76 -40.41
C ASN J 100 -66.40 -22.38 -39.23
N THR J 101 -65.09 -22.29 -39.49
CA THR J 101 -64.09 -22.16 -38.43
C THR J 101 -64.39 -20.98 -37.51
N GLN J 102 -63.95 -21.11 -36.26
CA GLN J 102 -64.16 -20.12 -35.22
C GLN J 102 -62.88 -19.95 -34.42
N LEU J 103 -62.65 -18.72 -33.95
CA LEU J 103 -61.51 -18.39 -33.12
C LEU J 103 -62.01 -17.97 -31.74
N SER J 104 -61.43 -18.57 -30.70
CA SER J 104 -61.72 -18.23 -29.31
C SER J 104 -60.49 -17.58 -28.70
N GLU J 105 -60.68 -16.42 -28.08
CA GLU J 105 -59.59 -15.60 -27.56
C GLU J 105 -59.89 -15.22 -26.12
N ALA J 106 -58.83 -15.14 -25.30
CA ALA J 106 -59.00 -14.83 -23.90
C ALA J 106 -57.67 -14.39 -23.30
N TYR J 107 -57.74 -13.51 -22.31
CA TYR J 107 -56.59 -13.16 -21.49
C TYR J 107 -57.10 -12.46 -20.23
N VAL J 108 -56.18 -11.92 -19.43
CA VAL J 108 -56.50 -11.35 -18.13
C VAL J 108 -55.78 -10.02 -17.96
N GLU J 109 -56.45 -9.08 -17.30
CA GLU J 109 -55.90 -7.78 -16.94
C GLU J 109 -56.16 -7.53 -15.46
N PHE J 110 -55.87 -6.32 -15.00
CA PHE J 110 -56.22 -5.90 -13.65
C PHE J 110 -57.67 -5.45 -13.60
N ALA J 111 -58.36 -5.84 -12.54
CA ALA J 111 -59.73 -5.41 -12.36
C ALA J 111 -59.76 -3.92 -12.00
N PRO J 112 -60.88 -3.22 -12.29
CA PRO J 112 -60.90 -1.77 -12.03
C PRO J 112 -60.70 -1.41 -10.57
N ASP J 113 -61.19 -2.24 -9.64
CA ASP J 113 -61.05 -1.95 -8.23
C ASP J 113 -59.66 -2.26 -7.69
N CYS J 114 -58.77 -2.84 -8.52
CA CYS J 114 -57.43 -3.19 -8.06
C CYS J 114 -56.57 -1.98 -7.75
N THR J 115 -56.97 -0.78 -8.18
CA THR J 115 -56.16 0.41 -7.89
C THR J 115 -55.93 0.62 -6.40
N ILE J 116 -56.83 0.14 -5.56
CA ILE J 116 -56.71 0.26 -4.11
C ILE J 116 -56.68 -1.11 -3.43
N ASP J 117 -57.50 -2.04 -3.89
CA ASP J 117 -57.52 -3.40 -3.34
C ASP J 117 -56.51 -4.29 -4.06
N HIS J 118 -55.23 -4.05 -3.75
CA HIS J 118 -54.13 -4.81 -4.33
C HIS J 118 -53.06 -5.06 -3.28
N ALA J 119 -52.21 -6.04 -3.56
CA ALA J 119 -51.07 -6.37 -2.73
C ALA J 119 -49.78 -5.99 -3.47
N VAL J 120 -48.79 -5.58 -2.70
CA VAL J 120 -47.48 -5.18 -3.21
C VAL J 120 -46.44 -6.09 -2.56
N ALA J 121 -45.63 -6.74 -3.40
CA ALA J 121 -44.63 -7.70 -2.93
C ALA J 121 -43.26 -7.02 -2.90
N LEU J 122 -42.53 -7.24 -1.80
CA LEU J 122 -41.31 -6.51 -1.53
C LEU J 122 -40.25 -7.46 -1.01
N LYS J 123 -38.98 -7.09 -1.26
CA LYS J 123 -37.81 -7.78 -0.72
C LYS J 123 -37.05 -6.79 0.14
N VAL J 124 -36.85 -7.15 1.41
CA VAL J 124 -36.24 -6.25 2.39
C VAL J 124 -34.83 -6.75 2.71
N HIS J 125 -34.09 -5.91 3.43
CA HIS J 125 -32.70 -6.19 3.77
C HIS J 125 -32.40 -5.50 5.10
N THR J 126 -31.12 -5.33 5.43
CA THR J 126 -30.71 -4.75 6.71
C THR J 126 -31.34 -3.38 6.89
N ALA J 127 -31.82 -3.14 8.11
CA ALA J 127 -32.57 -1.93 8.45
C ALA J 127 -31.76 -1.08 9.41
N ALA J 128 -31.59 0.20 9.07
CA ALA J 128 -31.00 1.17 9.97
C ALA J 128 -32.07 1.77 10.88
N LEU J 129 -31.67 2.10 12.09
CA LEU J 129 -32.56 2.65 13.11
C LEU J 129 -32.29 4.13 13.29
N LYS J 130 -33.37 4.91 13.36
CA LYS J 130 -33.31 6.34 13.61
C LYS J 130 -34.02 6.63 14.93
N VAL J 131 -33.37 7.40 15.80
CA VAL J 131 -33.85 7.64 17.16
C VAL J 131 -34.05 9.13 17.37
N GLY J 132 -35.19 9.48 17.96
CA GLY J 132 -35.43 10.82 18.44
C GLY J 132 -35.19 10.88 19.95
N LEU J 133 -34.31 11.78 20.35
CA LEU J 133 -33.82 11.86 21.72
C LEU J 133 -34.11 13.24 22.29
N ARG J 134 -34.68 13.28 23.50
CA ARG J 134 -34.76 14.50 24.29
C ARG J 134 -33.68 14.40 25.36
N ILE J 135 -32.75 15.36 25.34
CA ILE J 135 -31.60 15.38 26.24
C ILE J 135 -31.69 16.65 27.08
N VAL J 136 -31.68 16.48 28.40
CA VAL J 136 -31.71 17.58 29.35
C VAL J 136 -30.39 17.57 30.11
N TYR J 137 -29.63 18.66 29.99
CA TYR J 137 -28.37 18.84 30.68
C TYR J 137 -28.43 20.14 31.46
N GLY J 138 -28.16 20.06 32.76
CA GLY J 138 -28.23 21.23 33.62
C GLY J 138 -29.60 21.87 33.62
N ASN J 139 -29.70 23.04 33.00
CA ASN J 139 -30.95 23.78 32.89
C ASN J 139 -31.43 23.92 31.45
N THR J 140 -30.86 23.14 30.52
CA THR J 140 -31.16 23.25 29.09
C THR J 140 -31.69 21.92 28.57
N THR J 141 -32.84 21.95 27.90
CA THR J 141 -33.44 20.78 27.29
C THR J 141 -33.45 20.94 25.77
N ALA J 142 -33.07 19.87 25.07
CA ALA J 142 -32.97 19.90 23.62
C ALA J 142 -33.59 18.64 23.04
N HIS J 143 -34.10 18.76 21.81
CA HIS J 143 -34.66 17.66 21.05
C HIS J 143 -33.81 17.43 19.81
N LEU J 144 -33.60 16.16 19.46
CA LEU J 144 -32.76 15.81 18.33
C LEU J 144 -33.30 14.56 17.67
N ASP J 145 -32.97 14.40 16.39
CA ASP J 145 -33.24 13.19 15.62
C ASP J 145 -31.94 12.77 14.93
N THR J 146 -31.54 11.52 15.14
CA THR J 146 -30.23 11.07 14.67
C THR J 146 -30.29 9.61 14.24
N PHE J 147 -29.32 9.22 13.42
CA PHE J 147 -29.17 7.84 12.98
C PHE J 147 -28.17 7.15 13.91
N VAL J 148 -28.57 6.00 14.45
CA VAL J 148 -27.78 5.31 15.47
C VAL J 148 -26.86 4.33 14.72
N ASN J 149 -25.71 4.86 14.29
CA ASN J 149 -24.69 4.04 13.63
C ASN J 149 -23.26 4.33 14.11
N GLY J 150 -23.06 5.33 14.97
CA GLY J 150 -21.74 5.66 15.47
C GLY J 150 -20.96 6.61 14.58
N VAL J 151 -21.48 6.98 13.41
CA VAL J 151 -20.81 7.89 12.50
C VAL J 151 -21.73 9.08 12.23
N THR J 152 -22.99 8.80 11.94
CA THR J 152 -23.94 9.84 11.59
C THR J 152 -24.20 10.73 12.81
N PRO J 153 -23.90 12.03 12.75
CA PRO J 153 -24.06 12.86 13.96
C PRO J 153 -25.39 13.59 14.06
N GLY J 154 -25.62 14.21 15.22
CA GLY J 154 -26.70 15.17 15.38
C GLY J 154 -26.22 16.34 16.21
N SER J 155 -26.84 17.50 15.97
CA SER J 155 -26.40 18.72 16.62
C SER J 155 -27.58 19.62 16.92
N SER J 156 -27.58 20.21 18.13
CA SER J 156 -28.58 21.21 18.54
C SER J 156 -27.86 22.42 19.14
N ARG J 157 -27.36 23.29 18.25
CA ARG J 157 -26.94 24.67 18.50
C ARG J 157 -25.76 24.82 19.46
N ASP J 158 -25.58 23.88 20.39
CA ASP J 158 -24.31 23.63 21.06
C ASP J 158 -24.11 22.15 21.34
N LEU J 159 -25.20 21.37 21.31
CA LEU J 159 -25.14 19.95 21.63
C LEU J 159 -24.67 19.18 20.41
N LYS J 160 -23.96 18.07 20.65
CA LYS J 160 -23.15 17.40 19.65
C LYS J 160 -23.11 15.91 20.02
N VAL J 161 -23.96 15.11 19.36
CA VAL J 161 -24.23 13.73 19.76
C VAL J 161 -23.87 12.80 18.61
N ILE J 162 -23.21 11.68 18.95
CA ILE J 162 -22.95 10.59 18.03
C ILE J 162 -23.48 9.32 18.68
N ALA J 163 -24.44 8.67 18.01
CA ALA J 163 -25.11 7.50 18.55
C ALA J 163 -24.84 6.28 17.69
N GLY J 164 -24.66 5.13 18.34
CA GLY J 164 -24.55 3.86 17.67
C GLY J 164 -23.14 3.28 17.71
N PRO J 165 -22.98 2.07 17.16
CA PRO J 165 -24.00 1.22 16.53
C PRO J 165 -24.90 0.51 17.53
N ILE J 166 -26.09 0.08 17.09
CA ILE J 166 -26.99 -0.67 17.98
C ILE J 166 -26.29 -1.93 18.46
N SER J 167 -26.46 -2.24 19.75
CA SER J 167 -25.75 -3.39 20.33
C SER J 167 -26.19 -4.70 19.67
N ALA J 168 -27.49 -4.87 19.45
CA ALA J 168 -28.04 -6.09 18.88
C ALA J 168 -28.86 -5.73 17.65
N ALA J 169 -28.56 -6.39 16.53
CA ALA J 169 -29.29 -6.18 15.30
C ALA J 169 -30.55 -7.05 15.29
N PHE J 170 -31.65 -6.46 14.82
CA PHE J 170 -32.91 -7.18 14.76
C PHE J 170 -33.85 -6.45 13.80
N SER J 171 -34.49 -7.22 12.92
CA SER J 171 -35.51 -6.70 12.02
C SER J 171 -36.73 -7.62 12.08
N PRO J 172 -37.94 -7.12 12.38
CA PRO J 172 -39.09 -8.02 12.44
C PRO J 172 -39.57 -8.54 11.10
N PHE J 173 -38.97 -8.10 9.99
CA PHE J 173 -39.37 -8.49 8.65
C PHE J 173 -38.42 -9.54 8.10
N ASP J 174 -38.98 -10.63 7.57
CA ASP J 174 -38.19 -11.63 6.88
C ASP J 174 -37.75 -11.06 5.52
N HIS J 175 -36.93 -11.83 4.79
CA HIS J 175 -36.34 -11.34 3.56
C HIS J 175 -37.40 -10.92 2.54
N LYS J 176 -38.59 -11.52 2.60
CA LYS J 176 -39.67 -11.24 1.66
C LYS J 176 -40.92 -10.84 2.43
N VAL J 177 -41.61 -9.80 1.97
CA VAL J 177 -42.74 -9.20 2.66
C VAL J 177 -43.83 -8.88 1.65
N VAL J 178 -45.07 -8.78 2.14
CA VAL J 178 -46.22 -8.38 1.34
C VAL J 178 -46.98 -7.30 2.09
N ILE J 179 -47.54 -6.34 1.35
CA ILE J 179 -48.30 -5.23 1.93
C ILE J 179 -49.65 -5.17 1.23
N ARG J 180 -50.73 -5.14 2.01
CA ARG J 180 -52.09 -5.07 1.47
C ARG J 180 -52.89 -4.11 2.34
N LYS J 181 -53.21 -2.93 1.80
CA LYS J 181 -54.04 -1.95 2.49
C LYS J 181 -53.44 -1.58 3.85
N GLY J 182 -52.11 -1.53 3.93
CA GLY J 182 -51.42 -1.21 5.15
C GLY J 182 -51.10 -2.41 6.02
N LEU J 183 -51.74 -3.55 5.79
CA LEU J 183 -51.45 -4.76 6.55
C LEU J 183 -50.18 -5.41 5.99
N VAL J 184 -49.23 -5.67 6.87
CA VAL J 184 -47.93 -6.24 6.49
C VAL J 184 -47.94 -7.73 6.84
N TYR J 185 -47.57 -8.56 5.88
CA TYR J 185 -47.52 -10.00 6.04
C TYR J 185 -46.11 -10.49 5.72
N ASN J 186 -45.62 -11.42 6.53
CA ASN J 186 -44.27 -11.96 6.39
C ASN J 186 -44.31 -13.20 5.49
N TYR J 187 -44.90 -13.01 4.30
CA TYR J 187 -45.18 -14.08 3.38
C TYR J 187 -44.05 -14.27 2.37
N ASP J 188 -43.83 -15.53 2.00
CA ASP J 188 -42.89 -15.90 0.93
C ASP J 188 -43.72 -16.09 -0.34
N PHE J 189 -43.48 -15.22 -1.33
CA PHE J 189 -44.24 -15.16 -2.57
C PHE J 189 -43.38 -15.60 -3.76
N PRO J 190 -43.99 -16.01 -4.86
CA PRO J 190 -43.19 -16.38 -6.04
C PRO J 190 -42.36 -15.21 -6.56
N GLU J 191 -41.18 -15.52 -7.08
CA GLU J 191 -40.29 -14.50 -7.61
C GLU J 191 -40.85 -13.94 -8.91
N TYR J 192 -40.22 -12.88 -9.40
CA TYR J 192 -40.66 -12.23 -10.63
C TYR J 192 -40.54 -13.20 -11.80
N GLY J 193 -41.70 -13.62 -12.33
CA GLY J 193 -41.76 -14.57 -13.41
C GLY J 193 -41.95 -16.02 -12.98
N ALA J 194 -41.64 -16.33 -11.72
CA ALA J 194 -41.82 -17.67 -11.18
C ALA J 194 -43.26 -17.86 -10.71
N MET J 195 -44.19 -17.61 -11.63
CA MET J 195 -45.61 -17.49 -11.31
C MET J 195 -46.28 -18.85 -11.37
N LYS J 196 -46.92 -19.23 -10.27
CA LYS J 196 -47.64 -20.50 -10.15
C LYS J 196 -49.14 -20.24 -10.18
N PRO J 197 -49.91 -20.83 -11.10
CA PRO J 197 -51.34 -20.53 -11.14
C PRO J 197 -52.06 -21.04 -9.90
N GLY J 198 -53.13 -20.34 -9.53
CA GLY J 198 -53.93 -20.73 -8.38
C GLY J 198 -53.33 -20.36 -7.04
N ALA J 199 -52.28 -19.54 -7.01
CA ALA J 199 -51.64 -19.12 -5.78
C ALA J 199 -51.33 -17.64 -5.86
N PHE J 200 -50.83 -17.10 -4.75
CA PHE J 200 -50.49 -15.67 -4.70
C PHE J 200 -49.45 -15.34 -5.77
N GLY J 201 -49.68 -14.25 -6.47
CA GLY J 201 -48.79 -13.86 -7.56
C GLY J 201 -49.08 -14.54 -8.87
N ASP J 202 -50.30 -15.04 -9.09
CA ASP J 202 -50.64 -15.64 -10.38
C ASP J 202 -50.48 -14.63 -11.51
N ILE J 203 -50.68 -13.34 -11.23
CA ILE J 203 -50.43 -12.26 -12.17
C ILE J 203 -49.50 -11.26 -11.48
N GLN J 204 -48.65 -10.62 -12.28
CA GLN J 204 -47.66 -9.69 -11.75
C GLN J 204 -47.50 -8.51 -12.70
N ALA J 205 -47.06 -7.39 -12.13
CA ALA J 205 -46.81 -6.18 -12.89
C ALA J 205 -46.03 -5.22 -12.01
N SER J 206 -45.24 -4.34 -12.64
CA SER J 206 -44.46 -3.35 -11.93
C SER J 206 -45.26 -2.12 -11.53
N SER J 207 -46.48 -1.97 -12.02
CA SER J 207 -47.34 -0.84 -11.68
C SER J 207 -48.78 -1.22 -11.99
N LEU J 208 -49.71 -0.40 -11.50
CA LEU J 208 -51.13 -0.69 -11.70
C LEU J 208 -51.55 -0.49 -13.15
N ASP J 209 -51.07 0.59 -13.78
CA ASP J 209 -51.45 0.92 -15.15
C ASP J 209 -50.46 0.42 -16.20
N ALA J 210 -49.43 -0.32 -15.79
CA ALA J 210 -48.45 -0.81 -16.75
C ALA J 210 -49.08 -1.78 -17.72
N THR J 211 -48.66 -1.69 -18.99
CA THR J 211 -49.19 -2.55 -20.04
C THR J 211 -48.40 -3.84 -20.22
N ASP J 212 -47.20 -3.95 -19.63
CA ASP J 212 -46.40 -5.17 -19.72
C ASP J 212 -46.72 -6.12 -18.57
N ILE J 213 -48.02 -6.40 -18.39
CA ILE J 213 -48.46 -7.31 -17.35
C ILE J 213 -48.10 -8.73 -17.75
N VAL J 214 -47.55 -9.49 -16.81
CA VAL J 214 -47.27 -10.91 -16.99
C VAL J 214 -48.28 -11.68 -16.13
N ALA J 215 -49.03 -12.58 -16.76
CA ALA J 215 -50.08 -13.32 -16.10
C ALA J 215 -50.01 -14.80 -16.48
N ARG J 216 -50.38 -15.65 -15.54
CA ARG J 216 -50.47 -17.09 -15.77
C ARG J 216 -51.58 -17.62 -14.87
N THR J 217 -52.79 -17.72 -15.43
CA THR J 217 -53.98 -18.10 -14.68
C THR J 217 -54.45 -19.52 -15.02
N ASP J 218 -53.70 -20.26 -15.82
CA ASP J 218 -54.05 -21.62 -16.20
C ASP J 218 -55.45 -21.64 -16.84
N ILE J 219 -55.54 -21.01 -18.00
CA ILE J 219 -56.80 -20.85 -18.72
C ILE J 219 -56.80 -21.81 -19.90
N ARG J 220 -57.84 -22.65 -19.99
CA ARG J 220 -57.99 -23.62 -21.06
C ARG J 220 -59.39 -23.48 -21.65
N LEU J 221 -59.45 -23.32 -22.96
CA LEU J 221 -60.71 -23.13 -23.66
C LEU J 221 -61.30 -24.47 -24.08
N LEU J 222 -62.61 -24.46 -24.33
CA LEU J 222 -63.36 -25.65 -24.70
C LEU J 222 -64.02 -25.45 -26.05
N LYS J 223 -64.29 -26.56 -26.73
CA LYS J 223 -65.01 -26.52 -27.98
C LYS J 223 -66.46 -26.10 -27.72
N PRO J 224 -67.00 -25.08 -28.39
CA PRO J 224 -68.41 -24.74 -28.19
C PRO J 224 -69.32 -25.91 -28.57
N SER J 225 -70.22 -26.25 -27.65
CA SER J 225 -71.12 -27.38 -27.81
C SER J 225 -72.59 -26.97 -27.91
N VAL J 226 -72.90 -25.68 -27.73
CA VAL J 226 -74.28 -25.20 -27.81
C VAL J 226 -74.46 -24.50 -29.15
N LYS J 227 -75.71 -24.47 -29.62
CA LYS J 227 -76.01 -23.90 -30.92
C LYS J 227 -75.69 -22.40 -30.95
N ASN J 228 -76.06 -21.68 -29.89
CA ASN J 228 -75.85 -20.24 -29.86
C ASN J 228 -74.37 -19.91 -29.72
N ILE J 229 -73.99 -18.74 -30.22
CA ILE J 229 -72.59 -18.32 -30.18
C ILE J 229 -72.19 -17.98 -28.75
N HIS J 230 -71.12 -18.61 -28.29
CA HIS J 230 -70.53 -18.30 -27.00
C HIS J 230 -69.17 -18.99 -26.94
N VAL J 231 -68.32 -18.52 -26.04
CA VAL J 231 -66.96 -19.07 -25.90
C VAL J 231 -66.82 -19.71 -24.51
N PRO J 232 -66.93 -21.05 -24.41
CA PRO J 232 -66.74 -21.69 -23.10
C PRO J 232 -65.27 -21.69 -22.70
N TYR J 233 -65.04 -21.70 -21.40
CA TYR J 233 -63.69 -21.75 -20.86
C TYR J 233 -63.76 -22.01 -19.36
N THR J 234 -62.72 -22.67 -18.85
CA THR J 234 -62.50 -22.82 -17.41
C THR J 234 -61.16 -22.19 -17.08
N GLN J 235 -60.93 -21.96 -15.79
CA GLN J 235 -59.77 -21.19 -15.35
C GLN J 235 -59.52 -21.47 -13.88
N ALA J 236 -58.24 -21.45 -13.51
CA ALA J 236 -57.88 -21.63 -12.11
C ALA J 236 -58.45 -20.50 -11.28
N VAL J 237 -58.88 -20.83 -10.05
CA VAL J 237 -59.45 -19.82 -9.17
C VAL J 237 -58.38 -18.77 -8.85
N SER J 238 -58.84 -17.53 -8.63
CA SER J 238 -57.94 -16.42 -8.36
C SER J 238 -57.08 -16.69 -7.13
N GLY J 239 -55.77 -16.86 -7.34
CA GLY J 239 -54.88 -17.12 -6.22
C GLY J 239 -54.81 -15.96 -5.24
N TYR J 240 -55.04 -14.74 -5.73
CA TYR J 240 -55.11 -13.59 -4.83
C TYR J 240 -56.22 -13.77 -3.81
N GLU J 241 -57.39 -14.23 -4.26
CA GLU J 241 -58.49 -14.47 -3.34
C GLU J 241 -58.15 -15.59 -2.36
N MET J 242 -57.47 -16.64 -2.85
CA MET J 242 -57.09 -17.74 -1.96
C MET J 242 -56.15 -17.26 -0.87
N TRP J 243 -55.15 -16.44 -1.23
CA TRP J 243 -54.25 -15.90 -0.23
C TRP J 243 -54.96 -14.95 0.71
N LYS J 244 -55.93 -14.17 0.19
CA LYS J 244 -56.71 -13.28 1.06
C LYS J 244 -57.50 -14.08 2.09
N ASN J 245 -58.10 -15.20 1.67
CA ASN J 245 -58.85 -16.02 2.61
C ASN J 245 -57.93 -16.71 3.62
N ASN J 246 -56.75 -17.13 3.19
CA ASN J 246 -55.77 -17.81 4.03
C ASN J 246 -54.58 -16.91 4.32
N SER J 247 -54.85 -15.62 4.53
CA SER J 247 -53.77 -14.66 4.73
C SER J 247 -53.14 -14.78 6.10
N GLY J 248 -53.86 -15.32 7.08
CA GLY J 248 -53.36 -15.38 8.43
C GLY J 248 -53.42 -14.03 9.11
N ARG J 249 -52.62 -13.89 10.17
CA ARG J 249 -52.60 -12.65 10.94
C ARG J 249 -51.54 -11.70 10.38
N PRO J 250 -51.77 -10.38 10.37
CA PRO J 250 -50.72 -9.47 9.89
C PRO J 250 -49.57 -9.38 10.89
N LEU J 251 -48.44 -8.87 10.40
CA LEU J 251 -47.26 -8.68 11.24
C LEU J 251 -47.46 -7.64 12.33
N GLN J 252 -48.49 -6.80 12.22
CA GLN J 252 -48.77 -5.84 13.30
C GLN J 252 -49.09 -6.56 14.60
N GLU J 253 -49.73 -7.74 14.52
CA GLU J 253 -50.14 -8.50 15.68
C GLU J 253 -49.16 -9.63 16.03
N THR J 254 -47.99 -9.65 15.37
CA THR J 254 -47.00 -10.71 15.60
C THR J 254 -45.58 -10.19 15.76
N ALA J 255 -45.30 -8.92 15.50
CA ALA J 255 -43.94 -8.42 15.62
C ALA J 255 -43.51 -8.46 17.09
N PRO J 256 -42.37 -9.06 17.43
CA PRO J 256 -41.95 -9.08 18.84
C PRO J 256 -41.43 -7.72 19.27
N PHE J 257 -41.19 -7.61 20.58
CA PHE J 257 -40.71 -6.40 21.24
C PHE J 257 -41.71 -5.25 21.18
N GLY J 258 -42.96 -5.51 20.79
CA GLY J 258 -43.96 -4.48 20.78
C GLY J 258 -43.65 -3.32 19.85
N CYS J 259 -43.16 -3.61 18.65
CA CYS J 259 -42.85 -2.59 17.66
C CYS J 259 -44.07 -2.37 16.77
N LYS J 260 -44.57 -1.14 16.73
CA LYS J 260 -45.75 -0.82 15.94
C LYS J 260 -45.36 -0.72 14.47
N ILE J 261 -45.90 -1.61 13.64
CA ILE J 261 -45.57 -1.64 12.22
C ILE J 261 -46.47 -0.64 11.50
N GLU J 262 -45.83 0.28 10.77
CA GLU J 262 -46.53 1.29 9.99
C GLU J 262 -46.02 1.27 8.56
N VAL J 263 -46.82 1.80 7.64
CA VAL J 263 -46.55 1.72 6.22
C VAL J 263 -46.34 3.12 5.65
N GLU J 264 -45.78 3.18 4.45
CA GLU J 264 -45.55 4.42 3.72
C GLU J 264 -44.68 5.37 4.54
N PRO J 265 -43.39 5.06 4.74
CA PRO J 265 -42.67 3.84 4.33
C PRO J 265 -42.89 2.70 5.32
N LEU J 266 -42.64 1.46 4.91
CA LEU J 266 -42.71 0.33 5.83
C LEU J 266 -41.65 0.51 6.91
N ARG J 267 -42.06 0.39 8.17
CA ARG J 267 -41.15 0.64 9.28
C ARG J 267 -41.77 0.12 10.56
N ALA J 268 -40.94 0.02 11.60
CA ALA J 268 -41.34 -0.38 12.93
C ALA J 268 -40.99 0.74 13.90
N SER J 269 -42.01 1.38 14.47
CA SER J 269 -41.81 2.47 15.41
C SER J 269 -41.91 1.94 16.85
N ASN J 270 -41.06 2.49 17.72
CA ASN J 270 -41.02 2.13 19.13
C ASN J 270 -40.72 0.64 19.30
N CYS J 271 -39.56 0.25 18.76
CA CYS J 271 -39.05 -1.11 18.85
C CYS J 271 -37.99 -1.13 19.96
N ALA J 272 -38.41 -1.56 21.15
CA ALA J 272 -37.56 -1.52 22.34
C ALA J 272 -36.74 -2.80 22.39
N TYR J 273 -35.43 -2.68 22.16
CA TYR J 273 -34.54 -3.83 22.22
C TYR J 273 -33.10 -3.34 22.38
N GLY J 274 -32.36 -4.00 23.28
CA GLY J 274 -30.96 -3.72 23.44
C GLY J 274 -30.66 -2.35 24.00
N HIS J 275 -29.42 -1.91 23.77
CA HIS J 275 -28.92 -0.63 24.22
C HIS J 275 -28.17 0.06 23.07
N ILE J 276 -28.11 1.38 23.12
CA ILE J 276 -27.43 2.18 22.11
C ILE J 276 -26.31 2.96 22.80
N PRO J 277 -25.07 2.91 22.30
CA PRO J 277 -24.03 3.78 22.88
C PRO J 277 -24.11 5.18 22.30
N ILE J 278 -24.12 6.18 23.20
CA ILE J 278 -24.27 7.58 22.84
C ILE J 278 -23.10 8.35 23.42
N SER J 279 -22.41 9.12 22.57
CA SER J 279 -21.34 10.02 22.99
C SER J 279 -21.82 11.45 22.79
N ILE J 280 -21.84 12.22 23.87
CA ILE J 280 -22.34 13.60 23.87
C ILE J 280 -21.21 14.52 24.27
N ASP J 281 -20.94 15.54 23.46
CA ASP J 281 -19.95 16.56 23.77
C ASP J 281 -20.75 17.72 24.36
N ILE J 282 -20.77 17.80 25.69
CA ILE J 282 -21.54 18.84 26.37
C ILE J 282 -20.83 20.18 26.19
N PRO J 283 -21.54 21.28 25.91
CA PRO J 283 -20.84 22.57 25.79
C PRO J 283 -20.18 22.98 27.09
N ASP J 284 -19.05 23.68 26.96
CA ASP J 284 -18.29 24.12 28.12
C ASP J 284 -19.02 25.17 28.95
N ALA J 285 -20.03 25.84 28.39
CA ALA J 285 -20.73 26.88 29.13
C ALA J 285 -21.56 26.30 30.28
N ALA J 286 -22.11 25.09 30.09
CA ALA J 286 -22.97 24.51 31.12
C ALA J 286 -22.22 24.27 32.42
N PHE J 287 -20.99 23.77 32.33
CA PHE J 287 -20.23 23.43 33.53
C PHE J 287 -19.90 24.67 34.35
N VAL J 288 -19.80 24.49 35.65
CA VAL J 288 -19.46 25.55 36.59
C VAL J 288 -18.44 25.01 37.57
N ARG J 289 -17.52 25.87 38.00
CA ARG J 289 -16.45 25.44 38.89
C ARG J 289 -17.00 25.03 40.25
N SER J 290 -16.26 24.18 40.95
CA SER J 290 -16.71 23.63 42.22
C SER J 290 -16.86 24.70 43.30
N SER J 291 -16.20 25.84 43.15
CA SER J 291 -16.26 26.89 44.16
C SER J 291 -17.61 27.60 44.19
N GLU J 292 -18.44 27.43 43.16
CA GLU J 292 -19.75 28.08 43.10
C GLU J 292 -20.86 27.16 43.61
N SER J 293 -20.99 25.97 43.05
CA SER J 293 -21.99 25.02 43.54
C SER J 293 -21.63 24.61 44.97
N PRO J 294 -22.59 24.60 45.90
CA PRO J 294 -22.21 24.38 47.31
C PRO J 294 -21.83 22.92 47.55
N THR J 295 -20.55 22.70 47.84
CA THR J 295 -20.11 21.40 48.32
C THR J 295 -20.71 21.13 49.70
N ILE J 296 -20.96 19.86 49.97
CA ILE J 296 -21.62 19.42 51.20
C ILE J 296 -20.58 18.75 52.09
N LEU J 297 -20.53 19.16 53.36
CA LEU J 297 -19.51 18.65 54.27
C LEU J 297 -19.68 17.14 54.49
N GLU J 298 -20.91 16.70 54.78
CA GLU J 298 -21.17 15.28 54.97
C GLU J 298 -22.64 14.99 54.68
N VAL J 299 -22.90 13.73 54.36
CA VAL J 299 -24.24 13.24 54.07
C VAL J 299 -24.41 11.87 54.71
N SER J 300 -25.59 11.64 55.30
CA SER J 300 -25.96 10.36 55.88
C SER J 300 -27.29 9.92 55.31
N CYS J 301 -27.41 8.63 55.00
CA CYS J 301 -28.56 8.06 54.31
C CYS J 301 -29.33 7.14 55.26
N THR J 302 -30.65 7.30 55.29
CA THR J 302 -31.54 6.44 56.07
C THR J 302 -32.67 5.99 55.16
N VAL J 303 -32.72 4.71 54.84
CA VAL J 303 -33.68 4.17 53.88
C VAL J 303 -34.94 3.75 54.62
N ALA J 304 -36.08 4.27 54.17
CA ALA J 304 -37.37 3.90 54.73
C ALA J 304 -37.83 2.57 54.12
N ASP J 305 -39.09 2.21 54.36
CA ASP J 305 -39.63 0.99 53.78
C ASP J 305 -39.58 1.06 52.25
N CYS J 306 -39.20 -0.06 51.64
CA CYS J 306 -39.06 -0.14 50.19
C CYS J 306 -39.54 -1.50 49.71
N ILE J 307 -40.07 -1.51 48.49
CA ILE J 307 -40.42 -2.73 47.79
C ILE J 307 -39.79 -2.67 46.40
N TYR J 308 -39.05 -3.72 46.03
CA TYR J 308 -38.43 -3.77 44.71
C TYR J 308 -39.50 -4.03 43.67
N SER J 309 -39.67 -3.09 42.75
CA SER J 309 -40.78 -3.13 41.81
C SER J 309 -40.40 -2.25 40.61
N ALA J 310 -41.37 -1.98 39.75
CA ALA J 310 -41.19 -1.06 38.64
C ALA J 310 -41.51 0.38 39.02
N ASP J 311 -42.56 0.60 39.80
CA ASP J 311 -42.91 1.94 40.24
C ASP J 311 -41.92 2.43 41.30
N PHE J 312 -41.92 3.74 41.52
CA PHE J 312 -41.05 4.37 42.52
C PHE J 312 -41.63 4.10 43.90
N GLY J 313 -41.49 2.85 44.34
CA GLY J 313 -42.03 2.41 45.60
C GLY J 313 -41.09 2.51 46.79
N GLY J 314 -39.82 2.79 46.55
CA GLY J 314 -38.86 2.91 47.63
C GLY J 314 -38.61 4.35 48.02
N SER J 315 -38.23 4.59 49.27
CA SER J 315 -37.98 5.94 49.76
C SER J 315 -36.78 5.94 50.68
N LEU J 316 -36.14 7.11 50.78
CA LEU J 316 -35.01 7.30 51.68
C LEU J 316 -34.96 8.77 52.07
N THR J 317 -34.10 9.06 53.06
CA THR J 317 -33.87 10.41 53.53
C THR J 317 -32.37 10.65 53.65
N LEU J 318 -31.93 11.81 53.16
CA LEU J 318 -30.55 12.22 53.23
C LEU J 318 -30.42 13.42 54.18
N GLN J 319 -29.66 13.23 55.25
CA GLN J 319 -29.26 14.30 56.16
C GLN J 319 -27.95 14.89 55.66
N TYR J 320 -28.00 16.15 55.23
CA TYR J 320 -26.86 16.80 54.59
C TYR J 320 -26.43 18.02 55.39
N LYS J 321 -25.12 18.28 55.38
CA LYS J 321 -24.53 19.50 55.92
C LYS J 321 -23.74 20.17 54.80
N ALA J 322 -24.10 21.40 54.46
CA ALA J 322 -23.44 22.17 53.41
C ALA J 322 -23.02 23.54 53.93
N ASP J 323 -22.42 24.33 53.04
CA ASP J 323 -21.91 25.65 53.36
C ASP J 323 -22.68 26.77 52.67
N ARG J 324 -23.55 26.45 51.73
CA ARG J 324 -24.33 27.47 51.02
C ARG J 324 -25.59 26.82 50.48
N GLU J 325 -26.55 27.67 50.12
CA GLU J 325 -27.82 27.22 49.58
C GLU J 325 -27.71 27.13 48.06
N GLY J 326 -28.03 25.96 47.50
CA GLY J 326 -27.87 25.73 46.07
C GLY J 326 -28.82 24.69 45.53
N HIS J 327 -28.44 24.09 44.40
CA HIS J 327 -29.32 23.30 43.54
C HIS J 327 -28.64 21.97 43.18
N CYS J 328 -28.22 21.23 44.20
CA CYS J 328 -27.29 20.13 43.98
C CYS J 328 -27.96 19.01 43.18
N PRO J 329 -27.24 18.31 42.32
CA PRO J 329 -27.81 17.13 41.66
C PRO J 329 -27.63 15.87 42.51
N VAL J 330 -28.57 14.94 42.35
CA VAL J 330 -28.58 13.69 43.08
C VAL J 330 -28.64 12.55 42.07
N HIS J 331 -27.81 11.54 42.29
CA HIS J 331 -27.71 10.41 41.36
C HIS J 331 -27.55 9.13 42.16
N SER J 332 -27.86 8.01 41.51
CA SER J 332 -27.59 6.67 42.03
C SER J 332 -26.61 6.01 41.08
N HIS J 333 -25.44 5.65 41.59
CA HIS J 333 -24.37 5.07 40.77
C HIS J 333 -24.52 3.56 40.60
N SER J 334 -25.52 2.92 41.22
CA SER J 334 -25.73 1.50 41.05
C SER J 334 -26.56 1.24 39.79
N THR J 335 -26.36 0.05 39.21
CA THR J 335 -27.09 -0.31 38.01
C THR J 335 -28.54 -0.67 38.31
N THR J 336 -28.82 -1.16 39.51
CA THR J 336 -30.13 -1.67 39.90
C THR J 336 -30.89 -0.69 40.78
N ALA J 337 -30.76 0.61 40.52
CA ALA J 337 -31.48 1.61 41.29
C ALA J 337 -31.54 2.91 40.50
N VAL J 338 -32.72 3.54 40.47
CA VAL J 338 -32.90 4.83 39.82
C VAL J 338 -33.70 5.75 40.73
N LEU J 339 -33.53 7.05 40.50
CA LEU J 339 -34.08 8.11 41.32
C LEU J 339 -35.15 8.89 40.55
N LYS J 340 -36.20 9.28 41.26
CA LYS J 340 -37.21 10.15 40.66
C LYS J 340 -36.67 11.56 40.43
N GLU J 341 -35.92 12.08 41.40
CA GLU J 341 -35.37 13.43 41.34
C GLU J 341 -33.92 13.39 40.90
N ALA J 342 -33.55 14.35 40.05
CA ALA J 342 -32.18 14.52 39.58
C ALA J 342 -31.54 15.83 40.00
N THR J 343 -32.30 16.76 40.57
CA THR J 343 -31.76 18.05 40.99
C THR J 343 -32.65 18.59 42.10
N THR J 344 -32.08 18.77 43.29
CA THR J 344 -32.83 19.18 44.47
C THR J 344 -32.13 20.35 45.15
N HIS J 345 -32.94 21.24 45.71
CA HIS J 345 -32.41 22.37 46.47
C HIS J 345 -31.79 21.87 47.78
N VAL J 346 -30.71 22.53 48.17
CA VAL J 346 -29.92 22.16 49.35
C VAL J 346 -29.70 23.43 50.17
N THR J 347 -29.79 23.29 51.50
CA THR J 347 -29.55 24.39 52.43
C THR J 347 -28.25 24.12 53.19
N ALA J 348 -27.97 24.99 54.16
CA ALA J 348 -26.74 24.88 54.94
C ALA J 348 -26.69 23.56 55.70
N VAL J 349 -27.79 23.19 56.33
CA VAL J 349 -27.93 21.90 57.00
C VAL J 349 -29.40 21.52 56.97
N GLY J 350 -29.69 20.27 56.63
CA GLY J 350 -31.08 19.86 56.59
C GLY J 350 -31.25 18.42 56.17
N SER J 351 -32.50 18.09 55.84
CA SER J 351 -32.89 16.77 55.42
C SER J 351 -33.69 16.87 54.13
N ILE J 352 -33.49 15.90 53.24
CA ILE J 352 -34.28 15.79 52.02
C ILE J 352 -34.83 14.38 51.92
N THR J 353 -36.15 14.25 51.76
CA THR J 353 -36.82 12.98 51.56
C THR J 353 -36.98 12.75 50.06
N LEU J 354 -36.50 11.60 49.58
CA LEU J 354 -36.41 11.31 48.16
C LEU J 354 -36.93 9.91 47.90
N HIS J 355 -37.38 9.69 46.66
CA HIS J 355 -37.98 8.43 46.23
C HIS J 355 -37.14 7.79 45.14
N PHE J 356 -37.18 6.46 45.10
CA PHE J 356 -36.34 5.69 44.19
C PHE J 356 -37.02 4.35 43.91
N SER J 357 -36.54 3.70 42.84
CA SER J 357 -36.97 2.37 42.46
C SER J 357 -35.75 1.47 42.31
N THR J 358 -35.96 0.18 42.55
CA THR J 358 -34.89 -0.82 42.48
C THR J 358 -35.48 -2.12 41.96
N SER J 359 -34.62 -3.15 41.88
CA SER J 359 -35.04 -4.47 41.44
C SER J 359 -34.48 -5.61 42.30
N SER J 360 -33.63 -5.32 43.31
CA SER J 360 -33.01 -6.35 44.11
C SER J 360 -33.75 -6.52 45.44
N PRO J 361 -33.69 -7.71 46.05
CA PRO J 361 -34.34 -7.87 47.36
C PRO J 361 -33.79 -6.94 48.43
N GLN J 362 -32.50 -6.61 48.36
CA GLN J 362 -31.87 -5.67 49.28
C GLN J 362 -31.24 -4.53 48.49
N ALA J 363 -31.42 -3.31 48.99
CA ALA J 363 -30.84 -2.11 48.37
C ALA J 363 -29.47 -1.90 48.98
N ASN J 364 -28.43 -2.01 48.16
CA ASN J 364 -27.04 -1.86 48.57
C ASN J 364 -26.34 -0.88 47.62
N PHE J 365 -26.95 0.29 47.45
CA PHE J 365 -26.64 1.17 46.33
C PHE J 365 -26.07 2.50 46.82
N ILE J 366 -25.16 3.05 46.03
CA ILE J 366 -24.41 4.25 46.40
C ILE J 366 -25.13 5.45 45.81
N VAL J 367 -25.72 6.29 46.67
CA VAL J 367 -26.24 7.58 46.24
C VAL J 367 -25.11 8.59 46.23
N SER J 368 -25.24 9.61 45.37
CA SER J 368 -24.24 10.66 45.23
C SER J 368 -24.95 11.99 45.19
N LEU J 369 -24.61 12.87 46.14
CA LEU J 369 -25.13 14.23 46.20
C LEU J 369 -23.97 15.19 45.96
N CYS J 370 -24.03 15.92 44.84
CA CYS J 370 -22.97 16.83 44.42
C CYS J 370 -21.61 16.15 44.46
N GLY J 371 -21.58 14.86 44.10
CA GLY J 371 -20.36 14.10 44.04
C GLY J 371 -19.99 13.37 45.31
N LYS J 372 -20.58 13.73 46.45
CA LYS J 372 -20.27 13.06 47.70
C LYS J 372 -21.11 11.80 47.84
N LYS J 373 -20.46 10.68 48.17
CA LYS J 373 -21.07 9.36 48.12
C LYS J 373 -21.65 8.97 49.47
N THR J 374 -22.62 8.05 49.41
CA THR J 374 -23.21 7.45 50.61
C THR J 374 -23.81 6.11 50.22
N THR J 375 -23.35 5.04 50.87
CA THR J 375 -23.80 3.69 50.56
C THR J 375 -25.09 3.42 51.33
N CYS J 376 -26.23 3.59 50.66
CA CYS J 376 -27.52 3.27 51.26
C CYS J 376 -27.68 1.75 51.29
N ASN J 377 -27.86 1.22 52.50
CA ASN J 377 -28.11 -0.19 52.76
C ASN J 377 -29.50 -0.34 53.35
N ALA J 378 -30.26 -1.29 52.83
CA ALA J 378 -31.65 -1.47 53.27
C ALA J 378 -32.07 -2.91 52.98
N GLU J 379 -33.37 -3.17 53.13
CA GLU J 379 -33.93 -4.50 52.88
C GLU J 379 -35.34 -4.31 52.35
N CYS J 380 -35.54 -4.60 51.06
CA CYS J 380 -36.81 -4.36 50.40
C CYS J 380 -37.61 -5.65 50.30
N LYS J 381 -38.90 -5.55 50.64
CA LYS J 381 -39.82 -6.68 50.60
C LYS J 381 -40.37 -6.87 49.19
N PRO J 382 -40.91 -8.04 48.87
CA PRO J 382 -41.55 -8.21 47.57
C PRO J 382 -42.79 -7.35 47.47
N PRO J 383 -43.18 -6.93 46.27
CA PRO J 383 -44.33 -6.04 46.13
C PRO J 383 -45.65 -6.77 46.40
N ALA J 384 -46.72 -5.98 46.46
CA ALA J 384 -48.04 -6.53 46.74
C ALA J 384 -48.75 -6.92 45.46
N ASP J 385 -48.88 -6.00 44.51
CA ASP J 385 -49.57 -6.28 43.27
C ASP J 385 -48.80 -7.30 42.44
N HIS J 386 -49.52 -8.03 41.58
CA HIS J 386 -48.91 -9.00 40.69
C HIS J 386 -48.59 -8.42 39.32
N ILE J 387 -49.43 -7.51 38.83
CA ILE J 387 -49.36 -7.01 37.45
C ILE J 387 -49.44 -5.49 37.51
N ILE J 388 -48.52 -4.82 36.79
CA ILE J 388 -48.52 -3.36 36.70
C ILE J 388 -48.76 -2.96 35.25
N GLY J 389 -49.29 -1.76 35.06
CA GLY J 389 -49.42 -1.17 33.76
C GLY J 389 -48.28 -0.22 33.42
N GLU J 390 -47.14 -0.39 34.09
CA GLU J 390 -45.97 0.45 33.91
C GLU J 390 -44.75 -0.43 33.70
N PRO J 391 -43.88 -0.14 32.72
CA PRO J 391 -42.74 -1.02 32.48
C PRO J 391 -41.70 -0.95 33.58
N HIS J 392 -40.91 -2.01 33.69
CA HIS J 392 -39.80 -2.03 34.63
C HIS J 392 -38.71 -1.07 34.19
N LYS J 393 -38.23 -0.26 35.13
CA LYS J 393 -37.23 0.76 34.86
C LYS J 393 -35.81 0.29 35.13
N VAL J 394 -35.62 -0.93 35.64
CA VAL J 394 -34.29 -1.48 35.90
C VAL J 394 -34.28 -2.94 35.50
N ASP J 395 -33.17 -3.36 34.89
CA ASP J 395 -33.00 -4.76 34.51
C ASP J 395 -32.73 -5.62 35.75
N GLN J 396 -33.06 -6.91 35.63
CA GLN J 396 -32.88 -7.86 36.71
C GLN J 396 -31.55 -8.57 36.53
N GLU J 397 -30.68 -8.46 37.52
CA GLU J 397 -29.35 -9.03 37.49
C GLU J 397 -29.34 -10.36 38.26
N PHE J 398 -28.15 -10.95 38.40
CA PHE J 398 -27.95 -12.17 39.18
C PHE J 398 -27.06 -11.92 40.38
N GLN J 399 -25.96 -11.20 40.20
CA GLN J 399 -25.04 -10.95 41.31
C GLN J 399 -25.67 -10.13 42.43
N ALA J 400 -26.73 -9.38 42.14
CA ALA J 400 -27.40 -8.54 43.11
C ALA J 400 -28.84 -8.96 43.42
N ALA J 401 -29.46 -9.79 42.58
CA ALA J 401 -30.84 -10.21 42.79
C ALA J 401 -30.91 -11.47 43.64
N VAL J 402 -30.23 -11.45 44.79
CA VAL J 402 -30.28 -12.54 45.76
C VAL J 402 -30.24 -11.92 47.14
N SER J 403 -31.19 -12.30 48.00
CA SER J 403 -31.31 -11.66 49.30
C SER J 403 -30.09 -11.93 50.18
N LYS J 404 -29.77 -10.98 51.04
CA LYS J 404 -28.60 -11.11 51.89
C LYS J 404 -28.74 -12.27 52.86
N THR J 405 -29.95 -12.52 53.35
CA THR J 405 -30.18 -13.67 54.20
C THR J 405 -29.95 -14.96 53.44
N SER J 406 -30.51 -15.05 52.22
CA SER J 406 -30.26 -16.22 51.38
C SER J 406 -28.79 -16.35 51.01
N TRP J 407 -28.12 -15.22 50.73
CA TRP J 407 -26.69 -15.27 50.46
C TRP J 407 -25.93 -15.83 51.66
N ASN J 408 -26.28 -15.37 52.87
CA ASN J 408 -25.61 -15.86 54.07
C ASN J 408 -25.82 -17.36 54.24
N TRP J 409 -27.06 -17.82 54.07
CA TRP J 409 -27.35 -19.24 54.22
C TRP J 409 -26.59 -20.07 53.18
N LEU J 410 -26.61 -19.62 51.91
CA LEU J 410 -25.93 -20.37 50.86
C LEU J 410 -24.43 -20.42 51.13
N LEU J 411 -23.85 -19.29 51.51
CA LEU J 411 -22.42 -19.26 51.80
C LEU J 411 -22.07 -20.16 52.97
N ALA J 412 -22.92 -20.18 54.00
CA ALA J 412 -22.65 -21.04 55.16
C ALA J 412 -22.69 -22.51 54.76
N LEU J 413 -23.74 -22.93 54.05
CA LEU J 413 -23.86 -24.34 53.70
C LEU J 413 -22.87 -24.77 52.63
N PHE J 414 -22.31 -23.84 51.85
CA PHE J 414 -21.26 -24.19 50.90
C PHE J 414 -19.86 -24.12 51.49
N GLY J 415 -19.65 -23.31 52.53
CA GLY J 415 -18.36 -23.21 53.17
C GLY J 415 -18.18 -24.24 54.26
N GLY J 416 -19.28 -24.81 54.75
CA GLY J 416 -19.16 -25.93 55.67
C GLY J 416 -18.38 -27.08 55.06
N ALA J 417 -18.69 -27.43 53.81
CA ALA J 417 -17.98 -28.51 53.13
C ALA J 417 -16.52 -28.13 52.90
N SER J 418 -16.25 -26.88 52.55
CA SER J 418 -14.86 -26.46 52.33
C SER J 418 -14.05 -26.56 53.61
N SER J 419 -14.61 -26.10 54.73
CA SER J 419 -13.93 -26.22 56.01
C SER J 419 -13.74 -27.69 56.37
N LEU J 420 -14.74 -28.52 56.11
CA LEU J 420 -14.63 -29.94 56.44
C LEU J 420 -13.50 -30.60 55.66
N ILE J 421 -13.44 -30.34 54.36
CA ILE J 421 -12.39 -30.97 53.54
C ILE J 421 -11.02 -30.42 53.92
N VAL J 422 -10.93 -29.13 54.28
CA VAL J 422 -9.67 -28.61 54.76
C VAL J 422 -9.24 -29.33 56.03
N VAL J 423 -10.17 -29.53 56.96
CA VAL J 423 -9.84 -30.22 58.21
C VAL J 423 -9.45 -31.66 57.93
N GLY J 424 -10.13 -32.31 56.98
CA GLY J 424 -9.79 -33.68 56.65
C GLY J 424 -8.40 -33.81 56.03
N LEU J 425 -8.05 -32.89 55.14
CA LEU J 425 -6.70 -32.89 54.59
C LEU J 425 -5.66 -32.61 55.67
N ILE J 426 -5.98 -31.72 56.61
CA ILE J 426 -5.09 -31.45 57.73
C ILE J 426 -4.88 -32.71 58.55
N VAL J 427 -5.96 -33.45 58.82
CA VAL J 427 -5.86 -34.67 59.61
C VAL J 427 -5.04 -35.70 58.87
N LEU J 428 -5.24 -35.84 57.56
CA LEU J 428 -4.45 -36.79 56.78
C LEU J 428 -2.97 -36.43 56.81
N VAL J 429 -2.65 -35.14 56.66
CA VAL J 429 -1.26 -34.70 56.70
C VAL J 429 -0.66 -34.98 58.08
N CYS J 430 -1.42 -34.72 59.14
CA CYS J 430 -0.92 -34.98 60.49
C CYS J 430 -0.66 -36.47 60.70
N SER J 431 -1.58 -37.33 60.22
CA SER J 431 -1.38 -38.76 60.34
C SER J 431 -0.15 -39.22 59.58
N SER J 432 0.05 -38.67 58.36
CA SER J 432 1.22 -39.04 57.58
C SER J 432 2.51 -38.60 58.29
N MET J 433 2.51 -37.39 58.86
CA MET J 433 3.71 -36.92 59.56
C MET J 433 3.98 -37.77 60.78
N LEU J 434 2.93 -38.15 61.52
CA LEU J 434 3.12 -39.01 62.69
C LEU J 434 3.65 -40.37 62.31
N ILE J 435 3.11 -40.97 61.24
CA ILE J 435 3.59 -42.30 60.85
C ILE J 435 5.01 -42.22 60.32
N ASN J 436 5.38 -41.12 59.65
CA ASN J 436 6.76 -40.94 59.22
C ASN J 436 7.69 -40.81 60.41
N THR J 437 7.30 -40.00 61.41
CA THR J 437 8.17 -39.77 62.55
C THR J 437 8.36 -41.03 63.38
N ARG J 438 7.29 -41.77 63.61
CA ARG J 438 7.30 -42.94 64.50
C ARG J 438 7.49 -44.25 63.72
N ARG J 439 8.16 -44.18 62.57
CA ARG J 439 8.52 -45.38 61.82
C ARG J 439 9.97 -45.75 62.16
N PRO K 11 -76.48 -0.35 -26.37
CA PRO K 11 -77.76 -0.96 -25.99
C PRO K 11 -77.99 -2.38 -26.52
N TYR K 12 -76.92 -3.07 -26.90
CA TYR K 12 -77.05 -4.35 -27.59
C TYR K 12 -77.71 -5.38 -26.67
N LEU K 13 -78.03 -6.52 -27.26
CA LEU K 13 -78.59 -7.66 -26.55
C LEU K 13 -77.56 -8.79 -26.50
N GLY K 14 -77.73 -9.67 -25.51
CA GLY K 14 -76.76 -10.72 -25.29
C GLY K 14 -77.40 -11.99 -24.78
N PHE K 15 -76.67 -13.08 -24.98
CA PHE K 15 -77.04 -14.40 -24.51
C PHE K 15 -76.66 -14.50 -23.03
N CYS K 16 -77.66 -14.55 -22.15
CA CYS K 16 -77.40 -14.69 -20.74
C CYS K 16 -78.03 -15.98 -20.22
N PRO K 17 -77.46 -16.61 -19.19
CA PRO K 17 -77.76 -18.03 -18.92
C PRO K 17 -79.12 -18.29 -18.30
N TYR K 18 -79.75 -17.30 -17.68
CA TYR K 18 -81.02 -17.46 -16.97
C TYR K 18 -82.01 -16.42 -17.41
N CYS K 19 -83.29 -16.77 -17.35
CA CYS K 19 -84.27 -15.88 -17.95
C CYS K 19 -85.51 -15.96 -17.09
N ARG K 20 -86.62 -15.36 -17.50
CA ARG K 20 -87.83 -15.50 -16.70
C ARG K 20 -88.31 -16.94 -16.70
N HIS K 21 -88.45 -17.54 -17.89
CA HIS K 21 -89.01 -18.89 -17.95
C HIS K 21 -88.09 -19.89 -17.26
N SER K 22 -86.86 -20.04 -17.75
CA SER K 22 -85.92 -21.01 -17.20
C SER K 22 -84.60 -21.02 -17.97
N ALA K 23 -84.66 -21.41 -19.25
CA ALA K 23 -83.44 -21.65 -20.03
C ALA K 23 -82.75 -20.36 -20.41
N PRO K 24 -81.46 -20.43 -20.84
CA PRO K 24 -80.79 -19.23 -21.39
C PRO K 24 -81.57 -18.49 -22.48
N CYS K 25 -81.16 -17.23 -22.68
CA CYS K 25 -82.01 -16.18 -23.23
C CYS K 25 -81.19 -15.11 -23.94
N PHE K 26 -81.73 -14.61 -25.06
CA PHE K 26 -81.10 -13.52 -25.81
C PHE K 26 -81.82 -12.26 -25.36
N SER K 27 -81.41 -11.76 -24.21
CA SER K 27 -82.08 -10.69 -23.51
C SER K 27 -81.30 -9.39 -23.66
N PRO K 28 -81.97 -8.23 -23.57
CA PRO K 28 -81.24 -6.96 -23.72
C PRO K 28 -80.39 -6.60 -22.52
N ILE K 29 -80.51 -7.31 -21.41
CA ILE K 29 -79.94 -6.88 -20.13
C ILE K 29 -78.99 -7.92 -19.57
N LYS K 30 -78.25 -8.61 -20.44
CA LYS K 30 -77.25 -9.56 -19.98
C LYS K 30 -76.27 -8.87 -19.05
N ILE K 31 -75.97 -9.52 -17.93
CA ILE K 31 -75.02 -9.00 -16.95
C ILE K 31 -73.63 -9.51 -17.34
N GLU K 32 -72.72 -8.59 -17.62
CA GLU K 32 -71.36 -8.98 -17.99
C GLU K 32 -70.55 -9.35 -16.77
N ASN K 33 -70.28 -8.36 -15.91
CA ASN K 33 -69.50 -8.54 -14.69
C ASN K 33 -70.23 -7.91 -13.51
N VAL K 34 -69.87 -8.36 -12.31
CA VAL K 34 -70.37 -7.80 -11.07
C VAL K 34 -69.19 -7.61 -10.12
N TRP K 35 -69.06 -6.40 -9.56
CA TRP K 35 -68.02 -6.08 -8.59
C TRP K 35 -68.66 -5.79 -7.24
N ASP K 36 -68.05 -6.33 -6.19
CA ASP K 36 -68.59 -6.22 -4.83
C ASP K 36 -67.48 -5.93 -3.82
N GLU K 37 -66.51 -5.11 -4.22
CA GLU K 37 -65.38 -4.79 -3.35
C GLU K 37 -65.68 -3.70 -2.33
N SER K 38 -66.86 -3.09 -2.39
CA SER K 38 -67.20 -2.04 -1.44
C SER K 38 -67.46 -2.62 -0.05
N ASP K 39 -67.08 -1.86 0.97
CA ASP K 39 -67.24 -2.32 2.34
C ASP K 39 -68.68 -2.24 2.84
N ASP K 40 -69.53 -1.43 2.20
CA ASP K 40 -70.91 -1.28 2.63
C ASP K 40 -71.84 -2.30 1.98
N GLY K 41 -71.32 -3.17 1.12
CA GLY K 41 -72.12 -4.16 0.44
C GLY K 41 -72.72 -3.72 -0.87
N SER K 42 -72.51 -2.47 -1.28
CA SER K 42 -73.02 -1.99 -2.56
C SER K 42 -72.32 -2.71 -3.70
N ILE K 43 -73.08 -3.12 -4.70
CA ILE K 43 -72.57 -3.89 -5.84
C ILE K 43 -72.76 -3.05 -7.10
N ARG K 44 -71.72 -3.05 -7.94
CA ARG K 44 -71.75 -2.42 -9.26
C ARG K 44 -71.97 -3.52 -10.29
N ILE K 45 -73.03 -3.38 -11.07
CA ILE K 45 -73.47 -4.41 -12.03
C ILE K 45 -73.37 -3.80 -13.42
N GLN K 46 -72.56 -4.41 -14.28
CA GLN K 46 -72.45 -3.98 -15.68
C GLN K 46 -73.38 -4.84 -16.53
N VAL K 47 -74.21 -4.18 -17.34
CA VAL K 47 -75.10 -4.88 -18.25
C VAL K 47 -75.02 -4.22 -19.62
N SER K 48 -75.80 -4.70 -20.57
CA SER K 48 -75.70 -4.26 -21.96
C SER K 48 -76.56 -3.04 -22.28
N ALA K 49 -77.67 -2.85 -21.56
CA ALA K 49 -78.54 -1.72 -21.82
C ALA K 49 -77.88 -0.42 -21.34
N GLN K 50 -78.31 0.69 -21.95
CA GLN K 50 -77.85 2.02 -21.58
C GLN K 50 -78.92 2.70 -20.73
N PHE K 51 -78.54 3.18 -19.56
CA PHE K 51 -79.47 3.69 -18.56
C PHE K 51 -79.43 5.21 -18.50
N GLY K 52 -80.59 5.80 -18.21
CA GLY K 52 -80.73 7.23 -18.16
C GLY K 52 -80.83 7.90 -19.51
N TYR K 53 -81.06 7.14 -20.59
CA TYR K 53 -81.05 7.66 -21.94
C TYR K 53 -82.27 7.14 -22.70
N ASN K 54 -82.93 8.05 -23.42
CA ASN K 54 -84.20 7.78 -24.08
C ASN K 54 -83.94 7.20 -25.47
N GLN K 55 -84.98 7.17 -26.30
CA GLN K 55 -84.91 6.66 -27.67
C GLN K 55 -83.70 7.22 -28.43
N ALA K 56 -83.65 8.55 -28.59
CA ALA K 56 -82.50 9.16 -29.25
C ALA K 56 -81.24 9.12 -28.40
N GLY K 57 -81.36 8.77 -27.12
CA GLY K 57 -80.23 8.73 -26.22
C GLY K 57 -80.07 9.94 -25.32
N THR K 58 -81.01 10.88 -25.36
CA THR K 58 -80.89 12.11 -24.59
C THR K 58 -80.98 11.83 -23.09
N ALA K 59 -80.27 12.62 -22.31
CA ALA K 59 -80.12 12.39 -20.88
C ALA K 59 -81.42 12.72 -20.17
N ASP K 60 -82.13 11.69 -19.72
CA ASP K 60 -83.20 11.84 -18.73
C ASP K 60 -83.05 10.71 -17.73
N VAL K 61 -83.19 11.03 -16.44
CA VAL K 61 -82.95 10.03 -15.41
C VAL K 61 -84.11 9.04 -15.32
N THR K 62 -85.27 9.38 -15.88
CA THR K 62 -86.47 8.59 -15.69
C THR K 62 -86.72 7.55 -16.79
N LYS K 63 -85.85 7.45 -17.79
CA LYS K 63 -86.06 6.48 -18.86
C LYS K 63 -84.73 5.96 -19.38
N PHE K 64 -84.72 4.67 -19.74
CA PHE K 64 -83.60 4.01 -20.39
C PHE K 64 -84.05 3.42 -21.71
N ARG K 65 -83.06 2.93 -22.47
CA ARG K 65 -83.26 2.43 -23.82
C ARG K 65 -82.72 1.01 -23.93
N TYR K 66 -83.19 0.29 -24.96
CA TYR K 66 -82.79 -1.08 -25.19
C TYR K 66 -83.27 -1.53 -26.57
N MET K 67 -82.54 -2.48 -27.16
CA MET K 67 -82.96 -3.04 -28.43
C MET K 67 -84.18 -3.94 -28.23
N SER K 68 -85.03 -4.00 -29.26
CA SER K 68 -86.32 -4.65 -29.17
C SER K 68 -86.26 -6.10 -29.66
N PHE K 69 -87.32 -6.84 -29.36
CA PHE K 69 -87.52 -8.19 -29.90
C PHE K 69 -88.39 -8.14 -31.15
N ASP K 70 -87.91 -7.41 -32.16
CA ASP K 70 -88.58 -7.33 -33.45
C ASP K 70 -87.54 -7.48 -34.55
N HIS K 71 -88.00 -7.91 -35.73
CA HIS K 71 -87.07 -8.15 -36.83
C HIS K 71 -86.39 -6.88 -37.31
N ASP K 72 -86.98 -5.71 -37.04
CA ASP K 72 -86.30 -4.45 -37.34
C ASP K 72 -85.18 -4.18 -36.35
N HIS K 73 -85.28 -4.72 -35.13
CA HIS K 73 -84.36 -4.50 -34.02
C HIS K 73 -83.92 -3.03 -33.93
N ASP K 74 -84.92 -2.15 -33.85
CA ASP K 74 -84.70 -0.76 -33.53
C ASP K 74 -84.60 -0.64 -32.00
N ILE K 75 -84.51 0.59 -31.50
CA ILE K 75 -84.32 0.85 -30.08
C ILE K 75 -85.64 1.37 -29.51
N LYS K 76 -86.09 0.78 -28.41
CA LYS K 76 -87.23 1.25 -27.65
C LYS K 76 -86.76 1.75 -26.29
N GLU K 77 -87.69 2.31 -25.53
CA GLU K 77 -87.39 2.92 -24.24
C GLU K 77 -88.45 2.54 -23.22
N ASP K 78 -88.04 2.58 -21.95
CA ASP K 78 -88.94 2.30 -20.84
C ASP K 78 -88.47 3.13 -19.64
N SER K 79 -89.15 2.99 -18.50
CA SER K 79 -88.99 3.89 -17.36
C SER K 79 -88.42 3.17 -16.14
N MET K 80 -87.92 3.98 -15.20
CA MET K 80 -87.25 3.45 -14.01
C MET K 80 -88.21 2.74 -13.07
N ASP K 81 -89.48 3.14 -13.03
CA ASP K 81 -90.41 2.53 -12.08
C ASP K 81 -90.79 1.10 -12.47
N LYS K 82 -90.30 0.63 -13.62
CA LYS K 82 -90.59 -0.71 -14.10
C LYS K 82 -89.39 -1.65 -14.00
N ILE K 83 -88.21 -1.16 -13.59
CA ILE K 83 -87.01 -1.98 -13.49
C ILE K 83 -86.75 -2.28 -12.02
N ALA K 84 -86.14 -3.43 -11.77
CA ALA K 84 -85.85 -3.85 -10.40
C ALA K 84 -84.61 -4.74 -10.37
N ILE K 85 -84.01 -4.82 -9.19
CA ILE K 85 -82.82 -5.63 -8.94
C ILE K 85 -83.07 -6.44 -7.68
N SER K 86 -82.55 -7.68 -7.66
CA SER K 86 -82.77 -8.54 -6.50
C SER K 86 -81.79 -9.69 -6.42
N THR K 87 -81.18 -9.92 -5.25
CA THR K 87 -80.35 -11.09 -5.01
C THR K 87 -81.11 -12.17 -4.27
N SER K 88 -81.63 -11.85 -3.08
CA SER K 88 -82.57 -12.68 -2.36
C SER K 88 -83.88 -11.97 -2.04
N GLY K 89 -83.84 -10.65 -1.89
CA GLY K 89 -85.03 -9.83 -1.81
C GLY K 89 -84.87 -8.61 -2.70
N PRO K 90 -85.97 -7.87 -2.94
CA PRO K 90 -85.88 -6.64 -3.73
C PRO K 90 -84.80 -5.69 -3.23
N CYS K 91 -83.78 -5.45 -4.06
CA CYS K 91 -82.71 -4.54 -3.69
C CYS K 91 -83.18 -3.09 -3.74
N ARG K 92 -82.42 -2.22 -3.09
CA ARG K 92 -82.64 -0.78 -3.13
C ARG K 92 -81.70 -0.17 -4.17
N ARG K 93 -82.26 0.30 -5.27
CA ARG K 93 -81.45 0.90 -6.32
C ARG K 93 -80.76 2.16 -5.81
N LEU K 94 -79.48 2.29 -6.14
CA LEU K 94 -78.64 3.37 -5.66
C LEU K 94 -78.22 4.35 -6.75
N GLY K 95 -77.92 3.86 -7.94
CA GLY K 95 -77.57 4.74 -9.03
C GLY K 95 -77.49 3.98 -10.34
N HIS K 96 -77.52 4.75 -11.43
CA HIS K 96 -77.41 4.18 -12.77
C HIS K 96 -76.72 5.17 -13.68
N LYS K 97 -75.86 4.67 -14.55
CA LYS K 97 -75.07 5.52 -15.44
C LYS K 97 -74.66 4.68 -16.65
N GLY K 98 -75.28 4.95 -17.79
CA GLY K 98 -74.91 4.25 -19.01
C GLY K 98 -75.11 2.75 -18.88
N TYR K 99 -74.04 1.99 -19.15
CA TYR K 99 -74.12 0.54 -19.03
C TYR K 99 -74.35 0.10 -17.59
N PHE K 100 -73.88 0.88 -16.63
CA PHE K 100 -73.67 0.38 -15.28
C PHE K 100 -74.81 0.75 -14.35
N LEU K 101 -75.06 -0.13 -13.38
CA LEU K 101 -75.94 0.11 -12.25
C LEU K 101 -75.13 -0.06 -10.97
N LEU K 102 -75.61 0.54 -9.89
CA LEU K 102 -75.06 0.30 -8.57
C LEU K 102 -76.21 0.23 -7.58
N ALA K 103 -76.18 -0.75 -6.69
CA ALA K 103 -77.29 -0.97 -5.79
C ALA K 103 -76.82 -1.62 -4.50
N GLN K 104 -77.54 -1.30 -3.42
CA GLN K 104 -77.37 -1.97 -2.14
C GLN K 104 -78.30 -3.18 -2.10
N CYS K 105 -77.72 -4.35 -1.84
CA CYS K 105 -78.45 -5.61 -1.94
C CYS K 105 -78.24 -6.43 -0.68
N PRO K 106 -79.19 -7.30 -0.32
CA PRO K 106 -78.98 -8.21 0.81
C PRO K 106 -78.08 -9.36 0.41
N PRO K 107 -77.62 -10.17 1.37
CA PRO K 107 -76.82 -11.34 1.03
C PRO K 107 -77.61 -12.33 0.19
N GLY K 108 -76.90 -13.03 -0.68
CA GLY K 108 -77.56 -13.98 -1.57
C GLY K 108 -76.54 -14.75 -2.38
N ASP K 109 -77.03 -15.44 -3.40
CA ASP K 109 -76.21 -16.25 -4.29
C ASP K 109 -76.37 -15.92 -5.76
N SER K 110 -77.55 -15.44 -6.18
CA SER K 110 -77.83 -15.15 -7.58
C SER K 110 -78.45 -13.76 -7.67
N VAL K 111 -77.82 -12.88 -8.45
CA VAL K 111 -78.28 -11.51 -8.61
C VAL K 111 -79.04 -11.41 -9.93
N THR K 112 -80.21 -10.77 -9.89
CA THR K 112 -81.13 -10.69 -11.01
C THR K 112 -81.48 -9.24 -11.29
N VAL K 113 -81.53 -8.90 -12.58
CA VAL K 113 -82.00 -7.61 -13.06
C VAL K 113 -83.22 -7.87 -13.93
N SER K 114 -84.33 -7.19 -13.63
CA SER K 114 -85.61 -7.45 -14.29
C SER K 114 -86.23 -6.14 -14.76
N ILE K 115 -86.94 -6.24 -15.89
CA ILE K 115 -87.76 -5.15 -16.41
C ILE K 115 -89.18 -5.70 -16.56
N THR K 116 -90.15 -4.98 -15.99
CA THR K 116 -91.55 -5.39 -15.98
C THR K 116 -92.32 -4.45 -16.90
N SER K 117 -92.33 -4.76 -18.20
CA SER K 117 -93.11 -4.01 -19.18
C SER K 117 -94.52 -4.59 -19.19
N GLY K 118 -95.39 -4.01 -18.39
CA GLY K 118 -96.72 -4.58 -18.23
C GLY K 118 -96.62 -5.97 -17.62
N ALA K 119 -97.25 -6.94 -18.27
CA ALA K 119 -97.16 -8.33 -17.83
C ALA K 119 -95.88 -9.00 -18.32
N SER K 120 -95.09 -8.37 -19.18
CA SER K 120 -93.87 -8.95 -19.71
C SER K 120 -92.75 -8.71 -18.72
N GLU K 121 -92.41 -9.73 -17.94
CA GLU K 121 -91.34 -9.66 -16.95
C GLU K 121 -90.11 -10.34 -17.56
N ASN K 122 -89.18 -9.52 -18.07
CA ASN K 122 -87.92 -10.01 -18.63
C ASN K 122 -86.84 -9.82 -17.58
N SER K 123 -86.40 -10.93 -17.00
CA SER K 123 -85.42 -10.92 -15.91
C SER K 123 -84.26 -11.84 -16.26
N CYS K 124 -83.04 -11.33 -16.11
CA CYS K 124 -81.83 -12.11 -16.32
C CYS K 124 -81.09 -12.23 -14.99
N THR K 125 -80.71 -13.45 -14.64
CA THR K 125 -80.06 -13.78 -13.38
C THR K 125 -78.67 -14.35 -13.65
N VAL K 126 -77.71 -13.99 -12.81
CA VAL K 126 -76.36 -14.54 -12.86
C VAL K 126 -75.94 -14.91 -11.45
N GLU K 127 -75.30 -16.07 -11.33
CA GLU K 127 -74.85 -16.54 -10.02
C GLU K 127 -73.67 -15.72 -9.55
N LYS K 128 -73.71 -15.28 -8.30
CA LYS K 128 -72.63 -14.47 -7.73
C LYS K 128 -72.72 -14.53 -6.22
N LYS K 129 -71.67 -15.04 -5.58
CA LYS K 129 -71.61 -15.10 -4.12
C LYS K 129 -71.52 -13.67 -3.61
N ILE K 130 -72.60 -13.20 -2.99
CA ILE K 130 -72.65 -11.92 -2.30
C ILE K 130 -73.01 -12.19 -0.84
N ARG K 131 -72.24 -11.59 0.07
CA ARG K 131 -72.37 -11.87 1.49
C ARG K 131 -72.27 -10.59 2.29
N ARG K 132 -72.81 -10.60 3.49
CA ARG K 132 -72.71 -9.47 4.40
C ARG K 132 -71.29 -9.38 4.93
N LYS K 133 -70.63 -8.24 4.69
CA LYS K 133 -69.27 -8.01 5.13
C LYS K 133 -69.22 -6.78 6.03
N PHE K 134 -68.34 -6.85 7.02
CA PHE K 134 -68.11 -5.77 7.98
C PHE K 134 -66.68 -5.27 7.84
N VAL K 135 -66.35 -4.24 8.64
CA VAL K 135 -65.01 -3.67 8.68
C VAL K 135 -64.61 -3.48 10.13
N GLY K 136 -63.35 -3.81 10.43
CA GLY K 136 -62.84 -3.70 11.78
C GLY K 136 -62.53 -5.05 12.39
N ARG K 137 -62.89 -5.23 13.67
CA ARG K 137 -62.58 -6.44 14.39
C ARG K 137 -63.77 -6.97 15.20
N GLU K 138 -64.99 -6.51 14.93
CA GLU K 138 -66.17 -7.05 15.59
C GLU K 138 -67.31 -7.07 14.59
N GLU K 139 -67.88 -8.26 14.37
CA GLU K 139 -68.99 -8.40 13.43
C GLU K 139 -70.22 -7.65 13.92
N TYR K 140 -70.96 -7.09 12.97
CA TYR K 140 -72.19 -6.36 13.29
C TYR K 140 -73.14 -6.46 12.11
N LEU K 141 -74.43 -6.22 12.39
CA LEU K 141 -75.45 -6.28 11.34
C LEU K 141 -75.67 -4.91 10.70
N PHE K 142 -75.64 -3.84 11.51
CA PHE K 142 -75.77 -2.48 11.03
C PHE K 142 -74.60 -1.65 11.57
N PRO K 143 -74.24 -0.55 10.89
CA PRO K 143 -73.25 0.36 11.47
C PRO K 143 -73.80 1.01 12.72
N PRO K 144 -73.04 1.00 13.83
CA PRO K 144 -73.58 1.58 15.06
C PRO K 144 -73.58 3.09 15.05
N VAL K 145 -74.46 3.68 15.86
CA VAL K 145 -74.49 5.13 16.00
C VAL K 145 -73.25 5.61 16.75
N HIS K 146 -72.82 4.88 17.77
CA HIS K 146 -71.68 5.23 18.60
C HIS K 146 -70.58 4.18 18.42
N GLY K 147 -69.36 4.64 18.17
CA GLY K 147 -68.24 3.74 18.00
C GLY K 147 -67.05 4.47 17.45
N LYS K 148 -65.95 3.73 17.33
CA LYS K 148 -64.74 4.30 16.75
C LYS K 148 -64.94 4.60 15.28
N LEU K 149 -64.04 5.42 14.72
CA LEU K 149 -64.05 5.78 13.31
C LEU K 149 -62.78 5.21 12.67
N VAL K 150 -62.96 4.29 11.73
CA VAL K 150 -61.84 3.63 11.07
C VAL K 150 -61.88 3.96 9.58
N LYS K 151 -60.81 3.58 8.88
CA LYS K 151 -60.71 3.82 7.45
C LYS K 151 -61.34 2.64 6.71
N CYS K 152 -62.30 2.94 5.82
CA CYS K 152 -62.96 1.96 5.00
C CYS K 152 -62.94 2.45 3.55
N HIS K 153 -63.51 1.66 2.66
CA HIS K 153 -63.62 2.01 1.24
C HIS K 153 -65.03 1.75 0.75
N VAL K 154 -65.55 2.69 -0.02
CA VAL K 154 -66.97 2.70 -0.40
C VAL K 154 -67.07 3.05 -1.87
N TYR K 155 -67.97 2.38 -2.59
CA TYR K 155 -68.28 2.77 -3.96
C TYR K 155 -68.92 4.15 -3.93
N ASP K 156 -68.30 5.13 -4.59
CA ASP K 156 -68.78 6.50 -4.55
C ASP K 156 -70.18 6.59 -5.17
N HIS K 157 -71.09 7.22 -4.44
CA HIS K 157 -72.46 7.34 -4.92
C HIS K 157 -72.56 8.20 -6.17
N LEU K 158 -71.66 9.17 -6.32
CA LEU K 158 -71.71 10.08 -7.46
C LEU K 158 -71.37 9.31 -8.74
N LYS K 159 -72.21 9.50 -9.76
CA LYS K 159 -71.99 8.78 -11.02
C LYS K 159 -70.78 9.34 -11.77
N GLU K 160 -70.47 10.61 -11.58
CA GLU K 160 -69.37 11.27 -12.31
C GLU K 160 -68.04 11.04 -11.57
N THR K 161 -67.66 9.77 -11.47
CA THR K 161 -66.40 9.38 -10.87
C THR K 161 -65.83 8.21 -11.66
N SER K 162 -64.53 8.25 -11.92
CA SER K 162 -63.87 7.31 -12.83
C SER K 162 -63.15 6.23 -12.03
N ALA K 163 -63.56 4.97 -12.23
CA ALA K 163 -62.82 3.83 -11.70
C ALA K 163 -61.83 3.26 -12.71
N GLY K 164 -61.87 3.71 -13.95
CA GLY K 164 -61.01 3.18 -14.99
C GLY K 164 -61.65 3.39 -16.34
N TYR K 165 -61.54 2.37 -17.20
CA TYR K 165 -62.14 2.41 -18.52
C TYR K 165 -62.39 0.98 -19.01
N ILE K 166 -63.34 0.86 -19.93
CA ILE K 166 -63.65 -0.39 -20.62
C ILE K 166 -63.62 -0.13 -22.12
N THR K 167 -62.98 -1.03 -22.86
CA THR K 167 -62.82 -0.82 -24.29
C THR K 167 -64.15 -0.88 -25.02
N MET K 168 -64.16 -0.33 -26.23
CA MET K 168 -65.38 -0.16 -27.00
C MET K 168 -65.03 -0.44 -28.45
N HIS K 169 -65.95 -1.07 -29.18
CA HIS K 169 -65.69 -1.49 -30.56
C HIS K 169 -66.94 -1.27 -31.39
N ARG K 170 -66.87 -1.64 -32.68
CA ARG K 170 -67.95 -1.42 -33.63
C ARG K 170 -68.72 -2.71 -33.86
N PRO K 171 -70.02 -2.63 -34.21
CA PRO K 171 -70.82 -3.85 -34.31
C PRO K 171 -70.40 -4.71 -35.50
N GLY K 172 -70.47 -6.02 -35.31
CA GLY K 172 -70.20 -6.97 -36.36
C GLY K 172 -71.45 -7.30 -37.14
N PRO K 173 -71.32 -8.14 -38.18
CA PRO K 173 -72.50 -8.53 -38.96
C PRO K 173 -73.50 -9.32 -38.14
N HIS K 174 -74.71 -8.78 -37.97
CA HIS K 174 -75.79 -9.43 -37.24
C HIS K 174 -76.79 -9.94 -38.25
N ALA K 175 -76.58 -11.16 -38.73
CA ALA K 175 -77.43 -11.74 -39.75
C ALA K 175 -78.85 -11.98 -39.20
N TYR K 176 -79.82 -11.89 -40.09
CA TYR K 176 -81.23 -12.08 -39.75
C TYR K 176 -81.87 -13.08 -40.70
N LYS K 177 -82.65 -14.01 -40.15
CA LYS K 177 -83.35 -14.99 -40.96
C LYS K 177 -84.54 -14.36 -41.68
N SER K 178 -85.28 -13.49 -40.99
CA SER K 178 -86.48 -12.89 -41.56
C SER K 178 -86.19 -12.05 -42.79
N TYR K 179 -84.98 -11.52 -42.93
CA TYR K 179 -84.63 -10.78 -44.14
C TYR K 179 -84.70 -11.68 -45.37
N LEU K 180 -84.23 -12.92 -45.25
CA LEU K 180 -84.27 -13.86 -46.35
C LEU K 180 -85.68 -14.43 -46.51
N GLU K 181 -86.00 -14.83 -47.75
CA GLU K 181 -87.28 -15.44 -48.07
C GLU K 181 -87.05 -16.54 -49.09
N GLU K 182 -87.78 -17.64 -48.93
CA GLU K 182 -87.70 -18.78 -49.83
C GLU K 182 -89.09 -19.08 -50.38
N ALA K 183 -89.18 -19.25 -51.70
CA ALA K 183 -90.47 -19.54 -52.33
C ALA K 183 -90.22 -20.15 -53.70
N SER K 184 -90.80 -21.32 -53.93
CA SER K 184 -90.74 -22.00 -55.23
C SER K 184 -89.30 -22.20 -55.68
N GLY K 185 -88.44 -22.63 -54.75
CA GLY K 185 -87.04 -22.82 -55.06
C GLY K 185 -86.32 -21.55 -55.46
N GLU K 186 -86.79 -20.40 -54.99
CA GLU K 186 -86.21 -19.10 -55.30
C GLU K 186 -85.92 -18.38 -53.98
N VAL K 187 -84.76 -17.74 -53.91
CA VAL K 187 -84.30 -17.07 -52.68
C VAL K 187 -84.22 -15.57 -52.93
N TYR K 188 -84.85 -14.82 -52.03
CA TYR K 188 -85.08 -13.38 -52.17
C TYR K 188 -84.72 -12.69 -50.88
N ILE K 189 -84.42 -11.39 -50.99
CA ILE K 189 -84.11 -10.53 -49.85
C ILE K 189 -85.14 -9.41 -49.84
N LYS K 190 -85.76 -9.19 -48.69
CA LYS K 190 -86.79 -8.16 -48.48
C LYS K 190 -86.22 -7.15 -47.49
N PRO K 191 -85.64 -6.04 -47.97
CA PRO K 191 -85.05 -5.08 -47.04
C PRO K 191 -86.12 -4.31 -46.27
N PRO K 192 -85.80 -3.79 -45.09
CA PRO K 192 -86.71 -2.83 -44.46
C PRO K 192 -86.80 -1.56 -45.30
N SER K 193 -87.96 -0.90 -45.23
CA SER K 193 -88.22 0.24 -46.09
C SER K 193 -87.25 1.38 -45.80
N GLY K 194 -86.61 1.88 -46.86
CA GLY K 194 -85.76 3.04 -46.77
C GLY K 194 -84.38 2.80 -46.20
N LYS K 195 -84.00 1.56 -45.91
CA LYS K 195 -82.71 1.23 -45.32
C LYS K 195 -82.01 0.21 -46.20
N ASN K 196 -80.72 0.44 -46.47
CA ASN K 196 -79.95 -0.43 -47.33
C ASN K 196 -79.53 -1.67 -46.56
N VAL K 197 -79.75 -2.84 -47.15
CA VAL K 197 -79.35 -4.13 -46.58
C VAL K 197 -78.17 -4.67 -47.38
N THR K 198 -77.09 -5.00 -46.69
CA THR K 198 -75.98 -5.73 -47.26
C THR K 198 -76.28 -7.23 -47.20
N TYR K 199 -75.74 -7.97 -48.16
CA TYR K 199 -75.93 -9.40 -48.17
C TYR K 199 -74.67 -10.06 -48.72
N GLU K 200 -74.50 -11.32 -48.33
CA GLU K 200 -73.35 -12.14 -48.72
C GLU K 200 -73.83 -13.58 -48.85
N CYS K 201 -73.60 -14.20 -50.01
CA CYS K 201 -74.14 -15.52 -50.27
C CYS K 201 -73.11 -16.39 -51.00
N LYS K 202 -73.34 -17.70 -50.89
CA LYS K 202 -72.47 -18.72 -51.49
C LYS K 202 -73.38 -19.86 -51.95
N CYS K 203 -73.62 -19.92 -53.25
CA CYS K 203 -74.31 -21.04 -53.90
C CYS K 203 -73.43 -21.59 -55.02
N GLY K 204 -72.17 -21.82 -54.69
CA GLY K 204 -71.13 -21.96 -55.70
C GLY K 204 -70.29 -20.71 -55.73
N ASP K 205 -70.52 -19.85 -56.71
CA ASP K 205 -69.84 -18.57 -56.77
C ASP K 205 -70.14 -17.74 -55.52
N TYR K 206 -69.12 -17.04 -55.03
CA TYR K 206 -69.22 -16.22 -53.83
C TYR K 206 -69.62 -14.80 -54.20
N SER K 207 -70.74 -14.33 -53.66
CA SER K 207 -71.34 -13.06 -54.08
C SER K 207 -71.59 -12.16 -52.89
N THR K 208 -71.40 -10.86 -53.10
CA THR K 208 -71.67 -9.81 -52.13
C THR K 208 -72.62 -8.79 -52.76
N GLY K 209 -73.16 -7.89 -51.93
CA GLY K 209 -73.82 -6.73 -52.49
C GLY K 209 -74.65 -6.00 -51.46
N ILE K 210 -75.28 -4.91 -51.92
CA ILE K 210 -76.19 -4.10 -51.12
C ILE K 210 -77.39 -3.74 -51.98
N VAL K 211 -78.58 -3.75 -51.37
CA VAL K 211 -79.82 -3.34 -52.04
C VAL K 211 -80.64 -2.48 -51.11
N SER K 212 -81.66 -1.84 -51.69
CA SER K 212 -82.71 -1.18 -50.94
C SER K 212 -84.10 -1.66 -51.36
N THR K 213 -84.18 -2.72 -52.15
CA THR K 213 -85.45 -3.21 -52.68
C THR K 213 -85.45 -4.74 -52.69
N ARG K 214 -86.65 -5.28 -52.88
CA ARG K 214 -86.89 -6.72 -52.95
C ARG K 214 -86.09 -7.35 -54.10
N THR K 215 -85.08 -8.15 -53.79
CA THR K 215 -84.07 -8.55 -54.77
C THR K 215 -83.83 -10.06 -54.73
N LYS K 216 -83.42 -10.61 -55.86
CA LYS K 216 -83.21 -12.05 -56.03
C LYS K 216 -81.75 -12.42 -55.80
N MET K 217 -81.50 -13.72 -55.56
CA MET K 217 -80.18 -14.30 -55.72
C MET K 217 -80.27 -15.46 -56.70
N ASN K 218 -79.33 -15.50 -57.64
CA ASN K 218 -79.36 -16.49 -58.72
C ASN K 218 -78.64 -17.77 -58.31
N GLY K 219 -79.09 -18.87 -58.90
CA GLY K 219 -78.41 -20.15 -58.74
C GLY K 219 -78.42 -20.71 -57.33
N CYS K 220 -79.56 -20.66 -56.65
CA CYS K 220 -79.68 -21.21 -55.31
C CYS K 220 -81.02 -21.92 -55.16
N THR K 221 -81.06 -22.89 -54.24
CA THR K 221 -82.28 -23.63 -53.93
C THR K 221 -82.56 -23.74 -52.43
N LYS K 222 -81.59 -23.50 -51.57
CA LYS K 222 -81.76 -23.59 -50.13
C LYS K 222 -81.62 -22.21 -49.49
N ALA K 223 -82.51 -21.92 -48.55
CA ALA K 223 -82.51 -20.61 -47.91
C ALA K 223 -81.28 -20.39 -47.03
N LYS K 224 -80.65 -21.47 -46.57
CA LYS K 224 -79.54 -21.39 -45.63
C LYS K 224 -78.19 -21.15 -46.31
N GLN K 225 -78.17 -20.63 -47.53
CA GLN K 225 -76.94 -20.40 -48.27
C GLN K 225 -76.53 -18.94 -48.36
N CYS K 226 -77.37 -18.02 -47.89
CA CYS K 226 -77.09 -16.58 -47.95
C CYS K 226 -77.26 -15.97 -46.57
N ILE K 227 -76.81 -14.71 -46.46
CA ILE K 227 -76.92 -13.93 -45.23
C ILE K 227 -77.29 -12.51 -45.63
N ALA K 228 -78.19 -11.89 -44.87
CA ALA K 228 -78.60 -10.52 -45.07
C ALA K 228 -78.60 -9.78 -43.73
N TYR K 229 -78.21 -8.50 -43.77
CA TYR K 229 -78.21 -7.67 -42.58
C TYR K 229 -78.05 -6.22 -43.00
N LYS K 230 -78.74 -5.32 -42.31
CA LYS K 230 -78.59 -3.91 -42.60
C LYS K 230 -77.31 -3.38 -41.95
N SER K 231 -76.57 -2.57 -42.69
CA SER K 231 -75.25 -2.12 -42.26
C SER K 231 -75.38 -1.16 -41.09
N ASP K 232 -75.49 -1.70 -39.88
CA ASP K 232 -75.64 -0.90 -38.67
C ASP K 232 -74.29 -0.41 -38.17
N GLN K 233 -73.58 0.35 -39.02
CA GLN K 233 -72.35 1.01 -38.61
C GLN K 233 -72.60 2.24 -37.74
N THR K 234 -73.86 2.56 -37.45
CA THR K 234 -74.23 3.74 -36.69
C THR K 234 -74.45 3.42 -35.21
N LYS K 235 -73.68 2.49 -34.67
CA LYS K 235 -73.81 2.08 -33.28
C LYS K 235 -72.46 1.52 -32.84
N TRP K 236 -72.39 1.07 -31.58
CA TRP K 236 -71.21 0.43 -31.04
C TRP K 236 -71.62 -0.68 -30.11
N VAL K 237 -70.65 -1.50 -29.70
CA VAL K 237 -70.90 -2.61 -28.80
C VAL K 237 -69.66 -2.86 -27.97
N PHE K 238 -69.87 -3.11 -26.68
CA PHE K 238 -68.78 -3.47 -25.78
C PHE K 238 -68.07 -4.72 -26.29
N ASN K 239 -66.81 -4.89 -25.89
CA ASN K 239 -66.03 -6.05 -26.30
C ASN K 239 -66.56 -7.30 -25.61
N SER K 240 -67.76 -7.73 -26.00
CA SER K 240 -68.47 -8.81 -25.33
C SER K 240 -68.12 -10.15 -25.96
N PRO K 241 -67.95 -11.23 -25.18
CA PRO K 241 -67.81 -12.56 -25.78
C PRO K 241 -69.05 -12.99 -26.56
N ASP K 242 -70.19 -12.37 -26.29
CA ASP K 242 -71.47 -12.84 -26.81
C ASP K 242 -71.76 -12.38 -28.23
N LEU K 243 -70.90 -11.56 -28.83
CA LEU K 243 -71.12 -11.06 -30.17
C LEU K 243 -69.92 -11.39 -31.05
N ILE K 244 -70.20 -11.70 -32.31
CA ILE K 244 -69.17 -11.91 -33.31
C ILE K 244 -68.69 -10.54 -33.78
N ARG K 245 -67.37 -10.35 -33.77
CA ARG K 245 -66.80 -9.02 -33.98
C ARG K 245 -66.79 -8.63 -35.45
N HIS K 246 -66.78 -7.32 -35.68
CA HIS K 246 -66.57 -6.78 -37.01
C HIS K 246 -65.14 -7.09 -37.46
N THR K 247 -64.91 -7.01 -38.77
CA THR K 247 -63.61 -7.40 -39.33
C THR K 247 -62.47 -6.62 -38.70
N ASP K 248 -62.62 -5.31 -38.56
CA ASP K 248 -61.61 -4.45 -37.94
C ASP K 248 -62.00 -4.24 -36.48
N HIS K 249 -61.58 -5.16 -35.62
CA HIS K 249 -61.85 -5.09 -34.19
C HIS K 249 -60.72 -4.37 -33.45
N SER K 250 -60.35 -3.19 -33.93
CA SER K 250 -59.32 -2.39 -33.29
C SER K 250 -59.90 -1.68 -32.07
N VAL K 251 -59.01 -1.06 -31.29
CA VAL K 251 -59.43 -0.30 -30.13
C VAL K 251 -60.18 0.94 -30.63
N GLN K 252 -61.51 0.91 -30.50
CA GLN K 252 -62.35 1.98 -31.02
C GLN K 252 -62.72 3.01 -29.98
N GLY K 253 -62.69 2.67 -28.69
CA GLY K 253 -63.13 3.61 -27.68
C GLY K 253 -62.82 3.13 -26.28
N LYS K 254 -63.09 4.02 -25.31
CA LYS K 254 -62.94 3.73 -23.90
C LYS K 254 -64.01 4.49 -23.13
N LEU K 255 -64.88 3.78 -22.41
CA LEU K 255 -65.84 4.40 -21.51
C LEU K 255 -65.17 4.75 -20.18
N HIS K 256 -65.94 5.34 -19.28
CA HIS K 256 -65.55 5.51 -17.88
C HIS K 256 -66.40 4.57 -17.03
N ILE K 257 -65.77 3.97 -16.02
CA ILE K 257 -66.44 3.05 -15.12
C ILE K 257 -66.99 3.87 -13.95
N PRO K 258 -68.31 4.09 -13.87
CA PRO K 258 -68.82 4.99 -12.84
C PRO K 258 -68.76 4.37 -11.45
N PHE K 259 -69.01 5.22 -10.45
CA PHE K 259 -69.06 4.81 -9.05
C PHE K 259 -67.73 4.19 -8.62
N ARG K 260 -66.69 5.00 -8.66
CA ARG K 260 -65.36 4.55 -8.25
C ARG K 260 -65.35 4.21 -6.77
N LEU K 261 -64.55 3.21 -6.42
CA LEU K 261 -64.32 2.87 -5.01
C LEU K 261 -63.31 3.85 -4.43
N THR K 262 -63.72 4.57 -3.39
CA THR K 262 -62.95 5.64 -2.80
C THR K 262 -62.72 5.38 -1.32
N PRO K 263 -61.65 5.93 -0.74
CA PRO K 263 -61.42 5.73 0.70
C PRO K 263 -62.19 6.74 1.52
N THR K 264 -62.94 6.25 2.51
CA THR K 264 -63.70 7.10 3.41
C THR K 264 -63.54 6.61 4.84
N VAL K 265 -64.32 7.18 5.76
CA VAL K 265 -64.27 6.83 7.18
C VAL K 265 -65.60 6.19 7.56
N CYS K 266 -65.53 4.99 8.15
CA CYS K 266 -66.69 4.23 8.57
C CYS K 266 -66.76 4.12 10.08
N PRO K 267 -67.97 4.04 10.68
CA PRO K 267 -68.07 3.80 12.12
C PRO K 267 -68.07 2.32 12.45
N VAL K 268 -67.24 1.92 13.41
CA VAL K 268 -67.11 0.53 13.83
C VAL K 268 -67.45 0.45 15.31
N PRO K 269 -68.19 -0.57 15.77
CA PRO K 269 -68.55 -0.63 17.19
C PRO K 269 -67.34 -0.84 18.09
N LEU K 270 -67.46 -0.34 19.32
CA LEU K 270 -66.50 -0.61 20.38
C LEU K 270 -67.12 -1.61 21.35
N ALA K 271 -66.40 -2.70 21.61
CA ALA K 271 -66.95 -3.79 22.38
C ALA K 271 -66.95 -3.46 23.88
N HIS K 272 -67.61 -4.32 24.64
CA HIS K 272 -67.64 -4.17 26.09
C HIS K 272 -66.23 -4.38 26.65
N THR K 273 -65.80 -3.47 27.52
CA THR K 273 -64.45 -3.54 28.06
C THR K 273 -64.31 -4.79 28.94
N PRO K 274 -63.25 -5.58 28.79
CA PRO K 274 -63.14 -6.80 29.60
C PRO K 274 -62.75 -6.49 31.04
N THR K 275 -62.99 -7.47 31.91
CA THR K 275 -62.64 -7.36 33.31
C THR K 275 -61.36 -8.17 33.57
N VAL K 276 -60.31 -7.49 34.03
CA VAL K 276 -59.00 -8.10 34.21
C VAL K 276 -58.82 -8.49 35.67
N THR K 277 -58.49 -9.76 35.91
CA THR K 277 -58.15 -10.26 37.23
C THR K 277 -56.71 -10.75 37.19
N LYS K 278 -55.88 -10.22 38.09
CA LYS K 278 -54.44 -10.45 38.02
C LYS K 278 -54.01 -11.56 38.99
N TRP K 279 -52.97 -12.29 38.60
CA TRP K 279 -52.33 -13.24 39.49
C TRP K 279 -50.87 -13.36 39.08
N PHE K 280 -50.09 -14.04 39.92
CA PHE K 280 -48.63 -14.09 39.75
C PHE K 280 -48.23 -14.55 38.35
N LYS K 281 -47.61 -13.65 37.60
CA LYS K 281 -47.21 -13.89 36.21
C LYS K 281 -48.39 -14.37 35.38
N GLY K 282 -49.45 -13.57 35.40
CA GLY K 282 -50.59 -13.86 34.55
C GLY K 282 -51.81 -12.99 34.78
N ILE K 283 -52.68 -12.92 33.77
CA ILE K 283 -53.93 -12.18 33.85
C ILE K 283 -55.05 -13.08 33.34
N THR K 284 -56.27 -12.74 33.75
CA THR K 284 -57.48 -13.41 33.30
C THR K 284 -58.45 -12.35 32.83
N LEU K 285 -58.70 -12.30 31.52
CA LEU K 285 -59.65 -11.36 30.94
C LEU K 285 -61.00 -12.04 30.83
N HIS K 286 -61.96 -11.57 31.62
CA HIS K 286 -63.36 -11.97 31.49
C HIS K 286 -63.97 -11.10 30.40
N LEU K 287 -64.44 -11.74 29.34
CA LEU K 287 -64.87 -11.09 28.10
C LEU K 287 -66.33 -11.38 27.85
N THR K 288 -67.05 -10.35 27.40
CA THR K 288 -68.46 -10.46 27.05
C THR K 288 -68.67 -9.82 25.68
N ALA K 289 -69.33 -10.55 24.79
CA ALA K 289 -69.64 -10.05 23.45
C ALA K 289 -70.81 -10.84 22.89
N THR K 290 -71.67 -10.15 22.14
CA THR K 290 -72.82 -10.78 21.50
C THR K 290 -72.57 -11.18 20.04
N ARG K 291 -71.51 -10.68 19.43
CA ARG K 291 -71.10 -11.04 18.08
C ARG K 291 -69.64 -11.44 18.09
N PRO K 292 -69.17 -12.20 17.08
CA PRO K 292 -67.76 -12.60 17.05
C PRO K 292 -66.81 -11.41 17.11
N THR K 293 -66.04 -11.32 18.18
CA THR K 293 -65.08 -10.24 18.40
C THR K 293 -63.68 -10.83 18.39
N LEU K 294 -62.76 -10.17 17.68
CA LEU K 294 -61.38 -10.66 17.56
C LEU K 294 -60.55 -10.16 18.73
N LEU K 295 -59.86 -11.08 19.40
CA LEU K 295 -58.94 -10.78 20.49
C LEU K 295 -57.56 -11.27 20.10
N THR K 296 -56.55 -10.42 20.29
CA THR K 296 -55.17 -10.76 20.00
C THR K 296 -54.31 -10.46 21.21
N THR K 297 -53.30 -11.31 21.43
CA THR K 297 -52.35 -11.14 22.51
C THR K 297 -50.95 -11.47 22.01
N ARG K 298 -49.95 -10.82 22.60
CA ARG K 298 -48.57 -11.09 22.22
C ARG K 298 -47.62 -10.60 23.31
N LYS K 299 -46.57 -11.39 23.56
CA LYS K 299 -45.52 -10.95 24.46
C LYS K 299 -44.59 -9.95 23.76
N LEU K 300 -43.89 -9.15 24.57
CA LEU K 300 -42.99 -8.11 24.08
C LEU K 300 -41.52 -8.49 24.27
N GLY K 301 -41.21 -9.78 24.17
CA GLY K 301 -39.86 -10.27 24.29
C GLY K 301 -39.27 -10.64 22.95
N LEU K 302 -38.27 -11.53 22.99
CA LEU K 302 -37.70 -12.05 21.75
C LEU K 302 -38.73 -12.86 20.98
N ARG K 303 -39.52 -13.66 21.69
CA ARG K 303 -40.55 -14.50 21.10
C ARG K 303 -41.91 -13.86 21.35
N ALA K 304 -42.67 -13.63 20.27
CA ALA K 304 -43.93 -12.90 20.39
C ALA K 304 -45.00 -13.75 21.05
N ASP K 305 -45.09 -15.03 20.68
CA ASP K 305 -46.16 -15.91 21.13
C ASP K 305 -47.53 -15.30 20.81
N ALA K 306 -47.66 -14.82 19.57
CA ALA K 306 -48.91 -14.20 19.15
C ALA K 306 -50.04 -15.21 19.13
N THR K 307 -51.16 -14.83 19.74
CA THR K 307 -52.38 -15.63 19.75
C THR K 307 -53.54 -14.76 19.30
N ALA K 308 -54.44 -15.35 18.50
CA ALA K 308 -55.61 -14.65 17.99
C ALA K 308 -56.81 -15.59 18.07
N GLU K 309 -57.98 -15.01 18.40
CA GLU K 309 -59.18 -15.83 18.50
C GLU K 309 -60.42 -14.96 18.31
N TRP K 310 -61.40 -15.52 17.60
CA TRP K 310 -62.71 -14.89 17.45
C TRP K 310 -63.62 -15.48 18.53
N ILE K 311 -64.05 -14.63 19.46
CA ILE K 311 -64.76 -15.06 20.66
C ILE K 311 -66.21 -14.57 20.56
N THR K 312 -67.14 -15.44 20.95
CA THR K 312 -68.57 -15.13 20.97
C THR K 312 -69.13 -15.57 22.31
N GLY K 313 -70.05 -14.77 22.85
CA GLY K 313 -70.65 -15.07 24.13
C GLY K 313 -69.91 -14.45 25.29
N THR K 314 -70.03 -15.07 26.45
CA THR K 314 -69.35 -14.66 27.67
C THR K 314 -68.42 -15.76 28.11
N THR K 315 -67.17 -15.41 28.41
CA THR K 315 -66.16 -16.40 28.78
C THR K 315 -65.02 -15.69 29.50
N SER K 316 -63.94 -16.41 29.75
CA SER K 316 -62.76 -15.85 30.39
C SER K 316 -61.53 -16.55 29.85
N ARG K 317 -60.50 -15.78 29.50
CA ARG K 317 -59.26 -16.31 28.93
C ARG K 317 -58.09 -15.94 29.84
N ASN K 318 -57.26 -16.93 30.15
CA ASN K 318 -56.08 -16.75 30.99
C ASN K 318 -54.83 -16.65 30.10
N PHE K 319 -54.06 -15.59 30.29
CA PHE K 319 -52.84 -15.35 29.53
C PHE K 319 -51.67 -15.14 30.49
N SER K 320 -50.60 -15.90 30.30
CA SER K 320 -49.40 -15.71 31.09
C SER K 320 -48.67 -14.44 30.65
N VAL K 321 -48.27 -13.62 31.62
CA VAL K 321 -47.58 -12.36 31.37
C VAL K 321 -46.19 -12.47 31.99
N GLY K 322 -45.16 -12.29 31.16
CA GLY K 322 -43.79 -12.34 31.64
C GLY K 322 -43.29 -10.98 32.09
N ARG K 323 -42.03 -10.98 32.54
CA ARG K 323 -41.40 -9.72 32.97
C ARG K 323 -41.31 -8.76 31.80
N GLU K 324 -41.04 -9.27 30.59
CA GLU K 324 -40.89 -8.41 29.43
C GLU K 324 -42.17 -7.64 29.12
N GLY K 325 -43.33 -8.20 29.47
CA GLY K 325 -44.62 -7.55 29.31
C GLY K 325 -45.52 -8.33 28.38
N LEU K 326 -46.70 -7.77 28.14
CA LEU K 326 -47.70 -8.37 27.27
C LEU K 326 -48.57 -7.26 26.71
N GLU K 327 -49.03 -7.46 25.47
CA GLU K 327 -49.92 -6.54 24.80
C GLU K 327 -51.15 -7.30 24.35
N TYR K 328 -52.33 -6.85 24.77
CA TYR K 328 -53.59 -7.45 24.38
C TYR K 328 -54.48 -6.40 23.74
N VAL K 329 -55.11 -6.76 22.63
CA VAL K 329 -56.02 -5.90 21.88
C VAL K 329 -57.33 -6.67 21.75
N TRP K 330 -58.39 -6.14 22.33
CA TRP K 330 -59.71 -6.75 22.32
C TRP K 330 -60.66 -5.92 21.47
N GLY K 331 -61.24 -6.55 20.45
CA GLY K 331 -62.15 -5.84 19.57
C GLY K 331 -61.47 -4.67 18.89
N ASN K 332 -62.17 -3.54 18.84
CA ASN K 332 -61.67 -2.33 18.20
C ASN K 332 -60.99 -1.38 19.18
N HIS K 333 -60.85 -1.77 20.46
CA HIS K 333 -60.24 -0.90 21.44
C HIS K 333 -58.75 -0.73 21.15
N GLU K 334 -58.16 0.30 21.75
CA GLU K 334 -56.75 0.56 21.58
C GLU K 334 -55.94 -0.58 22.21
N PRO K 335 -54.73 -0.86 21.71
CA PRO K 335 -53.91 -1.88 22.36
C PRO K 335 -53.63 -1.52 23.81
N VAL K 336 -53.64 -2.54 24.68
CA VAL K 336 -53.43 -2.37 26.11
C VAL K 336 -52.16 -3.14 26.48
N ARG K 337 -51.21 -2.43 27.08
CA ARG K 337 -49.93 -2.98 27.52
C ARG K 337 -49.95 -3.19 29.02
N VAL K 338 -49.36 -4.29 29.47
CA VAL K 338 -49.36 -4.62 30.89
C VAL K 338 -48.16 -5.52 31.18
N TRP K 339 -47.51 -5.27 32.32
CA TRP K 339 -46.29 -5.96 32.71
C TRP K 339 -46.47 -6.72 34.00
N ALA K 340 -45.80 -7.87 34.09
CA ALA K 340 -45.84 -8.71 35.28
C ALA K 340 -44.83 -8.20 36.31
N GLN K 341 -45.25 -8.18 37.58
CA GLN K 341 -44.38 -7.81 38.68
C GLN K 341 -43.56 -9.01 39.12
N GLU K 342 -42.83 -8.85 40.23
CA GLU K 342 -41.99 -9.92 40.78
C GLU K 342 -42.52 -10.33 42.15
N SER K 343 -43.84 -10.31 42.30
CA SER K 343 -44.49 -10.58 43.59
C SER K 343 -44.73 -12.08 43.76
N ALA K 344 -43.65 -12.83 43.94
CA ALA K 344 -43.77 -14.24 44.23
C ALA K 344 -44.22 -14.45 45.68
N PRO K 345 -44.99 -15.50 45.97
CA PRO K 345 -45.42 -15.73 47.36
C PRO K 345 -44.28 -16.27 48.20
N GLY K 346 -44.15 -15.73 49.42
CA GLY K 346 -43.11 -16.15 50.34
C GLY K 346 -42.43 -14.97 51.01
N ASP K 347 -41.14 -15.10 51.29
CA ASP K 347 -40.37 -14.02 51.90
C ASP K 347 -38.88 -14.21 51.59
N PRO K 348 -38.18 -13.25 50.99
CA PRO K 348 -36.75 -13.44 50.73
C PRO K 348 -35.87 -13.20 51.95
N HIS K 349 -36.40 -12.61 53.03
CA HIS K 349 -35.62 -12.31 54.22
C HIS K 349 -36.06 -13.09 55.45
N GLY K 350 -37.05 -13.97 55.33
CA GLY K 350 -37.55 -14.74 56.44
C GLY K 350 -36.80 -16.03 56.64
N TRP K 351 -37.51 -17.02 57.16
CA TRP K 351 -36.91 -18.33 57.40
C TRP K 351 -36.62 -19.03 56.08
N PRO K 352 -35.75 -20.04 56.08
CA PRO K 352 -35.46 -20.73 54.81
C PRO K 352 -36.67 -21.34 54.14
N HIS K 353 -37.68 -21.77 54.91
CA HIS K 353 -38.88 -22.35 54.30
C HIS K 353 -39.72 -21.31 53.56
N GLU K 354 -39.46 -20.02 53.77
CA GLU K 354 -40.11 -18.97 52.99
C GLU K 354 -39.26 -18.57 51.79
N ILE K 355 -37.96 -18.41 51.99
CA ILE K 355 -37.05 -18.11 50.88
C ILE K 355 -37.14 -19.18 49.81
N ILE K 356 -37.25 -20.44 50.25
CA ILE K 356 -37.22 -21.56 49.30
C ILE K 356 -38.43 -21.49 48.37
N ILE K 357 -39.62 -21.34 48.95
CA ILE K 357 -40.83 -21.26 48.12
C ILE K 357 -40.80 -20.00 47.25
N HIS K 358 -40.35 -18.88 47.81
CA HIS K 358 -40.32 -17.63 47.04
C HIS K 358 -39.43 -17.77 45.80
N TYR K 359 -38.19 -18.21 46.00
CA TYR K 359 -37.25 -18.30 44.89
C TYR K 359 -37.51 -19.51 43.99
N TYR K 360 -38.25 -20.52 44.47
CA TYR K 360 -38.67 -21.60 43.59
C TYR K 360 -39.79 -21.15 42.67
N HIS K 361 -40.75 -20.40 43.20
CA HIS K 361 -41.79 -19.85 42.35
C HIS K 361 -41.23 -18.83 41.37
N ARG K 362 -40.22 -18.06 41.79
CA ARG K 362 -39.57 -17.14 40.86
C ARG K 362 -38.87 -17.88 39.73
N HIS K 363 -38.02 -18.84 40.07
CA HIS K 363 -37.21 -19.56 39.08
C HIS K 363 -37.08 -21.01 39.53
N PRO K 364 -37.97 -21.90 39.06
CA PRO K 364 -37.90 -23.29 39.55
C PRO K 364 -36.62 -24.01 39.16
N VAL K 365 -36.19 -23.91 37.90
CA VAL K 365 -35.02 -24.65 37.45
C VAL K 365 -33.77 -24.17 38.19
N TYR K 366 -33.61 -22.86 38.33
CA TYR K 366 -32.43 -22.34 39.02
C TYR K 366 -32.42 -22.77 40.48
N THR K 367 -33.58 -22.69 41.14
CA THR K 367 -33.65 -23.08 42.55
C THR K 367 -33.35 -24.56 42.72
N VAL K 368 -33.88 -25.40 41.85
CA VAL K 368 -33.62 -26.84 41.95
C VAL K 368 -32.15 -27.14 41.69
N ILE K 369 -31.54 -26.44 40.73
CA ILE K 369 -30.11 -26.65 40.48
C ILE K 369 -29.29 -26.23 41.70
N VAL K 370 -29.64 -25.11 42.31
CA VAL K 370 -28.90 -24.65 43.48
C VAL K 370 -29.04 -25.65 44.63
N LEU K 371 -30.25 -26.17 44.83
CA LEU K 371 -30.46 -27.12 45.92
C LEU K 371 -29.74 -28.44 45.64
N CYS K 372 -29.74 -28.89 44.38
CA CYS K 372 -29.01 -30.09 44.03
C CYS K 372 -27.52 -29.91 44.28
N GLY K 373 -26.98 -28.74 43.92
CA GLY K 373 -25.58 -28.47 44.21
C GLY K 373 -25.27 -28.46 45.68
N VAL K 374 -26.15 -27.83 46.48
CA VAL K 374 -25.92 -27.77 47.93
C VAL K 374 -25.96 -29.18 48.52
N ALA K 375 -26.95 -29.97 48.13
CA ALA K 375 -27.07 -31.32 48.65
C ALA K 375 -25.87 -32.18 48.25
N LEU K 376 -25.42 -32.05 47.00
CA LEU K 376 -24.26 -32.80 46.55
C LEU K 376 -23.02 -32.38 47.32
N ALA K 377 -22.87 -31.08 47.59
CA ALA K 377 -21.72 -30.61 48.36
C ALA K 377 -21.75 -31.18 49.78
N ILE K 378 -22.93 -31.18 50.41
CA ILE K 378 -23.02 -31.72 51.77
C ILE K 378 -22.73 -33.22 51.78
N LEU K 379 -23.25 -33.94 50.79
CA LEU K 379 -23.01 -35.39 50.74
C LEU K 379 -21.54 -35.68 50.49
N VAL K 380 -20.90 -34.92 49.60
CA VAL K 380 -19.48 -35.09 49.35
C VAL K 380 -18.69 -34.79 50.61
N GLY K 381 -19.11 -33.77 51.36
CA GLY K 381 -18.43 -33.47 52.61
C GLY K 381 -18.55 -34.59 53.63
N THR K 382 -19.75 -35.16 53.76
CA THR K 382 -19.93 -36.26 54.69
C THR K 382 -19.10 -37.48 54.28
N ALA K 383 -19.07 -37.77 52.98
CA ALA K 383 -18.26 -38.88 52.49
C ALA K 383 -16.78 -38.63 52.75
N SER K 384 -16.32 -37.40 52.53
CA SER K 384 -14.92 -37.07 52.80
C SER K 384 -14.61 -37.20 54.28
N SER K 385 -15.53 -36.77 55.15
CA SER K 385 -15.32 -36.93 56.58
C SER K 385 -15.20 -38.39 56.96
N ALA K 386 -16.08 -39.23 56.42
CA ALA K 386 -16.02 -40.66 56.70
C ALA K 386 -14.69 -41.25 56.23
N ALA K 387 -14.27 -40.90 55.01
CA ALA K 387 -13.02 -41.44 54.47
C ALA K 387 -11.82 -40.99 55.29
N CYS K 388 -11.77 -39.71 55.65
CA CYS K 388 -10.66 -39.20 56.44
C CYS K 388 -10.61 -39.83 57.82
N ILE K 389 -11.77 -39.99 58.46
CA ILE K 389 -11.82 -40.63 59.77
C ILE K 389 -11.34 -42.07 59.66
N ALA K 390 -11.79 -42.79 58.63
CA ALA K 390 -11.36 -44.18 58.46
C ALA K 390 -9.85 -44.27 58.23
N LYS K 391 -9.31 -43.40 57.37
CA LYS K 391 -7.88 -43.46 57.09
C LYS K 391 -7.05 -43.09 58.31
N ALA K 392 -7.50 -42.10 59.09
CA ALA K 392 -6.83 -41.78 60.34
C ALA K 392 -6.91 -42.96 61.30
N ARG K 393 -8.05 -43.67 61.32
CA ARG K 393 -8.17 -44.87 62.13
C ARG K 393 -7.11 -45.88 61.76
N ARG K 394 -6.98 -46.17 60.46
CA ARG K 394 -5.99 -47.15 60.01
C ARG K 394 -4.58 -46.70 60.35
N ASP K 395 -4.28 -45.42 60.13
CA ASP K 395 -2.91 -44.94 60.32
C ASP K 395 -2.52 -44.94 61.80
N CYS K 396 -3.40 -44.45 62.68
CA CYS K 396 -3.07 -44.26 64.08
C CYS K 396 -3.47 -45.43 64.97
N LEU K 397 -4.12 -46.47 64.42
CA LEU K 397 -4.51 -47.64 65.19
C LEU K 397 -3.79 -48.91 64.76
N THR K 398 -3.26 -48.96 63.54
CA THR K 398 -2.47 -50.11 63.11
C THR K 398 -1.21 -50.32 63.96
N PRO K 399 -0.43 -49.30 64.34
CA PRO K 399 0.82 -49.61 65.04
C PRO K 399 0.59 -50.10 66.47
N TYR K 400 -0.54 -49.77 67.07
CA TYR K 400 -0.84 -50.16 68.45
C TYR K 400 -1.85 -51.30 68.54
N ALA K 401 -2.43 -51.72 67.41
CA ALA K 401 -3.31 -52.87 67.39
C ALA K 401 -2.56 -54.19 67.46
N LEU K 402 -1.33 -54.24 66.99
CA LEU K 402 -0.47 -55.42 67.02
C LEU K 402 0.70 -55.19 67.97
N ALA K 403 0.41 -54.56 69.11
CA ALA K 403 1.41 -54.05 70.02
C ALA K 403 1.27 -54.67 71.40
N PRO K 404 2.36 -54.71 72.19
CA PRO K 404 2.27 -55.31 73.52
C PRO K 404 1.69 -54.36 74.56
N ASN K 405 0.43 -54.59 74.96
CA ASN K 405 -0.24 -53.77 75.96
C ASN K 405 -0.14 -52.29 75.59
N ALA K 406 -0.75 -51.95 74.45
CA ALA K 406 -0.62 -50.62 73.89
C ALA K 406 -1.13 -49.55 74.86
N THR K 407 -0.23 -48.67 75.28
CA THR K 407 -0.60 -47.52 76.12
C THR K 407 -1.06 -46.38 75.21
N VAL K 408 -2.22 -46.60 74.58
CA VAL K 408 -2.73 -45.64 73.60
C VAL K 408 -3.09 -44.34 74.32
N PRO K 409 -2.82 -43.16 73.74
CA PRO K 409 -3.47 -41.95 74.26
C PRO K 409 -4.98 -42.09 74.16
N THR K 410 -5.67 -42.09 75.31
CA THR K 410 -7.08 -42.45 75.33
C THR K 410 -7.95 -41.53 74.48
N ALA K 411 -7.52 -40.28 74.27
CA ALA K 411 -8.28 -39.39 73.40
C ALA K 411 -8.33 -39.92 71.97
N LEU K 412 -7.18 -40.39 71.46
CA LEU K 412 -7.16 -40.96 70.12
C LEU K 412 -8.03 -42.21 70.02
N ALA K 413 -7.98 -43.06 71.04
CA ALA K 413 -8.81 -44.26 71.03
C ALA K 413 -10.29 -43.91 71.04
N VAL K 414 -10.68 -42.93 71.86
CA VAL K 414 -12.07 -42.51 71.90
C VAL K 414 -12.50 -41.93 70.55
N LEU K 415 -11.64 -41.12 69.94
CA LEU K 415 -11.96 -40.55 68.63
C LEU K 415 -12.12 -41.64 67.58
N CYS K 416 -11.24 -42.64 67.61
CA CYS K 416 -11.17 -43.67 66.58
C CYS K 416 -12.07 -44.87 66.85
N CYS K 417 -12.72 -44.93 68.01
CA CYS K 417 -13.60 -46.03 68.37
C CYS K 417 -15.06 -45.76 68.04
N ILE K 418 -15.40 -44.55 67.59
CA ILE K 418 -16.78 -44.18 67.30
C ILE K 418 -16.87 -43.67 65.87
N GLU L 107 8.23 -73.17 66.75
CA GLU L 107 8.13 -72.70 65.37
C GLU L 107 7.35 -73.69 64.51
N SER L 108 7.63 -74.99 64.67
CA SER L 108 6.95 -75.99 63.86
C SER L 108 5.48 -76.09 64.22
N ASP L 109 5.15 -76.01 65.51
CA ASP L 109 3.77 -76.26 65.94
C ASP L 109 2.85 -75.10 65.56
N LYS L 110 3.28 -73.87 65.75
CA LYS L 110 2.43 -72.69 65.68
C LYS L 110 2.79 -71.80 64.50
N THR L 111 3.18 -72.40 63.38
CA THR L 111 3.49 -71.65 62.16
C THR L 111 2.97 -72.43 60.97
N PHE L 112 1.99 -71.86 60.26
CA PHE L 112 1.22 -72.56 59.25
C PHE L 112 1.58 -72.03 57.87
N PRO L 113 2.00 -72.86 56.91
CA PRO L 113 2.27 -72.34 55.56
C PRO L 113 0.99 -71.97 54.85
N ILE L 114 1.11 -71.01 53.93
CA ILE L 114 0.05 -70.66 52.99
C ILE L 114 0.39 -71.31 51.65
N MET L 115 -0.60 -72.02 51.10
CA MET L 115 -0.49 -72.77 49.86
C MET L 115 -1.05 -71.95 48.70
N LEU L 116 -0.65 -72.36 47.49
CA LEU L 116 -1.23 -71.83 46.26
C LEU L 116 -0.89 -72.82 45.15
N ASN L 117 -1.92 -73.44 44.58
CA ASN L 117 -1.74 -74.45 43.52
C ASN L 117 -0.77 -75.55 43.96
N GLY L 118 -0.80 -75.89 45.25
CA GLY L 118 0.06 -76.93 45.78
C GLY L 118 1.47 -76.49 46.10
N GLN L 119 1.77 -75.20 46.05
CA GLN L 119 3.10 -74.67 46.34
C GLN L 119 3.03 -73.73 47.52
N VAL L 120 3.91 -73.91 48.50
CA VAL L 120 3.99 -73.03 49.65
C VAL L 120 4.62 -71.72 49.21
N ASN L 121 3.98 -70.59 49.55
CA ASN L 121 4.51 -69.28 49.21
C ASN L 121 4.63 -68.33 50.39
N GLY L 122 4.43 -68.80 51.61
CA GLY L 122 4.61 -67.96 52.78
C GLY L 122 4.33 -68.74 54.04
N TYR L 123 4.38 -68.04 55.17
CA TYR L 123 4.05 -68.63 56.46
C TYR L 123 3.26 -67.62 57.27
N ALA L 124 2.21 -68.09 57.95
CA ALA L 124 1.37 -67.25 58.81
C ALA L 124 1.68 -67.56 60.26
N CYS L 125 1.54 -66.54 61.12
CA CYS L 125 1.99 -66.66 62.51
C CYS L 125 0.92 -66.15 63.47
N VAL L 126 0.68 -66.91 64.53
CA VAL L 126 -0.25 -66.54 65.59
C VAL L 126 0.60 -66.00 66.75
N VAL L 127 0.55 -64.69 66.95
CA VAL L 127 1.33 -64.01 67.97
C VAL L 127 0.39 -63.22 68.87
N GLY L 128 0.62 -63.31 70.18
CA GLY L 128 -0.11 -62.51 71.14
C GLY L 128 -1.61 -62.72 71.10
N GLY L 129 -2.04 -63.90 70.68
CA GLY L 129 -3.46 -64.20 70.60
C GLY L 129 -4.12 -63.76 69.31
N ARG L 130 -3.37 -63.29 68.33
CA ARG L 130 -3.93 -62.83 67.06
C ARG L 130 -3.12 -63.38 65.90
N LEU L 131 -3.80 -63.78 64.83
CA LEU L 131 -3.17 -64.30 63.63
C LEU L 131 -2.71 -63.16 62.76
N MET L 132 -1.57 -63.35 62.08
CA MET L 132 -0.99 -62.38 61.17
C MET L 132 -0.47 -63.09 59.93
N LYS L 133 -0.58 -62.41 58.78
CA LYS L 133 -0.22 -62.97 57.49
C LYS L 133 0.26 -61.81 56.62
N PRO L 134 1.25 -61.99 55.76
CA PRO L 134 1.74 -60.86 54.96
C PRO L 134 0.97 -60.70 53.65
N LEU L 135 0.93 -59.46 53.16
CA LEU L 135 0.02 -59.11 52.08
C LEU L 135 0.61 -59.42 50.71
N HIS L 136 1.93 -59.33 50.56
CA HIS L 136 2.53 -59.51 49.24
C HIS L 136 2.32 -60.93 48.73
N VAL L 137 2.23 -61.90 49.64
CA VAL L 137 1.94 -63.29 49.23
C VAL L 137 0.44 -63.48 49.11
N GLU L 138 0.04 -64.28 48.12
CA GLU L 138 -1.36 -64.67 47.91
C GLU L 138 -1.46 -66.19 48.02
N GLY L 139 -2.43 -66.67 48.78
CA GLY L 139 -2.58 -68.10 48.94
C GLY L 139 -3.72 -68.45 49.86
N LYS L 140 -3.80 -69.74 50.19
CA LYS L 140 -4.84 -70.31 51.05
C LYS L 140 -4.22 -70.75 52.37
N ILE L 141 -4.76 -70.25 53.47
CA ILE L 141 -4.26 -70.63 54.80
C ILE L 141 -4.53 -72.13 55.01
N ASP L 142 -3.56 -72.81 55.62
CA ASP L 142 -3.66 -74.26 55.78
C ASP L 142 -4.77 -74.62 56.76
N ASN L 143 -4.77 -74.02 57.94
CA ASN L 143 -5.69 -74.44 58.99
C ASN L 143 -7.13 -74.07 58.62
N GLU L 144 -8.05 -75.01 58.84
CA GLU L 144 -9.46 -74.79 58.51
C GLU L 144 -10.12 -73.84 59.50
N GLN L 145 -9.79 -73.97 60.78
CA GLN L 145 -10.44 -73.16 61.81
C GLN L 145 -10.15 -71.67 61.61
N LEU L 146 -8.94 -71.33 61.16
CA LEU L 146 -8.57 -69.95 60.91
C LEU L 146 -8.98 -69.44 59.54
N ALA L 147 -9.54 -70.31 58.69
CA ALA L 147 -10.03 -69.87 57.39
C ALA L 147 -11.22 -68.94 57.50
N ALA L 148 -11.94 -68.97 58.62
CA ALA L 148 -13.14 -68.17 58.81
C ALA L 148 -12.87 -66.80 59.43
N VAL L 149 -11.61 -66.47 59.74
CA VAL L 149 -11.28 -65.18 60.34
C VAL L 149 -11.25 -64.13 59.24
N LYS L 150 -12.00 -63.05 59.45
CA LYS L 150 -11.98 -61.92 58.53
C LYS L 150 -10.73 -61.11 58.81
N LEU L 151 -9.86 -61.01 57.80
CA LEU L 151 -8.49 -60.52 57.98
C LEU L 151 -8.47 -59.02 57.71
N LYS L 152 -8.46 -58.22 58.78
CA LYS L 152 -8.35 -56.78 58.63
C LYS L 152 -6.97 -56.41 58.10
N LYS L 153 -6.93 -55.60 57.05
CA LYS L 153 -5.71 -55.35 56.29
C LYS L 153 -5.10 -54.02 56.69
N ALA L 154 -3.79 -54.04 56.96
CA ALA L 154 -2.96 -52.84 57.03
C ALA L 154 -2.05 -52.93 55.80
N SER L 155 -2.46 -52.25 54.73
CA SER L 155 -1.73 -52.34 53.47
C SER L 155 -0.38 -51.64 53.57
N MET L 156 -0.32 -50.49 54.23
CA MET L 156 0.95 -49.81 54.43
C MET L 156 1.88 -50.61 55.35
N TYR L 157 1.34 -51.48 56.19
CA TYR L 157 2.13 -52.46 56.92
C TYR L 157 2.27 -53.78 56.19
N ASP L 158 1.69 -53.92 55.00
CA ASP L 158 1.89 -55.09 54.16
C ASP L 158 1.46 -56.35 54.90
N LEU L 159 0.35 -56.24 55.63
CA LEU L 159 -0.06 -57.30 56.54
C LEU L 159 -1.58 -57.34 56.64
N GLU L 160 -2.09 -58.48 57.10
CA GLU L 160 -3.44 -58.59 57.61
C GLU L 160 -3.41 -59.34 58.93
N TYR L 161 -4.29 -58.91 59.83
CA TYR L 161 -4.39 -59.47 61.18
C TYR L 161 -5.83 -59.89 61.44
N GLY L 162 -5.98 -60.91 62.30
CA GLY L 162 -7.29 -61.41 62.64
C GLY L 162 -7.30 -61.96 64.06
N ASP L 163 -8.51 -62.09 64.60
CA ASP L 163 -8.71 -62.58 65.95
C ASP L 163 -8.94 -64.09 65.90
N VAL L 164 -8.06 -64.84 66.54
CA VAL L 164 -8.14 -66.30 66.57
C VAL L 164 -9.30 -66.70 67.49
N PRO L 165 -9.87 -67.89 67.32
CA PRO L 165 -10.99 -68.29 68.19
C PRO L 165 -10.54 -68.53 69.62
N GLN L 166 -11.52 -68.89 70.45
CA GLN L 166 -11.27 -69.06 71.89
C GLN L 166 -10.30 -70.19 72.15
N ASN L 167 -10.44 -71.32 71.44
CA ASN L 167 -9.68 -72.52 71.79
C ASN L 167 -8.17 -72.29 71.65
N MET L 168 -7.76 -71.60 70.60
CA MET L 168 -6.36 -71.50 70.23
C MET L 168 -5.69 -70.21 70.70
N LYS L 169 -6.40 -69.33 71.41
CA LYS L 169 -5.76 -68.12 71.91
C LYS L 169 -4.84 -68.40 73.10
N SER L 170 -5.00 -69.54 73.76
CA SER L 170 -4.13 -69.88 74.89
C SER L 170 -2.75 -70.35 74.43
N ASP L 171 -2.67 -71.07 73.32
CA ASP L 171 -1.44 -71.64 72.80
C ASP L 171 -1.00 -70.81 71.59
N THR L 172 -0.23 -69.76 71.85
CA THR L 172 0.27 -68.87 70.81
C THR L 172 1.70 -68.46 71.14
N LEU L 173 2.41 -67.99 70.11
CA LEU L 173 3.74 -67.46 70.32
C LEU L 173 3.67 -66.08 70.98
N GLN L 174 4.71 -65.76 71.75
CA GLN L 174 4.78 -64.51 72.48
C GLN L 174 5.75 -63.54 71.81
N TYR L 175 5.28 -62.33 71.57
CA TYR L 175 6.15 -61.24 71.10
C TYR L 175 7.03 -60.74 72.24
N THR L 176 8.01 -59.92 71.88
CA THR L 176 8.91 -59.33 72.86
C THR L 176 9.27 -57.92 72.42
N SER L 177 9.64 -57.09 73.40
CA SER L 177 10.03 -55.70 73.17
C SER L 177 11.52 -55.47 73.34
N ASP L 178 12.13 -56.09 74.36
CA ASP L 178 13.56 -55.96 74.56
C ASP L 178 14.31 -56.81 73.53
N LYS L 179 15.30 -56.20 72.89
CA LYS L 179 16.07 -56.82 71.81
C LYS L 179 17.55 -56.65 72.11
N PRO L 180 18.12 -57.48 72.98
CA PRO L 180 19.56 -57.43 73.21
C PRO L 180 20.31 -57.76 71.94
N PRO L 181 21.20 -56.88 71.47
CA PRO L 181 21.89 -57.15 70.19
C PRO L 181 22.71 -58.42 70.24
N GLY L 182 22.78 -59.11 69.10
CA GLY L 182 23.52 -60.36 69.05
C GLY L 182 22.99 -61.36 68.03
N PHE L 183 22.69 -62.59 68.47
CA PHE L 183 22.18 -63.65 67.61
C PHE L 183 20.79 -64.06 68.07
N TYR L 184 19.93 -64.39 67.10
CA TYR L 184 18.56 -64.81 67.37
C TYR L 184 18.22 -66.03 66.54
N ASN L 185 17.36 -66.89 67.09
CA ASN L 185 17.02 -68.15 66.46
C ASN L 185 16.11 -67.93 65.25
N TRP L 186 16.17 -68.86 64.31
CA TRP L 186 15.35 -68.83 63.11
C TRP L 186 15.41 -70.21 62.49
N HIS L 187 14.39 -70.52 61.67
CA HIS L 187 14.31 -71.82 61.01
C HIS L 187 15.60 -72.18 60.27
N HIS L 188 16.26 -71.20 59.66
CA HIS L 188 17.48 -71.42 58.88
C HIS L 188 18.73 -71.00 59.65
N GLY L 189 18.67 -71.05 60.98
CA GLY L 189 19.86 -70.86 61.81
C GLY L 189 19.80 -69.57 62.61
N ALA L 190 20.97 -68.97 62.81
CA ALA L 190 21.10 -67.77 63.62
C ALA L 190 21.11 -66.53 62.73
N VAL L 191 20.30 -65.54 63.10
CA VAL L 191 20.24 -64.26 62.40
C VAL L 191 20.86 -63.21 63.31
N GLN L 192 21.59 -62.26 62.69
CA GLN L 192 22.50 -61.36 63.39
C GLN L 192 21.86 -59.99 63.47
N TYR L 193 21.93 -59.37 64.66
CA TYR L 193 21.31 -58.09 64.94
C TYR L 193 22.33 -57.12 65.52
N GLU L 194 22.55 -56.01 64.80
CA GLU L 194 23.34 -54.86 65.23
C GLU L 194 22.86 -53.59 64.53
N ASN L 195 23.11 -52.46 65.18
CA ASN L 195 22.86 -51.14 64.60
C ASN L 195 21.40 -51.00 64.17
N GLY L 196 20.49 -51.60 64.93
CA GLY L 196 19.08 -51.53 64.58
C GLY L 196 18.76 -52.25 63.30
N ARG L 197 19.52 -53.28 62.94
CA ARG L 197 19.40 -53.94 61.66
C ARG L 197 19.62 -55.46 61.81
N PHE L 198 18.85 -56.21 61.02
CA PHE L 198 18.88 -57.66 60.96
C PHE L 198 19.53 -58.13 59.66
N THR L 199 20.46 -59.07 59.76
CA THR L 199 21.01 -59.70 58.57
C THR L 199 21.16 -61.19 58.80
N VAL L 200 21.50 -61.91 57.73
CA VAL L 200 21.76 -63.34 57.79
C VAL L 200 22.94 -63.66 56.87
N PRO L 201 23.66 -64.76 57.15
CA PRO L 201 24.69 -65.19 56.18
C PRO L 201 24.11 -65.38 54.79
N ARG L 202 24.88 -64.96 53.79
CA ARG L 202 24.39 -64.94 52.42
C ARG L 202 24.09 -66.35 51.93
N GLY L 203 23.11 -66.46 51.04
CA GLY L 203 22.66 -67.73 50.53
C GLY L 203 21.64 -68.44 51.40
N VAL L 204 21.28 -67.87 52.54
CA VAL L 204 20.30 -68.46 53.45
C VAL L 204 19.00 -67.67 53.31
N GLY L 205 17.91 -68.39 53.06
CA GLY L 205 16.62 -67.77 52.87
C GLY L 205 16.33 -67.44 51.42
N GLY L 206 15.05 -67.27 51.11
CA GLY L 206 14.64 -66.98 49.76
C GLY L 206 13.14 -66.77 49.68
N LYS L 207 12.63 -66.85 48.46
CA LYS L 207 11.20 -66.69 48.24
C LYS L 207 10.42 -67.79 48.95
N GLY L 208 9.25 -67.42 49.47
CA GLY L 208 8.41 -68.34 50.21
C GLY L 208 8.68 -68.39 51.70
N ASP L 209 9.72 -67.71 52.18
CA ASP L 209 10.05 -67.67 53.60
C ASP L 209 9.41 -66.50 54.33
N SER L 210 8.59 -65.70 53.65
CA SER L 210 7.98 -64.54 54.29
C SER L 210 7.05 -64.97 55.41
N GLY L 211 7.01 -64.17 56.47
CA GLY L 211 6.16 -64.43 57.60
C GLY L 211 6.72 -65.37 58.64
N ARG L 212 7.92 -65.89 58.44
CA ARG L 212 8.51 -66.80 59.41
C ARG L 212 9.06 -65.99 60.59
N PRO L 213 8.60 -66.24 61.83
CA PRO L 213 9.06 -65.41 62.94
C PRO L 213 10.53 -65.64 63.27
N ILE L 214 11.13 -64.62 63.89
CA ILE L 214 12.50 -64.71 64.40
C ILE L 214 12.40 -65.01 65.89
N LEU L 215 13.05 -66.09 66.31
CA LEU L 215 12.95 -66.60 67.67
C LEU L 215 14.17 -66.20 68.47
N ASP L 216 13.98 -66.04 69.79
CA ASP L 216 15.04 -65.67 70.72
C ASP L 216 15.31 -66.84 71.67
N ASN L 217 16.16 -66.60 72.67
CA ASN L 217 16.61 -67.69 73.53
C ASN L 217 15.46 -68.33 74.30
N ARG L 218 14.55 -67.52 74.85
CA ARG L 218 13.48 -68.02 75.69
C ARG L 218 12.24 -68.46 74.90
N GLY L 219 12.38 -68.69 73.59
CA GLY L 219 11.25 -69.13 72.80
C GLY L 219 10.16 -68.10 72.59
N ARG L 220 10.53 -66.88 72.23
CA ARG L 220 9.59 -65.80 71.98
C ARG L 220 9.96 -65.11 70.67
N VAL L 221 8.96 -64.48 70.05
CA VAL L 221 9.12 -63.83 68.75
C VAL L 221 9.66 -62.43 68.97
N VAL L 222 10.58 -62.01 68.10
CA VAL L 222 11.10 -60.65 68.13
C VAL L 222 10.86 -59.91 66.82
N ALA L 223 10.65 -60.62 65.71
CA ALA L 223 10.36 -59.99 64.44
C ALA L 223 9.74 -61.02 63.51
N ILE L 224 9.22 -60.52 62.38
CA ILE L 224 8.60 -61.34 61.36
C ILE L 224 9.26 -61.02 60.03
N VAL L 225 9.83 -62.04 59.40
CA VAL L 225 10.54 -61.84 58.14
C VAL L 225 9.55 -61.52 57.03
N LEU L 226 9.84 -60.49 56.25
CA LEU L 226 9.04 -60.11 55.10
C LEU L 226 9.78 -60.26 53.77
N GLY L 227 11.04 -59.83 53.71
CA GLY L 227 11.82 -59.98 52.51
C GLY L 227 13.30 -59.90 52.82
N GLY L 228 14.11 -59.96 51.77
CA GLY L 228 15.55 -59.89 51.92
C GLY L 228 16.21 -59.31 50.70
N ALA L 229 17.38 -58.71 50.91
CA ALA L 229 18.21 -58.19 49.83
C ALA L 229 19.58 -58.84 49.94
N ASN L 230 19.99 -59.51 48.86
CA ASN L 230 21.29 -60.18 48.82
C ASN L 230 22.37 -59.15 48.54
N GLU L 231 23.39 -59.12 49.39
CA GLU L 231 24.41 -58.09 49.42
C GLU L 231 25.82 -58.67 49.42
N GLY L 232 25.97 -59.93 49.03
CA GLY L 232 27.27 -60.55 48.84
C GLY L 232 27.88 -61.08 50.12
N THR L 233 28.38 -60.17 50.94
CA THR L 233 28.92 -60.57 52.24
C THR L 233 27.84 -61.16 53.12
N ARG L 234 26.66 -60.54 53.14
CA ARG L 234 25.52 -61.04 53.90
C ARG L 234 24.23 -60.79 53.12
N THR L 235 23.08 -61.01 53.75
CA THR L 235 21.78 -60.71 53.18
C THR L 235 20.99 -59.95 54.22
N ALA L 236 20.60 -58.72 53.89
CA ALA L 236 19.90 -57.86 54.85
C ALA L 236 18.41 -58.16 54.82
N LEU L 237 17.81 -58.38 55.99
CA LEU L 237 16.43 -58.85 56.07
C LEU L 237 15.51 -57.66 56.31
N SER L 238 14.61 -57.41 55.36
CA SER L 238 13.57 -56.39 55.52
C SER L 238 12.43 -57.00 56.30
N VAL L 239 12.21 -56.49 57.52
CA VAL L 239 11.32 -57.12 58.49
C VAL L 239 10.52 -56.04 59.22
N VAL L 240 9.68 -56.49 60.14
CA VAL L 240 8.91 -55.65 61.05
C VAL L 240 9.31 -56.01 62.48
N THR L 241 9.48 -54.99 63.32
CA THR L 241 9.98 -55.16 64.68
C THR L 241 9.13 -54.35 65.64
N TRP L 242 9.31 -54.63 66.92
CA TRP L 242 8.58 -53.99 68.00
C TRP L 242 9.43 -52.85 68.55
N ASN L 243 8.95 -52.22 69.64
CA ASN L 243 9.68 -51.11 70.24
C ASN L 243 9.29 -50.99 71.70
N GLN L 244 10.06 -50.16 72.43
CA GLN L 244 9.87 -50.04 73.88
C GLN L 244 8.49 -49.48 74.22
N LYS L 245 8.03 -48.47 73.47
CA LYS L 245 6.75 -47.81 73.74
C LYS L 245 5.58 -48.54 73.08
N GLY L 246 5.74 -49.82 72.77
CA GLY L 246 4.70 -50.55 72.08
C GLY L 246 4.43 -50.03 70.68
N VAL L 247 5.49 -49.78 69.92
CA VAL L 247 5.40 -49.19 68.58
C VAL L 247 5.99 -50.20 67.60
N THR L 248 5.24 -50.48 66.54
CA THR L 248 5.66 -51.42 65.49
C THR L 248 6.31 -50.61 64.38
N ILE L 249 7.55 -50.96 64.04
CA ILE L 249 8.36 -50.21 63.09
C ILE L 249 8.92 -51.18 62.05
N LYS L 250 8.87 -50.77 60.79
CA LYS L 250 9.54 -51.52 59.73
C LYS L 250 11.02 -51.18 59.65
N ASP L 251 11.82 -52.19 59.36
CA ASP L 251 13.24 -52.04 59.02
C ASP L 251 13.40 -52.69 57.65
N THR L 252 13.29 -51.87 56.61
CA THR L 252 13.40 -52.32 55.22
C THR L 252 14.60 -51.64 54.58
N PRO L 253 15.76 -52.29 54.51
CA PRO L 253 16.94 -51.63 53.94
C PRO L 253 16.78 -51.42 52.43
N GLU L 254 17.71 -50.63 51.89
CA GLU L 254 17.65 -50.30 50.47
C GLU L 254 17.85 -51.55 49.62
N GLY L 255 17.13 -51.61 48.50
CA GLY L 255 17.16 -52.76 47.63
C GLY L 255 16.38 -53.95 48.12
N SER L 256 15.55 -53.78 49.15
CA SER L 256 14.80 -54.91 49.69
C SER L 256 13.82 -55.45 48.66
N GLU L 257 13.71 -56.78 48.61
CA GLU L 257 12.82 -57.48 47.72
C GLU L 257 11.81 -58.28 48.53
N PRO L 258 10.48 -58.08 48.33
CA PRO L 258 9.52 -58.87 49.11
C PRO L 258 9.53 -60.34 48.72
N TRP L 259 9.98 -61.19 49.64
CA TRP L 259 10.04 -62.62 49.37
C TRP L 259 8.64 -63.21 49.31
#